data_7E5T
#
_entry.id   7E5T
#
_cell.length_a   133.929
_cell.length_b   80.229
_cell.length_c   135.159
_cell.angle_alpha   90.000
_cell.angle_beta   108.533
_cell.angle_gamma   90.000
#
_symmetry.space_group_name_H-M   'P 1 21 1'
#
loop_
_entity.id
_entity.type
_entity.pdbx_description
1 polymer 'Diels-Alderase fsa2'
2 non-polymer ETHANOL
3 non-polymer 'TRIETHYLENE GLYCOL'
4 non-polymer 'PENTAETHYLENE GLYCOL'
5 water water
#
_entity_poly.entity_id   1
_entity_poly.type   'polypeptide(L)'
_entity_poly.pdbx_seq_one_letter_code
;MGSSHHHHHHMSNVTVSAFTVDKSISEEHVLPSSFIPGSGNIFPKFTSAIPKTAWELWYFDGISKDDKSSIVIGVTRNAE
GLKHGGFKVQVFVIWADERTWHRDLFFPESVVSINESGVTDGIWKDATSNSSISFSCAGDLSKASLVFDVPGVVQGDMHL
EALPGDTGLDTDARLGPSVYYVRPIGRASVKAQLSLYSSDATAAEQFSLGTSANGGMDRVWSPLSWPQVMTESYYLRTQV
GPYAMQIMRIFPPAGSEDQPSTMARLYREGQLVCVAQHVVTREDALMTHDSLILSKQDNSDSEDVVTGGYRDKNTGYTVE
FVEKGNEGQRWKFQVRHERIIWNTPTSRPGPDATGNTGFVEVLCGGTIGESYEGVGTGGQCELS
;
_entity_poly.pdbx_strand_id   A,B,C,D,E,F,G,H
#
# COMPACT_ATOMS: atom_id res chain seq x y z
N MET A 11 -1.49 -15.80 -4.33
CA MET A 11 -2.72 -15.19 -4.79
C MET A 11 -2.60 -13.68 -4.94
N SER A 12 -1.37 -13.17 -4.99
CA SER A 12 -1.14 -11.76 -5.28
C SER A 12 0.34 -11.54 -5.55
N ASN A 13 0.65 -10.37 -6.11
CA ASN A 13 1.95 -10.08 -6.72
C ASN A 13 2.96 -9.63 -5.65
N VAL A 14 3.39 -10.58 -4.84
CA VAL A 14 4.18 -10.26 -3.65
C VAL A 14 5.65 -10.55 -3.90
N THR A 15 6.52 -9.85 -3.17
CA THR A 15 7.93 -10.18 -3.00
C THR A 15 8.15 -10.56 -1.54
N VAL A 16 8.81 -11.69 -1.30
CA VAL A 16 8.71 -12.39 -0.01
C VAL A 16 10.05 -12.98 0.42
N SER A 17 10.32 -12.88 1.73
CA SER A 17 11.43 -13.56 2.41
C SER A 17 10.83 -14.37 3.55
N ALA A 18 10.67 -15.68 3.34
CA ALA A 18 10.02 -16.56 4.30
C ALA A 18 11.09 -17.43 4.95
N PHE A 19 11.31 -17.23 6.25
CA PHE A 19 12.28 -17.99 7.03
C PHE A 19 11.59 -18.95 7.97
N THR A 20 12.19 -20.12 8.15
CA THR A 20 11.90 -20.97 9.29
C THR A 20 13.21 -21.19 10.04
N VAL A 21 13.09 -21.36 11.36
CA VAL A 21 14.29 -21.53 12.16
C VAL A 21 14.99 -22.84 11.84
N ASP A 22 14.26 -23.82 11.30
CA ASP A 22 14.85 -25.13 10.97
C ASP A 22 15.70 -25.09 9.72
N LYS A 23 15.45 -24.15 8.80
CA LYS A 23 16.06 -24.22 7.48
C LYS A 23 16.78 -22.96 7.04
N SER A 24 16.64 -21.84 7.72
CA SER A 24 17.16 -20.57 7.22
C SER A 24 18.41 -20.12 7.95
N ILE A 25 18.95 -20.92 8.86
CA ILE A 25 20.15 -20.58 9.61
C ILE A 25 21.32 -21.28 8.93
N SER A 26 22.23 -20.49 8.34
CA SER A 26 23.35 -21.02 7.57
C SER A 26 24.60 -21.11 8.44
N GLU A 27 25.43 -22.11 8.14
CA GLU A 27 26.72 -22.26 8.82
C GLU A 27 27.81 -21.48 8.10
N GLU A 28 27.91 -21.62 6.79
CA GLU A 28 28.83 -20.81 6.01
C GLU A 28 28.53 -19.33 6.25
N HIS A 29 29.46 -18.47 5.82
CA HIS A 29 29.23 -17.05 5.91
C HIS A 29 28.43 -16.59 4.70
N VAL A 30 27.49 -15.67 4.93
CA VAL A 30 26.63 -15.14 3.88
C VAL A 30 26.81 -13.63 3.85
N LEU A 31 26.72 -13.07 2.65
CA LEU A 31 26.77 -11.63 2.55
C LEU A 31 25.36 -11.06 2.42
N PRO A 32 25.07 -9.97 3.12
CA PRO A 32 23.74 -9.35 3.01
C PRO A 32 23.66 -8.44 1.78
N SER A 33 22.44 -8.25 1.29
CA SER A 33 22.20 -7.24 0.27
C SER A 33 22.73 -5.90 0.79
N SER A 34 22.97 -4.95 -0.10
CA SER A 34 23.58 -3.71 0.33
C SER A 34 22.52 -2.73 0.84
N PHE A 35 22.98 -1.80 1.68
CA PHE A 35 22.11 -0.76 2.21
C PHE A 35 21.53 0.08 1.08
N ILE A 36 20.23 0.33 1.13
CA ILE A 36 19.57 1.17 0.14
C ILE A 36 19.49 2.59 0.65
N PRO A 37 20.36 3.49 0.18
CA PRO A 37 20.29 4.89 0.64
C PRO A 37 18.91 5.48 0.43
N GLY A 38 18.52 6.38 1.33
CA GLY A 38 17.24 7.06 1.25
C GLY A 38 16.03 6.20 1.54
N SER A 39 16.20 4.93 1.87
CA SER A 39 15.11 4.00 2.06
C SER A 39 15.01 3.56 3.53
N GLY A 40 13.80 3.14 3.91
CA GLY A 40 13.62 2.51 5.19
C GLY A 40 14.34 1.18 5.32
N ASN A 41 14.70 0.57 4.20
CA ASN A 41 15.37 -0.73 4.22
C ASN A 41 14.58 -1.75 5.03
N ILE A 42 13.25 -1.71 4.91
CA ILE A 42 12.39 -2.59 5.71
C ILE A 42 12.63 -4.05 5.34
N PHE A 43 12.77 -4.34 4.04
CA PHE A 43 12.90 -5.72 3.62
C PHE A 43 14.20 -6.32 4.16
N PRO A 44 14.21 -7.61 4.49
CA PRO A 44 15.41 -8.22 5.07
C PRO A 44 16.60 -8.13 4.12
N LYS A 45 17.79 -8.02 4.69
CA LYS A 45 19.02 -7.97 3.90
C LYS A 45 19.65 -9.34 3.70
N PHE A 46 19.43 -10.27 4.65
CA PHE A 46 19.73 -11.68 4.45
C PHE A 46 18.45 -12.34 3.98
N THR A 47 18.29 -12.49 2.66
CA THR A 47 16.98 -12.84 2.11
C THR A 47 16.71 -14.34 2.09
N SER A 48 17.72 -15.17 1.83
CA SER A 48 17.50 -16.61 1.77
C SER A 48 17.97 -17.33 3.04
N ALA A 49 19.15 -16.99 3.55
CA ALA A 49 19.64 -17.59 4.79
C ALA A 49 20.41 -16.54 5.57
N ILE A 50 20.52 -16.77 6.87
CA ILE A 50 21.17 -15.83 7.78
C ILE A 50 22.28 -16.57 8.50
N PRO A 51 23.49 -16.03 8.54
CA PRO A 51 24.61 -16.74 9.18
C PRO A 51 24.57 -16.68 10.71
N LYS A 52 25.33 -17.59 11.32
CA LYS A 52 25.25 -17.81 12.75
C LYS A 52 25.52 -16.56 13.56
N THR A 53 26.36 -15.65 13.06
CA THR A 53 26.70 -14.46 13.82
C THR A 53 25.84 -13.27 13.46
N ALA A 54 25.11 -13.34 12.34
CA ALA A 54 24.38 -12.20 11.81
C ALA A 54 23.05 -12.00 12.54
N TRP A 55 22.45 -10.83 12.34
CA TRP A 55 21.20 -10.51 13.00
C TRP A 55 20.54 -9.34 12.29
N GLU A 56 19.22 -9.26 12.47
CA GLU A 56 18.39 -8.24 11.85
C GLU A 56 17.35 -7.81 12.88
N LEU A 57 17.04 -6.52 12.92
CA LEU A 57 16.19 -5.95 13.96
C LEU A 57 15.15 -5.03 13.35
N TRP A 58 13.90 -5.19 13.77
CA TRP A 58 12.83 -4.23 13.53
C TRP A 58 12.39 -3.74 14.90
N TYR A 59 12.63 -2.45 15.18
CA TYR A 59 12.46 -1.90 16.52
C TYR A 59 11.37 -0.83 16.55
N PHE A 60 10.54 -0.87 17.59
CA PHE A 60 9.44 0.06 17.78
C PHE A 60 9.36 0.42 19.26
N ASP A 61 9.16 1.70 19.57
CA ASP A 61 8.86 2.07 20.94
C ASP A 61 7.96 3.30 20.96
N GLY A 62 7.43 3.57 22.14
CA GLY A 62 6.76 4.82 22.42
C GLY A 62 6.77 5.07 23.91
N ILE A 63 6.67 6.35 24.29
CA ILE A 63 6.61 6.71 25.70
C ILE A 63 5.68 7.91 25.86
N SER A 64 4.83 7.85 26.87
CA SER A 64 3.83 8.88 27.10
C SER A 64 4.43 10.06 27.86
N LYS A 65 4.35 11.25 27.28
CA LYS A 65 4.75 12.44 28.02
C LYS A 65 3.82 12.71 29.19
N ASP A 66 2.54 12.35 29.06
CA ASP A 66 1.58 12.66 30.12
C ASP A 66 1.81 11.84 31.38
N ASP A 67 2.15 10.55 31.25
CA ASP A 67 2.25 9.71 32.44
C ASP A 67 3.44 8.75 32.42
N LYS A 68 4.27 8.76 31.40
CA LYS A 68 5.55 8.03 31.35
C LYS A 68 5.38 6.53 31.23
N SER A 69 4.17 6.04 30.96
CA SER A 69 4.04 4.69 30.45
C SER A 69 4.83 4.57 29.15
N SER A 70 5.31 3.36 28.85
CA SER A 70 6.17 3.17 27.70
C SER A 70 6.12 1.73 27.22
N ILE A 71 6.34 1.54 25.92
CA ILE A 71 6.31 0.22 25.31
C ILE A 71 7.50 0.09 24.36
N VAL A 72 8.12 -1.09 24.34
CA VAL A 72 9.36 -1.32 23.60
C VAL A 72 9.27 -2.70 22.96
N ILE A 73 9.44 -2.76 21.63
CA ILE A 73 9.23 -3.97 20.87
C ILE A 73 10.48 -4.23 20.03
N GLY A 74 11.09 -5.41 20.22
CA GLY A 74 12.20 -5.84 19.37
C GLY A 74 11.84 -7.07 18.56
N VAL A 75 11.66 -6.91 17.25
CA VAL A 75 11.40 -8.02 16.34
C VAL A 75 12.70 -8.35 15.62
N THR A 76 13.18 -9.59 15.79
CA THR A 76 14.52 -9.93 15.34
C THR A 76 14.52 -11.20 14.49
N ARG A 77 15.59 -11.32 13.68
CA ARG A 77 16.03 -12.58 13.09
C ARG A 77 17.49 -12.80 13.48
N ASN A 78 17.80 -14.01 13.93
CA ASN A 78 19.16 -14.38 14.33
C ASN A 78 19.10 -15.80 14.87
N ALA A 79 20.28 -16.40 15.03
CA ALA A 79 20.37 -17.81 15.36
C ALA A 79 20.29 -18.08 16.86
N GLU A 80 20.40 -17.05 17.70
CA GLU A 80 20.47 -17.30 19.14
C GLU A 80 19.19 -17.91 19.67
N GLY A 81 18.06 -17.64 19.03
CA GLY A 81 16.82 -18.27 19.44
C GLY A 81 16.66 -19.71 19.00
N LEU A 82 17.60 -20.21 18.19
CA LEU A 82 17.51 -21.56 17.66
C LEU A 82 17.27 -22.59 18.77
N LYS A 83 18.08 -22.53 19.83
CA LYS A 83 17.86 -23.42 20.95
C LYS A 83 16.52 -23.18 21.64
N HIS A 84 15.90 -22.03 21.39
CA HIS A 84 14.64 -21.68 22.04
C HIS A 84 13.42 -21.93 21.17
N GLY A 85 13.60 -22.43 19.96
CA GLY A 85 12.48 -22.82 19.12
C GLY A 85 12.05 -21.81 18.08
N GLY A 86 12.84 -20.78 17.82
CA GLY A 86 12.51 -19.89 16.72
C GLY A 86 13.12 -18.51 16.91
N PHE A 87 12.63 -17.59 16.08
CA PHE A 87 13.14 -16.23 16.07
C PHE A 87 12.52 -15.42 17.18
N LYS A 88 13.34 -14.59 17.84
CA LYS A 88 12.94 -13.91 19.07
C LYS A 88 12.20 -12.61 18.78
N VAL A 89 11.11 -12.39 19.52
CA VAL A 89 10.50 -11.07 19.65
C VAL A 89 10.49 -10.70 21.13
N GLN A 90 10.95 -9.49 21.44
CA GLN A 90 10.98 -8.98 22.80
C GLN A 90 9.90 -7.92 22.96
N VAL A 91 9.19 -7.98 24.09
CA VAL A 91 8.16 -7.02 24.41
C VAL A 91 8.40 -6.57 25.85
N PHE A 92 8.63 -5.27 26.04
CA PHE A 92 8.70 -4.65 27.34
C PHE A 92 7.63 -3.58 27.43
N VAL A 93 6.93 -3.52 28.56
CA VAL A 93 6.11 -2.36 28.89
C VAL A 93 6.40 -1.94 30.32
N ILE A 94 6.20 -0.65 30.57
CA ILE A 94 6.17 -0.11 31.92
C ILE A 94 4.91 0.75 32.03
N TRP A 95 4.12 0.54 33.08
CA TRP A 95 2.93 1.32 33.33
C TRP A 95 3.28 2.67 33.95
N ALA A 96 2.31 3.58 33.93
CA ALA A 96 2.44 4.86 34.60
C ALA A 96 2.86 4.72 36.06
N ASP A 97 2.42 3.64 36.71
CA ASP A 97 2.72 3.43 38.12
C ASP A 97 3.97 2.58 38.33
N GLU A 98 4.72 2.33 37.26
CA GLU A 98 6.04 1.70 37.24
C GLU A 98 5.99 0.19 37.42
N ARG A 99 4.80 -0.42 37.45
CA ARG A 99 4.73 -1.85 37.21
C ARG A 99 5.27 -2.16 35.82
N THR A 100 5.84 -3.35 35.66
CA THR A 100 6.45 -3.73 34.40
C THR A 100 5.99 -5.12 33.99
N TRP A 101 6.24 -5.42 32.72
CA TRP A 101 5.89 -6.70 32.13
C TRP A 101 6.81 -6.95 30.95
N HIS A 102 7.25 -8.20 30.79
CA HIS A 102 8.21 -8.53 29.74
C HIS A 102 8.09 -9.98 29.32
N ARG A 103 8.30 -10.23 28.03
CA ARG A 103 8.42 -11.59 27.51
C ARG A 103 9.40 -11.60 26.36
N ASP A 104 10.23 -12.62 26.33
CA ASP A 104 10.92 -13.05 25.11
C ASP A 104 10.08 -14.16 24.48
N LEU A 105 9.67 -13.97 23.22
CA LEU A 105 8.81 -14.92 22.52
C LEU A 105 9.52 -15.44 21.28
N PHE A 106 9.39 -16.73 21.03
CA PHE A 106 10.14 -17.41 19.97
C PHE A 106 9.20 -18.06 18.98
N PHE A 107 9.33 -17.67 17.71
CA PHE A 107 8.44 -18.10 16.65
C PHE A 107 9.22 -18.87 15.60
N PRO A 108 8.83 -20.11 15.27
CA PRO A 108 9.55 -20.87 14.23
C PRO A 108 9.55 -20.21 12.87
N GLU A 109 8.51 -19.42 12.55
CA GLU A 109 8.35 -18.85 11.21
C GLU A 109 8.44 -17.33 11.28
N SER A 110 9.25 -16.76 10.41
CA SER A 110 9.34 -15.32 10.23
C SER A 110 9.21 -15.03 8.73
N VAL A 111 8.22 -14.23 8.37
CA VAL A 111 7.94 -13.92 6.96
C VAL A 111 7.81 -12.41 6.80
N VAL A 112 8.61 -11.84 5.90
CA VAL A 112 8.50 -10.44 5.52
C VAL A 112 8.14 -10.37 4.04
N SER A 113 7.08 -9.64 3.71
CA SER A 113 6.62 -9.50 2.34
C SER A 113 6.27 -8.06 2.04
N ILE A 114 6.38 -7.70 0.76
CA ILE A 114 5.87 -6.45 0.24
C ILE A 114 4.66 -6.77 -0.63
N ASN A 115 3.55 -6.09 -0.37
CA ASN A 115 2.30 -6.41 -1.05
C ASN A 115 2.03 -5.45 -2.20
N GLU A 116 0.89 -5.64 -2.85
CA GLU A 116 0.61 -4.95 -4.10
C GLU A 116 0.45 -3.44 -3.90
N SER A 117 0.22 -2.98 -2.68
CA SER A 117 0.10 -1.56 -2.39
C SER A 117 1.39 -0.95 -1.86
N GLY A 118 2.47 -1.73 -1.75
CA GLY A 118 3.71 -1.23 -1.22
C GLY A 118 3.90 -1.37 0.28
N VAL A 119 2.93 -1.96 0.99
CA VAL A 119 3.07 -2.20 2.42
C VAL A 119 4.00 -3.38 2.64
N THR A 120 4.95 -3.20 3.55
CA THR A 120 5.85 -4.28 3.98
C THR A 120 5.31 -4.87 5.28
N ASP A 121 4.92 -6.14 5.24
CA ASP A 121 4.40 -6.85 6.40
C ASP A 121 5.44 -7.85 6.89
N GLY A 122 5.59 -7.91 8.21
CA GLY A 122 6.38 -8.94 8.86
C GLY A 122 5.52 -9.74 9.79
N ILE A 123 5.59 -11.06 9.70
CA ILE A 123 4.74 -11.95 10.47
C ILE A 123 5.64 -12.99 11.11
N TRP A 124 5.74 -12.96 12.43
CA TRP A 124 6.43 -13.97 13.23
C TRP A 124 5.34 -14.89 13.78
N LYS A 125 5.34 -16.16 13.35
CA LYS A 125 4.22 -17.03 13.70
C LYS A 125 4.68 -18.37 14.27
N ASP A 126 3.79 -18.96 15.07
CA ASP A 126 3.98 -20.27 15.68
C ASP A 126 2.67 -21.04 15.50
N ALA A 127 2.55 -21.73 14.37
CA ALA A 127 1.29 -22.38 13.99
C ALA A 127 0.73 -23.24 15.13
N THR A 128 1.60 -23.99 15.80
CA THR A 128 1.09 -25.01 16.71
C THR A 128 0.70 -24.47 18.08
N SER A 129 0.96 -23.19 18.37
CA SER A 129 0.34 -22.53 19.51
C SER A 129 -0.60 -21.42 19.07
N ASN A 130 -0.94 -21.36 17.79
CA ASN A 130 -1.90 -20.37 17.28
C ASN A 130 -1.50 -18.95 17.66
N SER A 131 -0.20 -18.66 17.62
CA SER A 131 0.34 -17.39 18.08
C SER A 131 1.08 -16.69 16.96
N SER A 132 1.01 -15.36 16.97
CA SER A 132 1.76 -14.56 16.02
C SER A 132 1.92 -13.13 16.52
N ILE A 133 3.01 -12.50 16.10
CA ILE A 133 3.22 -11.07 16.23
C ILE A 133 3.59 -10.55 14.85
N SER A 134 2.90 -9.50 14.40
CA SER A 134 3.10 -8.96 13.07
C SER A 134 3.31 -7.45 13.13
N PHE A 135 4.07 -6.94 12.16
CA PHE A 135 4.18 -5.52 11.96
C PHE A 135 3.84 -5.21 10.50
N SER A 136 3.45 -3.97 10.26
CA SER A 136 3.05 -3.52 8.94
C SER A 136 3.51 -2.08 8.74
N CYS A 137 4.37 -1.87 7.75
CA CYS A 137 4.92 -0.56 7.44
C CYS A 137 4.32 -0.07 6.14
N ALA A 138 3.61 1.07 6.21
CA ALA A 138 3.11 1.72 5.01
C ALA A 138 4.26 2.02 4.05
N GLY A 139 3.93 2.01 2.76
CA GLY A 139 4.96 2.22 1.74
C GLY A 139 5.70 3.53 1.90
N ASP A 140 4.99 4.59 2.27
CA ASP A 140 5.61 5.90 2.48
C ASP A 140 6.11 6.10 3.90
N LEU A 141 6.05 5.07 4.75
CA LEU A 141 6.50 5.17 6.14
C LEU A 141 5.77 6.27 6.91
N SER A 142 4.55 6.62 6.47
CA SER A 142 3.76 7.60 7.23
C SER A 142 3.17 6.99 8.49
N LYS A 143 3.21 5.66 8.61
CA LYS A 143 2.66 4.99 9.78
C LYS A 143 3.13 3.55 9.76
N ALA A 144 3.08 2.91 10.93
CA ALA A 144 3.31 1.49 11.08
C ALA A 144 2.42 1.01 12.22
N SER A 145 1.96 -0.23 12.10
CA SER A 145 1.12 -0.80 13.13
C SER A 145 1.58 -2.23 13.42
N LEU A 146 1.31 -2.66 14.65
CA LEU A 146 1.66 -4.00 15.10
C LEU A 146 0.42 -4.67 15.69
N VAL A 147 0.35 -5.98 15.50
CA VAL A 147 -0.74 -6.80 16.03
C VAL A 147 -0.10 -7.90 16.88
N PHE A 148 -0.44 -7.93 18.17
CA PHE A 148 -0.01 -8.97 19.08
C PHE A 148 -1.15 -9.96 19.25
N ASP A 149 -0.91 -11.22 18.89
CA ASP A 149 -1.94 -12.27 18.97
C ASP A 149 -1.32 -13.55 19.54
N VAL A 150 -0.97 -13.52 20.82
CA VAL A 150 -0.40 -14.67 21.51
C VAL A 150 -1.31 -15.06 22.67
N PRO A 151 -2.26 -15.97 22.45
CA PRO A 151 -3.25 -16.29 23.49
C PRO A 151 -2.59 -16.69 24.81
N GLY A 152 -3.15 -16.19 25.90
CA GLY A 152 -2.60 -16.45 27.22
C GLY A 152 -1.29 -15.77 27.50
N VAL A 153 -0.82 -14.89 26.62
CA VAL A 153 0.44 -14.19 26.84
C VAL A 153 0.27 -12.69 26.58
N VAL A 154 0.05 -12.31 25.33
CA VAL A 154 -0.15 -10.90 25.00
C VAL A 154 -1.02 -10.80 23.76
N GLN A 155 -2.06 -9.97 23.84
CA GLN A 155 -2.91 -9.69 22.69
C GLN A 155 -3.23 -8.20 22.68
N GLY A 156 -3.25 -7.61 21.48
CA GLY A 156 -3.53 -6.20 21.33
C GLY A 156 -2.81 -5.63 20.12
N ASP A 157 -2.67 -4.31 20.10
CA ASP A 157 -2.07 -3.65 18.96
C ASP A 157 -1.33 -2.41 19.41
N MET A 158 -0.52 -1.89 18.48
CA MET A 158 0.29 -0.70 18.66
C MET A 158 0.30 0.02 17.33
N HIS A 159 0.21 1.35 17.36
CA HIS A 159 0.15 2.14 16.14
C HIS A 159 1.10 3.32 16.25
N LEU A 160 1.93 3.50 15.23
CA LEU A 160 2.81 4.66 15.12
C LEU A 160 2.43 5.49 13.91
N GLU A 161 2.36 6.81 14.10
CA GLU A 161 2.08 7.76 13.03
C GLU A 161 3.24 8.73 12.92
N ALA A 162 3.83 8.80 11.72
CA ALA A 162 4.93 9.70 11.48
C ALA A 162 4.51 11.15 11.68
N LEU A 163 5.33 11.91 12.39
CA LEU A 163 5.04 13.32 12.59
C LEU A 163 5.50 14.14 11.40
N PRO A 164 4.91 15.31 11.18
CA PRO A 164 5.29 16.12 10.00
C PRO A 164 6.77 16.45 10.00
N GLY A 165 7.29 16.70 8.80
CA GLY A 165 8.64 17.20 8.63
C GLY A 165 9.61 16.28 7.92
N ASP A 166 10.90 16.54 8.10
CA ASP A 166 11.93 15.75 7.45
C ASP A 166 11.90 14.32 7.95
N THR A 167 12.22 13.37 7.06
CA THR A 167 12.23 11.97 7.45
C THR A 167 13.60 11.50 7.91
N GLY A 168 14.67 12.22 7.58
CA GLY A 168 16.02 11.81 7.92
C GLY A 168 16.52 10.58 7.19
N LEU A 169 15.73 10.05 6.25
CA LEU A 169 16.11 8.82 5.55
C LEU A 169 17.18 9.07 4.51
N ASP A 170 17.39 10.31 4.10
CA ASP A 170 18.47 10.66 3.18
C ASP A 170 19.75 10.98 3.93
N THR A 171 20.06 10.24 5.00
CA THR A 171 21.27 10.46 5.76
C THR A 171 22.05 9.17 5.87
N ASP A 172 23.32 9.30 6.25
CA ASP A 172 24.20 8.15 6.41
C ASP A 172 23.71 7.27 7.56
N ALA A 173 23.60 5.97 7.29
CA ALA A 173 23.09 5.03 8.28
C ALA A 173 24.16 4.12 8.87
N ARG A 174 25.40 4.21 8.41
N ARG A 174 25.40 4.22 8.42
CA ARG A 174 26.45 3.38 8.97
CA ARG A 174 26.45 3.38 8.97
C ARG A 174 26.63 3.70 10.45
C ARG A 174 26.67 3.70 10.44
N LEU A 175 26.87 2.66 11.23
CA LEU A 175 27.22 2.79 12.66
C LEU A 175 28.54 2.02 12.81
N GLY A 176 29.64 2.70 12.48
CA GLY A 176 30.91 2.04 12.37
C GLY A 176 30.93 1.17 11.13
N PRO A 177 31.93 0.29 11.03
CA PRO A 177 32.14 -0.46 9.79
C PRO A 177 31.33 -1.74 9.64
N SER A 178 30.63 -2.18 10.69
CA SER A 178 30.00 -3.50 10.66
C SER A 178 28.50 -3.49 10.92
N VAL A 179 27.89 -2.31 11.13
CA VAL A 179 26.48 -2.23 11.50
C VAL A 179 25.80 -1.12 10.70
N TYR A 180 24.56 -1.35 10.33
CA TYR A 180 23.71 -0.32 9.72
C TYR A 180 22.57 -0.02 10.68
N TYR A 181 22.37 1.25 10.98
CA TYR A 181 21.32 1.69 11.88
C TYR A 181 20.46 2.70 11.15
N VAL A 182 19.34 2.24 10.60
CA VAL A 182 18.41 3.09 9.87
C VAL A 182 17.23 3.40 10.77
N ARG A 183 16.56 4.52 10.51
CA ARG A 183 15.45 5.00 11.34
C ARG A 183 14.25 5.25 10.43
N PRO A 184 13.52 4.19 10.06
CA PRO A 184 12.39 4.38 9.13
C PRO A 184 11.37 5.41 9.57
N ILE A 185 11.08 5.48 10.86
CA ILE A 185 10.24 6.53 11.44
C ILE A 185 11.02 7.09 12.62
N GLY A 186 11.71 8.22 12.38
CA GLY A 186 12.46 8.84 13.46
C GLY A 186 11.57 9.39 14.56
N ARG A 187 10.47 10.04 14.16
CA ARG A 187 9.60 10.81 15.06
C ARG A 187 8.14 10.44 14.80
N ALA A 188 7.47 9.87 15.79
CA ALA A 188 6.09 9.46 15.62
C ALA A 188 5.30 9.70 16.89
N SER A 189 3.99 9.84 16.73
CA SER A 189 3.06 9.69 17.82
C SER A 189 2.63 8.23 17.89
N VAL A 190 2.39 7.74 19.10
CA VAL A 190 2.22 6.31 19.30
C VAL A 190 1.01 6.04 20.18
N LYS A 191 0.29 4.96 19.84
CA LYS A 191 -0.79 4.43 20.64
C LYS A 191 -0.59 2.93 20.79
N ALA A 192 -1.01 2.39 21.94
CA ALA A 192 -0.85 0.96 22.19
C ALA A 192 -1.85 0.52 23.23
N GLN A 193 -2.50 -0.61 22.96
CA GLN A 193 -3.44 -1.25 23.90
C GLN A 193 -3.14 -2.74 23.92
N LEU A 194 -2.89 -3.28 25.10
CA LEU A 194 -2.50 -4.68 25.24
C LEU A 194 -3.22 -5.33 26.40
N SER A 195 -3.44 -6.64 26.29
CA SER A 195 -3.80 -7.50 27.41
C SER A 195 -2.58 -8.35 27.73
N LEU A 196 -2.07 -8.22 28.94
CA LEU A 196 -0.80 -8.83 29.32
C LEU A 196 -1.05 -9.88 30.41
N TYR A 197 -0.60 -11.10 30.18
CA TYR A 197 -0.93 -12.24 31.02
C TYR A 197 0.20 -12.56 31.99
N SER A 198 -0.18 -13.11 33.14
CA SER A 198 0.81 -13.65 34.07
C SER A 198 1.46 -14.89 33.46
N SER A 199 2.61 -15.27 34.04
CA SER A 199 3.35 -16.42 33.52
C SER A 199 2.48 -17.68 33.49
N ASP A 200 1.64 -17.87 34.51
CA ASP A 200 0.76 -19.04 34.54
C ASP A 200 -0.52 -18.85 33.75
N ALA A 201 -0.75 -17.67 33.18
CA ALA A 201 -1.86 -17.40 32.28
C ALA A 201 -3.22 -17.44 32.96
N THR A 202 -3.27 -17.38 34.30
CA THR A 202 -4.55 -17.35 35.01
C THR A 202 -5.06 -15.93 35.24
N ALA A 203 -4.28 -14.90 34.92
CA ALA A 203 -4.72 -13.53 35.12
C ALA A 203 -4.08 -12.65 34.05
N ALA A 204 -4.80 -11.58 33.69
CA ALA A 204 -4.34 -10.65 32.68
C ALA A 204 -4.60 -9.23 33.14
N GLU A 205 -3.66 -8.34 32.80
CA GLU A 205 -3.75 -6.91 33.09
C GLU A 205 -3.87 -6.14 31.78
N GLN A 206 -4.54 -5.00 31.86
CA GLN A 206 -4.71 -4.13 30.71
C GLN A 206 -3.60 -3.08 30.69
N PHE A 207 -3.05 -2.82 29.50
CA PHE A 207 -2.06 -1.77 29.32
C PHE A 207 -2.54 -0.83 28.23
N SER A 208 -2.60 0.46 28.54
CA SER A 208 -2.90 1.50 27.57
C SER A 208 -1.78 2.53 27.62
N LEU A 209 -1.09 2.71 26.50
CA LEU A 209 -0.05 3.73 26.44
C LEU A 209 -0.69 5.11 26.68
N GLY A 210 -0.07 5.90 27.56
CA GLY A 210 -0.60 7.20 27.93
C GLY A 210 -0.68 8.15 26.76
N THR A 211 -1.33 9.29 27.01
CA THR A 211 -1.54 10.28 25.96
C THR A 211 -0.28 11.09 25.72
N SER A 212 -0.24 11.78 24.59
CA SER A 212 0.94 12.52 24.14
C SER A 212 2.18 11.62 24.14
N ALA A 213 2.03 10.43 23.56
CA ALA A 213 3.12 9.49 23.45
C ALA A 213 3.88 9.73 22.16
N ASN A 214 5.20 9.74 22.25
CA ASN A 214 6.09 9.82 21.11
C ASN A 214 6.94 8.56 21.05
N GLY A 215 7.44 8.26 19.86
CA GLY A 215 8.30 7.11 19.69
C GLY A 215 8.80 7.03 18.27
N GLY A 216 9.08 5.83 17.80
CA GLY A 216 9.47 5.67 16.41
C GLY A 216 9.82 4.24 16.11
N MET A 217 10.42 4.05 14.93
CA MET A 217 10.84 2.75 14.45
C MET A 217 12.27 2.85 13.95
N ASP A 218 13.11 1.89 14.34
CA ASP A 218 14.47 1.76 13.83
C ASP A 218 14.62 0.41 13.14
N ARG A 219 15.59 0.34 12.23
CA ARG A 219 15.88 -0.85 11.46
C ARG A 219 17.39 -1.06 11.46
N VAL A 220 17.83 -2.18 12.03
CA VAL A 220 19.25 -2.39 12.35
C VAL A 220 19.65 -3.78 11.88
N TRP A 221 20.90 -3.92 11.44
CA TRP A 221 21.38 -5.23 11.03
C TRP A 221 22.90 -5.23 10.95
N SER A 222 23.46 -6.44 11.05
CA SER A 222 24.90 -6.62 10.99
C SER A 222 25.20 -8.08 10.68
N PRO A 223 26.29 -8.37 9.97
CA PRO A 223 26.72 -9.77 9.81
C PRO A 223 27.56 -10.28 10.99
N LEU A 224 27.94 -9.42 11.91
CA LEU A 224 28.78 -9.81 13.04
C LEU A 224 27.97 -9.78 14.33
N SER A 225 28.38 -10.62 15.27
CA SER A 225 27.75 -10.69 16.58
C SER A 225 27.98 -9.40 17.38
N TRP A 226 27.18 -9.25 18.45
CA TRP A 226 27.29 -8.04 19.27
C TRP A 226 28.69 -7.81 19.80
N PRO A 227 29.34 -8.80 20.44
CA PRO A 227 30.71 -8.57 20.94
C PRO A 227 31.74 -8.32 19.84
N GLN A 228 31.42 -8.57 18.58
CA GLN A 228 32.34 -8.28 17.48
C GLN A 228 32.19 -6.87 16.94
N VAL A 229 31.17 -6.12 17.37
CA VAL A 229 30.96 -4.77 16.88
C VAL A 229 31.05 -3.72 17.99
N MET A 230 30.89 -4.09 19.25
CA MET A 230 30.84 -3.09 20.30
C MET A 230 31.21 -3.72 21.64
N THR A 231 31.63 -2.86 22.57
CA THR A 231 31.65 -3.21 23.97
C THR A 231 30.50 -2.57 24.75
N GLU A 232 29.88 -1.51 24.22
CA GLU A 232 28.84 -0.81 24.96
C GLU A 232 28.03 0.07 24.01
N SER A 233 26.74 0.17 24.28
CA SER A 233 25.84 0.97 23.46
C SER A 233 24.97 1.84 24.34
N TYR A 234 24.60 3.02 23.83
CA TYR A 234 23.56 3.85 24.44
C TYR A 234 22.53 4.20 23.39
N TYR A 235 21.27 3.87 23.68
CA TYR A 235 20.14 4.23 22.85
C TYR A 235 19.39 5.39 23.52
N LEU A 236 18.89 6.33 22.72
CA LEU A 236 17.96 7.33 23.24
C LEU A 236 17.03 7.85 22.14
N ARG A 237 15.75 8.01 22.48
CA ARG A 237 14.78 8.64 21.60
C ARG A 237 13.83 9.49 22.44
N THR A 238 13.61 10.74 22.04
CA THR A 238 12.85 11.67 22.86
C THR A 238 12.33 12.81 22.01
N GLN A 239 11.17 13.35 22.42
CA GLN A 239 10.66 14.63 21.97
C GLN A 239 10.75 15.61 23.14
N VAL A 240 11.42 16.74 22.93
CA VAL A 240 11.69 17.72 23.99
C VAL A 240 11.18 19.06 23.48
N GLY A 241 9.91 19.36 23.75
CA GLY A 241 9.29 20.53 23.18
C GLY A 241 9.36 20.46 21.68
N PRO A 242 9.92 21.52 21.05
CA PRO A 242 10.08 21.50 19.60
C PRO A 242 11.15 20.54 19.12
N TYR A 243 12.01 20.05 20.02
CA TYR A 243 13.14 19.21 19.64
C TYR A 243 12.77 17.74 19.66
N ALA A 244 13.40 17.00 18.75
CA ALA A 244 13.33 15.55 18.72
C ALA A 244 14.71 15.02 18.37
N MET A 245 15.13 13.97 19.06
CA MET A 245 16.46 13.45 18.82
C MET A 245 16.45 11.94 18.99
N GLN A 246 17.26 11.27 18.18
CA GLN A 246 17.48 9.84 18.30
C GLN A 246 18.97 9.60 18.31
N ILE A 247 19.45 8.85 19.29
CA ILE A 247 20.87 8.60 19.46
C ILE A 247 21.08 7.10 19.60
N MET A 248 22.03 6.57 18.83
CA MET A 248 22.69 5.31 19.12
C MET A 248 24.19 5.58 19.09
N ARG A 249 24.87 5.25 20.19
CA ARG A 249 26.32 5.42 20.31
C ARG A 249 26.94 4.12 20.80
N ILE A 250 27.97 3.63 20.10
CA ILE A 250 28.66 2.42 20.53
C ILE A 250 30.12 2.72 20.81
N PHE A 251 30.67 1.97 21.70
CA PHE A 251 32.12 1.94 21.79
C PHE A 251 32.64 0.70 21.08
N PRO A 252 33.80 0.80 20.44
CA PRO A 252 34.27 -0.28 19.57
C PRO A 252 34.55 -1.54 20.38
N PRO A 253 34.64 -2.69 19.71
CA PRO A 253 34.81 -3.95 20.44
C PRO A 253 36.13 -3.99 21.19
N ALA A 254 36.21 -4.91 22.14
CA ALA A 254 37.42 -5.07 22.94
C ALA A 254 38.63 -5.27 22.05
N GLY A 255 39.72 -4.56 22.36
CA GLY A 255 40.94 -4.65 21.60
C GLY A 255 41.03 -3.77 20.37
N SER A 256 39.90 -3.29 19.85
CA SER A 256 39.94 -2.35 18.75
C SER A 256 40.54 -1.02 19.21
N GLU A 257 40.79 -0.14 18.24
CA GLU A 257 41.22 1.21 18.57
C GLU A 257 40.57 2.23 17.64
N ASP A 258 39.36 1.94 17.18
CA ASP A 258 38.57 2.93 16.48
C ASP A 258 38.00 3.95 17.45
N GLN A 259 37.56 5.07 16.91
CA GLN A 259 36.77 6.02 17.68
C GLN A 259 35.40 5.42 17.95
N PRO A 260 34.67 5.95 18.94
CA PRO A 260 33.27 5.58 19.07
C PRO A 260 32.51 5.93 17.81
N SER A 261 31.39 5.24 17.60
CA SER A 261 30.52 5.49 16.46
C SER A 261 29.15 5.98 16.94
N THR A 262 28.44 6.72 16.09
CA THR A 262 27.11 7.15 16.47
C THR A 262 26.26 7.41 15.24
N MET A 263 24.98 7.10 15.36
CA MET A 263 23.95 7.48 14.40
C MET A 263 23.01 8.33 15.23
N ALA A 264 23.23 9.63 15.21
CA ALA A 264 22.57 10.57 16.11
C ALA A 264 21.99 11.70 15.27
N ARG A 265 20.79 12.13 15.63
CA ARG A 265 20.03 13.09 14.84
C ARG A 265 19.24 14.01 15.75
N LEU A 266 19.23 15.30 15.42
CA LEU A 266 18.48 16.31 16.14
C LEU A 266 17.56 17.04 15.18
N TYR A 267 16.27 17.10 15.52
CA TYR A 267 15.26 17.84 14.77
C TYR A 267 14.72 18.99 15.61
N ARG A 268 14.26 20.04 14.93
CA ARG A 268 13.60 21.16 15.61
C ARG A 268 12.40 21.57 14.76
N GLU A 269 11.20 21.48 15.34
CA GLU A 269 9.97 21.73 14.59
C GLU A 269 9.92 20.87 13.33
N GLY A 270 10.38 19.62 13.45
CA GLY A 270 10.37 18.68 12.35
C GLY A 270 11.47 18.87 11.34
N GLN A 271 12.32 19.89 11.49
CA GLN A 271 13.42 20.15 10.59
C GLN A 271 14.69 19.54 11.15
N LEU A 272 15.37 18.72 10.33
CA LEU A 272 16.60 18.06 10.74
C LEU A 272 17.72 19.08 10.82
N VAL A 273 18.26 19.33 12.01
CA VAL A 273 19.23 20.41 12.20
C VAL A 273 20.62 19.91 12.59
N CYS A 274 20.77 18.64 12.95
CA CYS A 274 22.11 18.14 13.26
C CYS A 274 22.19 16.68 12.88
N VAL A 275 23.11 16.37 11.96
CA VAL A 275 23.28 15.02 11.45
C VAL A 275 24.64 14.51 11.92
N ALA A 276 24.71 14.04 13.17
CA ALA A 276 25.99 13.69 13.77
C ALA A 276 26.31 12.23 13.51
N GLN A 277 27.38 11.99 12.76
CA GLN A 277 27.99 10.67 12.60
C GLN A 277 29.28 10.52 13.37
N HIS A 278 29.73 11.55 14.08
CA HIS A 278 30.97 11.49 14.83
C HIS A 278 30.70 11.82 16.29
N VAL A 279 31.48 11.20 17.17
CA VAL A 279 31.43 11.43 18.61
C VAL A 279 32.72 12.12 19.02
N VAL A 280 32.60 13.27 19.66
CA VAL A 280 33.76 14.03 20.13
C VAL A 280 33.58 14.30 21.62
N THR A 281 34.67 14.79 22.23
CA THR A 281 34.67 15.14 23.65
C THR A 281 34.65 16.64 23.90
N ARG A 282 34.75 17.46 22.86
CA ARG A 282 34.91 18.89 23.00
C ARG A 282 34.26 19.56 21.80
N GLU A 283 33.74 20.77 22.02
CA GLU A 283 32.96 21.44 21.00
C GLU A 283 33.78 21.77 19.74
N ASP A 284 35.08 21.99 19.89
CA ASP A 284 35.94 22.36 18.77
C ASP A 284 36.72 21.18 18.21
N ALA A 285 36.37 19.95 18.61
CA ALA A 285 37.16 18.79 18.20
C ALA A 285 37.00 18.45 16.73
N LEU A 286 35.88 18.84 16.11
CA LEU A 286 35.67 18.39 14.74
C LEU A 286 34.68 19.30 14.02
N MET A 287 35.10 20.55 13.76
CA MET A 287 34.16 21.57 13.31
C MET A 287 33.79 21.46 11.83
N THR A 288 34.39 20.52 11.09
CA THR A 288 34.00 20.26 9.71
C THR A 288 32.79 19.34 9.60
N HIS A 289 32.29 18.81 10.72
CA HIS A 289 31.20 17.84 10.73
C HIS A 289 30.27 18.14 11.89
N ASP A 290 28.98 17.86 11.70
CA ASP A 290 28.07 17.76 12.83
C ASP A 290 28.53 16.66 13.76
N SER A 291 28.61 16.98 15.05
CA SER A 291 29.20 16.07 16.04
C SER A 291 28.33 15.97 17.28
N LEU A 292 28.60 14.93 18.07
CA LEU A 292 27.85 14.67 19.28
C LEU A 292 28.81 14.50 20.45
N ILE A 293 28.47 15.11 21.58
CA ILE A 293 29.15 14.87 22.84
C ILE A 293 28.18 14.12 23.74
N LEU A 294 28.60 12.94 24.21
CA LEU A 294 27.75 12.10 25.05
C LEU A 294 28.57 11.66 26.26
N SER A 295 28.25 12.20 27.42
CA SER A 295 29.03 11.94 28.63
C SER A 295 28.10 11.47 29.74
N LYS A 296 28.59 10.51 30.52
CA LYS A 296 27.81 10.01 31.65
C LYS A 296 27.88 10.97 32.84
N GLN A 297 26.88 10.89 33.69
CA GLN A 297 26.82 11.70 34.90
C GLN A 297 26.64 10.77 36.09
N ASP A 298 27.01 11.26 37.27
CA ASP A 298 26.89 10.47 38.51
C ASP A 298 26.44 11.42 39.61
N ASN A 299 25.13 11.61 39.72
CA ASN A 299 24.55 12.41 40.80
C ASN A 299 23.75 11.52 41.74
N SER A 300 24.43 10.57 42.40
CA SER A 300 23.75 9.59 43.23
C SER A 300 23.04 10.20 44.43
N ASP A 301 23.37 11.46 44.78
CA ASP A 301 22.70 12.15 45.88
C ASP A 301 21.35 12.73 45.48
N SER A 302 21.08 12.88 44.18
CA SER A 302 19.82 13.45 43.74
C SER A 302 18.65 12.52 44.10
N GLU A 303 17.48 13.13 44.31
CA GLU A 303 16.31 12.41 44.80
C GLU A 303 15.51 11.71 43.70
N ASP A 304 15.60 12.19 42.46
CA ASP A 304 14.71 11.73 41.38
C ASP A 304 15.45 10.87 40.35
N VAL A 305 16.46 10.11 40.78
CA VAL A 305 17.34 9.42 39.84
C VAL A 305 17.51 7.96 40.24
N VAL A 306 17.83 7.15 39.22
CA VAL A 306 18.15 5.75 39.37
C VAL A 306 19.42 5.44 38.58
N THR A 307 20.00 4.29 38.87
CA THR A 307 21.07 3.72 38.07
C THR A 307 20.61 2.34 37.59
N GLY A 308 21.36 1.79 36.63
CA GLY A 308 21.16 0.40 36.26
C GLY A 308 21.51 -0.51 37.43
N GLY A 309 21.22 -1.79 37.25
CA GLY A 309 21.48 -2.75 38.31
C GLY A 309 22.78 -3.52 38.16
N TYR A 310 23.79 -2.92 37.52
CA TYR A 310 25.07 -3.58 37.31
C TYR A 310 26.17 -2.57 37.60
N ARG A 311 27.35 -2.78 37.04
CA ARG A 311 28.52 -2.03 37.48
C ARG A 311 28.51 -0.58 36.99
N ASP A 312 27.70 -0.24 35.99
CA ASP A 312 27.59 1.14 35.54
C ASP A 312 26.61 1.86 36.47
N LYS A 313 27.13 2.75 37.30
CA LYS A 313 26.33 3.50 38.26
C LYS A 313 25.98 4.89 37.77
N ASN A 314 26.08 5.16 36.47
CA ASN A 314 25.71 6.48 35.99
C ASN A 314 24.23 6.73 36.23
N THR A 315 23.91 7.98 36.58
CA THR A 315 22.55 8.42 36.84
C THR A 315 21.94 9.17 35.67
N GLY A 316 22.68 9.29 34.58
CA GLY A 316 22.19 10.04 33.43
C GLY A 316 23.32 10.35 32.49
N TYR A 317 22.99 11.14 31.46
CA TYR A 317 23.95 11.56 30.45
C TYR A 317 23.74 13.03 30.14
N THR A 318 24.82 13.67 29.68
CA THR A 318 24.71 14.95 29.03
C THR A 318 24.84 14.71 27.53
N VAL A 319 23.91 15.27 26.77
CA VAL A 319 23.89 15.20 25.31
C VAL A 319 24.17 16.60 24.78
N GLU A 320 25.14 16.71 23.89
CA GLU A 320 25.37 17.96 23.18
C GLU A 320 25.54 17.69 21.70
N PHE A 321 24.68 18.31 20.89
CA PHE A 321 24.83 18.32 19.43
C PHE A 321 25.58 19.58 19.02
N VAL A 322 26.65 19.40 18.25
CA VAL A 322 27.54 20.50 17.88
C VAL A 322 27.45 20.62 16.36
N GLU A 323 26.75 21.64 15.88
CA GLU A 323 26.66 21.85 14.45
C GLU A 323 28.03 22.18 13.87
N LYS A 324 28.19 21.85 12.59
CA LYS A 324 29.44 22.10 11.89
C LYS A 324 29.68 23.60 11.72
N GLY A 325 30.94 23.99 11.74
CA GLY A 325 31.31 25.34 11.38
C GLY A 325 31.69 26.19 12.57
N ASN A 326 32.37 27.30 12.27
CA ASN A 326 32.76 28.26 13.31
C ASN A 326 31.53 28.90 13.94
N GLU A 327 30.49 29.13 13.15
CA GLU A 327 29.26 29.78 13.60
C GLU A 327 28.17 28.78 13.97
N GLY A 328 28.52 27.50 14.12
CA GLY A 328 27.49 26.49 14.30
C GLY A 328 26.75 26.63 15.63
N GLN A 329 25.47 26.26 15.61
CA GLN A 329 24.68 26.22 16.82
C GLN A 329 25.12 25.07 17.72
N ARG A 330 24.75 25.17 19.00
CA ARG A 330 25.00 24.10 19.95
C ARG A 330 23.74 23.88 20.76
N TRP A 331 23.33 22.62 20.89
CA TRP A 331 22.17 22.25 21.69
C TRP A 331 22.62 21.26 22.75
N LYS A 332 22.27 21.55 24.00
CA LYS A 332 22.71 20.73 25.12
C LYS A 332 21.48 20.29 25.89
N PHE A 333 21.40 18.99 26.21
CA PHE A 333 20.30 18.42 26.95
C PHE A 333 20.85 17.57 28.09
N GLN A 334 20.26 17.75 29.28
CA GLN A 334 20.54 16.87 30.41
C GLN A 334 19.60 15.68 30.33
N VAL A 335 20.13 14.47 30.54
CA VAL A 335 19.34 13.24 30.50
C VAL A 335 19.46 12.57 31.87
N ARG A 336 18.34 12.48 32.59
CA ARG A 336 18.30 11.85 33.90
C ARG A 336 17.52 10.54 33.81
N HIS A 337 18.14 9.44 34.27
CA HIS A 337 17.41 8.18 34.39
C HIS A 337 16.40 8.30 35.52
N GLU A 338 15.12 8.11 35.22
CA GLU A 338 14.10 8.21 36.26
C GLU A 338 13.47 6.88 36.67
N ARG A 339 13.20 5.98 35.72
CA ARG A 339 12.57 4.71 36.04
C ARG A 339 13.24 3.59 35.26
N ILE A 340 13.27 2.42 35.87
CA ILE A 340 13.87 1.24 35.25
C ILE A 340 12.80 0.46 34.49
N ILE A 341 12.99 0.32 33.18
CA ILE A 341 12.09 -0.54 32.40
C ILE A 341 12.52 -2.00 32.49
N TRP A 342 13.83 -2.28 32.41
CA TRP A 342 14.33 -3.64 32.58
C TRP A 342 15.79 -3.59 33.03
N ASN A 343 16.22 -4.67 33.67
CA ASN A 343 17.63 -4.96 33.98
C ASN A 343 17.88 -6.39 33.54
N THR A 344 18.69 -6.59 32.50
CA THR A 344 19.00 -7.96 32.14
C THR A 344 20.51 -8.17 32.05
N PRO A 345 21.00 -9.34 32.44
CA PRO A 345 22.45 -9.52 32.58
C PRO A 345 23.14 -9.84 31.25
N THR A 346 24.39 -9.43 31.16
CA THR A 346 25.28 -9.84 30.09
C THR A 346 26.55 -10.52 30.62
N SER A 347 26.50 -11.01 31.85
CA SER A 347 27.58 -11.78 32.48
C SER A 347 27.01 -12.43 33.72
N ARG A 348 27.80 -13.33 34.30
CA ARG A 348 27.39 -13.98 35.54
C ARG A 348 27.33 -12.96 36.67
N PRO A 349 26.59 -13.25 37.72
CA PRO A 349 26.42 -12.27 38.81
C PRO A 349 27.76 -11.86 39.41
N GLY A 350 27.77 -10.71 40.05
CA GLY A 350 28.94 -10.26 40.76
C GLY A 350 29.10 -8.76 40.81
N PRO A 351 29.99 -8.29 41.69
CA PRO A 351 30.22 -6.83 41.81
C PRO A 351 30.73 -6.20 40.52
N ASP A 352 31.33 -6.96 39.61
CA ASP A 352 31.80 -6.43 38.35
C ASP A 352 30.93 -6.83 37.17
N ALA A 353 29.76 -7.41 37.44
CA ALA A 353 28.88 -7.87 36.37
C ALA A 353 28.46 -6.71 35.47
N THR A 354 28.28 -7.03 34.19
CA THR A 354 27.78 -6.13 33.18
C THR A 354 26.32 -6.45 32.87
N GLY A 355 25.64 -5.52 32.23
CA GLY A 355 24.23 -5.77 31.94
C GLY A 355 23.66 -4.79 30.94
N ASN A 356 22.35 -4.95 30.73
CA ASN A 356 21.56 -4.22 29.75
C ASN A 356 20.37 -3.66 30.51
N THR A 357 20.20 -2.35 30.46
CA THR A 357 19.17 -1.67 31.23
C THR A 357 18.37 -0.75 30.31
N GLY A 358 17.05 -0.76 30.45
CA GLY A 358 16.16 0.15 29.75
C GLY A 358 15.61 1.18 30.72
N PHE A 359 15.53 2.44 30.27
CA PHE A 359 15.16 3.55 31.13
C PHE A 359 13.98 4.35 30.57
N VAL A 360 13.14 4.82 31.49
CA VAL A 360 12.38 6.04 31.24
C VAL A 360 13.31 7.21 31.58
N GLU A 361 13.60 8.05 30.59
CA GLU A 361 14.46 9.21 30.74
C GLU A 361 13.63 10.49 30.84
N VAL A 362 14.17 11.46 31.57
CA VAL A 362 13.62 12.80 31.65
C VAL A 362 14.70 13.77 31.19
N LEU A 363 14.34 14.72 30.34
CA LEU A 363 15.31 15.58 29.68
C LEU A 363 14.94 17.05 29.84
N CYS A 364 15.97 17.90 29.74
CA CYS A 364 15.81 19.34 29.76
C CYS A 364 16.95 19.98 28.97
N GLY A 365 16.62 20.92 28.10
CA GLY A 365 17.70 21.66 27.46
C GLY A 365 17.24 22.40 26.22
N GLY A 366 18.19 22.57 25.31
CA GLY A 366 18.03 23.35 24.09
C GLY A 366 19.29 24.15 23.82
N THR A 367 19.15 25.22 23.04
CA THR A 367 20.24 26.17 22.92
C THR A 367 20.38 26.94 24.23
N ILE A 368 21.33 27.88 24.27
CA ILE A 368 21.45 28.70 25.47
C ILE A 368 20.22 29.57 25.59
N GLY A 369 19.67 29.64 26.81
CA GLY A 369 18.46 30.40 27.04
C GLY A 369 17.18 29.59 26.88
N GLU A 370 17.28 28.31 26.55
CA GLU A 370 16.13 27.44 26.41
C GLU A 370 16.18 26.37 27.47
N SER A 371 15.00 26.01 28.01
CA SER A 371 14.91 24.91 28.96
C SER A 371 13.63 24.12 28.68
N TYR A 372 13.50 23.63 27.45
CA TYR A 372 12.43 22.70 27.11
C TYR A 372 12.64 21.35 27.79
N GLU A 373 11.53 20.68 28.05
CA GLU A 373 11.53 19.42 28.78
C GLU A 373 10.71 18.39 28.02
N GLY A 374 11.10 17.12 28.21
CA GLY A 374 10.33 16.01 27.68
C GLY A 374 10.76 14.72 28.36
N VAL A 375 10.15 13.62 27.92
CA VAL A 375 10.55 12.30 28.38
C VAL A 375 11.04 11.51 27.17
N GLY A 376 11.84 10.48 27.44
CA GLY A 376 12.34 9.63 26.38
C GLY A 376 12.58 8.21 26.82
N THR A 377 12.85 7.34 25.85
CA THR A 377 13.24 5.97 26.13
C THR A 377 14.76 5.89 26.03
N GLY A 378 15.39 5.34 27.05
CA GLY A 378 16.82 5.15 27.01
C GLY A 378 17.22 3.70 27.20
N GLY A 379 18.39 3.33 26.71
CA GLY A 379 18.89 1.99 26.96
C GLY A 379 20.40 1.94 26.92
N GLN A 380 21.01 1.25 27.86
CA GLN A 380 22.46 1.09 27.87
C GLN A 380 22.78 -0.37 28.10
N CYS A 381 23.73 -0.86 27.31
CA CYS A 381 24.17 -2.24 27.36
C CYS A 381 25.68 -2.25 27.40
N GLU A 382 26.25 -3.01 28.33
CA GLU A 382 27.68 -3.18 28.42
C GLU A 382 27.99 -4.67 28.28
N LEU A 383 28.84 -5.01 27.35
CA LEU A 383 29.22 -6.39 27.12
C LEU A 383 30.50 -6.73 27.87
N SER A 384 30.77 -8.03 27.99
CA SER A 384 31.98 -8.51 28.65
C SER A 384 32.70 -9.52 27.77
N MET B 11 -51.73 -5.39 -19.67
CA MET B 11 -51.94 -4.30 -18.72
C MET B 11 -51.12 -3.06 -19.07
N SER B 12 -49.80 -3.07 -18.84
CA SER B 12 -48.99 -1.88 -19.05
C SER B 12 -47.56 -2.25 -19.44
N ASN B 13 -46.82 -1.24 -19.90
CA ASN B 13 -45.52 -1.42 -20.53
C ASN B 13 -44.41 -1.34 -19.49
N VAL B 14 -44.31 -2.40 -18.70
CA VAL B 14 -43.40 -2.45 -17.56
C VAL B 14 -42.13 -3.19 -17.94
N THR B 15 -41.04 -2.85 -17.26
CA THR B 15 -39.81 -3.61 -17.24
C THR B 15 -39.65 -4.21 -15.85
N VAL B 16 -39.28 -5.48 -15.79
CA VAL B 16 -39.51 -6.27 -14.57
C VAL B 16 -38.31 -7.16 -14.29
N SER B 17 -37.94 -7.21 -13.01
CA SER B 17 -37.02 -8.20 -12.47
C SER B 17 -37.80 -8.96 -11.41
N ALA B 18 -38.17 -10.20 -11.71
CA ALA B 18 -39.07 -11.00 -10.87
C ALA B 18 -38.31 -12.18 -10.30
N PHE B 19 -38.30 -12.30 -8.98
CA PHE B 19 -37.58 -13.34 -8.28
C PHE B 19 -38.51 -14.16 -7.39
N THR B 20 -38.17 -15.44 -7.25
CA THR B 20 -38.74 -16.33 -6.23
C THR B 20 -37.58 -17.08 -5.59
N VAL B 21 -37.71 -17.39 -4.29
CA VAL B 21 -36.59 -18.05 -3.61
C VAL B 21 -36.35 -19.44 -4.17
N ASP B 22 -37.38 -20.07 -4.72
CA ASP B 22 -37.23 -21.42 -5.27
C ASP B 22 -36.40 -21.43 -6.55
N LYS B 23 -36.41 -20.34 -7.32
CA LYS B 23 -35.90 -20.37 -8.68
C LYS B 23 -34.72 -19.45 -8.95
N SER B 24 -34.63 -18.30 -8.29
CA SER B 24 -33.78 -17.23 -8.78
C SER B 24 -32.37 -17.24 -8.20
N ILE B 25 -32.10 -18.07 -7.21
CA ILE B 25 -30.73 -18.21 -6.69
C ILE B 25 -29.99 -19.18 -7.61
N SER B 26 -28.89 -18.73 -8.20
CA SER B 26 -28.18 -19.47 -9.23
C SER B 26 -26.90 -20.07 -8.67
N GLU B 27 -26.60 -21.30 -9.08
CA GLU B 27 -25.27 -21.87 -8.89
C GLU B 27 -24.33 -21.53 -10.05
N GLU B 28 -24.85 -20.89 -11.09
CA GLU B 28 -24.05 -20.49 -12.23
C GLU B 28 -23.39 -19.14 -11.99
N HIS B 29 -22.34 -18.86 -12.76
CA HIS B 29 -21.78 -17.53 -12.79
C HIS B 29 -22.78 -16.58 -13.42
N VAL B 30 -22.92 -15.40 -12.82
CA VAL B 30 -23.85 -14.38 -13.29
C VAL B 30 -23.18 -13.03 -13.15
N LEU B 31 -22.97 -12.35 -14.27
CA LEU B 31 -22.44 -10.99 -14.25
C LEU B 31 -23.57 -10.01 -13.92
N PRO B 32 -23.39 -9.14 -12.93
CA PRO B 32 -24.40 -8.10 -12.70
C PRO B 32 -24.27 -6.98 -13.72
N SER B 33 -25.41 -6.36 -14.04
CA SER B 33 -25.38 -5.12 -14.80
C SER B 33 -24.40 -4.15 -14.15
N SER B 34 -23.80 -3.29 -14.97
CA SER B 34 -22.78 -2.36 -14.49
C SER B 34 -23.42 -1.19 -13.74
N PHE B 35 -22.64 -0.61 -12.83
CA PHE B 35 -23.03 0.65 -12.21
C PHE B 35 -23.26 1.70 -13.31
N ILE B 36 -24.33 2.48 -13.15
CA ILE B 36 -24.68 3.53 -14.09
C ILE B 36 -24.31 4.88 -13.46
N PRO B 37 -23.32 5.60 -13.98
CA PRO B 37 -22.93 6.86 -13.36
C PRO B 37 -24.05 7.89 -13.43
N GLY B 38 -24.18 8.66 -12.36
CA GLY B 38 -25.17 9.72 -12.29
C GLY B 38 -26.58 9.27 -11.98
N SER B 39 -26.82 7.96 -11.86
CA SER B 39 -28.15 7.42 -11.65
C SER B 39 -28.31 6.92 -10.22
N GLY B 40 -29.58 6.82 -9.81
CA GLY B 40 -29.93 6.16 -8.55
C GLY B 40 -29.69 4.67 -8.55
N ASN B 41 -29.64 4.04 -9.74
CA ASN B 41 -29.39 2.60 -9.85
C ASN B 41 -30.40 1.79 -9.04
N ILE B 42 -31.66 2.24 -9.05
CA ILE B 42 -32.69 1.59 -8.26
C ILE B 42 -32.99 0.19 -8.77
N PHE B 43 -32.90 -0.03 -10.08
CA PHE B 43 -33.25 -1.33 -10.63
C PHE B 43 -32.21 -2.36 -10.22
N PRO B 44 -32.62 -3.60 -9.93
CA PRO B 44 -31.64 -4.62 -9.51
C PRO B 44 -30.55 -4.78 -10.55
N LYS B 45 -29.32 -5.05 -10.07
CA LYS B 45 -28.22 -5.30 -11.00
C LYS B 45 -28.17 -6.74 -11.44
N PHE B 46 -28.63 -7.67 -10.60
CA PHE B 46 -28.80 -9.08 -10.98
C PHE B 46 -30.25 -9.23 -11.44
N THR B 47 -30.48 -9.05 -12.75
CA THR B 47 -31.85 -8.87 -13.25
C THR B 47 -32.66 -10.15 -13.28
N SER B 48 -32.08 -11.28 -13.72
CA SER B 48 -32.86 -12.50 -13.85
C SER B 48 -32.49 -13.59 -12.86
N ALA B 49 -31.28 -13.54 -12.30
CA ALA B 49 -30.90 -14.51 -11.27
C ALA B 49 -29.71 -13.95 -10.52
N ILE B 50 -29.53 -14.41 -9.29
CA ILE B 50 -28.53 -13.88 -8.39
C ILE B 50 -27.62 -15.01 -7.90
N PRO B 51 -26.31 -14.92 -8.06
CA PRO B 51 -25.44 -15.99 -7.56
C PRO B 51 -25.52 -16.12 -6.05
N LYS B 52 -25.20 -17.33 -5.57
CA LYS B 52 -25.43 -17.71 -4.18
C LYS B 52 -24.78 -16.74 -3.19
N THR B 53 -23.64 -16.16 -3.54
CA THR B 53 -22.95 -15.26 -2.62
C THR B 53 -23.31 -13.79 -2.81
N ALA B 54 -24.01 -13.45 -3.88
CA ALA B 54 -24.26 -12.05 -4.17
C ALA B 54 -25.39 -11.50 -3.29
N TRP B 55 -25.46 -10.18 -3.18
CA TRP B 55 -26.56 -9.57 -2.45
C TRP B 55 -26.86 -8.18 -3.01
N GLU B 56 -28.10 -7.74 -2.78
CA GLU B 56 -28.56 -6.41 -3.15
C GLU B 56 -29.39 -5.86 -2.00
N LEU B 57 -29.31 -4.54 -1.81
CA LEU B 57 -29.96 -3.89 -0.68
C LEU B 57 -30.59 -2.59 -1.12
N TRP B 58 -31.84 -2.38 -0.70
CA TRP B 58 -32.53 -1.09 -0.79
C TRP B 58 -32.80 -0.66 0.65
N TYR B 59 -32.20 0.45 1.06
CA TYR B 59 -32.17 0.84 2.46
C TYR B 59 -32.86 2.18 2.65
N PHE B 60 -33.64 2.29 3.72
CA PHE B 60 -34.36 3.51 4.04
C PHE B 60 -34.32 3.73 5.54
N ASP B 61 -34.08 4.97 5.97
CA ASP B 61 -34.23 5.25 7.39
C ASP B 61 -34.69 6.69 7.59
N GLY B 62 -35.07 6.97 8.83
CA GLY B 62 -35.39 8.33 9.22
C GLY B 62 -35.29 8.45 10.72
N ILE B 63 -34.97 9.65 11.19
CA ILE B 63 -34.85 9.87 12.62
C ILE B 63 -35.35 11.26 12.96
N SER B 64 -36.16 11.35 14.01
CA SER B 64 -36.71 12.62 14.47
C SER B 64 -35.69 13.36 15.32
N LYS B 65 -35.39 14.60 14.92
CA LYS B 65 -34.56 15.45 15.74
C LYS B 65 -35.28 15.88 17.02
N ASP B 66 -36.61 16.05 16.95
CA ASP B 66 -37.39 16.55 18.08
C ASP B 66 -37.64 15.51 19.17
N ASP B 67 -37.60 14.20 18.86
CA ASP B 67 -37.77 13.22 19.94
C ASP B 67 -36.95 11.95 19.76
N LYS B 68 -36.12 11.84 18.72
CA LYS B 68 -35.15 10.76 18.50
C LYS B 68 -35.78 9.40 18.26
N SER B 69 -37.09 9.34 18.03
CA SER B 69 -37.68 8.13 17.46
C SER B 69 -37.06 7.90 16.09
N SER B 70 -37.05 6.65 15.66
CA SER B 70 -36.27 6.32 14.47
C SER B 70 -36.79 5.03 13.86
N ILE B 71 -36.63 4.91 12.54
CA ILE B 71 -37.06 3.74 11.82
C ILE B 71 -35.98 3.38 10.80
N VAL B 72 -35.71 2.09 10.65
CA VAL B 72 -34.66 1.61 9.76
C VAL B 72 -35.19 0.41 8.99
N ILE B 73 -35.10 0.47 7.67
CA ILE B 73 -35.72 -0.51 6.78
C ILE B 73 -34.67 -1.03 5.82
N GLY B 74 -34.43 -2.34 5.86
CA GLY B 74 -33.52 -2.97 4.92
C GLY B 74 -34.28 -3.97 4.07
N VAL B 75 -34.37 -3.72 2.77
CA VAL B 75 -35.05 -4.60 1.82
C VAL B 75 -33.97 -5.28 0.98
N THR B 76 -33.90 -6.60 1.03
CA THR B 76 -32.75 -7.29 0.45
C THR B 76 -33.15 -8.42 -0.49
N ARG B 77 -32.20 -8.73 -1.37
CA ARG B 77 -32.15 -10.00 -2.10
C ARG B 77 -30.81 -10.65 -1.80
N ASN B 78 -30.86 -11.91 -1.38
CA ASN B 78 -29.67 -12.73 -1.17
C ASN B 78 -30.16 -14.16 -0.93
N ALA B 79 -29.22 -15.09 -0.84
CA ALA B 79 -29.56 -16.48 -0.55
C ALA B 79 -29.72 -16.75 0.94
N GLU B 80 -29.38 -15.76 1.77
CA GLU B 80 -29.47 -15.85 3.23
C GLU B 80 -30.73 -16.55 3.71
N GLY B 81 -31.89 -16.01 3.34
CA GLY B 81 -33.17 -16.49 3.81
C GLY B 81 -33.74 -17.69 3.09
N LEU B 82 -32.98 -18.26 2.15
CA LEU B 82 -33.39 -19.53 1.57
C LEU B 82 -33.68 -20.55 2.65
N LYS B 83 -32.98 -20.45 3.79
CA LYS B 83 -33.28 -21.29 4.94
C LYS B 83 -34.61 -20.92 5.58
N HIS B 84 -35.03 -19.65 5.46
CA HIS B 84 -36.26 -19.18 6.09
C HIS B 84 -37.40 -18.97 5.10
N GLY B 85 -37.21 -19.34 3.84
CA GLY B 85 -38.30 -19.38 2.89
C GLY B 85 -38.60 -18.10 2.13
N GLY B 86 -37.65 -17.18 2.03
CA GLY B 86 -37.93 -15.96 1.30
C GLY B 86 -36.75 -15.02 1.30
N PHE B 87 -36.95 -13.87 0.69
CA PHE B 87 -35.99 -12.79 0.72
C PHE B 87 -36.26 -11.92 1.96
N LYS B 88 -35.18 -11.50 2.62
CA LYS B 88 -35.28 -10.88 3.93
C LYS B 88 -35.58 -9.38 3.82
N VAL B 89 -36.55 -8.93 4.61
CA VAL B 89 -36.77 -7.51 4.88
C VAL B 89 -36.60 -7.31 6.37
N GLN B 90 -35.78 -6.33 6.74
CA GLN B 90 -35.53 -6.01 8.14
C GLN B 90 -36.27 -4.74 8.51
N VAL B 91 -36.95 -4.76 9.64
CA VAL B 91 -37.67 -3.60 10.13
C VAL B 91 -37.26 -3.37 11.57
N PHE B 92 -36.69 -2.19 11.84
CA PHE B 92 -36.33 -1.74 13.18
C PHE B 92 -37.02 -0.40 13.45
N VAL B 93 -37.56 -0.25 14.66
CA VAL B 93 -38.02 1.07 15.12
C VAL B 93 -37.62 1.22 16.57
N ILE B 94 -37.37 2.47 16.96
CA ILE B 94 -37.19 2.84 18.36
C ILE B 94 -38.09 4.04 18.64
N TRP B 95 -38.97 3.90 19.63
CA TRP B 95 -39.84 4.99 20.06
C TRP B 95 -39.05 6.09 20.77
N ALA B 96 -39.72 7.23 20.97
CA ALA B 96 -39.13 8.34 21.71
C ALA B 96 -38.81 7.94 23.14
N ASP B 97 -39.58 7.02 23.73
CA ASP B 97 -39.36 6.54 25.09
C ASP B 97 -38.40 5.35 25.14
N GLU B 98 -37.76 5.02 24.02
CA GLU B 98 -36.70 4.04 23.91
C GLU B 98 -37.19 2.59 23.98
N ARG B 99 -38.51 2.37 23.94
CA ARG B 99 -38.99 1.06 23.53
C ARG B 99 -38.54 0.79 22.09
N THR B 100 -38.37 -0.49 21.78
CA THR B 100 -37.93 -0.89 20.45
C THR B 100 -38.78 -2.05 19.94
N TRP B 101 -38.72 -2.28 18.63
CA TRP B 101 -39.44 -3.37 17.97
C TRP B 101 -38.66 -3.71 16.72
N HIS B 102 -38.53 -5.00 16.44
CA HIS B 102 -37.76 -5.43 15.29
C HIS B 102 -38.25 -6.80 14.84
N ARG B 103 -38.33 -6.98 13.52
CA ARG B 103 -38.58 -8.28 12.93
C ARG B 103 -37.72 -8.42 11.69
N ASP B 104 -37.27 -9.64 11.45
CA ASP B 104 -36.82 -10.06 10.12
C ASP B 104 -37.98 -10.78 9.47
N LEU B 105 -38.36 -10.34 8.27
CA LEU B 105 -39.48 -10.92 7.54
C LEU B 105 -38.96 -11.50 6.24
N PHE B 106 -39.51 -12.64 5.84
CA PHE B 106 -39.05 -13.36 4.66
C PHE B 106 -40.20 -13.55 3.68
N PHE B 107 -39.95 -13.26 2.41
CA PHE B 107 -40.99 -13.27 1.38
C PHE B 107 -40.52 -14.12 0.21
N PRO B 108 -41.26 -15.16 -0.16
CA PRO B 108 -40.83 -16.00 -1.28
C PRO B 108 -40.68 -15.24 -2.60
N GLU B 109 -41.47 -14.19 -2.82
CA GLU B 109 -41.46 -13.48 -4.08
C GLU B 109 -40.96 -12.05 -3.88
N SER B 110 -40.15 -11.57 -4.81
CA SER B 110 -39.61 -10.21 -4.77
C SER B 110 -39.63 -9.71 -6.21
N VAL B 111 -40.43 -8.68 -6.49
CA VAL B 111 -40.59 -8.18 -7.85
C VAL B 111 -40.29 -6.70 -7.87
N VAL B 112 -39.33 -6.29 -8.70
CA VAL B 112 -39.04 -4.88 -8.94
C VAL B 112 -39.36 -4.56 -10.39
N SER B 113 -40.08 -3.47 -10.60
CA SER B 113 -40.56 -3.12 -11.92
C SER B 113 -40.50 -1.62 -12.13
N ILE B 114 -40.37 -1.22 -13.40
CA ILE B 114 -40.45 0.18 -13.81
C ILE B 114 -41.68 0.33 -14.68
N ASN B 115 -42.55 1.28 -14.34
CA ASN B 115 -43.81 1.42 -15.05
C ASN B 115 -43.70 2.49 -16.13
N GLU B 116 -44.82 2.74 -16.80
CA GLU B 116 -44.84 3.64 -17.96
C GLU B 116 -44.51 5.08 -17.60
N SER B 117 -44.62 5.45 -16.33
CA SER B 117 -44.29 6.79 -15.88
C SER B 117 -42.86 6.91 -15.35
N GLY B 118 -42.08 5.85 -15.39
CA GLY B 118 -40.75 5.88 -14.83
C GLY B 118 -40.68 5.63 -13.33
N VAL B 119 -41.81 5.33 -12.69
CA VAL B 119 -41.81 5.00 -11.26
C VAL B 119 -41.27 3.58 -11.10
N THR B 120 -40.34 3.39 -10.16
CA THR B 120 -39.78 2.08 -9.85
C THR B 120 -40.43 1.54 -8.58
N ASP B 121 -41.12 0.41 -8.69
CA ASP B 121 -41.79 -0.24 -7.58
C ASP B 121 -41.08 -1.53 -7.20
N GLY B 122 -40.99 -1.78 -5.89
CA GLY B 122 -40.49 -3.04 -5.40
C GLY B 122 -41.52 -3.68 -4.49
N ILE B 123 -41.80 -4.97 -4.71
CA ILE B 123 -42.78 -5.67 -3.89
C ILE B 123 -42.17 -6.99 -3.46
N TRP B 124 -42.05 -7.16 -2.15
CA TRP B 124 -41.68 -8.43 -1.52
C TRP B 124 -42.97 -9.01 -0.98
N LYS B 125 -43.33 -10.22 -1.41
CA LYS B 125 -44.66 -10.71 -1.07
C LYS B 125 -44.64 -12.20 -0.77
N ASP B 126 -45.64 -12.61 0.00
CA ASP B 126 -45.87 -14.00 0.37
C ASP B 126 -47.35 -14.25 0.14
N ALA B 127 -47.67 -14.81 -1.04
CA ALA B 127 -49.07 -14.87 -1.48
C ALA B 127 -49.92 -15.74 -0.57
N THR B 128 -49.35 -16.80 0.00
CA THR B 128 -50.10 -17.74 0.82
C THR B 128 -50.49 -17.16 2.18
N SER B 129 -50.02 -15.95 2.51
CA SER B 129 -50.40 -15.29 3.74
C SER B 129 -50.90 -13.86 3.51
N ASN B 130 -51.03 -13.44 2.25
CA ASN B 130 -51.49 -12.08 1.95
C ASN B 130 -50.62 -11.04 2.62
N SER B 131 -49.33 -11.31 2.73
CA SER B 131 -48.37 -10.38 3.32
C SER B 131 -47.48 -9.79 2.23
N SER B 132 -47.18 -8.49 2.36
CA SER B 132 -46.28 -7.85 1.42
C SER B 132 -45.68 -6.62 2.08
N ILE B 133 -44.46 -6.31 1.66
CA ILE B 133 -43.83 -5.01 1.88
C ILE B 133 -43.35 -4.51 0.53
N SER B 134 -43.63 -3.24 0.24
CA SER B 134 -43.33 -2.69 -1.07
C SER B 134 -42.72 -1.31 -0.91
N PHE B 135 -41.89 -0.93 -1.89
CA PHE B 135 -41.37 0.42 -1.95
C PHE B 135 -41.62 1.00 -3.34
N SER B 136 -41.61 2.32 -3.40
CA SER B 136 -41.86 3.04 -4.64
C SER B 136 -40.99 4.28 -4.68
N CYS B 137 -40.30 4.49 -5.82
CA CYS B 137 -39.40 5.61 -6.00
C CYS B 137 -39.79 6.39 -7.23
N ALA B 138 -39.99 7.69 -7.08
CA ALA B 138 -40.27 8.54 -8.21
C ALA B 138 -39.14 8.44 -9.24
N GLY B 139 -39.49 8.70 -10.50
CA GLY B 139 -38.50 8.65 -11.55
C GLY B 139 -37.39 9.67 -11.37
N ASP B 140 -37.72 10.85 -10.85
CA ASP B 140 -36.72 11.87 -10.58
C ASP B 140 -36.17 11.77 -9.16
N LEU B 141 -36.49 10.73 -8.41
CA LEU B 141 -35.98 10.50 -7.07
C LEU B 141 -36.39 11.61 -6.11
N SER B 142 -37.45 12.34 -6.42
CA SER B 142 -37.90 13.42 -5.54
C SER B 142 -38.61 12.86 -4.31
N LYS B 143 -39.20 11.68 -4.44
CA LYS B 143 -40.00 11.06 -3.38
C LYS B 143 -39.80 9.55 -3.41
N ALA B 144 -39.87 8.95 -2.23
CA ALA B 144 -39.94 7.50 -2.10
C ALA B 144 -40.87 7.15 -0.96
N SER B 145 -41.50 5.98 -1.06
CA SER B 145 -42.41 5.57 0.01
C SER B 145 -42.42 4.06 0.12
N LEU B 146 -42.91 3.59 1.26
CA LEU B 146 -43.08 2.18 1.52
C LEU B 146 -44.46 1.92 2.07
N VAL B 147 -44.97 0.72 1.81
CA VAL B 147 -46.20 0.24 2.42
C VAL B 147 -45.90 -1.09 3.08
N PHE B 148 -46.26 -1.19 4.37
CA PHE B 148 -46.12 -2.43 5.13
C PHE B 148 -47.51 -3.03 5.34
N ASP B 149 -47.70 -4.25 4.82
CA ASP B 149 -48.98 -4.94 4.88
C ASP B 149 -48.73 -6.40 5.23
N VAL B 150 -48.36 -6.64 6.48
CA VAL B 150 -48.20 -7.98 7.01
C VAL B 150 -49.21 -8.13 8.14
N PRO B 151 -50.40 -8.65 7.86
CA PRO B 151 -51.43 -8.75 8.91
C PRO B 151 -50.88 -9.40 10.17
N GLY B 152 -51.27 -8.85 11.32
CA GLY B 152 -50.87 -9.41 12.59
C GLY B 152 -49.41 -9.21 12.95
N VAL B 153 -48.66 -8.44 12.16
CA VAL B 153 -47.23 -8.22 12.39
C VAL B 153 -46.92 -6.73 12.28
N VAL B 154 -47.02 -6.18 11.07
CA VAL B 154 -46.71 -4.77 10.83
C VAL B 154 -47.58 -4.23 9.70
N GLN B 155 -48.31 -3.15 9.99
CA GLN B 155 -49.09 -2.45 8.98
C GLN B 155 -48.81 -0.96 9.08
N GLY B 156 -48.55 -0.34 7.94
CA GLY B 156 -48.23 1.07 7.97
C GLY B 156 -47.50 1.48 6.71
N ASP B 157 -46.72 2.55 6.84
CA ASP B 157 -46.11 3.18 5.68
C ASP B 157 -45.01 4.12 6.15
N MET B 158 -44.22 4.56 5.19
CA MET B 158 -43.10 5.46 5.43
C MET B 158 -42.92 6.31 4.17
N HIS B 159 -42.65 7.58 4.35
CA HIS B 159 -42.49 8.48 3.23
C HIS B 159 -41.20 9.26 3.38
N LEU B 160 -40.49 9.40 2.26
CA LEU B 160 -39.31 10.25 2.20
C LEU B 160 -39.50 11.25 1.08
N GLU B 161 -39.10 12.49 1.32
CA GLU B 161 -39.12 13.52 0.30
C GLU B 161 -37.74 14.16 0.25
N ALA B 162 -37.10 14.08 -0.92
CA ALA B 162 -35.74 14.60 -1.06
C ALA B 162 -35.69 16.06 -0.69
N LEU B 163 -34.62 16.46 -0.02
CA LEU B 163 -34.48 17.88 0.28
C LEU B 163 -33.83 18.62 -0.89
N PRO B 164 -34.02 19.93 -0.96
CA PRO B 164 -33.46 20.71 -2.08
C PRO B 164 -31.94 20.63 -2.11
N GLY B 165 -31.38 20.81 -3.30
CA GLY B 165 -29.94 20.87 -3.46
C GLY B 165 -29.32 19.77 -4.28
N ASP B 166 -27.98 19.66 -4.21
CA ASP B 166 -27.25 18.66 -4.97
C ASP B 166 -27.77 17.26 -4.67
N THR B 167 -27.92 16.43 -5.70
CA THR B 167 -28.35 15.04 -5.49
C THR B 167 -27.22 14.15 -5.00
N GLY B 168 -25.96 14.54 -5.24
CA GLY B 168 -24.83 13.69 -4.92
C GLY B 168 -24.65 12.51 -5.85
N LEU B 169 -25.46 12.38 -6.90
CA LEU B 169 -25.38 11.19 -7.76
C LEU B 169 -24.24 11.26 -8.76
N ASP B 170 -23.69 12.45 -9.03
CA ASP B 170 -22.55 12.57 -9.94
C ASP B 170 -21.25 12.32 -9.20
N THR B 171 -21.17 11.21 -8.48
CA THR B 171 -20.01 10.89 -7.66
C THR B 171 -19.74 9.39 -7.76
N ASP B 172 -18.56 9.01 -7.29
CA ASP B 172 -18.09 7.63 -7.31
C ASP B 172 -18.83 6.80 -6.27
N ALA B 173 -19.47 5.71 -6.71
CA ALA B 173 -20.21 4.83 -5.80
C ALA B 173 -19.42 3.59 -5.41
N ARG B 174 -18.16 3.48 -5.80
CA ARG B 174 -17.38 2.31 -5.46
C ARG B 174 -16.98 2.36 -3.99
N LEU B 175 -17.24 1.28 -3.27
CA LEU B 175 -16.83 1.11 -1.88
C LEU B 175 -15.83 -0.05 -1.87
N GLY B 176 -14.56 0.27 -2.08
CA GLY B 176 -13.56 -0.76 -2.28
C GLY B 176 -13.77 -1.39 -3.65
N PRO B 177 -13.06 -2.49 -3.93
CA PRO B 177 -13.12 -3.09 -5.27
C PRO B 177 -14.33 -3.99 -5.50
N SER B 178 -15.13 -4.30 -4.49
CA SER B 178 -16.17 -5.33 -4.65
C SER B 178 -17.58 -4.90 -4.29
N VAL B 179 -17.79 -3.66 -3.84
CA VAL B 179 -19.10 -3.21 -3.39
C VAL B 179 -19.42 -1.87 -4.05
N TYR B 180 -20.69 -1.71 -4.45
CA TYR B 180 -21.21 -0.42 -4.89
C TYR B 180 -22.17 0.10 -3.83
N TYR B 181 -22.07 1.38 -3.51
CA TYR B 181 -22.89 2.01 -2.48
C TYR B 181 -23.41 3.33 -3.04
N VAL B 182 -24.63 3.31 -3.57
CA VAL B 182 -25.25 4.48 -4.16
C VAL B 182 -26.21 5.08 -3.16
N ARG B 183 -26.45 6.39 -3.26
CA ARG B 183 -27.35 7.10 -2.36
C ARG B 183 -28.46 7.78 -3.16
N PRO B 184 -29.41 6.99 -3.66
CA PRO B 184 -30.47 7.59 -4.49
C PRO B 184 -31.11 8.81 -3.86
N ILE B 185 -31.24 8.83 -2.53
CA ILE B 185 -31.75 9.98 -1.80
C ILE B 185 -30.79 10.22 -0.63
N GLY B 186 -29.81 11.11 -0.83
CA GLY B 186 -28.88 11.40 0.25
C GLY B 186 -29.55 12.02 1.45
N ARG B 187 -30.39 13.03 1.21
CA ARG B 187 -30.96 13.85 2.28
C ARG B 187 -32.46 13.97 2.07
N ALA B 188 -33.25 13.51 3.05
CA ALA B 188 -34.69 13.49 2.90
C ALA B 188 -35.34 13.89 4.21
N SER B 189 -36.49 14.56 4.10
CA SER B 189 -37.42 14.59 5.21
C SER B 189 -38.26 13.32 5.18
N VAL B 190 -38.64 12.85 6.36
CA VAL B 190 -39.20 11.50 6.48
C VAL B 190 -40.40 11.49 7.41
N LYS B 191 -41.35 10.62 7.11
CA LYS B 191 -42.48 10.34 7.98
C LYS B 191 -42.77 8.85 7.94
N ALA B 192 -43.38 8.34 9.00
CA ALA B 192 -43.71 6.93 9.09
C ALA B 192 -44.77 6.72 10.16
N GLN B 193 -45.73 5.84 9.88
CA GLN B 193 -46.75 5.43 10.83
C GLN B 193 -46.95 3.92 10.69
N LEU B 194 -46.78 3.21 11.79
CA LEU B 194 -46.82 1.76 11.79
C LEU B 194 -47.65 1.27 12.97
N SER B 195 -48.41 0.21 12.74
CA SER B 195 -49.02 -0.57 13.80
C SER B 195 -48.20 -1.84 13.95
N LEU B 196 -47.68 -2.09 15.14
CA LEU B 196 -46.75 -3.18 15.38
C LEU B 196 -47.35 -4.16 16.39
N TYR B 197 -47.28 -5.44 16.05
CA TYR B 197 -47.83 -6.53 16.85
C TYR B 197 -46.71 -7.41 17.39
N SER B 198 -46.96 -8.03 18.54
CA SER B 198 -46.03 -8.99 19.13
C SER B 198 -46.83 -10.23 19.60
N SER B 199 -47.26 -11.03 18.63
CA SER B 199 -48.04 -12.25 18.93
C SER B 199 -49.29 -11.93 19.75
N ASP B 200 -50.09 -10.99 19.25
CA ASP B 200 -51.30 -10.56 19.96
C ASP B 200 -52.03 -9.50 19.15
N ALA B 201 -53.23 -9.82 18.67
CA ALA B 201 -53.98 -8.87 17.84
C ALA B 201 -54.58 -7.75 18.67
N THR B 202 -54.84 -8.01 19.96
CA THR B 202 -55.40 -6.97 20.81
C THR B 202 -54.36 -5.92 21.17
N ALA B 203 -53.10 -6.32 21.29
CA ALA B 203 -52.03 -5.41 21.72
C ALA B 203 -51.22 -4.96 20.52
N ALA B 204 -51.73 -3.93 19.83
CA ALA B 204 -51.06 -3.33 18.69
C ALA B 204 -50.53 -1.96 19.11
N GLU B 205 -49.22 -1.79 19.02
CA GLU B 205 -48.57 -0.55 19.42
C GLU B 205 -48.39 0.35 18.20
N GLN B 206 -48.86 1.59 18.30
CA GLN B 206 -48.66 2.55 17.23
C GLN B 206 -47.27 3.15 17.32
N PHE B 207 -46.61 3.28 16.18
CA PHE B 207 -45.35 4.00 16.06
C PHE B 207 -45.55 5.19 15.12
N SER B 208 -45.19 6.38 15.60
CA SER B 208 -45.24 7.59 14.79
C SER B 208 -43.86 8.23 14.84
N LEU B 209 -43.15 8.21 13.71
CA LEU B 209 -41.90 8.95 13.61
C LEU B 209 -42.13 10.41 13.98
N GLY B 210 -41.26 10.93 14.87
CA GLY B 210 -41.42 12.27 15.38
C GLY B 210 -41.20 13.36 14.33
N THR B 211 -41.49 14.59 14.74
CA THR B 211 -41.36 15.75 13.87
C THR B 211 -39.89 16.11 13.64
N SER B 212 -39.65 16.94 12.63
CA SER B 212 -38.30 17.35 12.24
C SER B 212 -37.42 16.14 11.94
N ALA B 213 -37.96 15.20 11.18
CA ALA B 213 -37.29 13.93 10.91
C ALA B 213 -36.54 13.99 9.59
N ASN B 214 -35.32 13.47 9.60
CA ASN B 214 -34.48 13.37 8.42
C ASN B 214 -34.06 11.93 8.20
N GLY B 215 -33.64 11.66 6.97
CA GLY B 215 -33.23 10.34 6.57
C GLY B 215 -32.85 10.29 5.11
N GLY B 216 -33.11 9.16 4.46
CA GLY B 216 -32.69 9.00 3.08
C GLY B 216 -32.79 7.55 2.66
N MET B 217 -32.32 7.31 1.45
CA MET B 217 -32.36 5.99 0.83
C MET B 217 -30.99 5.68 0.27
N ASP B 218 -30.47 4.51 0.59
CA ASP B 218 -29.24 3.99 0.03
C ASP B 218 -29.53 2.78 -0.85
N ARG B 219 -28.60 2.51 -1.75
CA ARG B 219 -28.72 1.40 -2.68
C ARG B 219 -27.36 0.72 -2.76
N VAL B 220 -27.30 -0.57 -2.39
CA VAL B 220 -26.01 -1.24 -2.23
C VAL B 220 -26.08 -2.63 -2.85
N TRP B 221 -24.99 -3.08 -3.46
CA TRP B 221 -24.90 -4.45 -3.95
C TRP B 221 -23.45 -4.90 -4.01
N SER B 222 -23.27 -6.21 -4.13
CA SER B 222 -21.95 -6.80 -4.26
C SER B 222 -22.09 -8.20 -4.83
N PRO B 223 -21.17 -8.63 -5.69
CA PRO B 223 -21.19 -10.04 -6.13
C PRO B 223 -20.66 -11.01 -5.08
N LEU B 224 -20.13 -10.52 -3.96
CA LEU B 224 -19.48 -11.37 -2.96
C LEU B 224 -20.14 -11.19 -1.59
N SER B 225 -20.03 -12.23 -0.77
CA SER B 225 -20.62 -12.21 0.56
C SER B 225 -19.92 -11.17 1.45
N TRP B 226 -20.62 -10.75 2.50
CA TRP B 226 -20.09 -9.75 3.42
C TRP B 226 -18.75 -10.15 4.01
N PRO B 227 -18.57 -11.36 4.55
CA PRO B 227 -17.27 -11.72 5.14
C PRO B 227 -16.12 -11.57 4.17
N GLN B 228 -16.38 -11.65 2.86
CA GLN B 228 -15.32 -11.56 1.88
C GLN B 228 -14.95 -10.13 1.50
N VAL B 229 -15.79 -9.15 1.81
CA VAL B 229 -15.49 -7.76 1.46
C VAL B 229 -15.10 -6.92 2.66
N MET B 230 -15.51 -7.28 3.87
CA MET B 230 -15.27 -6.44 5.02
C MET B 230 -15.09 -7.28 6.26
N THR B 231 -14.37 -6.71 7.23
CA THR B 231 -14.37 -7.22 8.60
C THR B 231 -15.07 -6.29 9.57
N GLU B 232 -15.18 -5.00 9.24
CA GLU B 232 -15.91 -4.03 10.04
C GLU B 232 -16.48 -2.94 9.14
N SER B 233 -17.58 -2.35 9.59
CA SER B 233 -18.23 -1.28 8.85
C SER B 233 -18.82 -0.28 9.84
N TYR B 234 -18.89 0.99 9.43
CA TYR B 234 -19.62 1.98 10.20
C TYR B 234 -20.55 2.77 9.28
N TYR B 235 -21.80 2.94 9.71
CA TYR B 235 -22.79 3.72 8.98
C TYR B 235 -23.14 4.96 9.78
N LEU B 236 -23.35 6.07 9.09
CA LEU B 236 -23.86 7.29 9.71
C LEU B 236 -24.60 8.12 8.67
N ARG B 237 -25.75 8.64 9.08
CA ARG B 237 -26.51 9.60 8.28
C ARG B 237 -27.14 10.59 9.25
N THR B 238 -27.00 11.87 8.96
CA THR B 238 -27.40 12.91 9.91
C THR B 238 -27.59 14.25 9.19
N GLN B 239 -28.52 15.04 9.71
CA GLN B 239 -28.66 16.45 9.38
C GLN B 239 -28.26 17.24 10.63
N VAL B 240 -27.26 18.10 10.51
CA VAL B 240 -26.72 18.85 11.64
C VAL B 240 -26.82 20.32 11.30
N GLY B 241 -27.86 20.99 11.79
CA GLY B 241 -28.14 22.33 11.34
C GLY B 241 -28.14 22.40 9.83
N PRO B 242 -27.30 23.27 9.26
CA PRO B 242 -27.20 23.36 7.79
C PRO B 242 -26.44 22.21 7.15
N TYR B 243 -25.71 21.41 7.92
CA TYR B 243 -24.92 20.33 7.38
C TYR B 243 -25.73 19.04 7.30
N ALA B 244 -25.36 18.20 6.34
CA ALA B 244 -25.88 16.84 6.25
C ALA B 244 -24.75 15.96 5.74
N MET B 245 -24.66 14.74 6.27
CA MET B 245 -23.61 13.85 5.81
C MET B 245 -24.10 12.42 5.83
N GLN B 246 -23.53 11.60 4.97
CA GLN B 246 -23.72 10.17 5.01
C GLN B 246 -22.35 9.52 4.93
N ILE B 247 -22.13 8.50 5.75
CA ILE B 247 -20.85 7.81 5.80
C ILE B 247 -21.10 6.31 5.78
N MET B 248 -20.36 5.62 4.93
CA MET B 248 -20.10 4.18 5.07
C MET B 248 -18.60 3.99 4.98
N ARG B 249 -18.00 3.39 6.02
CA ARG B 249 -16.58 3.08 6.02
C ARG B 249 -16.41 1.61 6.37
N ILE B 250 -15.64 0.88 5.56
CA ILE B 250 -15.37 -0.53 5.82
C ILE B 250 -13.86 -0.74 5.88
N PHE B 251 -13.42 -1.60 6.81
CA PHE B 251 -12.09 -2.18 6.85
C PHE B 251 -12.14 -3.54 6.17
N PRO B 252 -11.22 -3.87 5.27
CA PRO B 252 -11.37 -5.10 4.49
C PRO B 252 -11.08 -6.32 5.34
N PRO B 253 -11.39 -7.51 4.83
CA PRO B 253 -11.13 -8.74 5.59
C PRO B 253 -9.65 -8.90 5.91
N ALA B 254 -9.37 -9.47 7.08
CA ALA B 254 -7.98 -9.67 7.50
C ALA B 254 -7.23 -10.55 6.51
N GLY B 255 -6.03 -10.10 6.14
CA GLY B 255 -5.22 -10.78 5.16
C GLY B 255 -5.42 -10.34 3.74
N SER B 256 -6.22 -9.31 3.50
CA SER B 256 -6.62 -8.87 2.18
C SER B 256 -5.65 -7.84 1.62
N GLU B 257 -5.44 -7.88 0.30
CA GLU B 257 -4.74 -6.78 -0.36
C GLU B 257 -5.59 -5.53 -0.45
N ASP B 258 -6.89 -5.63 -0.17
CA ASP B 258 -7.75 -4.45 -0.13
C ASP B 258 -7.29 -3.49 0.97
N GLN B 259 -7.67 -2.23 0.83
CA GLN B 259 -7.42 -1.24 1.88
C GLN B 259 -8.74 -0.60 2.32
N PRO B 260 -8.75 0.13 3.42
CA PRO B 260 -10.00 0.73 3.91
C PRO B 260 -10.67 1.57 2.82
N SER B 261 -12.00 1.53 2.82
CA SER B 261 -12.78 2.27 1.83
C SER B 261 -13.86 3.07 2.55
N THR B 262 -14.37 4.07 1.84
CA THR B 262 -15.47 4.84 2.40
C THR B 262 -16.22 5.49 1.26
N MET B 263 -17.51 5.66 1.47
CA MET B 263 -18.37 6.44 0.59
C MET B 263 -18.99 7.48 1.51
N ALA B 264 -18.34 8.64 1.58
CA ALA B 264 -18.69 9.66 2.56
C ALA B 264 -18.94 10.97 1.84
N ARG B 265 -19.94 11.70 2.31
CA ARG B 265 -20.43 12.89 1.64
C ARG B 265 -20.79 13.92 2.69
N LEU B 266 -20.45 15.19 2.41
CA LEU B 266 -20.79 16.30 3.29
C LEU B 266 -21.46 17.41 2.47
N TYR B 267 -22.62 17.86 2.94
CA TYR B 267 -23.36 18.95 2.31
C TYR B 267 -23.51 20.10 3.29
N ARG B 268 -23.65 21.30 2.76
CA ARG B 268 -23.98 22.48 3.56
C ARG B 268 -25.02 23.28 2.79
N GLU B 269 -26.22 23.37 3.35
CA GLU B 269 -27.34 24.04 2.69
C GLU B 269 -27.64 23.43 1.31
N GLY B 270 -27.45 22.12 1.19
CA GLY B 270 -27.73 21.44 -0.05
C GLY B 270 -26.60 21.46 -1.06
N GLN B 271 -25.51 22.18 -0.77
CA GLN B 271 -24.33 22.15 -1.61
C GLN B 271 -23.43 21.00 -1.18
N LEU B 272 -23.03 20.17 -2.14
CA LEU B 272 -22.08 19.10 -1.88
C LEU B 272 -20.70 19.72 -1.74
N VAL B 273 -20.15 19.72 -0.52
CA VAL B 273 -18.89 20.42 -0.25
C VAL B 273 -17.71 19.49 0.00
N CYS B 274 -17.92 18.19 0.21
CA CYS B 274 -16.79 17.27 0.32
C CYS B 274 -17.19 15.86 -0.10
N VAL B 275 -16.45 15.33 -1.07
CA VAL B 275 -16.70 14.00 -1.64
C VAL B 275 -15.47 13.16 -1.31
N ALA B 276 -15.59 12.28 -0.31
CA ALA B 276 -14.46 11.50 0.18
C ALA B 276 -14.66 10.02 -0.14
N GLN B 277 -13.76 9.46 -0.96
CA GLN B 277 -13.67 8.03 -1.18
C GLN B 277 -12.50 7.40 -0.44
N HIS B 278 -11.71 8.18 0.30
CA HIS B 278 -10.51 7.70 0.97
C HIS B 278 -10.58 7.96 2.47
N VAL B 279 -10.01 7.03 3.24
CA VAL B 279 -9.97 7.09 4.69
C VAL B 279 -8.52 7.23 5.12
N VAL B 280 -8.23 8.25 5.91
CA VAL B 280 -6.89 8.49 6.43
C VAL B 280 -6.98 8.65 7.94
N THR B 281 -5.91 8.25 8.63
CA THR B 281 -5.88 8.30 10.09
C THR B 281 -5.17 9.52 10.66
N ARG B 282 -4.34 10.19 9.86
CA ARG B 282 -3.54 11.33 10.33
C ARG B 282 -4.19 12.64 9.91
N GLU B 283 -4.42 13.53 10.88
CA GLU B 283 -4.99 14.84 10.55
C GLU B 283 -4.01 15.66 9.73
N ASP B 284 -2.79 15.84 10.23
CA ASP B 284 -1.76 16.60 9.54
C ASP B 284 -1.11 15.84 8.39
N ALA B 285 -1.73 14.76 7.92
CA ALA B 285 -1.21 14.05 6.77
C ALA B 285 -1.37 14.93 5.52
N LEU B 286 -0.69 14.51 4.46
CA LEU B 286 -0.70 15.23 3.17
C LEU B 286 -1.76 14.58 2.29
N MET B 287 -2.94 15.19 2.25
CA MET B 287 -4.09 14.59 1.59
C MET B 287 -3.84 14.47 0.08
N THR B 288 -3.80 13.23 -0.41
CA THR B 288 -3.83 13.01 -1.84
C THR B 288 -5.24 13.13 -2.42
N HIS B 289 -6.27 12.95 -1.58
CA HIS B 289 -7.66 13.09 -2.01
C HIS B 289 -8.46 13.76 -0.91
N ASP B 290 -9.64 14.26 -1.28
CA ASP B 290 -10.67 14.55 -0.28
C ASP B 290 -10.86 13.31 0.58
N SER B 291 -10.72 13.47 1.89
CA SER B 291 -10.62 12.31 2.77
C SER B 291 -11.55 12.43 3.96
N LEU B 292 -11.78 11.29 4.59
CA LEU B 292 -12.49 11.17 5.85
C LEU B 292 -11.53 10.67 6.91
N ILE B 293 -11.58 11.31 8.09
CA ILE B 293 -10.92 10.80 9.29
C ILE B 293 -12.00 10.42 10.27
N LEU B 294 -12.09 9.14 10.59
CA LEU B 294 -13.19 8.60 11.41
C LEU B 294 -12.56 7.81 12.56
N SER B 295 -12.56 8.42 13.75
CA SER B 295 -11.84 7.91 14.90
C SER B 295 -12.82 7.55 16.02
N LYS B 296 -12.60 6.40 16.64
CA LYS B 296 -13.40 6.02 17.80
C LYS B 296 -12.95 6.79 19.04
N GLN B 297 -13.93 7.24 19.83
CA GLN B 297 -13.69 7.91 21.10
C GLN B 297 -14.01 6.97 22.27
N ASP B 298 -13.70 7.44 23.48
CA ASP B 298 -14.01 6.73 24.72
C ASP B 298 -14.67 7.63 25.77
N ASN B 299 -15.10 8.83 25.38
CA ASN B 299 -15.73 9.75 26.31
C ASN B 299 -16.68 10.70 25.59
N ASP B 304 -26.06 11.38 29.23
CA ASP B 304 -26.56 10.15 28.61
C ASP B 304 -25.65 9.69 27.46
N VAL B 305 -24.91 8.61 27.69
CA VAL B 305 -24.05 8.00 26.68
C VAL B 305 -24.27 6.48 26.70
N VAL B 306 -23.80 5.81 25.64
CA VAL B 306 -23.96 4.36 25.51
C VAL B 306 -22.83 3.78 24.66
N THR B 307 -22.63 2.47 24.76
CA THR B 307 -21.74 1.74 23.87
C THR B 307 -22.47 0.53 23.32
N GLY B 308 -21.95 -0.01 22.23
CA GLY B 308 -22.43 -1.30 21.75
C GLY B 308 -22.27 -2.38 22.79
N GLY B 309 -22.93 -3.50 22.54
CA GLY B 309 -22.95 -4.57 23.53
C GLY B 309 -21.94 -5.68 23.33
N TYR B 310 -20.83 -5.39 22.65
CA TYR B 310 -19.86 -6.43 22.32
C TYR B 310 -18.46 -5.92 22.62
N ARG B 311 -17.44 -6.53 22.00
CA ARG B 311 -16.07 -6.21 22.40
C ARG B 311 -15.73 -4.76 22.10
N ASP B 312 -16.37 -4.15 21.11
CA ASP B 312 -16.10 -2.75 20.79
C ASP B 312 -16.85 -1.87 21.77
N LYS B 313 -16.10 -1.10 22.57
CA LYS B 313 -16.67 -0.28 23.63
C LYS B 313 -16.50 1.21 23.37
N ASN B 314 -16.34 1.62 22.11
CA ASN B 314 -16.31 3.04 21.82
C ASN B 314 -17.64 3.66 22.22
N THR B 315 -17.56 4.92 22.67
CA THR B 315 -18.73 5.71 23.04
C THR B 315 -19.13 6.66 21.93
N GLY B 316 -18.47 6.60 20.79
CA GLY B 316 -18.73 7.53 19.72
C GLY B 316 -17.56 7.57 18.74
N TYR B 317 -17.65 8.53 17.83
CA TYR B 317 -16.64 8.75 16.82
C TYR B 317 -16.41 10.25 16.68
N THR B 318 -15.23 10.62 16.23
CA THR B 318 -15.02 11.94 15.65
C THR B 318 -15.00 11.79 14.14
N VAL B 319 -15.77 12.64 13.46
CA VAL B 319 -15.83 12.67 12.00
C VAL B 319 -15.14 13.94 11.53
N GLU B 320 -14.24 13.82 10.55
CA GLU B 320 -13.64 14.99 9.93
C GLU B 320 -13.60 14.81 8.42
N PHE B 321 -14.18 15.76 7.70
CA PHE B 321 -14.07 15.85 6.26
C PHE B 321 -12.96 16.84 5.91
N VAL B 322 -12.04 16.43 5.04
CA VAL B 322 -10.86 17.22 4.71
C VAL B 322 -10.76 17.32 3.20
N GLU B 323 -10.96 18.52 2.67
CA GLU B 323 -10.64 18.78 1.27
C GLU B 323 -9.13 18.67 1.08
N LYS B 324 -8.71 18.06 -0.03
CA LYS B 324 -7.28 17.93 -0.27
C LYS B 324 -6.66 19.30 -0.59
N GLY B 325 -5.33 19.35 -0.57
CA GLY B 325 -4.63 20.59 -0.85
C GLY B 325 -4.10 21.25 0.41
N ASN B 326 -3.05 22.05 0.23
CA ASN B 326 -2.42 22.73 1.36
C ASN B 326 -3.35 23.72 2.05
N GLU B 327 -4.45 24.10 1.43
CA GLU B 327 -5.39 25.03 2.05
C GLU B 327 -6.84 24.56 1.96
N GLY B 328 -7.06 23.26 1.86
CA GLY B 328 -8.42 22.74 1.78
C GLY B 328 -9.17 22.95 3.09
N GLN B 329 -10.45 23.28 2.96
CA GLN B 329 -11.30 23.46 4.13
C GLN B 329 -11.46 22.15 4.92
N ARG B 330 -11.90 22.28 6.16
CA ARG B 330 -12.07 21.14 7.03
C ARG B 330 -13.31 21.32 7.88
N TRP B 331 -14.04 20.23 8.07
CA TRP B 331 -15.22 20.19 8.91
C TRP B 331 -15.09 19.03 9.90
N LYS B 332 -15.42 19.27 11.17
CA LYS B 332 -15.31 18.24 12.19
C LYS B 332 -16.60 18.16 13.00
N PHE B 333 -17.03 16.93 13.28
CA PHE B 333 -18.25 16.65 14.02
C PHE B 333 -17.99 15.60 15.09
N GLN B 334 -18.55 15.83 16.27
CA GLN B 334 -18.51 14.82 17.32
C GLN B 334 -19.76 13.95 17.23
N VAL B 335 -19.56 12.64 17.28
CA VAL B 335 -20.64 11.67 17.23
C VAL B 335 -20.68 10.94 18.57
N ARG B 336 -21.74 11.14 19.34
CA ARG B 336 -21.93 10.46 20.62
C ARG B 336 -23.11 9.48 20.51
N HIS B 337 -22.86 8.21 20.83
CA HIS B 337 -23.93 7.23 20.93
C HIS B 337 -24.84 7.60 22.10
N GLU B 338 -26.14 7.70 21.86
CA GLU B 338 -27.07 7.98 22.94
C GLU B 338 -28.05 6.86 23.23
N ARG B 339 -28.53 6.14 22.21
CA ARG B 339 -29.52 5.09 22.41
C ARG B 339 -29.21 3.92 21.49
N ILE B 340 -29.60 2.73 21.93
CA ILE B 340 -29.39 1.49 21.19
C ILE B 340 -30.66 1.16 20.42
N ILE B 341 -30.54 1.11 19.09
CA ILE B 341 -31.66 0.64 18.28
C ILE B 341 -31.68 -0.88 18.21
N TRP B 342 -30.49 -1.50 18.13
CA TRP B 342 -30.40 -2.95 18.13
C TRP B 342 -28.99 -3.38 18.50
N ASN B 343 -28.90 -4.62 18.99
CA ASN B 343 -27.64 -5.32 19.27
C ASN B 343 -27.80 -6.74 18.75
N THR B 344 -27.08 -7.08 17.69
CA THR B 344 -27.12 -8.44 17.16
C THR B 344 -25.74 -9.07 17.20
N PRO B 345 -25.63 -10.35 17.56
CA PRO B 345 -24.31 -10.98 17.64
C PRO B 345 -23.83 -11.48 16.28
N THR B 346 -22.52 -11.41 16.09
CA THR B 346 -21.87 -12.00 14.93
C THR B 346 -20.80 -13.02 15.33
N SER B 347 -20.71 -13.36 16.62
CA SER B 347 -19.84 -14.43 17.10
C SER B 347 -20.45 -15.02 18.36
N ARG B 348 -19.74 -15.99 18.93
CA ARG B 348 -20.17 -16.58 20.18
C ARG B 348 -19.87 -15.64 21.35
N PRO B 349 -20.62 -15.75 22.44
CA PRO B 349 -20.40 -14.83 23.58
C PRO B 349 -18.98 -14.91 24.11
N GLY B 350 -18.60 -13.87 24.85
CA GLY B 350 -17.32 -13.85 25.53
C GLY B 350 -16.65 -12.50 25.50
N PRO B 351 -15.46 -12.41 26.12
CA PRO B 351 -14.75 -11.13 26.15
C PRO B 351 -14.42 -10.60 24.77
N ASP B 352 -14.23 -11.49 23.80
CA ASP B 352 -13.83 -11.11 22.44
C ASP B 352 -14.97 -11.31 21.44
N ALA B 353 -16.21 -11.23 21.91
CA ALA B 353 -17.35 -11.35 21.00
C ALA B 353 -17.47 -10.12 20.13
N THR B 354 -18.00 -10.32 18.92
CA THR B 354 -18.25 -9.25 17.97
C THR B 354 -19.75 -9.19 17.68
N GLY B 355 -20.20 -8.00 17.26
CA GLY B 355 -21.62 -7.84 16.98
C GLY B 355 -21.92 -6.68 16.05
N ASN B 356 -23.23 -6.48 15.87
CA ASN B 356 -23.80 -5.47 15.00
C ASN B 356 -24.73 -4.60 15.84
N THR B 357 -24.46 -3.31 15.89
CA THR B 357 -25.20 -2.40 16.76
C THR B 357 -25.70 -1.20 15.97
N GLY B 358 -26.93 -0.80 16.23
CA GLY B 358 -27.53 0.39 15.62
C GLY B 358 -27.78 1.43 16.69
N PHE B 359 -27.50 2.68 16.36
CA PHE B 359 -27.48 3.77 17.33
C PHE B 359 -28.41 4.90 16.91
N VAL B 360 -29.01 5.54 17.91
CA VAL B 360 -29.36 6.94 17.78
C VAL B 360 -28.13 7.74 18.17
N GLU B 361 -27.58 8.47 17.21
CA GLU B 361 -26.40 9.31 17.40
C GLU B 361 -26.80 10.75 17.69
N VAL B 362 -26.01 11.42 18.53
CA VAL B 362 -26.14 12.85 18.76
C VAL B 362 -24.85 13.50 18.27
N LEU B 363 -24.97 14.57 17.51
CA LEU B 363 -23.83 15.16 16.82
C LEU B 363 -23.71 16.65 17.12
N CYS B 364 -22.47 17.12 17.11
CA CYS B 364 -22.19 18.55 17.21
C CYS B 364 -20.95 18.86 16.38
N GLY B 365 -20.98 19.99 15.69
CA GLY B 365 -19.76 20.39 15.00
C GLY B 365 -20.02 21.31 13.83
N GLY B 366 -19.12 21.24 12.86
CA GLY B 366 -19.11 22.13 11.71
C GLY B 366 -17.69 22.51 11.37
N THR B 367 -17.50 23.68 10.77
CA THR B 367 -16.14 24.16 10.58
C THR B 367 -15.74 24.98 11.80
N ILE B 368 -14.46 25.35 11.84
CA ILE B 368 -13.90 26.09 12.98
C ILE B 368 -14.85 27.18 13.42
N GLY B 369 -15.12 27.25 14.73
CA GLY B 369 -15.99 28.26 15.29
C GLY B 369 -17.48 27.92 15.29
N GLU B 370 -17.87 26.78 14.75
CA GLU B 370 -19.28 26.41 14.69
C GLU B 370 -19.55 25.23 15.59
N SER B 371 -20.77 25.16 16.10
CA SER B 371 -21.22 24.07 16.97
C SER B 371 -22.68 23.73 16.70
N TYR B 372 -23.01 23.48 15.43
CA TYR B 372 -24.36 23.03 15.11
C TYR B 372 -24.63 21.67 15.73
N GLU B 373 -25.89 21.43 16.05
CA GLU B 373 -26.30 20.20 16.69
C GLU B 373 -27.33 19.47 15.85
N GLY B 374 -27.37 18.15 15.98
CA GLY B 374 -28.36 17.36 15.28
C GLY B 374 -28.36 15.95 15.83
N VAL B 375 -29.20 15.11 15.21
CA VAL B 375 -29.24 13.69 15.52
C VAL B 375 -29.01 12.92 14.23
N GLY B 376 -28.63 11.65 14.39
CA GLY B 376 -28.49 10.83 13.20
C GLY B 376 -28.62 9.36 13.54
N THR B 377 -28.71 8.56 12.48
CA THR B 377 -28.65 7.11 12.62
C THR B 377 -27.22 6.64 12.45
N GLY B 378 -26.84 5.67 13.26
CA GLY B 378 -25.51 5.10 13.19
C GLY B 378 -25.57 3.60 13.33
N GLY B 379 -24.57 2.93 12.78
CA GLY B 379 -24.49 1.50 12.90
C GLY B 379 -23.07 1.01 12.71
N GLN B 380 -22.59 0.13 13.58
CA GLN B 380 -21.27 -0.45 13.44
C GLN B 380 -21.38 -1.97 13.49
N CYS B 381 -20.54 -2.64 12.71
CA CYS B 381 -20.56 -4.09 12.65
C CYS B 381 -19.13 -4.61 12.51
N GLU B 382 -18.78 -5.56 13.38
CA GLU B 382 -17.57 -6.36 13.24
C GLU B 382 -17.93 -7.79 12.93
N LEU B 383 -17.09 -8.46 12.15
CA LEU B 383 -17.26 -9.87 11.84
C LEU B 383 -16.07 -10.66 12.37
N SER B 384 -16.19 -11.99 12.29
CA SER B 384 -15.15 -12.90 12.74
C SER B 384 -14.66 -13.77 11.59
N SER C 12 -20.59 -70.29 -3.40
CA SER C 12 -22.04 -70.41 -3.53
C SER C 12 -22.80 -69.88 -2.31
N ASN C 13 -22.32 -70.19 -1.10
CA ASN C 13 -22.95 -69.74 0.14
C ASN C 13 -22.45 -68.32 0.45
N VAL C 14 -22.95 -67.35 -0.31
CA VAL C 14 -22.46 -65.98 -0.26
C VAL C 14 -23.52 -65.08 0.35
N THR C 15 -23.05 -64.01 0.99
CA THR C 15 -23.88 -62.91 1.44
C THR C 15 -23.68 -61.75 0.47
N VAL C 16 -24.77 -61.18 -0.03
CA VAL C 16 -24.71 -60.33 -1.21
C VAL C 16 -25.54 -59.06 -1.02
N SER C 17 -24.99 -57.93 -1.48
CA SER C 17 -25.68 -56.66 -1.60
C SER C 17 -25.65 -56.26 -3.07
N ALA C 18 -26.77 -56.44 -3.77
CA ALA C 18 -26.84 -56.28 -5.23
C ALA C 18 -27.64 -55.02 -5.54
N PHE C 19 -26.97 -54.01 -6.08
CA PHE C 19 -27.61 -52.73 -6.42
C PHE C 19 -27.67 -52.57 -7.93
N THR C 20 -28.70 -51.84 -8.38
CA THR C 20 -28.77 -51.30 -9.73
C THR C 20 -29.21 -49.86 -9.61
N VAL C 21 -28.67 -48.99 -10.48
CA VAL C 21 -28.90 -47.56 -10.32
C VAL C 21 -30.35 -47.19 -10.58
N ASP C 22 -31.11 -48.06 -11.25
CA ASP C 22 -32.51 -47.79 -11.51
C ASP C 22 -33.44 -48.41 -10.48
N LYS C 23 -32.95 -49.37 -9.68
CA LYS C 23 -33.79 -50.12 -8.76
C LYS C 23 -33.36 -50.01 -7.30
N SER C 24 -32.38 -49.15 -6.98
CA SER C 24 -31.74 -49.21 -5.66
C SER C 24 -31.57 -47.88 -4.94
N ILE C 25 -31.94 -46.75 -5.54
CA ILE C 25 -31.84 -45.44 -4.88
C ILE C 25 -33.22 -45.06 -4.34
N SER C 26 -33.29 -44.85 -3.03
CA SER C 26 -34.55 -44.73 -2.32
C SER C 26 -34.78 -43.29 -1.85
N GLU C 27 -36.00 -42.80 -2.05
CA GLU C 27 -36.40 -41.53 -1.45
C GLU C 27 -36.79 -41.69 0.01
N GLU C 28 -37.30 -42.88 0.37
CA GLU C 28 -37.61 -43.16 1.75
C GLU C 28 -36.33 -43.32 2.56
N HIS C 29 -36.31 -42.74 3.75
CA HIS C 29 -35.17 -42.89 4.63
C HIS C 29 -34.98 -44.37 4.99
N VAL C 30 -33.73 -44.80 5.04
CA VAL C 30 -33.38 -46.17 5.36
C VAL C 30 -32.42 -46.18 6.54
N LEU C 31 -32.55 -47.19 7.40
CA LEU C 31 -31.66 -47.35 8.55
C LEU C 31 -30.42 -48.10 8.11
N PRO C 32 -29.25 -47.47 8.04
CA PRO C 32 -28.03 -48.22 7.70
C PRO C 32 -27.64 -49.16 8.83
N SER C 33 -26.98 -50.24 8.46
CA SER C 33 -26.39 -51.10 9.48
C SER C 33 -25.44 -50.32 10.37
N SER C 34 -25.30 -50.75 11.62
CA SER C 34 -24.49 -50.04 12.58
C SER C 34 -23.01 -50.18 12.27
N PHE C 35 -22.24 -49.17 12.65
CA PHE C 35 -20.78 -49.31 12.70
C PHE C 35 -20.43 -50.51 13.57
N ILE C 36 -19.44 -51.27 13.12
CA ILE C 36 -18.98 -52.47 13.82
C ILE C 36 -17.62 -52.15 14.42
N PRO C 37 -17.52 -51.99 15.73
CA PRO C 37 -16.22 -51.69 16.35
C PRO C 37 -15.22 -52.82 16.09
N GLY C 38 -13.97 -52.43 15.81
CA GLY C 38 -12.90 -53.37 15.56
C GLY C 38 -12.90 -54.01 14.18
N SER C 39 -13.86 -53.67 13.32
CA SER C 39 -13.99 -54.29 12.01
C SER C 39 -13.65 -53.30 10.89
N GLY C 40 -13.21 -53.84 9.76
CA GLY C 40 -13.04 -53.04 8.56
C GLY C 40 -14.34 -52.51 7.96
N ASN C 41 -15.49 -53.07 8.35
CA ASN C 41 -16.80 -52.58 7.89
C ASN C 41 -16.91 -52.53 6.36
N ILE C 42 -16.33 -53.54 5.71
CA ILE C 42 -16.26 -53.51 4.25
C ILE C 42 -17.65 -53.66 3.64
N PHE C 43 -18.50 -54.50 4.22
CA PHE C 43 -19.80 -54.75 3.61
C PHE C 43 -20.62 -53.47 3.60
N PRO C 44 -21.39 -53.21 2.55
CA PRO C 44 -22.21 -52.00 2.52
C PRO C 44 -23.08 -51.86 3.77
N LYS C 45 -23.19 -50.63 4.28
CA LYS C 45 -24.08 -50.40 5.41
C LYS C 45 -25.53 -50.21 4.97
N PHE C 46 -25.75 -49.76 3.74
CA PHE C 46 -27.10 -49.67 3.15
C PHE C 46 -27.27 -50.93 2.28
N THR C 47 -27.73 -52.01 2.92
CA THR C 47 -27.60 -53.33 2.30
C THR C 47 -28.60 -53.56 1.17
N SER C 48 -29.79 -52.97 1.25
CA SER C 48 -30.83 -53.16 0.24
C SER C 48 -31.18 -51.91 -0.54
N ALA C 49 -31.24 -50.74 0.10
CA ALA C 49 -31.54 -49.51 -0.61
C ALA C 49 -30.73 -48.37 0.00
N ILE C 50 -30.24 -47.48 -0.85
CA ILE C 50 -29.44 -46.35 -0.39
C ILE C 50 -30.27 -45.08 -0.59
N PRO C 51 -30.57 -44.33 0.47
CA PRO C 51 -31.29 -43.07 0.31
C PRO C 51 -30.54 -42.09 -0.58
N LYS C 52 -31.30 -41.16 -1.17
CA LYS C 52 -30.79 -40.27 -2.20
C LYS C 52 -29.77 -39.27 -1.67
N THR C 53 -29.79 -38.97 -0.37
CA THR C 53 -28.76 -38.11 0.22
C THR C 53 -27.57 -38.90 0.77
N ALA C 54 -27.62 -40.24 0.73
CA ALA C 54 -26.61 -41.07 1.36
C ALA C 54 -25.52 -41.47 0.37
N TRP C 55 -24.36 -41.87 0.91
CA TRP C 55 -23.23 -42.27 0.08
C TRP C 55 -22.34 -43.26 0.83
N GLU C 56 -21.73 -44.15 0.05
CA GLU C 56 -20.76 -45.12 0.54
C GLU C 56 -19.52 -45.02 -0.31
N LEU C 57 -18.35 -45.10 0.33
CA LEU C 57 -17.07 -44.98 -0.36
C LEU C 57 -16.19 -46.16 0.02
N TRP C 58 -15.56 -46.77 -0.98
CA TRP C 58 -14.41 -47.64 -0.81
C TRP C 58 -13.26 -46.95 -1.53
N TYR C 59 -12.17 -46.68 -0.80
CA TYR C 59 -11.10 -45.82 -1.28
C TYR C 59 -9.75 -46.51 -1.15
N PHE C 60 -8.95 -46.41 -2.21
CA PHE C 60 -7.63 -47.02 -2.26
C PHE C 60 -6.67 -46.03 -2.90
N ASP C 61 -5.48 -45.89 -2.33
CA ASP C 61 -4.48 -45.05 -2.96
C ASP C 61 -3.08 -45.60 -2.67
N GLY C 62 -2.11 -45.06 -3.39
CA GLY C 62 -0.72 -45.43 -3.21
C GLY C 62 0.15 -44.39 -3.86
N ILE C 63 1.33 -44.17 -3.30
CA ILE C 63 2.24 -43.16 -3.82
C ILE C 63 3.66 -43.64 -3.63
N SER C 64 4.47 -43.41 -4.66
CA SER C 64 5.84 -43.91 -4.71
C SER C 64 6.79 -42.91 -4.04
N LYS C 65 7.53 -43.38 -3.04
CA LYS C 65 8.59 -42.57 -2.47
C LYS C 65 9.71 -42.34 -3.47
N ASP C 66 9.94 -43.31 -4.37
CA ASP C 66 11.10 -43.23 -5.24
C ASP C 66 10.91 -42.23 -6.36
N ASP C 67 9.71 -42.16 -6.97
CA ASP C 67 9.50 -41.20 -8.05
C ASP C 67 8.21 -40.39 -7.94
N LYS C 68 7.44 -40.54 -6.86
CA LYS C 68 6.27 -39.72 -6.57
C LYS C 68 5.12 -39.92 -7.55
N SER C 69 5.17 -40.94 -8.41
CA SER C 69 3.97 -41.37 -9.10
C SER C 69 2.93 -41.82 -8.06
N SER C 70 1.66 -41.73 -8.43
CA SER C 70 0.62 -41.97 -7.44
C SER C 70 -0.65 -42.40 -8.15
N ILE C 71 -1.46 -43.19 -7.44
CA ILE C 71 -2.73 -43.70 -7.96
C ILE C 71 -3.78 -43.57 -6.87
N VAL C 72 -4.95 -43.03 -7.23
CA VAL C 72 -6.06 -42.80 -6.29
C VAL C 72 -7.33 -43.37 -6.92
N ILE C 73 -8.00 -44.26 -6.19
CA ILE C 73 -9.22 -44.92 -6.66
C ILE C 73 -10.35 -44.65 -5.67
N GLY C 74 -11.48 -44.14 -6.18
CA GLY C 74 -12.67 -43.96 -5.37
C GLY C 74 -13.85 -44.74 -5.92
N VAL C 75 -14.33 -45.72 -5.16
CA VAL C 75 -15.46 -46.57 -5.57
C VAL C 75 -16.63 -46.22 -4.69
N THR C 76 -17.74 -45.79 -5.30
CA THR C 76 -18.82 -45.16 -4.56
C THR C 76 -20.17 -45.79 -4.86
N ARG C 77 -21.08 -45.59 -3.90
CA ARG C 77 -22.51 -45.77 -4.06
C ARG C 77 -23.18 -44.48 -3.62
N ASN C 78 -23.94 -43.86 -4.52
CA ASN C 78 -24.77 -42.71 -4.16
C ASN C 78 -25.67 -42.40 -5.35
N ALA C 79 -26.43 -41.32 -5.22
CA ALA C 79 -27.43 -40.99 -6.24
C ALA C 79 -26.90 -40.03 -7.31
N GLU C 80 -25.77 -39.37 -7.06
CA GLU C 80 -25.28 -38.35 -7.98
C GLU C 80 -24.85 -38.91 -9.34
N GLY C 81 -24.83 -40.22 -9.51
CA GLY C 81 -24.53 -40.78 -10.79
C GLY C 81 -25.72 -41.05 -11.68
N LEU C 82 -26.93 -40.80 -11.16
CA LEU C 82 -28.14 -41.09 -11.93
C LEU C 82 -28.10 -40.42 -13.30
N LYS C 83 -27.83 -39.12 -13.32
CA LYS C 83 -27.79 -38.38 -14.58
C LYS C 83 -26.91 -39.09 -15.61
N HIS C 84 -25.79 -39.65 -15.16
CA HIS C 84 -24.94 -40.45 -16.03
C HIS C 84 -25.27 -41.94 -15.95
N GLY C 85 -26.33 -42.29 -15.23
CA GLY C 85 -26.88 -43.64 -15.23
C GLY C 85 -26.00 -44.74 -14.68
N GLY C 86 -25.46 -44.56 -13.47
CA GLY C 86 -24.65 -45.59 -12.87
C GLY C 86 -23.90 -45.07 -11.67
N PHE C 87 -23.33 -46.02 -10.92
CA PHE C 87 -22.58 -45.67 -9.73
C PHE C 87 -21.15 -45.29 -10.11
N LYS C 88 -20.64 -44.23 -9.48
CA LYS C 88 -19.40 -43.60 -9.94
C LYS C 88 -18.19 -44.29 -9.34
N VAL C 89 -17.20 -44.55 -10.20
CA VAL C 89 -15.84 -44.93 -9.80
C VAL C 89 -14.90 -43.84 -10.33
N GLN C 90 -14.12 -43.23 -9.44
CA GLN C 90 -13.13 -42.24 -9.83
C GLN C 90 -11.76 -42.90 -9.90
N VAL C 91 -11.05 -42.68 -11.01
CA VAL C 91 -9.69 -43.18 -11.19
C VAL C 91 -8.78 -41.98 -11.47
N PHE C 92 -7.77 -41.79 -10.61
CA PHE C 92 -6.77 -40.75 -10.80
C PHE C 92 -5.37 -41.36 -10.85
N VAL C 93 -4.52 -40.83 -11.72
CA VAL C 93 -3.09 -41.10 -11.65
C VAL C 93 -2.32 -39.83 -11.97
N ILE C 94 -1.08 -39.81 -11.49
CA ILE C 94 -0.05 -38.85 -11.87
C ILE C 94 1.21 -39.65 -12.12
N TRP C 95 1.88 -39.39 -13.25
CA TRP C 95 3.14 -40.06 -13.54
C TRP C 95 4.28 -39.36 -12.80
N ALA C 96 5.44 -40.02 -12.77
CA ALA C 96 6.64 -39.42 -12.20
C ALA C 96 6.94 -38.04 -12.79
N ASP C 97 6.56 -37.79 -14.04
CA ASP C 97 6.82 -36.51 -14.70
C ASP C 97 5.68 -35.51 -14.54
N GLU C 98 4.66 -35.83 -13.75
CA GLU C 98 3.61 -34.93 -13.30
C GLU C 98 2.49 -34.73 -14.32
N ARG C 99 2.50 -35.43 -15.45
CA ARG C 99 1.30 -35.50 -16.26
C ARG C 99 0.24 -36.33 -15.53
N THR C 100 -1.02 -35.99 -15.77
CA THR C 100 -2.12 -36.62 -15.05
C THR C 100 -3.11 -37.24 -16.04
N TRP C 101 -4.04 -38.03 -15.47
CA TRP C 101 -5.10 -38.70 -16.20
C TRP C 101 -6.17 -39.10 -15.19
N HIS C 102 -7.43 -38.80 -15.51
CA HIS C 102 -8.51 -39.02 -14.57
C HIS C 102 -9.82 -39.23 -15.33
N ARG C 103 -10.57 -40.25 -14.94
CA ARG C 103 -11.88 -40.50 -15.52
C ARG C 103 -12.85 -40.85 -14.40
N ASP C 104 -14.01 -40.19 -14.41
CA ASP C 104 -15.18 -40.65 -13.67
C ASP C 104 -15.92 -41.67 -14.52
N LEU C 105 -16.13 -42.86 -13.97
CA LEU C 105 -16.78 -43.96 -14.68
C LEU C 105 -18.08 -44.30 -13.97
N PHE C 106 -19.09 -44.69 -14.75
CA PHE C 106 -20.42 -44.95 -14.21
C PHE C 106 -20.91 -46.32 -14.64
N PHE C 107 -21.33 -47.12 -13.66
CA PHE C 107 -21.73 -48.49 -13.86
C PHE C 107 -23.15 -48.69 -13.36
N PRO C 108 -24.05 -49.25 -14.16
CA PRO C 108 -25.45 -49.36 -13.73
C PRO C 108 -25.66 -50.33 -12.57
N GLU C 109 -24.80 -51.33 -12.38
CA GLU C 109 -25.00 -52.26 -11.28
C GLU C 109 -23.73 -52.45 -10.45
N SER C 110 -23.93 -52.59 -9.15
CA SER C 110 -22.85 -52.62 -8.15
C SER C 110 -23.18 -53.72 -7.16
N VAL C 111 -22.35 -54.76 -7.12
CA VAL C 111 -22.57 -55.92 -6.29
C VAL C 111 -21.39 -56.08 -5.34
N VAL C 112 -21.68 -56.17 -4.04
CA VAL C 112 -20.69 -56.51 -3.02
C VAL C 112 -21.12 -57.79 -2.34
N SER C 113 -20.17 -58.70 -2.12
CA SER C 113 -20.52 -60.01 -1.60
C SER C 113 -19.39 -60.53 -0.73
N ILE C 114 -19.76 -61.32 0.28
CA ILE C 114 -18.84 -62.04 1.15
C ILE C 114 -18.93 -63.51 0.77
N ASN C 115 -17.80 -64.13 0.48
CA ASN C 115 -17.84 -65.51 0.00
C ASN C 115 -17.58 -66.47 1.15
N GLU C 116 -17.54 -67.78 0.84
CA GLU C 116 -17.49 -68.80 1.88
C GLU C 116 -16.21 -68.72 2.71
N SER C 117 -15.21 -67.99 2.23
CA SER C 117 -13.91 -67.93 2.88
C SER C 117 -13.70 -66.66 3.71
N GLY C 118 -14.67 -65.75 3.69
CA GLY C 118 -14.51 -64.47 4.33
C GLY C 118 -14.10 -63.35 3.40
N VAL C 119 -13.69 -63.68 2.18
CA VAL C 119 -13.23 -62.66 1.24
C VAL C 119 -14.40 -61.80 0.80
N THR C 120 -14.19 -60.49 0.76
CA THR C 120 -15.22 -59.54 0.31
C THR C 120 -14.87 -59.03 -1.08
N ASP C 121 -15.82 -59.15 -2.00
CA ASP C 121 -15.65 -58.71 -3.37
C ASP C 121 -16.71 -57.68 -3.72
N GLY C 122 -16.31 -56.67 -4.49
CA GLY C 122 -17.24 -55.68 -4.97
C GLY C 122 -17.05 -55.44 -6.45
N ILE C 123 -18.11 -55.60 -7.24
CA ILE C 123 -18.01 -55.49 -8.69
C ILE C 123 -18.97 -54.41 -9.16
N TRP C 124 -18.40 -53.33 -9.68
CA TRP C 124 -19.12 -52.32 -10.44
C TRP C 124 -19.02 -52.71 -11.91
N LYS C 125 -20.16 -52.89 -12.58
CA LYS C 125 -20.11 -53.36 -13.95
C LYS C 125 -21.24 -52.78 -14.79
N ASP C 126 -20.99 -52.72 -16.10
CA ASP C 126 -21.97 -52.32 -17.11
C ASP C 126 -22.10 -53.47 -18.10
N ALA C 127 -23.20 -54.23 -18.01
CA ALA C 127 -23.35 -55.41 -18.85
C ALA C 127 -23.35 -55.05 -20.34
N THR C 128 -23.96 -53.90 -20.68
CA THR C 128 -23.98 -53.40 -22.05
C THR C 128 -22.58 -53.41 -22.66
N SER C 129 -21.71 -52.54 -22.16
CA SER C 129 -20.35 -52.43 -22.69
C SER C 129 -19.40 -53.48 -22.13
N ASN C 130 -19.89 -54.40 -21.31
CA ASN C 130 -19.05 -55.43 -20.69
C ASN C 130 -17.88 -54.81 -19.94
N SER C 131 -18.14 -53.73 -19.23
CA SER C 131 -17.12 -53.03 -18.46
C SER C 131 -17.30 -53.33 -16.98
N SER C 132 -16.20 -53.24 -16.23
CA SER C 132 -16.27 -53.43 -14.78
C SER C 132 -15.00 -52.91 -14.12
N ILE C 133 -15.16 -52.54 -12.84
CA ILE C 133 -14.05 -52.40 -11.91
C ILE C 133 -14.42 -53.18 -10.67
N SER C 134 -13.50 -54.00 -10.17
CA SER C 134 -13.77 -54.83 -9.01
C SER C 134 -12.69 -54.64 -7.97
N PHE C 135 -13.05 -54.85 -6.70
CA PHE C 135 -12.09 -54.90 -5.62
C PHE C 135 -12.31 -56.17 -4.82
N SER C 136 -11.26 -56.61 -4.14
CA SER C 136 -11.31 -57.81 -3.32
C SER C 136 -10.50 -57.58 -2.06
N CYS C 137 -11.08 -57.94 -0.91
CA CYS C 137 -10.49 -57.68 0.41
C CYS C 137 -10.40 -58.99 1.17
N ALA C 138 -9.19 -59.38 1.56
CA ALA C 138 -9.00 -60.58 2.36
C ALA C 138 -9.79 -60.50 3.65
N GLY C 139 -10.16 -61.67 4.18
CA GLY C 139 -10.96 -61.70 5.39
C GLY C 139 -10.28 -61.01 6.56
N ASP C 140 -8.97 -61.21 6.70
CA ASP C 140 -8.21 -60.59 7.77
C ASP C 140 -7.62 -59.24 7.38
N LEU C 141 -7.99 -58.71 6.22
CA LEU C 141 -7.51 -57.41 5.75
C LEU C 141 -5.99 -57.37 5.57
N SER C 142 -5.36 -58.54 5.40
CA SER C 142 -3.93 -58.56 5.11
C SER C 142 -3.63 -58.01 3.71
N LYS C 143 -4.58 -58.12 2.78
CA LYS C 143 -4.35 -57.67 1.42
C LYS C 143 -5.66 -57.19 0.81
N ALA C 144 -5.52 -56.51 -0.31
CA ALA C 144 -6.66 -56.09 -1.12
C ALA C 144 -6.14 -55.81 -2.52
N SER C 145 -6.97 -56.12 -3.52
CA SER C 145 -6.57 -55.92 -4.89
C SER C 145 -7.73 -55.33 -5.66
N LEU C 146 -7.41 -54.70 -6.79
CA LEU C 146 -8.41 -54.18 -7.71
C LEU C 146 -8.06 -54.63 -9.12
N VAL C 147 -9.09 -54.85 -9.93
CA VAL C 147 -8.94 -55.22 -11.32
C VAL C 147 -9.77 -54.26 -12.16
N PHE C 148 -9.11 -53.57 -13.09
CA PHE C 148 -9.76 -52.61 -13.97
C PHE C 148 -9.94 -53.24 -15.34
N ASP C 149 -11.16 -53.15 -15.89
CA ASP C 149 -11.47 -53.75 -17.18
C ASP C 149 -12.57 -52.93 -17.87
N VAL C 150 -12.20 -51.74 -18.32
CA VAL C 150 -13.11 -50.88 -19.07
C VAL C 150 -12.56 -50.72 -20.48
N PRO C 151 -12.88 -51.63 -21.40
CA PRO C 151 -12.24 -51.62 -22.73
C PRO C 151 -12.26 -50.23 -23.36
N GLY C 152 -11.13 -49.86 -23.95
CA GLY C 152 -11.02 -48.54 -24.56
C GLY C 152 -10.96 -47.41 -23.57
N VAL C 153 -10.87 -47.70 -22.26
CA VAL C 153 -10.70 -46.67 -21.25
C VAL C 153 -9.56 -47.04 -20.32
N VAL C 154 -9.74 -48.04 -19.47
CA VAL C 154 -8.77 -48.40 -18.43
C VAL C 154 -8.71 -49.91 -18.30
N GLN C 155 -7.50 -50.45 -18.33
CA GLN C 155 -7.24 -51.85 -18.04
C GLN C 155 -5.99 -51.96 -17.20
N GLY C 156 -6.00 -52.88 -16.23
CA GLY C 156 -4.89 -53.05 -15.32
C GLY C 156 -5.39 -53.46 -13.95
N ASP C 157 -4.47 -53.47 -12.98
CA ASP C 157 -4.81 -53.84 -11.62
C ASP C 157 -4.06 -52.96 -10.61
N MET C 158 -4.28 -53.24 -9.34
CA MET C 158 -3.66 -52.53 -8.23
C MET C 158 -3.69 -53.45 -7.04
N HIS C 159 -2.60 -53.49 -6.26
CA HIS C 159 -2.53 -54.38 -5.12
C HIS C 159 -2.05 -53.64 -3.89
N LEU C 160 -2.66 -53.96 -2.74
CA LEU C 160 -2.29 -53.39 -1.45
C LEU C 160 -2.00 -54.52 -0.48
N GLU C 161 -0.88 -54.42 0.21
CA GLU C 161 -0.52 -55.38 1.24
C GLU C 161 -0.34 -54.64 2.55
N ALA C 162 -1.08 -55.05 3.57
CA ALA C 162 -0.93 -54.45 4.89
C ALA C 162 0.50 -54.65 5.41
N LEU C 163 1.04 -53.59 6.09
CA LEU C 163 2.36 -53.54 6.71
C LEU C 163 2.28 -54.01 8.16
N PRO C 164 3.35 -54.62 8.68
CA PRO C 164 3.28 -55.15 10.05
C PRO C 164 2.93 -54.06 11.05
N GLY C 165 2.36 -54.49 12.17
CA GLY C 165 2.09 -53.59 13.28
C GLY C 165 0.62 -53.53 13.62
N ASP C 166 0.26 -52.50 14.39
CA ASP C 166 -1.12 -52.31 14.80
C ASP C 166 -2.00 -52.04 13.60
N THR C 167 -3.24 -52.53 13.66
CA THR C 167 -4.18 -52.30 12.57
C THR C 167 -4.90 -50.96 12.71
N GLY C 168 -5.02 -50.45 13.93
CA GLY C 168 -5.83 -49.27 14.18
C GLY C 168 -7.33 -49.47 14.09
N LEU C 169 -7.80 -50.70 13.85
CA LEU C 169 -9.22 -50.95 13.70
C LEU C 169 -9.97 -50.97 15.02
N ASP C 170 -9.26 -51.07 16.15
CA ASP C 170 -9.89 -50.99 17.46
C ASP C 170 -9.96 -49.55 17.97
N THR C 171 -10.18 -48.59 17.09
CA THR C 171 -10.29 -47.18 17.46
C THR C 171 -11.61 -46.59 16.95
N ASP C 172 -11.90 -45.39 17.45
CA ASP C 172 -13.13 -44.70 17.14
C ASP C 172 -13.13 -44.20 15.69
N ALA C 173 -14.11 -44.63 14.90
CA ALA C 173 -14.19 -44.25 13.50
C ALA C 173 -15.14 -43.08 13.23
N ARG C 174 -15.77 -42.53 14.25
CA ARG C 174 -16.68 -41.42 14.03
C ARG C 174 -15.92 -40.21 13.51
N LEU C 175 -16.51 -39.55 12.51
CA LEU C 175 -16.00 -38.30 11.95
C LEU C 175 -17.13 -37.27 12.07
N GLY C 176 -17.25 -36.66 13.25
CA GLY C 176 -18.39 -35.83 13.55
C GLY C 176 -19.62 -36.67 13.79
N PRO C 177 -20.81 -36.04 13.79
CA PRO C 177 -22.03 -36.78 14.15
C PRO C 177 -22.61 -37.63 13.03
N SER C 178 -22.27 -37.37 11.77
CA SER C 178 -23.00 -37.97 10.67
C SER C 178 -22.15 -38.83 9.75
N VAL C 179 -20.89 -39.07 10.06
CA VAL C 179 -20.02 -39.78 9.12
C VAL C 179 -19.20 -40.81 9.88
N TYR C 180 -19.00 -41.97 9.26
CA TYR C 180 -18.07 -42.96 9.75
C TYR C 180 -16.91 -43.05 8.76
N TYR C 181 -15.69 -43.06 9.31
CA TYR C 181 -14.48 -43.07 8.50
C TYR C 181 -13.58 -44.17 9.05
N VAL C 182 -13.71 -45.38 8.51
CA VAL C 182 -12.92 -46.52 8.93
C VAL C 182 -11.71 -46.64 8.00
N ARG C 183 -10.64 -47.25 8.51
CA ARG C 183 -9.38 -47.38 7.78
C ARG C 183 -9.03 -48.87 7.73
N PRO C 184 -9.69 -49.63 6.86
CA PRO C 184 -9.45 -51.08 6.82
C PRO C 184 -7.98 -51.44 6.67
N ILE C 185 -7.24 -50.72 5.85
CA ILE C 185 -5.80 -50.89 5.77
C ILE C 185 -5.19 -49.50 5.97
N GLY C 186 -4.78 -49.21 7.20
CA GLY C 186 -4.14 -47.92 7.46
C GLY C 186 -2.85 -47.74 6.69
N ARG C 187 -2.01 -48.78 6.66
CA ARG C 187 -0.66 -48.71 6.12
C ARG C 187 -0.42 -49.90 5.21
N ALA C 188 -0.23 -49.64 3.91
CA ALA C 188 0.06 -50.70 2.95
C ALA C 188 1.27 -50.33 2.10
N SER C 189 1.92 -51.37 1.58
CA SER C 189 2.71 -51.23 0.37
C SER C 189 1.79 -51.45 -0.82
N VAL C 190 2.05 -50.75 -1.91
CA VAL C 190 1.12 -50.75 -3.04
C VAL C 190 1.85 -50.97 -4.34
N LYS C 191 1.15 -51.57 -5.30
CA LYS C 191 1.61 -51.73 -6.66
C LYS C 191 0.44 -51.56 -7.61
N ALA C 192 0.70 -51.00 -8.79
CA ALA C 192 -0.37 -50.82 -9.76
C ALA C 192 0.22 -50.68 -11.16
N GLN C 193 -0.57 -51.12 -12.15
CA GLN C 193 -0.19 -51.02 -13.55
C GLN C 193 -1.46 -50.91 -14.38
N LEU C 194 -1.58 -49.85 -15.17
CA LEU C 194 -2.78 -49.57 -15.94
C LEU C 194 -2.42 -49.22 -17.38
N SER C 195 -3.34 -49.56 -18.29
CA SER C 195 -3.32 -49.05 -19.65
C SER C 195 -4.45 -48.03 -19.76
N LEU C 196 -4.10 -46.78 -20.06
CA LEU C 196 -5.05 -45.68 -20.06
C LEU C 196 -5.17 -45.12 -21.48
N TYR C 197 -6.39 -44.93 -21.93
CA TYR C 197 -6.67 -44.55 -23.30
C TYR C 197 -7.10 -43.09 -23.36
N SER C 198 -6.82 -42.46 -24.50
CA SER C 198 -7.28 -41.10 -24.72
C SER C 198 -8.81 -41.08 -24.85
N SER C 199 -9.38 -39.89 -24.67
CA SER C 199 -10.83 -39.73 -24.71
C SER C 199 -11.43 -40.26 -26.00
N ASP C 200 -10.63 -40.40 -27.06
CA ASP C 200 -11.11 -40.92 -28.34
C ASP C 200 -10.80 -42.39 -28.54
N ALA C 201 -10.24 -43.06 -27.53
CA ALA C 201 -9.94 -44.49 -27.56
C ALA C 201 -8.99 -44.89 -28.67
N THR C 202 -8.40 -43.92 -29.38
CA THR C 202 -7.48 -44.26 -30.46
C THR C 202 -6.17 -44.80 -29.94
N ALA C 203 -5.74 -44.39 -28.76
CA ALA C 203 -4.42 -44.75 -28.24
C ALA C 203 -4.48 -44.96 -26.74
N ALA C 204 -3.53 -45.76 -26.24
CA ALA C 204 -3.42 -46.08 -24.82
C ALA C 204 -1.98 -45.94 -24.37
N GLU C 205 -1.81 -45.39 -23.17
CA GLU C 205 -0.51 -45.19 -22.54
C GLU C 205 -0.46 -45.93 -21.22
N GLN C 206 0.72 -46.46 -20.89
CA GLN C 206 0.90 -47.25 -19.68
C GLN C 206 1.19 -46.37 -18.47
N PHE C 207 0.65 -46.78 -17.32
CA PHE C 207 0.99 -46.20 -16.02
C PHE C 207 1.44 -47.31 -15.10
N SER C 208 2.54 -47.11 -14.41
CA SER C 208 3.06 -48.10 -13.47
C SER C 208 3.52 -47.39 -12.21
N LEU C 209 2.93 -47.76 -11.07
CA LEU C 209 3.26 -47.13 -9.80
C LEU C 209 4.71 -47.42 -9.42
N GLY C 210 5.44 -46.35 -9.09
CA GLY C 210 6.84 -46.49 -8.75
C GLY C 210 7.06 -47.24 -7.46
N THR C 211 8.32 -47.57 -7.19
CA THR C 211 8.70 -48.41 -6.07
C THR C 211 8.69 -47.63 -4.75
N SER C 212 8.85 -48.36 -3.66
CA SER C 212 8.64 -47.85 -2.30
C SER C 212 7.36 -47.03 -2.22
N ALA C 213 6.26 -47.63 -2.70
CA ALA C 213 4.96 -46.99 -2.65
C ALA C 213 4.22 -47.42 -1.40
N ASN C 214 3.74 -46.45 -0.64
CA ASN C 214 2.88 -46.67 0.51
C ASN C 214 1.50 -46.12 0.20
N GLY C 215 0.50 -46.71 0.85
CA GLY C 215 -0.87 -46.31 0.66
C GLY C 215 -1.75 -46.97 1.69
N GLY C 216 -2.98 -47.26 1.32
CA GLY C 216 -3.89 -47.94 2.22
C GLY C 216 -5.30 -47.88 1.66
N MET C 217 -6.24 -48.31 2.50
CA MET C 217 -7.64 -48.37 2.09
C MET C 217 -8.48 -47.71 3.18
N ASP C 218 -9.35 -46.80 2.76
CA ASP C 218 -10.35 -46.19 3.65
C ASP C 218 -11.75 -46.64 3.26
N ARG C 219 -12.66 -46.55 4.23
CA ARG C 219 -14.04 -47.00 4.10
C ARG C 219 -14.91 -45.98 4.81
N VAL C 220 -15.81 -45.31 4.07
CA VAL C 220 -16.49 -44.11 4.57
C VAL C 220 -17.94 -44.15 4.14
N TRP C 221 -18.84 -43.74 5.03
CA TRP C 221 -20.25 -43.69 4.68
C TRP C 221 -20.97 -42.66 5.55
N SER C 222 -22.13 -42.22 5.05
CA SER C 222 -22.95 -41.23 5.73
C SER C 222 -24.37 -41.34 5.18
N PRO C 223 -25.38 -41.10 6.00
CA PRO C 223 -26.74 -40.96 5.46
C PRO C 223 -27.06 -39.57 4.93
N LEU C 224 -26.24 -38.58 5.25
CA LEU C 224 -26.45 -37.20 4.80
C LEU C 224 -25.52 -36.85 3.65
N SER C 225 -25.93 -35.86 2.86
CA SER C 225 -25.14 -35.44 1.72
C SER C 225 -23.91 -34.65 2.16
N TRP C 226 -22.96 -34.48 1.24
CA TRP C 226 -21.75 -33.73 1.56
C TRP C 226 -22.03 -32.38 2.18
N PRO C 227 -22.84 -31.51 1.58
CA PRO C 227 -23.10 -30.20 2.21
C PRO C 227 -23.74 -30.30 3.58
N GLN C 228 -24.37 -31.41 3.91
CA GLN C 228 -24.99 -31.57 5.22
C GLN C 228 -24.03 -32.04 6.30
N VAL C 229 -22.80 -32.39 5.94
CA VAL C 229 -21.83 -32.88 6.92
C VAL C 229 -20.55 -32.04 6.99
N MET C 230 -20.25 -31.23 5.97
CA MET C 230 -19.00 -30.46 5.98
C MET C 230 -19.15 -29.25 5.07
N THR C 231 -18.36 -28.22 5.38
CA THR C 231 -18.03 -27.19 4.39
C THR C 231 -16.71 -27.47 3.71
N GLU C 232 -15.82 -28.23 4.36
CA GLU C 232 -14.44 -28.40 3.87
C GLU C 232 -13.81 -29.63 4.52
N SER C 233 -12.99 -30.33 3.74
CA SER C 233 -12.27 -31.52 4.19
C SER C 233 -10.82 -31.45 3.76
N TYR C 234 -9.95 -32.09 4.55
CA TYR C 234 -8.56 -32.32 4.14
C TYR C 234 -8.21 -33.77 4.41
N TYR C 235 -7.63 -34.44 3.41
CA TYR C 235 -7.18 -35.82 3.51
C TYR C 235 -5.66 -35.86 3.41
N LEU C 236 -5.04 -36.71 4.22
CA LEU C 236 -3.59 -36.91 4.13
C LEU C 236 -3.27 -38.36 4.49
N ARG C 237 -2.48 -39.03 3.65
CA ARG C 237 -1.89 -40.32 4.03
C ARG C 237 -0.42 -40.34 3.61
N THR C 238 0.45 -40.77 4.51
CA THR C 238 1.88 -40.69 4.22
C THR C 238 2.65 -41.63 5.14
N GLN C 239 3.78 -42.13 4.62
CA GLN C 239 4.83 -42.74 5.43
C GLN C 239 6.04 -41.80 5.42
N VAL C 240 6.53 -41.44 6.60
CA VAL C 240 7.60 -40.46 6.76
C VAL C 240 8.66 -41.10 7.65
N GLY C 241 9.70 -41.66 7.04
CA GLY C 241 10.68 -42.41 7.81
C GLY C 241 10.01 -43.55 8.54
N PRO C 242 10.24 -43.64 9.85
CA PRO C 242 9.51 -44.64 10.65
C PRO C 242 8.04 -44.29 10.87
N TYR C 243 7.61 -43.07 10.58
CA TYR C 243 6.25 -42.66 10.89
C TYR C 243 5.28 -42.99 9.76
N ALA C 244 4.05 -43.30 10.15
CA ALA C 244 2.95 -43.34 9.20
C ALA C 244 1.77 -42.61 9.83
N MET C 245 1.06 -41.82 9.01
CA MET C 245 -0.06 -41.06 9.52
C MET C 245 -1.19 -41.03 8.50
N GLN C 246 -2.42 -40.97 8.99
CA GLN C 246 -3.59 -40.80 8.15
C GLN C 246 -4.45 -39.74 8.82
N ILE C 247 -4.91 -38.76 8.03
CA ILE C 247 -5.71 -37.66 8.57
C ILE C 247 -6.91 -37.45 7.66
N MET C 248 -8.09 -37.36 8.26
CA MET C 248 -9.25 -36.72 7.68
C MET C 248 -9.73 -35.66 8.67
N ARG C 249 -9.76 -34.40 8.23
CA ARG C 249 -10.25 -33.29 9.03
C ARG C 249 -11.32 -32.57 8.23
N ILE C 250 -12.50 -32.39 8.83
CA ILE C 250 -13.60 -31.68 8.19
C ILE C 250 -13.99 -30.48 9.05
N PHE C 251 -14.35 -29.38 8.39
CA PHE C 251 -15.00 -28.29 9.11
C PHE C 251 -16.52 -28.42 8.98
N PRO C 252 -17.26 -28.08 10.03
CA PRO C 252 -18.70 -28.40 10.08
C PRO C 252 -19.51 -27.67 9.01
N PRO C 253 -20.69 -28.18 8.68
CA PRO C 253 -21.50 -27.56 7.62
C PRO C 253 -21.83 -26.10 7.90
N ALA C 254 -22.29 -25.42 6.85
CA ALA C 254 -22.56 -23.99 6.94
C ALA C 254 -23.68 -23.73 7.94
N GLY C 255 -23.44 -22.79 8.86
CA GLY C 255 -24.35 -22.51 9.94
C GLY C 255 -24.13 -23.34 11.18
N SER C 256 -23.51 -24.51 11.06
CA SER C 256 -23.25 -25.35 12.22
C SER C 256 -22.39 -24.59 13.23
N GLU C 257 -22.54 -24.98 14.49
CA GLU C 257 -21.67 -24.48 15.56
C GLU C 257 -20.69 -25.53 16.05
N ASP C 258 -20.80 -26.77 15.58
CA ASP C 258 -19.94 -27.83 16.08
C ASP C 258 -18.47 -27.46 15.91
N GLN C 259 -17.64 -28.11 16.71
CA GLN C 259 -16.20 -28.05 16.50
C GLN C 259 -15.84 -28.82 15.23
N PRO C 260 -14.69 -28.53 14.63
CA PRO C 260 -14.20 -29.39 13.54
C PRO C 260 -14.00 -30.81 14.03
N SER C 261 -14.01 -31.75 13.08
CA SER C 261 -13.92 -33.17 13.38
C SER C 261 -12.73 -33.80 12.65
N THR C 262 -12.05 -34.72 13.32
CA THR C 262 -10.93 -35.42 12.69
C THR C 262 -10.96 -36.89 13.07
N MET C 263 -10.52 -37.71 12.13
CA MET C 263 -10.20 -39.11 12.37
C MET C 263 -8.74 -39.19 11.97
N ALA C 264 -7.84 -39.11 12.95
CA ALA C 264 -6.42 -38.92 12.62
C ALA C 264 -5.56 -39.86 13.45
N ARG C 265 -4.55 -40.43 12.80
CA ARG C 265 -3.78 -41.50 13.40
C ARG C 265 -2.30 -41.29 13.09
N LEU C 266 -1.45 -41.50 14.09
CA LEU C 266 0.00 -41.48 13.91
C LEU C 266 0.59 -42.79 14.41
N TYR C 267 1.41 -43.42 13.58
CA TYR C 267 2.15 -44.62 13.96
C TYR C 267 3.63 -44.30 13.92
N ARG C 268 4.41 -45.05 14.70
CA ARG C 268 5.87 -45.03 14.60
C ARG C 268 6.36 -46.47 14.62
N GLU C 269 7.11 -46.87 13.59
CA GLU C 269 7.57 -48.26 13.47
C GLU C 269 6.41 -49.24 13.57
N GLY C 270 5.29 -48.89 12.94
CA GLY C 270 4.16 -49.78 12.93
C GLY C 270 3.35 -49.84 14.22
N GLN C 271 3.75 -49.09 15.26
CA GLN C 271 3.01 -49.02 16.50
C GLN C 271 2.20 -47.73 16.58
N LEU C 272 0.93 -47.86 16.90
CA LEU C 272 0.05 -46.69 17.03
C LEU C 272 0.49 -45.87 18.24
N VAL C 273 0.91 -44.63 18.00
CA VAL C 273 1.37 -43.77 19.10
C VAL C 273 0.48 -42.54 19.33
N CYS C 274 -0.49 -42.26 18.48
CA CYS C 274 -1.37 -41.12 18.74
C CYS C 274 -2.68 -41.33 18.00
N VAL C 275 -3.78 -41.26 18.73
CA VAL C 275 -5.12 -41.58 18.25
C VAL C 275 -5.98 -40.34 18.48
N ALA C 276 -5.98 -39.42 17.52
CA ALA C 276 -6.59 -38.12 17.72
C ALA C 276 -7.99 -38.10 17.12
N GLN C 277 -9.00 -37.94 17.97
CA GLN C 277 -10.38 -37.69 17.55
C GLN C 277 -10.83 -36.27 17.85
N HIS C 278 -9.90 -35.36 18.17
CA HIS C 278 -10.21 -33.97 18.49
C HIS C 278 -9.24 -33.05 17.76
N VAL C 279 -9.77 -32.05 17.07
CA VAL C 279 -8.96 -31.00 16.45
C VAL C 279 -8.88 -29.82 17.42
N VAL C 280 -7.65 -29.40 17.74
CA VAL C 280 -7.44 -28.24 18.60
C VAL C 280 -6.56 -27.23 17.85
N THR C 281 -6.47 -26.02 18.42
CA THR C 281 -5.65 -24.96 17.85
C THR C 281 -4.41 -24.66 18.68
N ARG C 282 -4.26 -25.28 19.84
CA ARG C 282 -3.08 -25.07 20.67
C ARG C 282 -2.77 -26.37 21.39
N GLU C 283 -1.48 -26.55 21.70
CA GLU C 283 -1.11 -27.60 22.65
C GLU C 283 -1.78 -27.33 23.98
N ASP C 284 -2.90 -28.00 24.26
CA ASP C 284 -3.65 -27.81 25.51
C ASP C 284 -3.50 -29.08 26.34
N ALA C 285 -2.68 -29.00 27.40
CA ALA C 285 -2.47 -30.13 28.29
C ALA C 285 -3.61 -30.35 29.27
N LEU C 286 -4.66 -29.51 29.23
CA LEU C 286 -5.81 -29.71 30.11
C LEU C 286 -6.79 -30.76 29.57
N MET C 287 -6.67 -31.15 28.30
CA MET C 287 -7.49 -32.20 27.74
C MET C 287 -6.83 -33.56 27.96
N THR C 288 -7.66 -34.58 28.23
CA THR C 288 -7.18 -35.93 28.53
C THR C 288 -7.04 -36.82 27.30
N HIS C 289 -7.48 -36.36 26.13
CA HIS C 289 -7.46 -37.15 24.91
C HIS C 289 -6.29 -36.73 24.02
N ASP C 290 -5.85 -37.65 23.17
CA ASP C 290 -4.92 -37.30 22.10
C ASP C 290 -5.55 -36.24 21.19
N SER C 291 -4.71 -35.38 20.61
CA SER C 291 -5.19 -34.23 19.85
C SER C 291 -4.41 -34.07 18.55
N LEU C 292 -5.03 -33.38 17.61
CA LEU C 292 -4.43 -32.97 16.35
C LEU C 292 -4.51 -31.46 16.24
N ILE C 293 -3.41 -30.84 15.81
CA ILE C 293 -3.38 -29.45 15.35
C ILE C 293 -3.06 -29.48 13.87
N LEU C 294 -3.90 -28.84 13.05
CA LEU C 294 -3.72 -28.87 11.60
C LEU C 294 -4.00 -27.47 11.05
N SER C 295 -2.96 -26.76 10.63
CA SER C 295 -3.13 -25.38 10.19
C SER C 295 -2.54 -25.19 8.80
N LYS C 296 -3.17 -24.30 8.04
CA LYS C 296 -2.73 -24.04 6.68
C LYS C 296 -1.47 -23.19 6.67
N GLN C 297 -0.64 -23.43 5.66
CA GLN C 297 0.57 -22.68 5.41
C GLN C 297 0.32 -21.76 4.23
N ASP C 298 0.67 -20.47 4.37
CA ASP C 298 0.41 -19.50 3.31
C ASP C 298 1.62 -19.23 2.44
N ASN C 299 2.83 -19.33 2.98
CA ASN C 299 4.05 -19.15 2.19
C ASN C 299 4.91 -20.40 2.32
N SER C 300 5.81 -20.57 1.37
CA SER C 300 6.86 -21.57 1.48
C SER C 300 8.20 -20.94 1.19
N ASP C 301 9.25 -21.57 1.69
CA ASP C 301 10.60 -21.24 1.30
C ASP C 301 11.00 -21.96 0.02
N SER C 302 10.43 -23.15 -0.20
CA SER C 302 10.85 -24.01 -1.28
C SER C 302 10.37 -23.48 -2.62
N GLU C 303 11.09 -23.85 -3.68
CA GLU C 303 10.65 -23.55 -5.03
C GLU C 303 9.62 -24.56 -5.53
N ASP C 304 9.72 -25.81 -5.07
CA ASP C 304 8.86 -26.90 -5.53
C ASP C 304 7.55 -26.87 -4.74
N VAL C 305 6.72 -25.90 -5.09
CA VAL C 305 5.47 -25.66 -4.39
C VAL C 305 4.38 -25.39 -5.41
N VAL C 306 3.20 -25.95 -5.15
CA VAL C 306 2.00 -25.76 -5.95
C VAL C 306 0.87 -25.40 -5.01
N THR C 307 -0.16 -24.74 -5.53
CA THR C 307 -1.37 -24.49 -4.78
C THR C 307 -2.56 -25.10 -5.50
N GLY C 308 -3.66 -25.25 -4.78
CA GLY C 308 -4.92 -25.61 -5.42
C GLY C 308 -5.28 -24.63 -6.51
N GLY C 309 -6.17 -25.05 -7.41
CA GLY C 309 -6.54 -24.24 -8.54
C GLY C 309 -7.73 -23.33 -8.31
N TYR C 310 -8.06 -23.08 -7.03
CA TYR C 310 -9.26 -22.32 -6.71
C TYR C 310 -8.93 -21.21 -5.72
N ARG C 311 -9.88 -20.83 -4.85
CA ARG C 311 -9.60 -19.66 -4.01
C ARG C 311 -8.60 -19.98 -2.91
N ASP C 312 -8.48 -21.23 -2.48
CA ASP C 312 -7.55 -21.60 -1.40
C ASP C 312 -6.15 -21.73 -1.97
N LYS C 313 -5.31 -20.72 -1.74
CA LYS C 313 -3.94 -20.70 -2.23
C LYS C 313 -2.92 -21.09 -1.16
N ASN C 314 -3.34 -21.84 -0.14
CA ASN C 314 -2.38 -22.31 0.84
C ASN C 314 -1.36 -23.21 0.16
N THR C 315 -0.13 -23.20 0.67
CA THR C 315 0.98 -23.93 0.08
C THR C 315 1.28 -25.24 0.79
N GLY C 316 0.49 -25.59 1.81
CA GLY C 316 0.72 -26.78 2.59
C GLY C 316 0.03 -26.65 3.94
N TYR C 317 0.42 -27.54 4.86
CA TYR C 317 -0.14 -27.52 6.21
C TYR C 317 0.99 -27.78 7.19
N THR C 318 0.72 -27.45 8.44
CA THR C 318 1.51 -27.91 9.58
C THR C 318 0.65 -28.84 10.40
N VAL C 319 1.17 -30.04 10.66
CA VAL C 319 0.48 -31.09 11.41
C VAL C 319 1.21 -31.26 12.74
N GLU C 320 0.46 -31.31 13.84
CA GLU C 320 1.06 -31.72 15.10
C GLU C 320 0.16 -32.70 15.81
N PHE C 321 0.71 -33.87 16.12
CA PHE C 321 0.05 -34.83 16.99
C PHE C 321 0.49 -34.59 18.42
N VAL C 322 -0.48 -34.50 19.32
CA VAL C 322 -0.22 -34.31 20.74
C VAL C 322 -0.87 -35.47 21.47
N GLU C 323 -0.07 -36.28 22.14
CA GLU C 323 -0.61 -37.40 22.87
C GLU C 323 -0.82 -37.04 24.34
N LYS C 324 -1.81 -37.69 24.94
CA LYS C 324 -2.16 -37.53 26.36
C LYS C 324 -2.38 -38.94 26.91
N GLY C 325 -1.37 -39.48 27.59
CA GLY C 325 -1.50 -40.80 28.16
C GLY C 325 -0.23 -41.34 28.78
N ASN C 326 0.92 -40.83 28.34
CA ASN C 326 2.21 -41.37 28.79
C ASN C 326 3.18 -40.26 29.20
N GLU C 327 3.67 -39.48 28.23
CA GLU C 327 4.61 -38.39 28.52
C GLU C 327 4.13 -37.03 28.05
N GLY C 328 3.14 -36.95 27.17
CA GLY C 328 2.82 -35.71 26.50
C GLY C 328 3.65 -35.46 25.25
N GLN C 329 4.24 -36.51 24.67
CA GLN C 329 5.04 -36.34 23.47
C GLN C 329 4.25 -35.64 22.38
N ARG C 330 4.96 -34.90 21.54
CA ARG C 330 4.35 -34.23 20.39
C ARG C 330 5.18 -34.48 19.15
N TRP C 331 4.51 -34.63 18.02
CA TRP C 331 5.14 -34.87 16.74
C TRP C 331 4.66 -33.80 15.77
N LYS C 332 5.59 -33.09 15.16
CA LYS C 332 5.25 -32.01 14.25
C LYS C 332 5.81 -32.33 12.87
N PHE C 333 4.99 -32.11 11.84
CA PHE C 333 5.35 -32.37 10.46
C PHE C 333 4.94 -31.20 9.57
N GLN C 334 5.83 -30.80 8.68
CA GLN C 334 5.50 -29.83 7.66
C GLN C 334 5.04 -30.57 6.40
N VAL C 335 3.94 -30.10 5.82
CA VAL C 335 3.36 -30.66 4.61
C VAL C 335 3.40 -29.61 3.52
N ARG C 336 4.17 -29.87 2.46
CA ARG C 336 4.27 -28.98 1.33
C ARG C 336 3.59 -29.59 0.10
N HIS C 337 2.66 -28.85 -0.50
CA HIS C 337 2.08 -29.25 -1.79
C HIS C 337 3.14 -29.13 -2.87
N GLU C 338 3.49 -30.25 -3.49
CA GLU C 338 4.52 -30.21 -4.52
C GLU C 338 3.97 -30.41 -5.93
N ARG C 339 2.94 -31.24 -6.09
CA ARG C 339 2.43 -31.58 -7.41
C ARG C 339 0.91 -31.71 -7.35
N ILE C 340 0.26 -31.42 -8.48
CA ILE C 340 -1.19 -31.49 -8.62
C ILE C 340 -1.57 -32.84 -9.22
N ILE C 341 -2.36 -33.64 -8.49
CA ILE C 341 -2.96 -34.84 -9.06
C ILE C 341 -4.25 -34.49 -9.80
N TRP C 342 -5.03 -33.55 -9.27
CA TRP C 342 -6.25 -33.14 -9.95
C TRP C 342 -6.73 -31.83 -9.36
N ASN C 343 -7.46 -31.07 -10.18
CA ASN C 343 -8.29 -29.95 -9.74
C ASN C 343 -9.69 -30.19 -10.29
N THR C 344 -10.68 -30.25 -9.41
CA THR C 344 -12.04 -30.41 -9.90
C THR C 344 -12.95 -29.39 -9.22
N PRO C 345 -13.88 -28.80 -9.97
CA PRO C 345 -14.66 -27.69 -9.42
C PRO C 345 -15.79 -28.15 -8.52
N THR C 346 -16.06 -27.33 -7.50
CA THR C 346 -17.24 -27.52 -6.66
C THR C 346 -18.14 -26.29 -6.68
N SER C 347 -17.87 -25.33 -7.57
CA SER C 347 -18.67 -24.13 -7.70
C SER C 347 -18.56 -23.64 -9.14
N ARG C 348 -19.15 -22.47 -9.40
CA ARG C 348 -19.03 -21.82 -10.69
C ARG C 348 -17.65 -21.16 -10.81
N PRO C 349 -17.12 -21.06 -12.04
CA PRO C 349 -15.84 -20.36 -12.22
C PRO C 349 -15.94 -18.93 -11.72
N GLY C 350 -14.81 -18.39 -11.28
CA GLY C 350 -14.80 -17.04 -10.79
C GLY C 350 -13.67 -16.74 -9.83
N PRO C 351 -13.65 -15.53 -9.28
CA PRO C 351 -12.55 -15.14 -8.38
C PRO C 351 -12.60 -15.84 -7.04
N ASP C 352 -13.79 -16.27 -6.60
CA ASP C 352 -13.97 -16.94 -5.32
C ASP C 352 -14.50 -18.35 -5.49
N ALA C 353 -14.25 -18.95 -6.66
CA ALA C 353 -14.66 -20.32 -6.90
C ALA C 353 -13.97 -21.26 -5.91
N THR C 354 -14.68 -22.30 -5.52
CA THR C 354 -14.17 -23.35 -4.66
C THR C 354 -13.98 -24.63 -5.46
N GLY C 355 -13.17 -25.53 -4.93
CA GLY C 355 -12.91 -26.76 -5.65
C GLY C 355 -12.25 -27.83 -4.81
N ASN C 356 -11.88 -28.91 -5.49
CA ASN C 356 -11.37 -30.14 -4.90
C ASN C 356 -10.05 -30.45 -5.56
N THR C 357 -8.98 -30.55 -4.77
CA THR C 357 -7.63 -30.71 -5.28
C THR C 357 -6.97 -31.91 -4.61
N GLY C 358 -6.40 -32.80 -5.42
CA GLY C 358 -5.53 -33.84 -4.92
C GLY C 358 -4.08 -33.42 -5.11
N PHE C 359 -3.24 -33.75 -4.13
CA PHE C 359 -1.84 -33.34 -4.12
C PHE C 359 -0.92 -34.54 -4.01
N VAL C 360 0.27 -34.39 -4.59
CA VAL C 360 1.46 -35.07 -4.09
C VAL C 360 2.06 -34.17 -3.02
N GLU C 361 2.01 -34.62 -1.77
CA GLU C 361 2.56 -33.89 -0.63
C GLU C 361 3.97 -34.38 -0.32
N VAL C 362 4.84 -33.47 0.10
CA VAL C 362 6.17 -33.80 0.60
C VAL C 362 6.24 -33.38 2.06
N LEU C 363 6.79 -34.24 2.91
CA LEU C 363 6.72 -34.05 4.35
C LEU C 363 8.09 -34.06 5.00
N CYS C 364 8.19 -33.38 6.14
CA CYS C 364 9.38 -33.39 6.96
C CYS C 364 8.98 -33.16 8.41
N GLY C 365 9.51 -33.98 9.31
CA GLY C 365 9.25 -33.73 10.72
C GLY C 365 9.52 -34.96 11.59
N GLY C 366 8.83 -34.98 12.72
CA GLY C 366 8.97 -35.96 13.78
C GLY C 366 8.90 -35.25 15.12
N THR C 367 9.45 -35.89 16.16
CA THR C 367 9.60 -35.20 17.44
C THR C 367 10.68 -34.13 17.32
N ILE C 368 10.90 -33.42 18.43
CA ILE C 368 11.94 -32.41 18.48
C ILE C 368 13.27 -33.02 18.11
N GLY C 369 13.97 -32.39 17.17
CA GLY C 369 15.25 -32.92 16.76
C GLY C 369 15.18 -34.09 15.82
N GLU C 370 14.03 -34.30 15.17
CA GLU C 370 13.86 -35.26 14.09
C GLU C 370 13.48 -34.52 12.82
N SER C 371 14.00 -34.96 11.69
CA SER C 371 13.70 -34.32 10.41
C SER C 371 13.57 -35.38 9.32
N TYR C 372 12.71 -36.37 9.58
CA TYR C 372 12.39 -37.39 8.59
C TYR C 372 11.64 -36.77 7.41
N GLU C 373 11.89 -37.30 6.22
CA GLU C 373 11.27 -36.85 4.98
C GLU C 373 10.43 -37.98 4.39
N GLY C 374 9.34 -37.60 3.71
CA GLY C 374 8.52 -38.57 3.01
C GLY C 374 7.62 -37.91 2.00
N VAL C 375 6.83 -38.73 1.31
CA VAL C 375 5.81 -38.23 0.40
C VAL C 375 4.47 -38.78 0.84
N GLY C 376 3.40 -38.09 0.44
CA GLY C 376 2.06 -38.48 0.81
C GLY C 376 1.04 -38.03 -0.22
N THR C 377 -0.11 -38.68 -0.16
CA THR C 377 -1.27 -38.21 -0.92
C THR C 377 -2.06 -37.27 -0.02
N GLY C 378 -2.42 -36.13 -0.56
CA GLY C 378 -3.25 -35.18 0.14
C GLY C 378 -4.42 -34.77 -0.72
N GLY C 379 -5.50 -34.39 -0.06
CA GLY C 379 -6.65 -33.90 -0.79
C GLY C 379 -7.41 -32.87 0.03
N GLN C 380 -7.69 -31.72 -0.56
CA GLN C 380 -8.49 -30.71 0.13
C GLN C 380 -9.70 -30.37 -0.73
N CYS C 381 -10.85 -30.23 -0.09
CA CYS C 381 -12.09 -29.96 -0.80
C CYS C 381 -12.87 -28.89 -0.05
N GLU C 382 -13.31 -27.86 -0.78
CA GLU C 382 -14.16 -26.81 -0.25
C GLU C 382 -15.46 -26.83 -1.06
N LEU C 383 -16.59 -26.95 -0.35
CA LEU C 383 -17.89 -26.99 -1.01
C LEU C 383 -18.47 -25.59 -1.11
N SER C 384 -19.36 -25.40 -2.07
CA SER C 384 -20.10 -24.15 -2.21
C SER C 384 -21.55 -24.29 -1.73
N SER D 12 10.86 7.33 -2.19
CA SER D 12 12.15 7.27 -1.53
C SER D 12 12.34 5.96 -0.77
N ASN D 13 11.28 5.50 -0.08
CA ASN D 13 11.34 4.24 0.67
C ASN D 13 11.12 3.08 -0.28
N VAL D 14 12.17 2.71 -1.00
CA VAL D 14 12.07 1.75 -2.08
C VAL D 14 12.93 0.54 -1.75
N THR D 15 12.55 -0.61 -2.31
CA THR D 15 13.39 -1.80 -2.32
C THR D 15 14.01 -1.90 -3.70
N VAL D 16 15.33 -2.10 -3.74
CA VAL D 16 16.09 -1.82 -4.96
C VAL D 16 17.08 -2.93 -5.25
N SER D 17 17.20 -3.27 -6.53
CA SER D 17 18.31 -4.06 -7.06
C SER D 17 19.00 -3.19 -8.11
N ALA D 18 20.22 -2.75 -7.82
CA ALA D 18 20.94 -1.78 -8.64
C ALA D 18 22.17 -2.44 -9.24
N PHE D 19 22.25 -2.48 -10.57
CA PHE D 19 23.34 -3.11 -11.28
C PHE D 19 24.11 -2.07 -12.08
N THR D 20 25.43 -2.23 -12.12
CA THR D 20 26.29 -1.52 -13.07
C THR D 20 27.08 -2.55 -13.84
N VAL D 21 27.31 -2.29 -15.12
CA VAL D 21 27.92 -3.31 -15.97
C VAL D 21 29.32 -3.66 -15.49
N ASP D 22 30.01 -2.73 -14.83
CA ASP D 22 31.39 -2.92 -14.40
C ASP D 22 31.51 -3.56 -13.02
N LYS D 23 30.43 -3.58 -12.22
CA LYS D 23 30.48 -4.10 -10.87
C LYS D 23 29.61 -5.32 -10.63
N SER D 24 28.53 -5.50 -11.38
CA SER D 24 27.47 -6.43 -10.98
C SER D 24 27.53 -7.77 -11.69
N ILE D 25 28.60 -8.07 -12.41
CA ILE D 25 28.75 -9.35 -13.09
C ILE D 25 29.78 -10.16 -12.33
N SER D 26 29.34 -11.28 -11.75
CA SER D 26 30.19 -12.07 -10.85
C SER D 26 30.90 -13.16 -11.62
N GLU D 27 32.23 -13.22 -11.47
CA GLU D 27 32.98 -14.30 -12.08
C GLU D 27 32.69 -15.65 -11.43
N GLU D 28 31.97 -15.66 -10.31
CA GLU D 28 31.68 -16.86 -9.56
C GLU D 28 30.18 -17.18 -9.61
N HIS D 29 29.85 -18.37 -9.10
CA HIS D 29 28.47 -18.80 -9.07
C HIS D 29 27.70 -18.06 -7.99
N VAL D 30 26.44 -17.74 -8.28
CA VAL D 30 25.56 -17.03 -7.36
C VAL D 30 24.19 -17.68 -7.43
N LEU D 31 23.62 -17.96 -6.29
CA LEU D 31 22.28 -18.50 -6.40
C LEU D 31 21.25 -17.38 -6.47
N PRO D 32 20.17 -17.58 -7.20
CA PRO D 32 19.11 -16.58 -7.27
C PRO D 32 18.05 -16.80 -6.20
N SER D 33 17.34 -15.73 -5.88
CA SER D 33 16.16 -15.87 -5.05
C SER D 33 15.21 -16.88 -5.67
N SER D 34 14.30 -17.40 -4.85
CA SER D 34 13.44 -18.50 -5.23
C SER D 34 12.16 -18.01 -5.92
N PHE D 35 11.55 -18.90 -6.69
CA PHE D 35 10.30 -18.59 -7.37
C PHE D 35 9.17 -18.44 -6.36
N ILE D 36 8.34 -17.43 -6.57
CA ILE D 36 7.25 -17.09 -5.67
C ILE D 36 5.94 -17.47 -6.36
N PRO D 37 5.28 -18.55 -5.93
CA PRO D 37 4.03 -18.96 -6.58
C PRO D 37 2.97 -17.87 -6.49
N GLY D 38 2.19 -17.75 -7.57
CA GLY D 38 1.09 -16.79 -7.61
C GLY D 38 1.51 -15.36 -7.81
N SER D 39 2.82 -15.08 -7.85
CA SER D 39 3.34 -13.73 -7.97
C SER D 39 3.93 -13.51 -9.36
N GLY D 40 3.90 -12.24 -9.79
CA GLY D 40 4.54 -11.88 -11.05
C GLY D 40 6.05 -12.07 -11.03
N ASN D 41 6.65 -12.05 -9.84
CA ASN D 41 8.10 -12.26 -9.72
C ASN D 41 8.86 -11.16 -10.47
N ILE D 42 8.33 -9.93 -10.41
CA ILE D 42 8.92 -8.84 -11.21
C ILE D 42 10.30 -8.46 -10.70
N PHE D 43 10.49 -8.42 -9.38
CA PHE D 43 11.80 -8.11 -8.85
C PHE D 43 12.85 -9.10 -9.35
N PRO D 44 14.08 -8.67 -9.57
CA PRO D 44 15.11 -9.59 -10.07
C PRO D 44 15.40 -10.71 -9.08
N LYS D 45 15.83 -11.85 -9.60
CA LYS D 45 16.18 -12.99 -8.76
C LYS D 45 17.66 -13.02 -8.41
N PHE D 46 18.51 -12.45 -9.27
CA PHE D 46 19.91 -12.19 -8.94
C PHE D 46 19.96 -10.73 -8.47
N THR D 47 19.75 -10.54 -7.17
CA THR D 47 19.46 -9.20 -6.65
C THR D 47 20.70 -8.31 -6.63
N SER D 48 21.91 -8.88 -6.55
CA SER D 48 23.09 -8.05 -6.43
C SER D 48 24.15 -8.37 -7.48
N ALA D 49 24.24 -9.63 -7.89
CA ALA D 49 25.25 -10.04 -8.86
C ALA D 49 24.69 -11.16 -9.72
N ILE D 50 24.93 -11.06 -11.02
CA ILE D 50 24.48 -12.08 -11.96
C ILE D 50 25.71 -12.84 -12.45
N PRO D 51 25.74 -14.17 -12.33
CA PRO D 51 26.89 -14.94 -12.84
C PRO D 51 26.94 -14.92 -14.36
N LYS D 52 28.10 -15.35 -14.87
CA LYS D 52 28.43 -15.13 -16.28
C LYS D 52 27.41 -15.73 -17.23
N THR D 53 26.76 -16.83 -16.84
CA THR D 53 25.85 -17.51 -17.76
C THR D 53 24.38 -17.27 -17.45
N ALA D 54 24.06 -16.56 -16.38
CA ALA D 54 22.67 -16.36 -16.02
C ALA D 54 22.07 -15.20 -16.79
N TRP D 55 20.74 -15.10 -16.77
CA TRP D 55 20.08 -14.00 -17.44
C TRP D 55 18.68 -13.80 -16.89
N GLU D 56 18.19 -12.58 -17.02
CA GLU D 56 16.84 -12.22 -16.63
C GLU D 56 16.20 -11.40 -17.75
N LEU D 57 14.92 -11.63 -17.99
CA LEU D 57 14.23 -10.97 -19.09
C LEU D 57 12.91 -10.40 -18.58
N TRP D 58 12.64 -9.15 -18.95
CA TRP D 58 11.32 -8.53 -18.81
C TRP D 58 10.85 -8.24 -20.23
N TYR D 59 9.81 -8.94 -20.66
CA TYR D 59 9.41 -8.99 -22.07
C TYR D 59 8.02 -8.39 -22.25
N PHE D 60 7.87 -7.53 -23.25
CA PHE D 60 6.61 -6.89 -23.59
C PHE D 60 6.40 -6.94 -25.10
N ASP D 61 5.18 -7.23 -25.54
CA ASP D 61 4.88 -7.13 -26.96
C ASP D 61 3.41 -6.84 -27.16
N GLY D 62 3.07 -6.51 -28.40
CA GLY D 62 1.69 -6.22 -28.77
C GLY D 62 1.57 -6.16 -30.28
N ILE D 63 0.42 -6.59 -30.81
CA ILE D 63 0.24 -6.64 -32.25
C ILE D 63 -1.21 -6.29 -32.58
N SER D 64 -1.40 -5.38 -33.52
CA SER D 64 -2.71 -4.88 -33.88
C SER D 64 -3.43 -5.87 -34.79
N LYS D 65 -4.61 -6.30 -34.37
CA LYS D 65 -5.44 -7.16 -35.23
C LYS D 65 -5.88 -6.45 -36.50
N ASP D 66 -5.92 -5.13 -36.50
CA ASP D 66 -6.54 -4.36 -37.58
C ASP D 66 -5.58 -4.01 -38.70
N ASP D 67 -4.29 -3.80 -38.40
CA ASP D 67 -3.31 -3.50 -39.45
C ASP D 67 -2.02 -4.30 -39.30
N LYS D 68 -1.94 -5.22 -38.34
CA LYS D 68 -0.79 -6.11 -38.13
C LYS D 68 0.51 -5.36 -37.82
N SER D 69 0.43 -4.08 -37.45
CA SER D 69 1.58 -3.43 -36.85
C SER D 69 1.90 -4.12 -35.51
N SER D 70 3.16 -4.07 -35.11
CA SER D 70 3.56 -4.84 -33.93
C SER D 70 4.79 -4.22 -33.29
N ILE D 71 4.92 -4.44 -31.98
CA ILE D 71 6.04 -3.93 -31.21
C ILE D 71 6.49 -5.03 -30.25
N VAL D 72 7.81 -5.25 -30.16
CA VAL D 72 8.40 -6.30 -29.34
C VAL D 72 9.55 -5.67 -28.56
N ILE D 73 9.51 -5.79 -27.24
CA ILE D 73 10.49 -5.17 -26.35
C ILE D 73 11.11 -6.24 -25.47
N GLY D 74 12.44 -6.30 -25.45
CA GLY D 74 13.13 -7.18 -24.54
C GLY D 74 14.10 -6.42 -23.65
N VAL D 75 13.86 -6.44 -22.34
CA VAL D 75 14.70 -5.78 -21.35
C VAL D 75 15.44 -6.86 -20.56
N THR D 76 16.76 -6.81 -20.56
CA THR D 76 17.55 -7.93 -20.07
C THR D 76 18.66 -7.48 -19.12
N ARG D 77 19.10 -8.46 -18.33
CA ARG D 77 20.35 -8.42 -17.59
C ARG D 77 21.10 -9.71 -17.92
N ASN D 78 22.34 -9.57 -18.36
CA ASN D 78 23.21 -10.72 -18.63
C ASN D 78 24.59 -10.19 -18.96
N ALA D 79 25.58 -11.06 -18.85
CA ALA D 79 26.97 -10.65 -19.01
C ALA D 79 27.35 -10.36 -20.45
N GLU D 80 26.64 -10.94 -21.41
CA GLU D 80 27.04 -10.81 -22.81
C GLU D 80 26.89 -9.40 -23.34
N GLY D 81 26.27 -8.49 -22.58
CA GLY D 81 26.31 -7.10 -22.97
C GLY D 81 27.57 -6.38 -22.54
N LEU D 82 28.33 -6.97 -21.62
CA LEU D 82 29.50 -6.30 -21.06
C LEU D 82 30.49 -5.86 -22.14
N LYS D 83 30.47 -6.50 -23.31
CA LYS D 83 31.40 -6.11 -24.36
C LYS D 83 30.93 -4.90 -25.15
N HIS D 84 29.64 -4.58 -25.11
CA HIS D 84 29.09 -3.42 -25.80
C HIS D 84 28.76 -2.27 -24.86
N GLY D 85 29.14 -2.37 -23.60
CA GLY D 85 29.05 -1.25 -22.68
C GLY D 85 27.84 -1.19 -21.77
N GLY D 86 27.07 -2.25 -21.66
CA GLY D 86 25.98 -2.26 -20.70
C GLY D 86 24.96 -3.34 -20.98
N PHE D 87 23.87 -3.27 -20.22
CA PHE D 87 22.80 -4.25 -20.29
C PHE D 87 21.86 -3.95 -21.43
N LYS D 88 21.44 -4.99 -22.14
CA LYS D 88 20.80 -4.86 -23.43
C LYS D 88 19.30 -4.65 -23.30
N VAL D 89 18.77 -3.76 -24.13
CA VAL D 89 17.35 -3.66 -24.37
C VAL D 89 17.12 -3.77 -25.87
N GLN D 90 16.23 -4.69 -26.26
CA GLN D 90 15.95 -4.95 -27.66
C GLN D 90 14.61 -4.33 -28.03
N VAL D 91 14.60 -3.55 -29.10
CA VAL D 91 13.40 -2.84 -29.53
C VAL D 91 13.13 -3.20 -30.98
N PHE D 92 11.98 -3.83 -31.23
CA PHE D 92 11.52 -4.21 -32.56
C PHE D 92 10.15 -3.60 -32.82
N VAL D 93 9.93 -3.12 -34.05
CA VAL D 93 8.60 -2.75 -34.49
C VAL D 93 8.47 -3.11 -35.96
N ILE D 94 7.25 -3.43 -36.37
CA ILE D 94 6.91 -3.53 -37.77
C ILE D 94 5.66 -2.68 -38.00
N TRP D 95 5.75 -1.80 -39.01
CA TRP D 95 4.59 -1.01 -39.41
C TRP D 95 3.60 -1.89 -40.18
N ALA D 96 2.36 -1.41 -40.27
CA ALA D 96 1.35 -2.12 -41.04
C ALA D 96 1.76 -2.31 -42.49
N ASP D 97 2.64 -1.44 -43.01
CA ASP D 97 3.13 -1.57 -44.38
C ASP D 97 4.38 -2.45 -44.49
N GLU D 98 4.82 -3.06 -43.38
CA GLU D 98 5.88 -4.07 -43.28
C GLU D 98 7.28 -3.47 -43.21
N ARG D 99 7.44 -2.16 -43.20
CA ARG D 99 8.70 -1.58 -42.74
C ARG D 99 9.02 -2.10 -41.35
N THR D 100 10.29 -2.35 -41.08
CA THR D 100 10.71 -2.73 -39.74
C THR D 100 11.75 -1.75 -39.22
N TRP D 101 11.90 -1.74 -37.90
CA TRP D 101 12.93 -0.93 -37.24
C TRP D 101 13.41 -1.71 -36.03
N HIS D 102 14.72 -1.78 -35.85
CA HIS D 102 15.28 -2.53 -34.74
C HIS D 102 16.53 -1.85 -34.24
N ARG D 103 16.65 -1.71 -32.92
CA ARG D 103 17.91 -1.35 -32.27
C ARG D 103 18.16 -2.26 -31.08
N ASP D 104 19.39 -2.73 -30.96
CA ASP D 104 19.93 -3.27 -29.71
C ASP D 104 20.65 -2.12 -29.00
N LEU D 105 20.21 -1.79 -27.80
CA LEU D 105 20.70 -0.64 -27.07
C LEU D 105 21.25 -1.09 -25.72
N PHE D 106 22.40 -0.53 -25.34
CA PHE D 106 23.14 -1.01 -24.18
C PHE D 106 23.29 0.10 -23.16
N PHE D 107 22.97 -0.21 -21.91
CA PHE D 107 22.90 0.77 -20.83
C PHE D 107 23.78 0.31 -19.68
N PRO D 108 24.71 1.15 -19.22
CA PRO D 108 25.63 0.71 -18.16
C PRO D 108 24.95 0.45 -16.82
N GLU D 109 23.81 1.09 -16.56
CA GLU D 109 23.11 0.99 -15.28
C GLU D 109 21.74 0.35 -15.48
N SER D 110 21.41 -0.60 -14.61
CA SER D 110 20.09 -1.23 -14.59
C SER D 110 19.60 -1.25 -13.15
N VAL D 111 18.49 -0.55 -12.90
CA VAL D 111 17.93 -0.44 -11.55
C VAL D 111 16.48 -0.89 -11.61
N VAL D 112 16.13 -1.87 -10.78
CA VAL D 112 14.75 -2.30 -10.58
C VAL D 112 14.38 -2.04 -9.13
N SER D 113 13.21 -1.46 -8.89
CA SER D 113 12.83 -1.08 -7.55
C SER D 113 11.33 -1.14 -7.39
N ILE D 114 10.88 -1.47 -6.18
CA ILE D 114 9.48 -1.40 -5.80
C ILE D 114 9.29 -0.10 -5.02
N ASN D 115 8.33 0.71 -5.44
CA ASN D 115 8.21 2.02 -4.81
C ASN D 115 7.10 2.01 -3.75
N GLU D 116 6.94 3.17 -3.10
CA GLU D 116 6.07 3.27 -1.95
C GLU D 116 4.66 2.77 -2.23
N SER D 117 4.23 2.77 -3.49
CA SER D 117 2.87 2.37 -3.84
C SER D 117 2.78 0.96 -4.41
N GLY D 118 3.84 0.16 -4.29
CA GLY D 118 3.84 -1.18 -4.82
C GLY D 118 4.16 -1.30 -6.30
N VAL D 119 4.33 -0.17 -7.00
CA VAL D 119 4.69 -0.21 -8.41
C VAL D 119 6.15 -0.65 -8.54
N THR D 120 6.39 -1.64 -9.41
CA THR D 120 7.74 -2.10 -9.70
C THR D 120 8.23 -1.37 -10.94
N ASP D 121 9.32 -0.62 -10.80
CA ASP D 121 9.92 0.10 -11.89
C ASP D 121 11.24 -0.56 -12.28
N GLY D 122 11.53 -0.59 -13.57
CA GLY D 122 12.85 -0.96 -14.02
C GLY D 122 13.38 0.15 -14.91
N ILE D 123 14.56 0.66 -14.63
CA ILE D 123 15.12 1.74 -15.44
C ILE D 123 16.49 1.29 -15.94
N TRP D 124 16.66 1.33 -17.25
CA TRP D 124 17.93 1.08 -17.92
C TRP D 124 18.43 2.41 -18.44
N LYS D 125 19.62 2.83 -18.00
CA LYS D 125 19.98 4.22 -18.25
C LYS D 125 21.48 4.38 -18.50
N ASP D 126 21.80 5.48 -19.18
CA ASP D 126 23.16 5.86 -19.54
C ASP D 126 23.25 7.38 -19.33
N ALA D 127 23.86 7.79 -18.22
CA ALA D 127 23.90 9.22 -17.88
C ALA D 127 24.74 10.02 -18.88
N THR D 128 25.81 9.44 -19.41
CA THR D 128 26.68 10.17 -20.33
C THR D 128 25.97 10.61 -21.61
N SER D 129 24.69 10.27 -21.78
CA SER D 129 23.93 10.76 -22.93
C SER D 129 22.48 11.03 -22.59
N ASN D 130 22.12 11.05 -21.31
CA ASN D 130 20.74 11.19 -20.86
C ASN D 130 19.81 10.32 -21.70
N SER D 131 20.14 9.03 -21.76
CA SER D 131 19.35 8.02 -22.45
C SER D 131 18.83 7.01 -21.45
N SER D 132 17.56 6.65 -21.59
CA SER D 132 17.03 5.62 -20.71
C SER D 132 15.80 4.98 -21.35
N ILE D 133 15.57 3.72 -20.99
CA ILE D 133 14.30 3.05 -21.18
C ILE D 133 13.88 2.50 -19.83
N SER D 134 12.61 2.70 -19.49
CA SER D 134 12.08 2.21 -18.23
C SER D 134 10.78 1.46 -18.48
N PHE D 135 10.47 0.54 -17.57
CA PHE D 135 9.16 -0.09 -17.52
C PHE D 135 8.59 0.09 -16.12
N SER D 136 7.29 -0.03 -16.02
CA SER D 136 6.58 0.16 -14.76
C SER D 136 5.44 -0.83 -14.71
N CYS D 137 5.39 -1.62 -13.63
CA CYS D 137 4.37 -2.64 -13.45
C CYS D 137 3.52 -2.28 -12.25
N ALA D 138 2.21 -2.25 -12.44
CA ALA D 138 1.31 -2.00 -11.33
C ALA D 138 1.43 -3.09 -10.29
N GLY D 139 1.19 -2.72 -9.03
CA GLY D 139 1.28 -3.69 -7.95
C GLY D 139 0.39 -4.91 -8.16
N ASP D 140 -0.82 -4.69 -8.68
CA ASP D 140 -1.76 -5.78 -8.96
C ASP D 140 -1.70 -6.27 -10.39
N LEU D 141 -0.71 -5.83 -11.17
CA LEU D 141 -0.47 -6.34 -12.53
C LEU D 141 -1.66 -6.07 -13.43
N SER D 142 -2.41 -5.00 -13.16
CA SER D 142 -3.50 -4.62 -14.06
C SER D 142 -3.01 -3.79 -15.22
N LYS D 143 -1.86 -3.14 -15.07
CA LYS D 143 -1.34 -2.19 -16.03
C LYS D 143 0.17 -2.30 -16.04
N ALA D 144 0.77 -1.99 -17.20
CA ALA D 144 2.21 -1.87 -17.34
C ALA D 144 2.48 -0.84 -18.43
N SER D 145 3.61 -0.16 -18.32
CA SER D 145 3.91 0.87 -19.30
C SER D 145 5.41 1.02 -19.44
N LEU D 146 5.84 1.43 -20.62
CA LEU D 146 7.25 1.70 -20.88
C LEU D 146 7.39 3.10 -21.43
N VAL D 147 8.51 3.72 -21.08
CA VAL D 147 8.90 5.03 -21.59
C VAL D 147 10.23 4.87 -22.29
N PHE D 148 10.31 5.34 -23.52
CA PHE D 148 11.56 5.33 -24.27
C PHE D 148 12.05 6.75 -24.37
N ASP D 149 13.23 7.02 -23.81
CA ASP D 149 13.82 8.35 -23.85
C ASP D 149 15.30 8.20 -24.25
N VAL D 150 15.52 7.79 -25.48
CA VAL D 150 16.86 7.70 -26.05
C VAL D 150 16.94 8.77 -27.13
N PRO D 151 17.38 9.98 -26.79
CA PRO D 151 17.40 11.06 -27.78
C PRO D 151 18.09 10.64 -29.07
N GLY D 152 17.46 10.96 -30.19
CA GLY D 152 18.04 10.62 -31.48
C GLY D 152 18.11 9.14 -31.79
N VAL D 153 17.35 8.31 -31.07
CA VAL D 153 17.26 6.89 -31.40
C VAL D 153 15.80 6.46 -31.32
N VAL D 154 15.21 6.52 -30.13
CA VAL D 154 13.82 6.14 -29.93
C VAL D 154 13.26 6.94 -28.76
N GLN D 155 12.10 7.55 -28.97
CA GLN D 155 11.39 8.28 -27.92
C GLN D 155 9.90 8.00 -28.07
N GLY D 156 9.23 7.80 -26.95
CA GLY D 156 7.83 7.41 -26.96
C GLY D 156 7.53 6.51 -25.79
N ASP D 157 6.40 5.81 -25.88
CA ASP D 157 5.94 5.01 -24.76
C ASP D 157 4.98 3.92 -25.25
N MET D 158 4.69 3.01 -24.34
CA MET D 158 3.91 1.81 -24.61
C MET D 158 3.08 1.51 -23.38
N HIS D 159 1.82 1.14 -23.59
CA HIS D 159 0.91 0.87 -22.49
C HIS D 159 0.25 -0.48 -22.70
N LEU D 160 0.20 -1.28 -21.64
CA LEU D 160 -0.45 -2.57 -21.65
C LEU D 160 -1.48 -2.59 -20.54
N GLU D 161 -2.68 -3.09 -20.84
CA GLU D 161 -3.78 -3.13 -19.90
C GLU D 161 -4.31 -4.54 -19.84
N ALA D 162 -4.32 -5.14 -18.66
CA ALA D 162 -4.73 -6.52 -18.53
C ALA D 162 -6.21 -6.66 -18.85
N LEU D 163 -6.54 -7.71 -19.58
CA LEU D 163 -7.91 -8.03 -19.95
C LEU D 163 -8.60 -8.82 -18.84
N PRO D 164 -9.93 -8.81 -18.82
CA PRO D 164 -10.66 -9.48 -17.73
C PRO D 164 -10.35 -10.96 -17.67
N GLY D 165 -10.50 -11.52 -16.47
CA GLY D 165 -10.51 -12.96 -16.31
C GLY D 165 -9.36 -13.51 -15.50
N ASP D 166 -9.11 -14.81 -15.63
CA ASP D 166 -8.04 -15.44 -14.86
C ASP D 166 -6.69 -14.82 -15.21
N THR D 167 -5.79 -14.85 -14.23
CA THR D 167 -4.47 -14.28 -14.39
C THR D 167 -3.41 -15.29 -14.80
N GLY D 168 -3.67 -16.58 -14.63
CA GLY D 168 -2.68 -17.60 -14.91
C GLY D 168 -1.49 -17.61 -13.99
N LEU D 169 -1.39 -16.67 -13.04
CA LEU D 169 -0.23 -16.60 -12.17
C LEU D 169 -0.19 -17.73 -11.14
N ASP D 170 -1.29 -18.46 -10.94
CA ASP D 170 -1.30 -19.59 -10.01
C ASP D 170 -0.99 -20.92 -10.70
N THR D 171 -0.19 -20.90 -11.77
CA THR D 171 0.16 -22.10 -12.51
C THR D 171 1.67 -22.35 -12.46
N ASP D 172 2.06 -23.51 -12.96
CA ASP D 172 3.45 -23.94 -12.96
C ASP D 172 4.27 -23.06 -13.91
N ALA D 173 5.27 -22.37 -13.38
CA ALA D 173 6.11 -21.48 -14.18
C ALA D 173 7.35 -22.17 -14.73
N ARG D 174 7.60 -23.42 -14.37
CA ARG D 174 8.82 -24.07 -14.82
C ARG D 174 8.78 -24.30 -16.33
N LEU D 175 9.91 -24.06 -16.99
CA LEU D 175 10.09 -24.34 -18.40
C LEU D 175 11.30 -25.26 -18.48
N GLY D 176 11.06 -26.55 -18.30
CA GLY D 176 12.13 -27.48 -18.09
C GLY D 176 12.70 -27.33 -16.70
N PRO D 177 13.89 -27.90 -16.47
CA PRO D 177 14.49 -27.82 -15.12
C PRO D 177 15.27 -26.54 -14.84
N SER D 178 15.71 -25.80 -15.85
CA SER D 178 16.65 -24.71 -15.63
C SER D 178 16.09 -23.33 -15.95
N VAL D 179 14.80 -23.21 -16.24
CA VAL D 179 14.23 -21.94 -16.66
C VAL D 179 12.90 -21.72 -15.97
N TYR D 180 12.68 -20.49 -15.52
CA TYR D 180 11.38 -20.05 -15.05
C TYR D 180 10.77 -19.12 -16.09
N TYR D 181 9.54 -19.39 -16.50
CA TYR D 181 8.85 -18.59 -17.51
C TYR D 181 7.51 -18.16 -16.90
N VAL D 182 7.49 -16.97 -16.33
CA VAL D 182 6.29 -16.43 -15.71
C VAL D 182 5.64 -15.46 -16.68
N ARG D 183 4.33 -15.27 -16.54
CA ARG D 183 3.56 -14.41 -17.44
C ARG D 183 2.80 -13.40 -16.60
N PRO D 184 3.44 -12.28 -16.22
CA PRO D 184 2.77 -11.31 -15.35
C PRO D 184 1.48 -10.75 -15.95
N ILE D 185 1.45 -10.50 -17.26
CA ILE D 185 0.22 -10.13 -17.95
C ILE D 185 0.09 -11.04 -19.17
N GLY D 186 -0.64 -12.15 -19.00
CA GLY D 186 -0.80 -13.08 -20.11
C GLY D 186 -1.57 -12.50 -21.28
N ARG D 187 -2.63 -11.73 -20.99
CA ARG D 187 -3.52 -11.19 -22.01
C ARG D 187 -3.71 -9.71 -21.73
N ALA D 188 -3.28 -8.86 -22.66
CA ALA D 188 -3.39 -7.42 -22.49
C ALA D 188 -3.85 -6.79 -23.80
N SER D 189 -4.46 -5.62 -23.68
CA SER D 189 -4.59 -4.72 -24.81
C SER D 189 -3.45 -3.71 -24.74
N VAL D 190 -2.95 -3.31 -25.91
CA VAL D 190 -1.69 -2.57 -25.96
C VAL D 190 -1.83 -1.35 -26.86
N LYS D 191 -1.19 -0.27 -26.45
CA LYS D 191 -0.97 0.90 -27.28
C LYS D 191 0.51 1.24 -27.28
N ALA D 192 0.92 1.99 -28.29
CA ALA D 192 2.30 2.46 -28.35
C ALA D 192 2.39 3.55 -29.39
N GLN D 193 3.19 4.57 -29.08
CA GLN D 193 3.47 5.67 -29.99
C GLN D 193 4.94 6.01 -29.83
N LEU D 194 5.70 5.87 -30.91
CA LEU D 194 7.14 5.99 -30.88
C LEU D 194 7.62 6.87 -32.03
N SER D 195 8.70 7.61 -31.76
CA SER D 195 9.50 8.28 -32.78
C SER D 195 10.82 7.52 -32.92
N LEU D 196 11.14 7.10 -34.14
CA LEU D 196 12.24 6.17 -34.38
C LEU D 196 13.19 6.76 -35.41
N TYR D 197 14.44 6.93 -35.00
CA TYR D 197 15.47 7.59 -35.80
C TYR D 197 16.45 6.57 -36.36
N SER D 198 17.07 6.93 -37.49
CA SER D 198 18.13 6.16 -38.10
C SER D 198 19.37 7.04 -38.26
N SER D 199 20.52 6.38 -38.39
CA SER D 199 21.80 7.07 -38.42
C SER D 199 22.04 7.87 -39.69
N ASP D 200 21.22 7.67 -40.73
CA ASP D 200 21.44 8.33 -42.01
C ASP D 200 20.39 9.40 -42.34
N ALA D 201 19.46 9.68 -41.43
CA ALA D 201 18.42 10.66 -41.67
C ALA D 201 18.28 11.59 -40.47
N THR D 202 17.60 12.72 -40.69
CA THR D 202 17.37 13.70 -39.65
C THR D 202 15.98 13.60 -39.04
N ALA D 203 14.98 13.25 -39.84
CA ALA D 203 13.62 13.10 -39.35
C ALA D 203 13.43 11.71 -38.75
N ALA D 204 12.47 11.61 -37.84
CA ALA D 204 12.11 10.32 -37.27
C ALA D 204 10.96 9.71 -38.07
N GLU D 205 10.99 8.37 -38.17
CA GLU D 205 9.82 7.64 -38.63
C GLU D 205 8.85 7.49 -37.48
N GLN D 206 7.63 8.00 -37.64
CA GLN D 206 6.63 7.85 -36.61
C GLN D 206 6.04 6.45 -36.64
N PHE D 207 5.88 5.85 -35.48
CA PHE D 207 5.23 4.55 -35.35
C PHE D 207 4.08 4.66 -34.36
N SER D 208 2.97 4.00 -34.67
CA SER D 208 1.83 3.95 -33.79
C SER D 208 1.20 2.57 -33.91
N LEU D 209 1.02 1.88 -32.79
CA LEU D 209 0.44 0.55 -32.79
C LEU D 209 -1.03 0.62 -33.17
N GLY D 210 -1.41 -0.13 -34.21
CA GLY D 210 -2.76 -0.10 -34.72
C GLY D 210 -3.83 -0.52 -33.73
N THR D 211 -5.09 -0.42 -34.14
CA THR D 211 -6.23 -0.70 -33.28
C THR D 211 -6.38 -2.19 -33.03
N SER D 212 -7.20 -2.52 -32.02
CA SER D 212 -7.47 -3.91 -31.65
C SER D 212 -6.18 -4.69 -31.45
N ALA D 213 -5.25 -4.07 -30.72
CA ALA D 213 -3.95 -4.64 -30.48
C ALA D 213 -3.98 -5.49 -29.21
N ASN D 214 -3.43 -6.70 -29.29
CA ASN D 214 -3.29 -7.56 -28.13
C ASN D 214 -1.82 -7.88 -27.90
N GLY D 215 -1.51 -8.23 -26.66
CA GLY D 215 -0.14 -8.56 -26.29
C GLY D 215 -0.04 -8.98 -24.85
N GLY D 216 1.06 -8.65 -24.19
CA GLY D 216 1.26 -9.09 -22.81
C GLY D 216 2.67 -8.79 -22.36
N MET D 217 2.96 -9.29 -21.15
CA MET D 217 4.28 -9.18 -20.54
C MET D 217 4.69 -10.55 -20.04
N ASP D 218 5.93 -10.94 -20.34
CA ASP D 218 6.52 -12.15 -19.81
C ASP D 218 7.70 -11.78 -18.93
N ARG D 219 8.07 -12.71 -18.04
CA ARG D 219 9.13 -12.51 -17.07
C ARG D 219 9.87 -13.83 -16.95
N VAL D 220 11.14 -13.85 -17.37
CA VAL D 220 11.87 -15.08 -17.59
C VAL D 220 13.26 -14.95 -17.00
N TRP D 221 13.80 -16.06 -16.50
CA TRP D 221 15.15 -16.04 -15.93
C TRP D 221 15.70 -17.45 -15.84
N SER D 222 17.02 -17.55 -15.84
CA SER D 222 17.71 -18.84 -15.77
C SER D 222 19.14 -18.62 -15.31
N PRO D 223 19.72 -19.56 -14.56
CA PRO D 223 21.15 -19.49 -14.26
C PRO D 223 22.03 -20.07 -15.36
N LEU D 224 21.43 -20.63 -16.41
CA LEU D 224 22.17 -21.24 -17.52
C LEU D 224 21.97 -20.42 -18.79
N SER D 225 23.02 -20.38 -19.62
CA SER D 225 22.92 -19.71 -20.90
C SER D 225 21.94 -20.46 -21.82
N TRP D 226 21.54 -19.79 -22.91
CA TRP D 226 20.65 -20.36 -23.90
C TRP D 226 21.15 -21.73 -24.37
N PRO D 227 22.39 -21.83 -24.86
CA PRO D 227 22.86 -23.13 -25.38
C PRO D 227 22.76 -24.26 -24.39
N GLN D 228 22.87 -23.98 -23.10
CA GLN D 228 22.85 -25.03 -22.10
C GLN D 228 21.45 -25.50 -21.75
N VAL D 229 20.41 -24.77 -22.16
CA VAL D 229 19.04 -25.16 -21.87
C VAL D 229 18.27 -25.61 -23.11
N MET D 230 18.67 -25.20 -24.31
CA MET D 230 17.86 -25.50 -25.48
C MET D 230 18.73 -25.62 -26.72
N THR D 231 18.22 -26.34 -27.71
CA THR D 231 18.69 -26.20 -29.08
C THR D 231 17.71 -25.45 -29.96
N GLU D 232 16.43 -25.36 -29.56
CA GLU D 232 15.43 -24.67 -30.36
C GLU D 232 14.27 -24.25 -29.47
N SER D 233 13.63 -23.13 -29.85
CA SER D 233 12.49 -22.60 -29.10
C SER D 233 11.48 -22.04 -30.07
N TYR D 234 10.21 -22.06 -29.65
CA TYR D 234 9.16 -21.35 -30.39
C TYR D 234 8.29 -20.59 -29.41
N TYR D 235 8.10 -19.31 -29.69
CA TYR D 235 7.29 -18.40 -28.91
C TYR D 235 6.04 -18.06 -29.71
N LEU D 236 4.91 -17.94 -29.02
CA LEU D 236 3.67 -17.52 -29.66
C LEU D 236 2.78 -16.85 -28.64
N ARG D 237 2.24 -15.68 -29.00
CA ARG D 237 1.19 -15.06 -28.21
C ARG D 237 0.16 -14.50 -29.18
N THR D 238 -1.12 -14.72 -28.87
CA THR D 238 -2.19 -14.34 -29.79
C THR D 238 -3.55 -14.28 -29.10
N GLN D 239 -4.45 -13.50 -29.69
CA GLN D 239 -5.87 -13.49 -29.37
C GLN D 239 -6.63 -13.88 -30.63
N VAL D 240 -7.34 -15.02 -30.59
CA VAL D 240 -8.08 -15.53 -31.74
C VAL D 240 -9.57 -15.52 -31.36
N GLY D 241 -10.27 -14.45 -31.74
CA GLY D 241 -11.65 -14.29 -31.35
C GLY D 241 -11.79 -14.19 -29.85
N PRO D 242 -12.49 -15.14 -29.24
CA PRO D 242 -12.58 -15.20 -27.78
C PRO D 242 -11.44 -15.96 -27.14
N TYR D 243 -10.57 -16.59 -27.94
CA TYR D 243 -9.49 -17.38 -27.39
C TYR D 243 -8.22 -16.56 -27.30
N ALA D 244 -7.53 -16.71 -26.18
CA ALA D 244 -6.19 -16.19 -25.99
C ALA D 244 -5.29 -17.36 -25.62
N MET D 245 -4.10 -17.38 -26.20
CA MET D 245 -3.13 -18.40 -25.84
C MET D 245 -1.74 -17.79 -25.85
N GLN D 246 -0.90 -18.30 -24.98
CA GLN D 246 0.53 -17.98 -24.99
C GLN D 246 1.29 -19.29 -24.93
N ILE D 247 2.33 -19.41 -25.75
CA ILE D 247 3.09 -20.64 -25.84
C ILE D 247 4.57 -20.29 -25.88
N MET D 248 5.34 -20.97 -25.04
CA MET D 248 6.78 -21.07 -25.19
C MET D 248 7.12 -22.56 -25.14
N ARG D 249 7.79 -23.06 -26.17
CA ARG D 249 8.17 -24.47 -26.26
C ARG D 249 9.63 -24.56 -26.64
N ILE D 250 10.39 -25.36 -25.88
CA ILE D 250 11.82 -25.53 -26.14
C ILE D 250 12.16 -27.00 -26.27
N PHE D 251 13.15 -27.29 -27.11
CA PHE D 251 13.77 -28.61 -27.18
C PHE D 251 15.10 -28.57 -26.46
N PRO D 252 15.39 -29.55 -25.62
CA PRO D 252 16.58 -29.49 -24.76
C PRO D 252 17.86 -29.55 -25.58
N PRO D 253 19.00 -29.29 -24.96
CA PRO D 253 20.27 -29.36 -25.67
C PRO D 253 20.53 -30.75 -26.21
N ALA D 254 21.46 -30.82 -27.17
CA ALA D 254 21.87 -32.10 -27.72
C ALA D 254 22.55 -32.94 -26.66
N GLY D 255 22.17 -34.22 -26.57
CA GLY D 255 22.76 -35.12 -25.60
C GLY D 255 22.22 -34.98 -24.18
N SER D 256 21.21 -34.14 -23.97
CA SER D 256 20.61 -33.98 -22.66
C SER D 256 19.61 -35.09 -22.38
N GLU D 257 19.40 -35.39 -21.10
CA GLU D 257 18.37 -36.34 -20.70
C GLU D 257 16.98 -35.71 -20.63
N ASP D 258 16.89 -34.39 -20.65
CA ASP D 258 15.63 -33.71 -20.50
C ASP D 258 14.70 -33.98 -21.69
N GLN D 259 13.42 -33.88 -21.44
CA GLN D 259 12.38 -33.93 -22.45
C GLN D 259 12.08 -32.53 -22.95
N PRO D 260 11.46 -32.41 -24.13
CA PRO D 260 10.90 -31.12 -24.54
C PRO D 260 9.96 -30.60 -23.44
N SER D 261 9.89 -29.28 -23.31
CA SER D 261 9.03 -28.69 -22.30
C SER D 261 8.36 -27.45 -22.88
N THR D 262 7.27 -27.04 -22.24
CA THR D 262 6.51 -25.89 -22.71
C THR D 262 5.86 -25.19 -21.52
N MET D 263 5.54 -23.92 -21.72
CA MET D 263 4.69 -23.18 -20.81
C MET D 263 3.57 -22.64 -21.69
N ALA D 264 2.47 -23.39 -21.75
CA ALA D 264 1.39 -23.14 -22.70
C ALA D 264 0.07 -22.99 -21.96
N ARG D 265 -0.71 -22.00 -22.35
CA ARG D 265 -1.93 -21.65 -21.66
C ARG D 265 -2.97 -21.26 -22.71
N LEU D 266 -4.19 -21.77 -22.56
CA LEU D 266 -5.30 -21.41 -23.44
C LEU D 266 -6.42 -20.81 -22.61
N TYR D 267 -6.88 -19.64 -23.03
CA TYR D 267 -7.98 -18.94 -22.39
C TYR D 267 -9.15 -18.86 -23.36
N ARG D 268 -10.36 -19.05 -22.86
CA ARG D 268 -11.57 -18.75 -23.60
C ARG D 268 -12.34 -17.67 -22.85
N GLU D 269 -12.58 -16.55 -23.52
CA GLU D 269 -13.26 -15.40 -22.92
C GLU D 269 -12.76 -15.15 -21.50
N GLY D 270 -11.44 -15.06 -21.36
CA GLY D 270 -10.83 -14.75 -20.09
C GLY D 270 -10.72 -15.91 -19.12
N GLN D 271 -11.33 -17.04 -19.42
CA GLN D 271 -11.31 -18.19 -18.53
C GLN D 271 -10.20 -19.15 -18.94
N LEU D 272 -9.39 -19.58 -17.98
CA LEU D 272 -8.25 -20.46 -18.23
C LEU D 272 -8.75 -21.89 -18.40
N VAL D 273 -8.73 -22.39 -19.64
CA VAL D 273 -9.38 -23.66 -19.97
C VAL D 273 -8.40 -24.79 -20.26
N CYS D 274 -7.10 -24.50 -20.28
CA CYS D 274 -6.15 -25.58 -20.51
C CYS D 274 -4.75 -25.11 -20.15
N VAL D 275 -3.96 -26.01 -19.55
CA VAL D 275 -2.58 -25.74 -19.14
C VAL D 275 -1.73 -26.93 -19.55
N ALA D 276 -0.63 -26.66 -20.26
CA ALA D 276 0.28 -27.72 -20.67
C ALA D 276 1.70 -27.37 -20.25
N GLN D 277 2.37 -28.33 -19.60
CA GLN D 277 3.81 -28.25 -19.36
C GLN D 277 4.58 -29.28 -20.17
N HIS D 278 3.90 -30.21 -20.82
CA HIS D 278 4.52 -31.19 -21.71
C HIS D 278 3.97 -31.00 -23.12
N VAL D 279 4.76 -31.41 -24.11
CA VAL D 279 4.39 -31.14 -25.49
C VAL D 279 5.02 -32.21 -26.38
N VAL D 280 4.28 -32.60 -27.41
CA VAL D 280 4.75 -33.51 -28.45
C VAL D 280 4.46 -32.88 -29.81
N THR D 281 4.92 -33.56 -30.86
CA THR D 281 4.60 -33.16 -32.23
C THR D 281 3.76 -34.23 -32.92
N LEU D 286 3.22 -41.44 -30.27
CA LEU D 286 2.18 -41.46 -29.24
C LEU D 286 1.82 -40.04 -28.81
N MET D 287 0.52 -39.71 -28.91
CA MET D 287 0.01 -38.44 -28.39
C MET D 287 -0.26 -38.63 -26.89
N THR D 288 0.73 -38.25 -26.06
CA THR D 288 0.66 -38.53 -24.64
C THR D 288 -0.38 -37.66 -23.95
N HIS D 289 -0.90 -38.17 -22.84
CA HIS D 289 -1.91 -37.43 -22.07
C HIS D 289 -1.31 -36.19 -21.43
N ASP D 290 -2.13 -35.16 -21.30
CA ASP D 290 -1.75 -33.93 -20.61
C ASP D 290 -0.61 -33.22 -21.33
N SER D 291 -0.63 -33.27 -22.67
CA SER D 291 0.44 -32.70 -23.47
C SER D 291 -0.11 -31.76 -24.53
N LEU D 292 0.57 -30.64 -24.72
CA LEU D 292 0.36 -29.83 -25.91
C LEU D 292 0.82 -30.61 -27.13
N ILE D 293 0.13 -30.38 -28.25
CA ILE D 293 0.56 -30.88 -29.56
C ILE D 293 0.93 -29.66 -30.40
N LEU D 294 2.21 -29.52 -30.70
CA LEU D 294 2.73 -28.36 -31.42
C LEU D 294 3.57 -28.88 -32.58
N SER D 295 3.07 -28.72 -33.80
CA SER D 295 3.70 -29.31 -34.96
C SER D 295 4.02 -28.24 -35.99
N LYS D 296 5.10 -28.46 -36.73
CA LYS D 296 5.49 -27.54 -37.78
C LYS D 296 4.74 -27.83 -39.06
N GLN D 297 4.35 -26.79 -39.78
CA GLN D 297 3.75 -26.97 -41.09
C GLN D 297 4.89 -27.14 -42.10
N ASP D 298 5.03 -28.37 -42.62
CA ASP D 298 6.15 -28.69 -43.49
C ASP D 298 5.97 -28.07 -44.88
N ASN D 299 4.78 -28.18 -45.44
CA ASN D 299 4.48 -27.63 -46.75
C ASN D 299 3.42 -26.55 -46.62
N SER D 300 3.35 -25.68 -47.62
CA SER D 300 2.41 -24.57 -47.61
C SER D 300 1.31 -24.77 -48.64
N ASP D 301 0.12 -24.31 -48.29
CA ASP D 301 -1.01 -24.29 -49.21
C ASP D 301 -1.38 -22.88 -49.62
N SER D 302 -0.55 -21.89 -49.26
CA SER D 302 -0.82 -20.50 -49.58
C SER D 302 0.44 -19.84 -50.13
N GLU D 303 0.24 -18.86 -51.01
CA GLU D 303 1.33 -18.02 -51.50
C GLU D 303 1.59 -16.82 -50.60
N ASP D 304 0.61 -16.45 -49.79
CA ASP D 304 0.72 -15.29 -48.90
C ASP D 304 1.26 -15.73 -47.55
N VAL D 305 2.49 -16.23 -47.59
CA VAL D 305 3.16 -16.85 -46.45
C VAL D 305 4.65 -16.60 -46.59
N VAL D 306 5.38 -16.64 -45.48
CA VAL D 306 6.84 -16.55 -45.50
C VAL D 306 7.43 -17.68 -44.66
N THR D 307 8.68 -18.01 -44.96
CA THR D 307 9.51 -18.79 -44.06
C THR D 307 10.52 -17.86 -43.38
N GLY D 308 11.16 -18.39 -42.35
CA GLY D 308 12.32 -17.74 -41.78
C GLY D 308 13.44 -17.70 -42.81
N GLY D 309 14.52 -17.01 -42.43
CA GLY D 309 15.63 -16.76 -43.32
C GLY D 309 16.77 -17.76 -43.23
N TYR D 310 16.58 -18.88 -42.57
CA TYR D 310 17.67 -19.84 -42.37
C TYR D 310 17.18 -21.23 -42.77
N ARG D 311 17.79 -22.28 -42.23
CA ARG D 311 17.53 -23.61 -42.75
C ARG D 311 16.15 -24.14 -42.41
N ASP D 312 15.42 -23.54 -41.49
CA ASP D 312 14.09 -24.01 -41.12
C ASP D 312 13.10 -23.38 -42.09
N LYS D 313 12.48 -24.20 -42.95
CA LYS D 313 11.61 -23.71 -44.01
C LYS D 313 10.12 -23.82 -43.69
N ASN D 314 9.76 -24.04 -42.43
CA ASN D 314 8.35 -24.16 -42.12
C ASN D 314 7.64 -22.83 -42.39
N THR D 315 6.37 -22.93 -42.75
CA THR D 315 5.53 -21.77 -42.99
C THR D 315 4.49 -21.59 -41.91
N GLY D 316 4.59 -22.34 -40.82
CA GLY D 316 3.67 -22.18 -39.71
C GLY D 316 3.69 -23.40 -38.81
N TYR D 317 2.68 -23.44 -37.93
CA TYR D 317 2.54 -24.47 -36.93
C TYR D 317 1.07 -24.84 -36.82
N THR D 318 0.83 -26.02 -36.27
CA THR D 318 -0.51 -26.42 -35.83
C THR D 318 -0.48 -26.56 -34.32
N VAL D 319 -1.39 -25.86 -33.64
CA VAL D 319 -1.48 -25.85 -32.19
C VAL D 319 -2.73 -26.61 -31.78
N GLU D 320 -2.59 -27.51 -30.81
CA GLU D 320 -3.69 -28.37 -30.37
C GLU D 320 -3.64 -28.51 -28.86
N PHE D 321 -4.61 -27.90 -28.17
CA PHE D 321 -4.80 -28.07 -26.74
C PHE D 321 -5.85 -29.15 -26.49
N VAL D 322 -5.64 -29.96 -25.45
CA VAL D 322 -6.52 -31.08 -25.14
C VAL D 322 -6.90 -31.01 -23.66
N GLU D 323 -8.20 -30.86 -23.39
CA GLU D 323 -8.66 -30.66 -22.03
C GLU D 323 -8.64 -31.97 -21.24
N LYS D 324 -8.29 -31.88 -19.96
CA LYS D 324 -8.30 -33.04 -19.09
C LYS D 324 -9.73 -33.46 -18.77
N GLY D 325 -9.90 -34.71 -18.35
CA GLY D 325 -11.18 -35.19 -17.89
C GLY D 325 -11.88 -36.05 -18.94
N ASN D 326 -13.13 -36.42 -18.61
CA ASN D 326 -13.90 -37.38 -19.38
C ASN D 326 -14.19 -36.89 -20.79
N GLU D 327 -15.03 -35.85 -20.91
CA GLU D 327 -15.38 -35.33 -22.23
C GLU D 327 -14.13 -34.99 -23.03
N GLY D 328 -13.32 -34.07 -22.51
CA GLY D 328 -12.03 -33.77 -23.12
C GLY D 328 -12.14 -33.12 -24.48
N GLN D 329 -12.76 -31.95 -24.52
CA GLN D 329 -12.83 -31.21 -25.78
C GLN D 329 -11.46 -30.71 -26.19
N ARG D 330 -11.26 -30.58 -27.51
CA ARG D 330 -10.00 -30.17 -28.08
C ARG D 330 -10.15 -28.79 -28.74
N TRP D 331 -9.07 -28.03 -28.69
CA TRP D 331 -8.98 -26.76 -29.41
C TRP D 331 -7.80 -26.84 -30.38
N LYS D 332 -8.02 -26.37 -31.60
CA LYS D 332 -7.03 -26.50 -32.65
C LYS D 332 -6.93 -25.17 -33.39
N PHE D 333 -5.70 -24.75 -33.66
CA PHE D 333 -5.47 -23.48 -34.34
C PHE D 333 -4.36 -23.67 -35.37
N GLN D 334 -4.58 -23.16 -36.57
CA GLN D 334 -3.53 -23.10 -37.57
C GLN D 334 -2.80 -21.78 -37.43
N VAL D 335 -1.47 -21.84 -37.52
CA VAL D 335 -0.62 -20.65 -37.46
C VAL D 335 0.19 -20.60 -38.75
N ARG D 336 0.08 -19.49 -39.48
CA ARG D 336 0.88 -19.25 -40.67
C ARG D 336 1.76 -18.02 -40.47
N HIS D 337 3.03 -18.13 -40.85
CA HIS D 337 3.95 -16.99 -40.83
C HIS D 337 3.64 -16.08 -42.01
N GLU D 338 3.28 -14.82 -41.74
CA GLU D 338 2.93 -13.91 -42.82
C GLU D 338 3.96 -12.83 -43.08
N ARG D 339 4.59 -12.29 -42.04
CA ARG D 339 5.52 -11.19 -42.20
C ARG D 339 6.73 -11.42 -41.31
N ILE D 340 7.86 -10.84 -41.71
CA ILE D 340 9.13 -11.00 -41.01
C ILE D 340 9.37 -9.77 -40.14
N ILE D 341 9.49 -9.96 -38.83
CA ILE D 341 9.88 -8.85 -37.98
C ILE D 341 11.40 -8.77 -37.84
N TRP D 342 12.09 -9.91 -37.72
CA TRP D 342 13.55 -9.92 -37.72
C TRP D 342 14.05 -11.30 -38.17
N ASN D 343 15.29 -11.31 -38.68
CA ASN D 343 16.07 -12.53 -38.91
C ASN D 343 17.46 -12.28 -38.36
N THR D 344 17.90 -13.13 -37.43
CA THR D 344 19.21 -12.98 -36.79
C THR D 344 19.94 -14.31 -36.88
N PRO D 345 21.20 -14.32 -37.32
CA PRO D 345 21.93 -15.60 -37.37
C PRO D 345 22.33 -16.06 -35.98
N THR D 346 22.26 -17.37 -35.76
CA THR D 346 22.82 -18.03 -34.59
C THR D 346 23.96 -18.97 -34.96
N SER D 347 24.48 -18.89 -36.19
CA SER D 347 25.54 -19.76 -36.63
C SER D 347 26.36 -19.03 -37.68
N ARG D 348 27.45 -19.66 -38.12
CA ARG D 348 28.19 -19.10 -39.23
C ARG D 348 27.45 -19.34 -40.54
N PRO D 349 27.71 -18.51 -41.56
CA PRO D 349 26.94 -18.62 -42.80
C PRO D 349 27.14 -19.98 -43.47
N GLY D 350 26.27 -20.25 -44.44
CA GLY D 350 26.32 -21.51 -45.15
C GLY D 350 24.94 -22.09 -45.37
N PRO D 351 24.86 -23.19 -46.12
CA PRO D 351 23.55 -23.78 -46.44
C PRO D 351 22.85 -24.42 -45.26
N ASP D 352 23.52 -24.60 -44.11
CA ASP D 352 22.88 -25.14 -42.93
C ASP D 352 22.85 -24.13 -41.78
N ALA D 353 23.05 -22.86 -42.10
CA ALA D 353 23.02 -21.82 -41.07
C ALA D 353 21.68 -21.84 -40.34
N THR D 354 21.73 -21.59 -39.04
CA THR D 354 20.53 -21.49 -38.21
C THR D 354 20.31 -20.03 -37.83
N GLY D 355 19.14 -19.76 -37.28
CA GLY D 355 18.83 -18.38 -36.96
C GLY D 355 17.63 -18.23 -36.05
N ASN D 356 17.30 -16.96 -35.81
CA ASN D 356 16.29 -16.53 -34.86
C ASN D 356 15.38 -15.59 -35.64
N THR D 357 14.10 -15.94 -35.78
CA THR D 357 13.17 -15.20 -36.63
C THR D 357 11.98 -14.73 -35.79
N GLY D 358 11.62 -13.46 -35.98
CA GLY D 358 10.39 -12.90 -35.43
C GLY D 358 9.33 -12.77 -36.50
N PHE D 359 8.11 -13.18 -36.18
CA PHE D 359 7.03 -13.32 -37.15
C PHE D 359 5.81 -12.51 -36.75
N VAL D 360 5.16 -11.91 -37.75
CA VAL D 360 3.73 -11.64 -37.68
C VAL D 360 3.02 -12.93 -38.11
N GLU D 361 2.22 -13.50 -37.21
CA GLU D 361 1.46 -14.72 -37.46
C GLU D 361 -0.01 -14.40 -37.70
N VAL D 362 -0.65 -15.20 -38.56
CA VAL D 362 -2.09 -15.19 -38.75
C VAL D 362 -2.63 -16.56 -38.32
N LEU D 363 -3.71 -16.56 -37.55
CA LEU D 363 -4.23 -17.77 -36.93
C LEU D 363 -5.69 -17.99 -37.29
N CYS D 364 -6.10 -19.25 -37.24
CA CYS D 364 -7.48 -19.63 -37.49
C CYS D 364 -7.80 -20.90 -36.71
N GLY D 365 -8.98 -20.94 -36.10
CA GLY D 365 -9.43 -22.18 -35.52
C GLY D 365 -10.28 -21.94 -34.28
N GLY D 366 -10.23 -22.92 -33.39
CA GLY D 366 -11.09 -22.98 -32.23
C GLY D 366 -11.40 -24.45 -31.92
N THR D 367 -12.63 -24.69 -31.45
CA THR D 367 -13.07 -26.07 -31.22
C THR D 367 -13.70 -26.61 -32.50
N ILE D 368 -14.23 -27.84 -32.42
CA ILE D 368 -14.92 -28.42 -33.55
C ILE D 368 -16.06 -27.49 -33.96
N GLY D 369 -16.01 -27.00 -35.20
CA GLY D 369 -17.06 -26.15 -35.74
C GLY D 369 -16.66 -24.70 -35.87
N GLU D 370 -15.73 -24.22 -35.07
CA GLU D 370 -15.40 -22.80 -35.04
C GLU D 370 -14.24 -22.49 -35.98
N SER D 371 -14.30 -21.29 -36.56
CA SER D 371 -13.24 -20.80 -37.45
C SER D 371 -12.93 -19.34 -37.11
N TYR D 372 -12.58 -19.10 -35.84
CA TYR D 372 -12.17 -17.77 -35.43
C TYR D 372 -10.84 -17.38 -36.05
N GLU D 373 -10.65 -16.09 -36.26
CA GLU D 373 -9.45 -15.57 -36.88
C GLU D 373 -8.79 -14.53 -35.99
N GLY D 374 -7.47 -14.47 -36.08
CA GLY D 374 -6.73 -13.45 -35.37
C GLY D 374 -5.28 -13.47 -35.79
N VAL D 375 -4.51 -12.55 -35.20
CA VAL D 375 -3.09 -12.42 -35.47
C VAL D 375 -2.33 -12.69 -34.18
N GLY D 376 -1.03 -12.87 -34.32
CA GLY D 376 -0.19 -13.15 -33.17
C GLY D 376 1.24 -12.76 -33.44
N THR D 377 2.02 -12.67 -32.36
CA THR D 377 3.46 -12.57 -32.48
C THR D 377 4.06 -13.95 -32.31
N GLY D 378 4.97 -14.30 -33.22
CA GLY D 378 5.67 -15.55 -33.12
C GLY D 378 7.16 -15.30 -33.23
N GLY D 379 7.91 -16.23 -32.68
CA GLY D 379 9.34 -16.20 -32.79
C GLY D 379 9.89 -17.61 -32.70
N GLN D 380 10.76 -18.00 -33.61
CA GLN D 380 11.38 -19.30 -33.55
C GLN D 380 12.88 -19.11 -33.60
N CYS D 381 13.60 -19.91 -32.82
CA CYS D 381 15.05 -19.81 -32.77
C CYS D 381 15.64 -21.22 -32.77
N GLU D 382 16.66 -21.42 -33.59
CA GLU D 382 17.37 -22.68 -33.66
C GLU D 382 18.84 -22.39 -33.37
N LEU D 383 19.44 -23.19 -32.49
CA LEU D 383 20.84 -22.99 -32.16
C LEU D 383 21.70 -23.99 -32.92
N SER D 384 22.99 -23.67 -33.02
CA SER D 384 23.96 -24.54 -33.71
C SER D 384 25.27 -24.59 -32.95
N MET E 11 24.70 49.86 -14.72
CA MET E 11 23.40 49.93 -15.40
C MET E 11 23.42 49.18 -16.73
N SER E 12 22.32 49.27 -17.47
CA SER E 12 22.15 48.52 -18.70
C SER E 12 21.08 49.20 -19.56
N ASN E 13 21.25 49.12 -20.88
CA ASN E 13 20.34 49.74 -21.85
C ASN E 13 19.11 48.87 -22.00
N VAL E 14 18.19 49.03 -21.05
CA VAL E 14 17.06 48.13 -20.88
C VAL E 14 15.78 48.94 -21.09
N THR E 15 14.78 48.32 -21.73
CA THR E 15 13.46 48.91 -21.87
C THR E 15 12.55 48.29 -20.82
N VAL E 16 11.89 49.14 -20.03
CA VAL E 16 11.32 48.72 -18.74
C VAL E 16 9.91 49.26 -18.57
N SER E 17 9.03 48.41 -18.06
CA SER E 17 7.75 48.80 -17.49
C SER E 17 7.81 48.46 -16.00
N ALA E 18 8.02 49.48 -15.17
CA ALA E 18 8.19 49.29 -13.72
C ALA E 18 6.91 49.70 -13.01
N PHE E 19 6.20 48.71 -12.45
CA PHE E 19 4.95 48.92 -11.73
C PHE E 19 5.17 48.75 -10.23
N THR E 20 4.46 49.56 -9.45
CA THR E 20 4.25 49.27 -8.03
C THR E 20 2.76 49.43 -7.74
N VAL E 21 2.30 48.69 -6.72
CA VAL E 21 0.90 48.77 -6.33
C VAL E 21 0.56 50.18 -5.83
N ASP E 22 1.51 50.86 -5.20
CA ASP E 22 1.30 52.25 -4.81
C ASP E 22 1.14 53.15 -6.04
N LYS E 23 2.00 52.96 -7.05
CA LYS E 23 2.23 53.98 -8.06
C LYS E 23 1.50 53.75 -9.38
N SER E 24 1.08 52.52 -9.69
CA SER E 24 0.83 52.13 -11.07
C SER E 24 -0.60 51.76 -11.40
N ILE E 25 -1.53 51.76 -10.44
CA ILE E 25 -2.91 51.38 -10.70
C ILE E 25 -3.73 52.65 -10.81
N SER E 26 -4.34 52.87 -11.97
CA SER E 26 -5.00 54.13 -12.30
C SER E 26 -6.52 53.95 -12.36
N GLU E 27 -7.23 54.92 -11.81
CA GLU E 27 -8.68 55.02 -12.04
C GLU E 27 -8.98 55.59 -13.42
N GLU E 28 -8.04 56.35 -13.97
CA GLU E 28 -8.23 56.97 -15.28
C GLU E 28 -8.43 55.91 -16.36
N HIS E 29 -9.00 56.33 -17.48
CA HIS E 29 -9.11 55.50 -18.66
C HIS E 29 -7.78 55.46 -19.38
N VAL E 30 -7.26 54.26 -19.63
CA VAL E 30 -5.94 54.10 -20.23
C VAL E 30 -5.99 53.01 -21.29
N LEU E 31 -5.70 53.37 -22.53
CA LEU E 31 -5.70 52.39 -23.62
C LEU E 31 -4.38 51.62 -23.65
N PRO E 32 -4.43 50.34 -24.01
CA PRO E 32 -3.18 49.57 -24.15
C PRO E 32 -2.50 49.79 -25.49
N SER E 33 -1.18 49.64 -25.49
CA SER E 33 -0.44 49.57 -26.74
C SER E 33 -1.10 48.58 -27.68
N SER E 34 -0.97 48.83 -28.98
CA SER E 34 -1.64 47.99 -29.95
C SER E 34 -1.00 46.61 -30.02
N PHE E 35 -1.82 45.62 -30.38
CA PHE E 35 -1.30 44.28 -30.62
C PHE E 35 -0.30 44.30 -31.77
N ILE E 36 0.74 43.49 -31.66
CA ILE E 36 1.78 43.42 -32.67
C ILE E 36 1.64 42.07 -33.40
N PRO E 37 1.15 42.06 -34.63
CA PRO E 37 0.99 40.78 -35.34
C PRO E 37 2.32 40.04 -35.45
N GLY E 38 2.25 38.72 -35.35
CA GLY E 38 3.42 37.86 -35.48
C GLY E 38 4.34 37.83 -34.28
N SER E 39 4.08 38.62 -33.26
CA SER E 39 4.99 38.71 -32.12
C SER E 39 4.37 38.04 -30.90
N GLY E 40 5.22 37.61 -29.98
CA GLY E 40 4.75 37.12 -28.71
C GLY E 40 4.09 38.18 -27.84
N ASN E 41 4.33 39.46 -28.14
CA ASN E 41 3.75 40.56 -27.36
C ASN E 41 4.08 40.44 -25.88
N ILE E 42 5.31 39.99 -25.58
CA ILE E 42 5.69 39.69 -24.21
C ILE E 42 5.68 40.96 -23.35
N PHE E 43 6.12 42.07 -23.92
CA PHE E 43 6.25 43.29 -23.16
C PHE E 43 4.86 43.83 -22.80
N PRO E 44 4.71 44.43 -21.62
CA PRO E 44 3.38 44.89 -21.18
C PRO E 44 2.73 45.81 -22.21
N LYS E 45 1.39 45.76 -22.27
CA LYS E 45 0.63 46.65 -23.14
C LYS E 45 0.17 47.90 -22.41
N PHE E 46 -0.02 47.83 -21.10
CA PHE E 46 -0.24 49.00 -20.25
C PHE E 46 1.13 49.31 -19.63
N THR E 47 1.89 50.18 -20.29
CA THR E 47 3.32 50.28 -20.04
C THR E 47 3.65 51.02 -18.74
N SER E 48 2.89 52.07 -18.40
CA SER E 48 3.20 52.87 -17.23
C SER E 48 2.10 52.89 -16.17
N ALA E 49 0.85 52.58 -16.54
CA ALA E 49 -0.24 52.49 -15.58
C ALA E 49 -1.30 51.57 -16.17
N ILE E 50 -2.04 50.92 -15.29
CA ILE E 50 -3.06 49.95 -15.69
C ILE E 50 -4.39 50.39 -15.09
N PRO E 51 -5.45 50.53 -15.89
CA PRO E 51 -6.76 50.87 -15.32
C PRO E 51 -7.29 49.76 -14.42
N LYS E 52 -8.27 50.12 -13.60
CA LYS E 52 -8.67 49.26 -12.48
C LYS E 52 -9.42 48.00 -12.94
N THR E 53 -9.96 47.98 -14.15
CA THR E 53 -10.60 46.76 -14.65
C THR E 53 -9.71 45.97 -15.59
N ALA E 54 -8.65 46.59 -16.10
CA ALA E 54 -7.73 45.94 -17.02
C ALA E 54 -6.89 44.90 -16.30
N TRP E 55 -6.30 44.01 -17.10
CA TRP E 55 -5.47 42.96 -16.54
C TRP E 55 -4.55 42.43 -17.63
N GLU E 56 -3.41 41.89 -17.19
CA GLU E 56 -2.41 41.31 -18.06
C GLU E 56 -1.95 40.00 -17.43
N LEU E 57 -1.63 39.03 -18.28
CA LEU E 57 -1.33 37.70 -17.79
C LEU E 57 -0.14 37.15 -18.57
N TRP E 58 0.84 36.63 -17.84
CA TRP E 58 1.90 35.79 -18.38
C TRP E 58 1.71 34.41 -17.76
N TYR E 59 1.34 33.44 -18.58
CA TYR E 59 0.90 32.13 -18.09
C TYR E 59 1.86 31.04 -18.55
N PHE E 60 2.26 30.17 -17.63
CA PHE E 60 3.09 29.02 -17.94
C PHE E 60 2.51 27.80 -17.24
N ASP E 61 2.44 26.68 -17.96
CA ASP E 61 2.09 25.41 -17.33
C ASP E 61 2.94 24.31 -17.97
N GLY E 62 2.74 23.10 -17.46
CA GLY E 62 3.40 21.91 -17.96
C GLY E 62 2.83 20.71 -17.24
N ILE E 63 2.78 19.58 -17.92
CA ILE E 63 2.18 18.39 -17.32
C ILE E 63 2.96 17.18 -17.81
N SER E 64 3.44 16.38 -16.85
CA SER E 64 4.21 15.18 -17.17
C SER E 64 3.30 14.11 -17.78
N LYS E 65 3.59 13.72 -19.02
CA LYS E 65 2.87 12.61 -19.64
C LYS E 65 3.09 11.30 -18.87
N ASP E 66 4.23 11.17 -18.18
CA ASP E 66 4.55 9.88 -17.56
C ASP E 66 3.88 9.69 -16.21
N ASP E 67 3.81 10.74 -15.37
CA ASP E 67 3.22 10.60 -14.04
C ASP E 67 2.13 11.62 -13.74
N LYS E 68 1.70 12.41 -14.72
CA LYS E 68 0.60 13.36 -14.61
C LYS E 68 0.79 14.40 -13.52
N SER E 69 1.98 14.52 -12.94
CA SER E 69 2.26 15.70 -12.14
C SER E 69 2.12 16.94 -13.03
N SER E 70 1.76 18.06 -12.44
CA SER E 70 1.50 19.25 -13.23
C SER E 70 1.89 20.49 -12.45
N ILE E 71 2.16 21.57 -13.19
CA ILE E 71 2.52 22.86 -12.62
C ILE E 71 1.85 23.95 -13.45
N VAL E 72 1.24 24.94 -12.78
CA VAL E 72 0.49 25.99 -13.44
C VAL E 72 0.85 27.32 -12.80
N ILE E 73 1.38 28.25 -13.60
CA ILE E 73 1.86 29.52 -13.08
C ILE E 73 1.12 30.66 -13.77
N GLY E 74 0.53 31.55 -12.96
CA GLY E 74 -0.10 32.74 -13.48
C GLY E 74 0.54 33.99 -12.91
N VAL E 75 1.27 34.72 -13.75
CA VAL E 75 1.92 35.97 -13.36
C VAL E 75 1.06 37.09 -13.91
N THR E 76 0.59 37.99 -13.03
CA THR E 76 -0.48 38.90 -13.39
C THR E 76 -0.19 40.32 -12.92
N ARG E 77 -0.79 41.28 -13.62
CA ARG E 77 -0.99 42.64 -13.15
C ARG E 77 -2.47 42.93 -13.23
N ASN E 78 -3.03 43.45 -12.14
CA ASN E 78 -4.43 43.88 -12.10
C ASN E 78 -4.66 44.57 -10.77
N ALA E 79 -5.86 45.13 -10.61
CA ALA E 79 -6.16 45.92 -9.42
C ALA E 79 -6.62 45.07 -8.24
N GLU E 80 -7.09 43.84 -8.49
CA GLU E 80 -7.62 43.05 -7.39
C GLU E 80 -6.56 42.59 -6.40
N GLY E 81 -5.30 43.02 -6.58
CA GLY E 81 -4.27 42.73 -5.61
C GLY E 81 -4.02 43.92 -4.70
N LEU E 82 -4.47 45.11 -5.14
CA LEU E 82 -4.33 46.30 -4.31
C LEU E 82 -4.87 46.06 -2.90
N LYS E 83 -5.94 45.26 -2.80
CA LYS E 83 -6.49 44.89 -1.49
C LYS E 83 -5.51 44.05 -0.69
N HIS E 84 -4.63 43.30 -1.35
CA HIS E 84 -3.68 42.42 -0.68
C HIS E 84 -2.25 42.96 -0.71
N GLY E 85 -2.06 44.20 -1.15
CA GLY E 85 -0.75 44.82 -1.11
C GLY E 85 0.23 44.39 -2.18
N GLY E 86 -0.24 44.06 -3.37
CA GLY E 86 0.69 43.73 -4.44
C GLY E 86 0.02 43.00 -5.56
N PHE E 87 0.80 42.78 -6.61
CA PHE E 87 0.33 42.08 -7.79
C PHE E 87 0.45 40.57 -7.59
N LYS E 88 -0.53 39.84 -8.11
CA LYS E 88 -0.73 38.44 -7.78
C LYS E 88 0.08 37.53 -8.70
N VAL E 89 0.76 36.56 -8.10
CA VAL E 89 1.27 35.40 -8.80
C VAL E 89 0.55 34.16 -8.24
N GLN E 90 0.00 33.35 -9.14
CA GLN E 90 -0.70 32.13 -8.76
C GLN E 90 0.17 30.93 -9.06
N VAL E 91 0.46 30.13 -8.04
CA VAL E 91 1.24 28.91 -8.16
C VAL E 91 0.34 27.72 -7.83
N PHE E 92 0.17 26.80 -8.78
CA PHE E 92 -0.50 25.53 -8.55
C PHE E 92 0.43 24.39 -8.94
N VAL E 93 0.50 23.36 -8.10
CA VAL E 93 1.14 22.11 -8.49
C VAL E 93 0.26 20.95 -8.06
N ILE E 94 0.32 19.87 -8.83
CA ILE E 94 -0.27 18.60 -8.43
C ILE E 94 0.79 17.52 -8.59
N TRP E 95 1.17 16.89 -7.47
CA TRP E 95 2.09 15.77 -7.50
C TRP E 95 1.49 14.61 -8.30
N ALA E 96 2.35 13.65 -8.65
CA ALA E 96 1.87 12.46 -9.34
C ALA E 96 0.83 11.71 -8.50
N ASP E 97 0.97 11.74 -7.17
CA ASP E 97 0.07 11.06 -6.26
C ASP E 97 -1.25 11.80 -6.05
N GLU E 98 -1.42 12.99 -6.62
CA GLU E 98 -2.64 13.81 -6.68
C GLU E 98 -2.70 14.80 -5.53
N ARG E 99 -1.75 14.79 -4.61
CA ARG E 99 -1.55 15.91 -3.72
C ARG E 99 -1.52 17.21 -4.53
N THR E 100 -2.05 18.28 -3.97
CA THR E 100 -2.05 19.58 -4.62
C THR E 100 -1.50 20.63 -3.68
N TRP E 101 -0.91 21.67 -4.26
CA TRP E 101 -0.39 22.80 -3.50
C TRP E 101 -0.68 24.07 -4.28
N HIS E 102 -1.18 25.09 -3.58
CA HIS E 102 -1.48 26.35 -4.24
C HIS E 102 -1.27 27.51 -3.29
N ARG E 103 -0.75 28.60 -3.82
CA ARG E 103 -0.72 29.86 -3.10
C ARG E 103 -0.91 30.99 -4.11
N ASP E 104 -1.73 31.96 -3.74
CA ASP E 104 -1.70 33.28 -4.35
C ASP E 104 -0.69 34.11 -3.59
N LEU E 105 0.29 34.67 -4.30
CA LEU E 105 1.36 35.46 -3.71
C LEU E 105 1.30 36.86 -4.28
N PHE E 106 1.43 37.86 -3.41
CA PHE E 106 1.22 39.26 -3.79
C PHE E 106 2.51 40.04 -3.58
N PHE E 107 2.99 40.68 -4.64
CA PHE E 107 4.25 41.40 -4.66
C PHE E 107 4.03 42.86 -4.97
N PRO E 108 4.55 43.79 -4.15
CA PRO E 108 4.28 45.21 -4.39
C PRO E 108 4.93 45.74 -5.66
N GLU E 109 6.03 45.13 -6.10
CA GLU E 109 6.76 45.58 -7.28
C GLU E 109 6.63 44.54 -8.38
N SER E 110 6.31 45.00 -9.59
CA SER E 110 6.30 44.17 -10.79
C SER E 110 7.04 44.92 -11.89
N VAL E 111 8.14 44.34 -12.36
CA VAL E 111 8.99 44.97 -13.37
C VAL E 111 9.19 43.98 -14.51
N VAL E 112 8.84 44.38 -15.72
CA VAL E 112 9.18 43.63 -16.92
C VAL E 112 10.13 44.49 -17.76
N SER E 113 11.20 43.87 -18.25
CA SER E 113 12.21 44.58 -19.02
C SER E 113 12.62 43.75 -20.23
N ILE E 114 13.10 44.45 -21.26
CA ILE E 114 13.82 43.84 -22.37
C ILE E 114 15.26 44.31 -22.27
N ASN E 115 16.20 43.38 -22.26
CA ASN E 115 17.58 43.74 -21.98
C ASN E 115 18.39 43.78 -23.27
N GLU E 116 19.68 44.14 -23.14
CA GLU E 116 20.50 44.42 -24.30
C GLU E 116 20.56 43.25 -25.27
N SER E 117 20.39 42.01 -24.78
CA SER E 117 20.39 40.81 -25.61
C SER E 117 19.02 40.47 -26.18
N GLY E 118 18.01 41.30 -25.95
CA GLY E 118 16.68 40.93 -26.39
C GLY E 118 15.97 39.96 -25.47
N VAL E 119 16.51 39.69 -24.29
CA VAL E 119 15.83 38.83 -23.32
C VAL E 119 14.78 39.67 -22.60
N THR E 120 13.58 39.11 -22.45
CA THR E 120 12.52 39.76 -21.71
C THR E 120 12.38 39.08 -20.35
N ASP E 121 12.65 39.82 -19.29
CA ASP E 121 12.60 39.34 -17.92
C ASP E 121 11.42 39.99 -17.21
N GLY E 122 10.71 39.20 -16.41
CA GLY E 122 9.71 39.76 -15.52
C GLY E 122 10.01 39.41 -14.08
N ILE E 123 9.98 40.38 -13.18
CA ILE E 123 10.33 40.15 -11.78
C ILE E 123 9.24 40.74 -10.90
N TRP E 124 8.52 39.86 -10.19
CA TRP E 124 7.61 40.24 -9.12
C TRP E 124 8.36 40.09 -7.80
N LYS E 125 8.41 41.15 -7.00
CA LYS E 125 9.28 41.11 -5.82
C LYS E 125 8.68 41.89 -4.65
N ASP E 126 9.10 41.50 -3.44
CA ASP E 126 8.70 42.15 -2.19
C ASP E 126 9.96 42.50 -1.42
N ALA E 127 10.29 43.80 -1.37
CA ALA E 127 11.54 44.22 -0.75
C ALA E 127 11.56 43.89 0.75
N THR E 128 10.46 44.19 1.45
CA THR E 128 10.43 43.98 2.89
C THR E 128 10.87 42.56 3.27
N SER E 129 10.41 41.55 2.54
CA SER E 129 10.72 40.17 2.85
C SER E 129 11.75 39.56 1.91
N ASN E 130 12.36 40.36 1.02
CA ASN E 130 13.34 39.87 0.07
C ASN E 130 12.83 38.62 -0.65
N SER E 131 11.57 38.68 -1.08
CA SER E 131 10.94 37.59 -1.81
C SER E 131 10.66 38.04 -3.24
N SER E 132 10.70 37.08 -4.17
CA SER E 132 10.42 37.42 -5.56
C SER E 132 10.12 36.15 -6.35
N ILE E 133 9.36 36.32 -7.43
CA ILE E 133 9.18 35.32 -8.47
C ILE E 133 9.44 36.02 -9.79
N SER E 134 10.22 35.39 -10.66
CA SER E 134 10.60 36.03 -11.91
C SER E 134 10.52 35.02 -13.05
N PHE E 135 10.42 35.55 -14.26
CA PHE E 135 10.42 34.74 -15.46
C PHE E 135 11.36 35.39 -16.47
N SER E 136 11.79 34.58 -17.43
CA SER E 136 12.73 35.05 -18.44
C SER E 136 12.43 34.33 -19.74
N CYS E 137 12.40 35.09 -20.83
CA CYS E 137 12.05 34.58 -22.16
C CYS E 137 13.17 34.92 -23.13
N ALA E 138 13.58 33.93 -23.92
CA ALA E 138 14.55 34.17 -24.98
C ALA E 138 13.98 35.16 -26.00
N GLY E 139 14.87 35.98 -26.57
CA GLY E 139 14.46 36.90 -27.61
C GLY E 139 13.69 36.23 -28.73
N ASP E 140 14.13 35.04 -29.13
CA ASP E 140 13.44 34.25 -30.15
C ASP E 140 12.42 33.28 -29.57
N LEU E 141 12.12 33.39 -28.28
CA LEU E 141 11.10 32.55 -27.64
C LEU E 141 11.43 31.05 -27.74
N SER E 142 12.71 30.71 -27.91
CA SER E 142 13.09 29.30 -27.94
C SER E 142 13.07 28.70 -26.54
N LYS E 143 13.30 29.52 -25.53
CA LYS E 143 13.33 29.07 -24.14
C LYS E 143 12.65 30.10 -23.26
N ALA E 144 12.17 29.63 -22.12
CA ALA E 144 11.67 30.50 -21.06
C ALA E 144 11.94 29.81 -19.75
N SER E 145 12.01 30.59 -18.68
CA SER E 145 12.30 30.02 -17.37
C SER E 145 11.76 30.95 -16.30
N LEU E 146 11.55 30.38 -15.11
CA LEU E 146 11.13 31.14 -13.95
C LEU E 146 11.98 30.74 -12.76
N VAL E 147 12.21 31.70 -11.87
CA VAL E 147 12.92 31.46 -10.62
C VAL E 147 11.97 31.82 -9.49
N PHE E 148 11.77 30.88 -8.57
CA PHE E 148 10.94 31.10 -7.39
C PHE E 148 11.84 31.31 -6.18
N ASP E 149 11.60 32.40 -5.45
CA ASP E 149 12.43 32.71 -4.30
C ASP E 149 11.55 33.40 -3.25
N VAL E 150 10.62 32.65 -2.68
CA VAL E 150 9.82 33.12 -1.56
C VAL E 150 10.20 32.27 -0.36
N PRO E 151 11.14 32.72 0.48
CA PRO E 151 11.62 31.86 1.56
C PRO E 151 10.49 31.48 2.50
N GLY E 152 10.46 30.20 2.88
CA GLY E 152 9.41 29.68 3.73
C GLY E 152 8.08 29.49 3.05
N VAL E 153 7.99 29.78 1.75
CA VAL E 153 6.76 29.55 0.99
C VAL E 153 7.08 28.66 -0.20
N VAL E 154 7.87 29.17 -1.14
CA VAL E 154 8.20 28.42 -2.35
C VAL E 154 9.53 28.92 -2.89
N GLN E 155 10.40 27.97 -3.23
CA GLN E 155 11.72 28.23 -3.78
C GLN E 155 12.03 27.16 -4.80
N GLY E 156 12.47 27.56 -5.99
CA GLY E 156 12.75 26.61 -7.04
C GLY E 156 12.91 27.31 -8.37
N ASP E 157 12.83 26.53 -9.44
CA ASP E 157 12.86 27.10 -10.78
C ASP E 157 12.04 26.22 -11.73
N MET E 158 11.84 26.74 -12.94
CA MET E 158 11.03 26.10 -13.98
C MET E 158 11.62 26.50 -15.32
N HIS E 159 11.67 25.54 -16.24
CA HIS E 159 12.27 25.75 -17.56
C HIS E 159 11.34 25.22 -18.64
N LEU E 160 11.17 26.01 -19.70
CA LEU E 160 10.43 25.57 -20.88
C LEU E 160 11.33 25.73 -22.10
N GLU E 161 11.23 24.80 -23.03
CA GLU E 161 11.97 24.87 -24.29
C GLU E 161 10.99 24.60 -25.42
N ALA E 162 10.90 25.53 -26.37
CA ALA E 162 9.99 25.37 -27.48
C ALA E 162 10.33 24.11 -28.27
N LEU E 163 9.32 23.29 -28.54
CA LEU E 163 9.50 22.15 -29.41
C LEU E 163 9.64 22.61 -30.87
N PRO E 164 10.28 21.80 -31.70
CA PRO E 164 10.46 22.17 -33.11
C PRO E 164 9.13 22.34 -33.82
N GLY E 165 9.11 23.20 -34.84
CA GLY E 165 7.94 23.37 -35.69
C GLY E 165 7.35 24.77 -35.74
N ASP E 166 6.13 24.88 -36.25
CA ASP E 166 5.46 26.17 -36.43
C ASP E 166 5.21 26.85 -35.09
N THR E 167 5.50 28.16 -35.03
CA THR E 167 5.33 28.91 -33.80
C THR E 167 3.88 29.25 -33.49
N GLY E 168 3.00 29.21 -34.48
CA GLY E 168 1.63 29.68 -34.33
C GLY E 168 1.47 31.18 -34.15
N LEU E 169 2.57 31.94 -34.14
CA LEU E 169 2.46 33.36 -33.88
C LEU E 169 1.91 34.16 -35.05
N ASP E 170 1.80 33.56 -36.24
CA ASP E 170 1.26 34.25 -37.41
C ASP E 170 -0.24 33.98 -37.56
N THR E 171 -1.00 34.30 -36.51
CA THR E 171 -2.43 34.05 -36.51
C THR E 171 -3.15 35.09 -35.67
N ASP E 172 -4.47 35.17 -35.88
CA ASP E 172 -5.31 36.14 -35.16
C ASP E 172 -5.34 35.84 -33.66
N ALA E 173 -5.02 36.84 -32.85
CA ALA E 173 -5.00 36.67 -31.40
C ALA E 173 -6.25 37.23 -30.73
N ARG E 174 -7.15 37.87 -31.48
CA ARG E 174 -8.34 38.45 -30.89
C ARG E 174 -9.26 37.36 -30.34
N LEU E 175 -9.63 37.49 -29.07
CA LEU E 175 -10.57 36.58 -28.41
C LEU E 175 -11.84 37.38 -28.13
N GLY E 176 -12.70 37.47 -29.14
CA GLY E 176 -13.82 38.38 -29.08
C GLY E 176 -13.33 39.81 -29.24
N PRO E 177 -14.18 40.78 -28.88
CA PRO E 177 -13.83 42.18 -29.12
C PRO E 177 -12.93 42.82 -28.08
N SER E 178 -12.81 42.25 -26.87
CA SER E 178 -12.17 42.93 -25.75
C SER E 178 -10.92 42.25 -25.22
N VAL E 179 -10.49 41.11 -25.76
CA VAL E 179 -9.44 40.32 -25.14
C VAL E 179 -8.44 39.88 -26.22
N TYR E 180 -7.16 40.01 -25.92
CA TYR E 180 -6.12 39.42 -26.75
C TYR E 180 -5.54 38.19 -26.05
N TYR E 181 -5.38 37.11 -26.80
CA TYR E 181 -4.87 35.84 -26.28
C TYR E 181 -3.77 35.37 -27.23
N VAL E 182 -2.53 35.62 -26.85
CA VAL E 182 -1.34 35.26 -27.63
C VAL E 182 -0.71 34.03 -27.00
N ARG E 183 -0.01 33.24 -27.81
CA ARG E 183 0.64 32.02 -27.32
C ARG E 183 2.12 32.08 -27.70
N PRO E 184 2.95 32.74 -26.89
CA PRO E 184 4.36 32.91 -27.27
C PRO E 184 5.12 31.59 -27.40
N ILE E 185 4.82 30.60 -26.57
CA ILE E 185 5.35 29.24 -26.75
C ILE E 185 4.15 28.33 -26.69
N GLY E 186 3.62 27.96 -27.87
CA GLY E 186 2.44 27.11 -27.90
C GLY E 186 2.72 25.69 -27.46
N ARG E 187 3.89 25.16 -27.83
CA ARG E 187 4.29 23.78 -27.55
C ARG E 187 5.70 23.77 -26.98
N ALA E 188 5.84 23.29 -25.74
CA ALA E 188 7.12 23.29 -25.08
C ALA E 188 7.28 22.02 -24.26
N SER E 189 8.53 21.59 -24.10
CA SER E 189 8.88 20.64 -23.06
C SER E 189 9.26 21.43 -21.81
N VAL E 190 9.02 20.82 -20.66
CA VAL E 190 9.04 21.56 -19.40
C VAL E 190 9.73 20.76 -18.31
N LYS E 191 10.48 21.45 -17.45
CA LYS E 191 11.00 20.88 -16.22
C LYS E 191 10.73 21.84 -15.07
N ALA E 192 10.71 21.30 -13.84
CA ALA E 192 10.49 22.17 -12.70
C ALA E 192 10.87 21.45 -11.42
N GLN E 193 11.37 22.21 -10.46
CA GLN E 193 11.79 21.68 -9.16
C GLN E 193 11.46 22.72 -8.11
N LEU E 194 10.60 22.37 -7.14
CA LEU E 194 10.17 23.33 -6.14
C LEU E 194 10.32 22.76 -4.74
N SER E 195 10.66 23.64 -3.81
CA SER E 195 10.51 23.39 -2.38
C SER E 195 9.27 24.15 -1.92
N LEU E 196 8.27 23.41 -1.43
CA LEU E 196 6.99 23.98 -1.06
C LEU E 196 6.77 23.82 0.45
N TYR E 197 6.34 24.89 1.10
CA TYR E 197 6.18 24.94 2.55
C TYR E 197 4.72 25.02 2.94
N SER E 198 4.40 24.45 4.09
CA SER E 198 3.12 24.63 4.76
C SER E 198 3.36 24.71 6.26
N SER E 199 2.30 25.03 7.00
CA SER E 199 2.43 25.35 8.42
C SER E 199 2.66 24.14 9.31
N ASP E 200 2.51 22.91 8.80
CA ASP E 200 2.68 21.75 9.67
C ASP E 200 4.13 21.54 10.11
N ALA E 201 5.10 22.13 9.41
CA ALA E 201 6.50 21.98 9.82
C ALA E 201 7.34 23.03 9.11
N THR E 202 8.48 23.36 9.72
CA THR E 202 9.42 24.29 9.11
C THR E 202 10.24 23.64 7.99
N ALA E 203 10.00 22.36 7.70
CA ALA E 203 10.66 21.68 6.60
C ALA E 203 9.70 21.61 5.40
N ALA E 204 10.23 21.88 4.22
CA ALA E 204 9.41 21.95 3.01
C ALA E 204 9.23 20.57 2.37
N GLU E 205 8.15 20.44 1.61
CA GLU E 205 7.91 19.27 0.78
C GLU E 205 8.46 19.53 -0.63
N GLN E 206 9.11 18.51 -1.18
CA GLN E 206 9.77 18.64 -2.47
C GLN E 206 8.82 18.23 -3.59
N PHE E 207 8.74 19.08 -4.63
CA PHE E 207 8.03 18.77 -5.86
C PHE E 207 9.00 18.81 -7.02
N SER E 208 8.86 17.86 -7.94
CA SER E 208 9.78 17.72 -9.06
C SER E 208 8.94 17.27 -10.25
N LEU E 209 8.71 18.17 -11.21
CA LEU E 209 7.82 17.85 -12.32
C LEU E 209 8.28 16.57 -13.03
N GLY E 210 7.34 15.68 -13.31
CA GLY E 210 7.66 14.40 -13.89
C GLY E 210 8.31 14.54 -15.26
N THR E 211 8.76 13.39 -15.78
CA THR E 211 9.40 13.33 -17.09
C THR E 211 8.36 13.36 -18.20
N SER E 212 8.82 13.65 -19.41
CA SER E 212 7.95 13.74 -20.58
C SER E 212 6.91 14.85 -20.43
N ALA E 213 7.34 15.97 -19.85
CA ALA E 213 6.43 17.05 -19.51
C ALA E 213 6.29 18.02 -20.67
N ASN E 214 5.07 18.25 -21.11
CA ASN E 214 4.73 19.22 -22.13
C ASN E 214 3.96 20.39 -21.52
N GLY E 215 4.14 21.57 -22.11
CA GLY E 215 3.41 22.73 -21.67
C GLY E 215 3.50 23.88 -22.67
N GLY E 216 3.45 25.10 -22.16
CA GLY E 216 3.59 26.26 -23.03
C GLY E 216 3.54 27.54 -22.24
N MET E 217 3.49 28.64 -22.99
CA MET E 217 3.38 29.97 -22.42
C MET E 217 2.27 30.69 -23.16
N ASP E 218 1.35 31.30 -22.40
CA ASP E 218 0.31 32.13 -22.97
C ASP E 218 0.50 33.56 -22.48
N ARG E 219 0.04 34.51 -23.29
CA ARG E 219 0.12 35.92 -22.98
C ARG E 219 -1.25 36.52 -23.28
N VAL E 220 -1.87 37.11 -22.27
CA VAL E 220 -3.27 37.54 -22.35
C VAL E 220 -3.42 38.90 -21.71
N TRP E 221 -4.35 39.70 -22.24
CA TRP E 221 -4.65 40.98 -21.63
C TRP E 221 -6.00 41.47 -22.12
N SER E 222 -6.57 42.41 -21.37
CA SER E 222 -7.85 43.02 -21.71
C SER E 222 -7.99 44.34 -20.94
N PRO E 223 -8.70 45.33 -21.49
CA PRO E 223 -9.01 46.52 -20.71
C PRO E 223 -10.22 46.35 -19.81
N LEU E 224 -10.98 45.26 -19.96
CA LEU E 224 -12.19 45.01 -19.20
C LEU E 224 -12.02 43.81 -18.26
N SER E 225 -12.83 43.80 -17.22
CA SER E 225 -12.76 42.72 -16.24
C SER E 225 -13.44 41.47 -16.78
N TRP E 226 -13.22 40.36 -16.08
CA TRP E 226 -13.76 39.08 -16.55
C TRP E 226 -15.27 39.12 -16.71
N PRO E 227 -16.05 39.58 -15.73
CA PRO E 227 -17.51 39.65 -15.94
C PRO E 227 -17.89 40.44 -17.17
N GLN E 228 -17.08 41.41 -17.59
CA GLN E 228 -17.39 42.27 -18.72
C GLN E 228 -17.03 41.64 -20.06
N VAL E 229 -16.26 40.55 -20.08
CA VAL E 229 -15.88 39.91 -21.33
C VAL E 229 -16.43 38.51 -21.46
N MET E 230 -16.90 37.89 -20.38
CA MET E 230 -17.33 36.50 -20.47
C MET E 230 -18.29 36.19 -19.35
N THR E 231 -19.03 35.09 -19.53
CA THR E 231 -19.69 34.42 -18.43
C THR E 231 -19.06 33.08 -18.11
N GLU E 232 -18.28 32.51 -19.03
CA GLU E 232 -17.67 31.21 -18.82
C GLU E 232 -16.50 31.04 -19.79
N SER E 233 -15.48 30.29 -19.34
CA SER E 233 -14.29 30.04 -20.13
C SER E 233 -13.88 28.58 -19.98
N TYR E 234 -13.23 28.05 -21.02
CA TYR E 234 -12.57 26.75 -20.95
C TYR E 234 -11.18 26.85 -21.54
N TYR E 235 -10.21 26.27 -20.84
CA TYR E 235 -8.82 26.20 -21.27
C TYR E 235 -8.40 24.75 -21.42
N LEU E 236 -7.66 24.46 -22.48
CA LEU E 236 -7.05 23.15 -22.66
C LEU E 236 -5.72 23.34 -23.38
N ARG E 237 -4.66 22.74 -22.84
CA ARG E 237 -3.40 22.59 -23.55
C ARG E 237 -2.92 21.17 -23.37
N THR E 238 -2.61 20.51 -24.49
CA THR E 238 -2.32 19.08 -24.47
C THR E 238 -1.39 18.72 -25.61
N GLN E 239 -0.58 17.68 -25.39
CA GLN E 239 0.17 16.98 -26.43
C GLN E 239 -0.38 15.56 -26.50
N VAL E 240 -1.01 15.22 -27.62
CA VAL E 240 -1.61 13.91 -27.82
C VAL E 240 -0.84 13.16 -28.91
N GLY E 241 0.19 12.43 -28.52
CA GLY E 241 1.04 11.77 -29.48
C GLY E 241 1.71 12.76 -30.40
N PRO E 242 1.44 12.67 -31.71
CA PRO E 242 2.03 13.63 -32.64
C PRO E 242 1.32 14.96 -32.63
N TYR E 243 0.13 15.01 -32.06
CA TYR E 243 -0.69 16.21 -32.03
C TYR E 243 -0.31 17.09 -30.85
N ALA E 244 -0.67 18.37 -30.98
CA ALA E 244 -0.61 19.33 -29.89
C ALA E 244 -1.69 20.36 -30.20
N MET E 245 -2.51 20.67 -29.21
CA MET E 245 -3.54 21.69 -29.40
C MET E 245 -3.57 22.61 -28.19
N GLN E 246 -4.17 23.78 -28.40
CA GLN E 246 -4.39 24.76 -27.35
C GLN E 246 -5.71 25.44 -27.62
N ILE E 247 -6.54 25.59 -26.59
CA ILE E 247 -7.89 26.09 -26.75
C ILE E 247 -8.20 27.06 -25.62
N MET E 248 -8.80 28.19 -25.96
CA MET E 248 -9.48 29.07 -25.02
C MET E 248 -10.82 29.41 -25.67
N ARG E 249 -11.92 29.09 -24.97
CA ARG E 249 -13.27 29.35 -25.47
C ARG E 249 -14.04 30.11 -24.41
N ILE E 250 -14.68 31.20 -24.81
CA ILE E 250 -15.50 31.99 -23.89
C ILE E 250 -16.90 32.14 -24.46
N PHE E 251 -17.89 32.05 -23.58
CA PHE E 251 -19.21 32.59 -23.89
C PHE E 251 -19.29 34.04 -23.45
N PRO E 252 -19.96 34.88 -24.22
CA PRO E 252 -19.90 36.33 -23.97
C PRO E 252 -20.56 36.69 -22.66
N PRO E 253 -20.43 37.94 -22.22
CA PRO E 253 -21.06 38.34 -20.96
C PRO E 253 -22.57 38.28 -21.05
N ALA E 254 -23.21 38.20 -19.88
CA ALA E 254 -24.65 38.20 -19.82
C ALA E 254 -25.21 39.43 -20.51
N GLY E 255 -26.34 39.26 -21.19
CA GLY E 255 -26.93 40.34 -21.94
C GLY E 255 -26.36 40.57 -23.30
N SER E 256 -25.26 39.89 -23.64
CA SER E 256 -24.68 39.97 -24.97
C SER E 256 -25.29 38.89 -25.87
N GLU E 257 -25.50 39.25 -27.12
CA GLU E 257 -26.00 38.31 -28.11
C GLU E 257 -24.90 37.77 -29.01
N ASP E 258 -23.65 38.13 -28.72
CA ASP E 258 -22.53 37.70 -29.53
C ASP E 258 -22.40 36.17 -29.52
N GLN E 259 -21.76 35.66 -30.57
CA GLN E 259 -21.40 34.26 -30.60
C GLN E 259 -20.30 34.00 -29.56
N PRO E 260 -20.09 32.74 -29.18
CA PRO E 260 -18.87 32.42 -28.42
C PRO E 260 -17.64 32.80 -29.23
N SER E 261 -16.55 33.04 -28.52
CA SER E 261 -15.26 33.30 -29.14
C SER E 261 -14.29 32.19 -28.79
N THR E 262 -13.28 32.01 -29.63
CA THR E 262 -12.24 31.04 -29.30
C THR E 262 -10.93 31.42 -29.99
N MET E 263 -9.84 31.06 -29.32
CA MET E 263 -8.49 31.09 -29.89
C MET E 263 -8.00 29.65 -29.78
N ALA E 264 -8.16 28.89 -30.86
CA ALA E 264 -7.97 27.44 -30.85
C ALA E 264 -6.99 27.02 -31.94
N ARG E 265 -6.03 26.18 -31.60
CA ARG E 265 -4.94 25.83 -32.50
C ARG E 265 -4.63 24.34 -32.40
N LEU E 266 -4.48 23.70 -33.57
CA LEU E 266 -4.13 22.28 -33.63
C LEU E 266 -2.90 22.08 -34.51
N TYR E 267 -1.89 21.41 -33.97
CA TYR E 267 -0.66 21.06 -34.67
C TYR E 267 -0.56 19.55 -34.84
N ARG E 268 0.30 19.13 -35.77
CA ARG E 268 0.66 17.72 -35.97
C ARG E 268 2.13 17.62 -36.34
N GLU E 269 2.90 16.91 -35.52
CA GLU E 269 4.35 16.80 -35.73
C GLU E 269 5.00 18.17 -35.87
N GLY E 270 4.42 19.17 -35.21
CA GLY E 270 4.95 20.53 -35.27
C GLY E 270 4.41 21.36 -36.41
N GLN E 271 3.57 20.80 -37.26
CA GLN E 271 2.96 21.53 -38.35
C GLN E 271 1.61 22.07 -37.90
N LEU E 272 1.44 23.38 -38.01
CA LEU E 272 0.14 23.99 -37.75
C LEU E 272 -0.85 23.53 -38.82
N VAL E 273 -1.87 22.78 -38.41
CA VAL E 273 -2.80 22.16 -39.34
C VAL E 273 -4.23 22.68 -39.24
N CYS E 274 -4.62 23.34 -38.16
CA CYS E 274 -5.95 23.95 -38.13
C CYS E 274 -5.93 25.16 -37.20
N VAL E 275 -6.59 26.23 -37.65
CA VAL E 275 -6.62 27.51 -36.96
C VAL E 275 -8.08 27.94 -36.86
N ALA E 276 -8.62 27.96 -35.64
CA ALA E 276 -10.02 28.27 -35.41
C ALA E 276 -10.15 29.50 -34.52
N GLN E 277 -10.94 30.47 -34.98
CA GLN E 277 -11.39 31.62 -34.20
C GLN E 277 -12.88 31.62 -33.98
N HIS E 278 -13.59 30.64 -34.54
CA HIS E 278 -15.04 30.63 -34.54
C HIS E 278 -15.55 29.35 -33.91
N VAL E 279 -16.70 29.44 -33.25
CA VAL E 279 -17.30 28.34 -32.52
C VAL E 279 -18.65 28.03 -33.13
N VAL E 280 -18.89 26.76 -33.47
CA VAL E 280 -20.15 26.34 -34.05
C VAL E 280 -20.65 25.09 -33.33
N THR E 281 -21.96 24.88 -33.44
CA THR E 281 -22.62 23.67 -32.97
C THR E 281 -23.31 23.01 -34.15
N ARG E 282 -23.30 21.69 -34.18
CA ARG E 282 -23.94 20.93 -35.27
C ARG E 282 -25.43 21.27 -35.37
N ALA E 285 -23.17 22.94 -39.11
CA ALA E 285 -23.33 24.38 -38.97
C ALA E 285 -22.89 25.12 -40.24
N LEU E 286 -22.86 26.45 -40.16
CA LEU E 286 -22.67 27.28 -41.35
C LEU E 286 -21.30 27.02 -42.00
N MET E 287 -20.22 27.18 -41.24
CA MET E 287 -18.87 26.85 -41.70
C MET E 287 -18.35 27.88 -42.70
N THR E 288 -18.45 29.15 -42.33
CA THR E 288 -17.77 30.20 -43.09
C THR E 288 -16.29 30.25 -42.79
N HIS E 289 -15.85 29.64 -41.69
CA HIS E 289 -14.46 29.66 -41.28
C HIS E 289 -14.07 28.32 -40.70
N ASP E 290 -12.77 28.07 -40.63
CA ASP E 290 -12.28 26.97 -39.81
C ASP E 290 -12.78 27.16 -38.38
N SER E 291 -13.46 26.14 -37.86
CA SER E 291 -14.21 26.29 -36.62
C SER E 291 -13.84 25.23 -35.61
N LEU E 292 -14.19 25.53 -34.36
CA LEU E 292 -14.07 24.63 -33.23
C LEU E 292 -15.47 24.23 -32.76
N ILE E 293 -15.64 22.95 -32.46
CA ILE E 293 -16.84 22.44 -31.80
C ILE E 293 -16.41 21.92 -30.45
N LEU E 294 -16.99 22.48 -29.38
CA LEU E 294 -16.60 22.16 -28.02
C LEU E 294 -17.87 21.86 -27.23
N SER E 295 -18.08 20.59 -26.91
CA SER E 295 -19.30 20.13 -26.25
C SER E 295 -18.98 19.54 -24.90
N LYS E 296 -19.78 19.90 -23.89
CA LYS E 296 -19.65 19.27 -22.57
C LYS E 296 -20.24 17.86 -22.60
N GLN E 297 -19.50 16.92 -22.02
CA GLN E 297 -20.00 15.57 -21.79
C GLN E 297 -20.69 15.58 -20.44
N ASP E 298 -22.01 15.60 -20.45
CA ASP E 298 -22.81 15.65 -19.22
C ASP E 298 -23.36 14.26 -18.92
N ASN E 299 -22.41 13.33 -18.73
CA ASN E 299 -22.68 11.92 -18.90
C ASN E 299 -21.35 11.19 -18.88
N SER E 300 -21.21 10.19 -18.02
CA SER E 300 -19.92 9.55 -17.79
C SER E 300 -19.85 8.26 -18.60
N ASP E 301 -18.76 8.11 -19.36
CA ASP E 301 -18.41 6.85 -19.99
C ASP E 301 -17.23 6.18 -19.27
N SER E 302 -17.15 6.40 -17.97
CA SER E 302 -16.05 5.90 -17.14
C SER E 302 -16.35 6.25 -15.69
N GLU E 303 -15.68 5.54 -14.79
CA GLU E 303 -15.78 5.83 -13.37
C GLU E 303 -14.57 6.58 -12.83
N ASP E 304 -13.43 6.50 -13.52
CA ASP E 304 -12.23 7.24 -13.11
C ASP E 304 -12.25 8.63 -13.74
N VAL E 305 -13.21 9.42 -13.28
CA VAL E 305 -13.44 10.78 -13.78
C VAL E 305 -13.93 11.62 -12.62
N VAL E 306 -13.67 12.93 -12.69
CA VAL E 306 -14.14 13.86 -11.68
C VAL E 306 -15.03 14.90 -12.34
N THR E 307 -15.84 15.58 -11.52
CA THR E 307 -16.50 16.81 -11.90
C THR E 307 -15.84 17.97 -11.17
N GLY E 308 -16.14 19.20 -11.61
CA GLY E 308 -15.74 20.34 -10.82
C GLY E 308 -16.50 20.35 -9.51
N GLY E 309 -16.20 21.27 -8.61
CA GLY E 309 -16.86 21.31 -7.32
C GLY E 309 -18.07 22.20 -7.26
N TYR E 310 -18.63 22.63 -8.40
CA TYR E 310 -19.71 23.61 -8.38
C TYR E 310 -20.91 23.11 -9.17
N ARG E 311 -21.72 24.01 -9.75
CA ARG E 311 -22.95 23.54 -10.34
C ARG E 311 -22.77 22.87 -11.69
N ASP E 312 -21.60 23.03 -12.32
CA ASP E 312 -21.30 22.38 -13.60
C ASP E 312 -20.84 20.96 -13.32
N LYS E 313 -21.63 19.96 -13.75
CA LYS E 313 -21.35 18.57 -13.44
C LYS E 313 -20.75 17.81 -14.61
N ASN E 314 -20.22 18.51 -15.61
CA ASN E 314 -19.67 17.79 -16.76
C ASN E 314 -18.42 17.04 -16.34
N THR E 315 -18.20 15.89 -16.98
CA THR E 315 -17.04 15.05 -16.73
C THR E 315 -16.00 15.19 -17.82
N GLY E 316 -16.18 16.13 -18.73
CA GLY E 316 -15.21 16.35 -19.79
C GLY E 316 -15.86 17.03 -20.97
N TYR E 317 -15.15 16.98 -22.10
CA TYR E 317 -15.54 17.68 -23.31
C TYR E 317 -15.22 16.83 -24.53
N THR E 318 -15.97 17.09 -25.59
CA THR E 318 -15.62 16.67 -26.94
C THR E 318 -15.07 17.88 -27.69
N VAL E 319 -13.84 17.78 -28.18
CA VAL E 319 -13.20 18.84 -28.94
C VAL E 319 -13.10 18.40 -30.39
N GLU E 320 -13.60 19.24 -31.30
CA GLU E 320 -13.58 18.92 -32.72
C GLU E 320 -13.14 20.14 -33.51
N PHE E 321 -12.01 20.02 -34.20
CA PHE E 321 -11.55 21.00 -35.18
C PHE E 321 -12.12 20.66 -36.55
N VAL E 322 -12.60 21.67 -37.25
CA VAL E 322 -13.37 21.49 -38.49
C VAL E 322 -12.93 22.54 -39.51
N GLU E 323 -12.30 22.09 -40.59
CA GLU E 323 -12.01 22.98 -41.72
C GLU E 323 -13.29 23.39 -42.43
N LYS E 324 -13.29 24.61 -42.98
CA LYS E 324 -14.39 25.02 -43.82
C LYS E 324 -14.33 24.26 -45.15
N GLY E 325 -15.38 24.40 -45.95
CA GLY E 325 -15.41 23.80 -47.27
C GLY E 325 -16.07 22.43 -47.30
N ASN E 326 -16.47 22.02 -48.51
CA ASN E 326 -17.12 20.74 -48.72
C ASN E 326 -16.19 19.56 -48.55
N GLU E 327 -14.87 19.78 -48.53
CA GLU E 327 -13.90 18.71 -48.35
C GLU E 327 -13.08 18.92 -47.08
N GLY E 328 -13.66 19.57 -46.08
CA GLY E 328 -12.90 19.93 -44.90
C GLY E 328 -12.49 18.71 -44.09
N GLN E 329 -11.24 18.73 -43.62
CA GLN E 329 -10.77 17.76 -42.64
C GLN E 329 -11.51 17.93 -41.32
N ARG E 330 -11.58 16.84 -40.55
CA ARG E 330 -12.10 16.86 -39.20
C ARG E 330 -11.12 16.14 -38.29
N TRP E 331 -10.85 16.74 -37.14
CA TRP E 331 -10.16 16.07 -36.05
C TRP E 331 -11.10 16.00 -34.86
N LYS E 332 -10.97 14.95 -34.07
CA LYS E 332 -11.81 14.78 -32.90
C LYS E 332 -10.97 14.28 -31.73
N PHE E 333 -11.27 14.81 -30.55
CA PHE E 333 -10.58 14.39 -29.34
C PHE E 333 -11.60 14.31 -28.21
N GLN E 334 -11.54 13.22 -27.45
CA GLN E 334 -12.29 13.10 -26.21
C GLN E 334 -11.46 13.64 -25.06
N VAL E 335 -12.06 14.49 -24.24
CA VAL E 335 -11.42 15.05 -23.05
C VAL E 335 -12.20 14.60 -21.84
N ARG E 336 -11.51 13.95 -20.90
CA ARG E 336 -12.12 13.52 -19.63
C ARG E 336 -11.34 14.10 -18.47
N HIS E 337 -12.05 14.79 -17.57
CA HIS E 337 -11.46 15.29 -16.33
C HIS E 337 -11.08 14.11 -15.43
N GLU E 338 -9.79 13.95 -15.15
CA GLU E 338 -9.36 12.85 -14.31
C GLU E 338 -8.96 13.27 -12.90
N ARG E 339 -8.42 14.47 -12.72
CA ARG E 339 -7.94 14.92 -11.42
C ARG E 339 -8.25 16.40 -11.24
N ILE E 340 -8.52 16.77 -10.00
CA ILE E 340 -8.72 18.17 -9.64
C ILE E 340 -7.38 18.79 -9.28
N ILE E 341 -7.01 19.85 -9.98
CA ILE E 341 -5.87 20.67 -9.57
C ILE E 341 -6.30 21.75 -8.58
N TRP E 342 -7.46 22.37 -8.80
CA TRP E 342 -7.99 23.37 -7.88
C TRP E 342 -9.49 23.51 -8.09
N ASN E 343 -10.16 23.98 -7.03
CA ASN E 343 -11.56 24.41 -7.06
C ASN E 343 -11.64 25.74 -6.32
N THR E 344 -12.02 26.79 -7.04
CA THR E 344 -12.11 28.16 -6.52
C THR E 344 -13.51 28.69 -6.72
N PRO E 345 -14.17 29.20 -5.68
CA PRO E 345 -15.53 29.73 -5.87
C PRO E 345 -15.52 31.04 -6.66
N THR E 346 -16.61 31.28 -7.38
CA THR E 346 -16.85 32.57 -8.03
C THR E 346 -18.20 33.14 -7.63
N SER E 347 -18.85 32.60 -6.60
CA SER E 347 -20.15 33.05 -6.14
C SER E 347 -20.27 32.72 -4.66
N ARG E 348 -21.35 33.21 -4.06
CA ARG E 348 -21.70 32.82 -2.71
C ARG E 348 -21.94 31.32 -2.67
N PRO E 349 -21.80 30.69 -1.51
CA PRO E 349 -22.10 29.26 -1.40
C PRO E 349 -23.57 28.98 -1.64
N GLY E 350 -23.87 27.71 -1.93
CA GLY E 350 -25.23 27.30 -2.16
C GLY E 350 -25.32 26.22 -3.22
N PRO E 351 -26.51 25.62 -3.38
CA PRO E 351 -26.64 24.53 -4.35
C PRO E 351 -26.40 24.97 -5.78
N ASP E 352 -26.48 26.26 -6.06
CA ASP E 352 -26.25 26.79 -7.41
C ASP E 352 -24.95 27.60 -7.47
N ALA E 353 -24.00 27.28 -6.60
CA ALA E 353 -22.74 28.00 -6.62
C ALA E 353 -22.00 27.76 -7.93
N THR E 354 -21.32 28.79 -8.41
CA THR E 354 -20.46 28.70 -9.58
C THR E 354 -18.99 28.74 -9.15
N GLY E 355 -18.14 28.17 -9.98
CA GLY E 355 -16.74 28.13 -9.63
C GLY E 355 -15.75 28.09 -10.77
N ASN E 356 -14.49 27.86 -10.39
CA ASN E 356 -13.33 27.87 -11.27
C ASN E 356 -12.53 26.61 -10.92
N THR E 357 -12.28 25.76 -11.92
CA THR E 357 -11.68 24.45 -11.68
C THR E 357 -10.53 24.23 -12.64
N GLY E 358 -9.38 23.79 -12.12
CA GLY E 358 -8.30 23.25 -12.93
C GLY E 358 -8.33 21.73 -12.90
N PHE E 359 -8.13 21.13 -14.07
CA PHE E 359 -8.14 19.67 -14.21
C PHE E 359 -6.81 19.16 -14.75
N VAL E 360 -6.45 17.95 -14.34
CA VAL E 360 -5.64 17.07 -15.17
C VAL E 360 -6.57 16.39 -16.14
N GLU E 361 -6.32 16.58 -17.44
CA GLU E 361 -7.16 16.03 -18.49
C GLU E 361 -6.46 14.82 -19.11
N VAL E 362 -7.25 13.79 -19.43
CA VAL E 362 -6.79 12.68 -20.26
C VAL E 362 -7.55 12.74 -21.57
N LEU E 363 -6.82 12.61 -22.68
CA LEU E 363 -7.39 12.75 -24.01
C LEU E 363 -7.06 11.55 -24.88
N CYS E 364 -7.96 11.27 -25.80
CA CYS E 364 -7.79 10.26 -26.82
C CYS E 364 -8.41 10.78 -28.10
N GLY E 365 -7.73 10.56 -29.22
CA GLY E 365 -8.39 10.91 -30.48
C GLY E 365 -7.39 11.12 -31.61
N GLY E 366 -7.81 11.95 -32.57
CA GLY E 366 -7.08 12.18 -33.79
C GLY E 366 -8.06 12.34 -34.93
N THR E 367 -7.64 12.02 -36.15
CA THR E 367 -8.61 11.92 -37.23
C THR E 367 -9.23 10.53 -37.21
N ILE E 368 -10.35 10.40 -37.94
CA ILE E 368 -11.10 9.14 -37.95
C ILE E 368 -10.16 7.97 -38.16
N GLY E 369 -10.33 6.94 -37.34
CA GLY E 369 -9.46 5.78 -37.35
C GLY E 369 -8.27 5.89 -36.42
N GLU E 370 -7.90 7.09 -36.02
CA GLU E 370 -6.84 7.28 -35.04
C GLU E 370 -7.42 7.30 -33.63
N SER E 371 -6.57 6.99 -32.66
CA SER E 371 -6.92 7.13 -31.27
C SER E 371 -5.63 7.35 -30.49
N TYR E 372 -4.90 8.41 -30.85
CA TYR E 372 -3.76 8.81 -30.04
C TYR E 372 -4.23 9.17 -28.64
N GLU E 373 -3.30 9.08 -27.69
CA GLU E 373 -3.62 9.38 -26.30
C GLU E 373 -2.61 10.37 -25.73
N GLY E 374 -3.10 11.22 -24.84
CA GLY E 374 -2.25 12.18 -24.17
C GLY E 374 -2.94 12.71 -22.94
N VAL E 375 -2.19 13.53 -22.20
CA VAL E 375 -2.70 14.25 -21.05
C VAL E 375 -2.62 15.74 -21.35
N GLY E 376 -3.43 16.51 -20.63
CA GLY E 376 -3.46 17.94 -20.83
C GLY E 376 -3.84 18.66 -19.55
N THR E 377 -3.48 19.94 -19.52
CA THR E 377 -3.98 20.83 -18.48
C THR E 377 -5.29 21.42 -18.96
N GLY E 378 -6.30 21.39 -18.09
CA GLY E 378 -7.59 21.93 -18.43
C GLY E 378 -8.08 22.83 -17.32
N GLY E 379 -8.98 23.75 -17.70
CA GLY E 379 -9.59 24.65 -16.76
C GLY E 379 -10.92 25.19 -17.24
N GLN E 380 -11.96 25.13 -16.42
CA GLN E 380 -13.23 25.77 -16.72
C GLN E 380 -13.59 26.75 -15.61
N CYS E 381 -14.34 27.78 -15.97
CA CYS E 381 -14.69 28.85 -15.05
C CYS E 381 -16.02 29.45 -15.47
N GLU E 382 -16.97 29.47 -14.54
CA GLU E 382 -18.28 30.08 -14.76
C GLU E 382 -18.46 31.22 -13.77
N LEU E 383 -18.91 32.37 -14.25
CA LEU E 383 -19.11 33.54 -13.42
C LEU E 383 -20.57 33.70 -13.05
N SER E 384 -20.82 34.50 -12.01
CA SER E 384 -22.19 34.79 -11.57
C SER E 384 -22.41 36.28 -11.37
N MET F 11 69.64 41.57 -0.58
CA MET F 11 69.70 42.29 -1.85
C MET F 11 69.17 43.72 -1.68
N SER F 12 69.96 44.70 -2.11
CA SER F 12 69.62 46.10 -1.96
C SER F 12 68.82 46.64 -3.14
N ASN F 13 69.20 46.29 -4.36
CA ASN F 13 68.56 46.84 -5.56
C ASN F 13 67.27 46.08 -5.88
N VAL F 14 66.28 46.23 -4.98
CA VAL F 14 65.00 45.53 -5.07
C VAL F 14 63.95 46.44 -5.71
N THR F 15 62.98 45.82 -6.37
CA THR F 15 61.77 46.49 -6.84
C THR F 15 60.60 46.05 -5.96
N VAL F 16 59.80 47.01 -5.48
CA VAL F 16 58.92 46.78 -4.34
C VAL F 16 57.55 47.39 -4.58
N SER F 17 56.51 46.67 -4.16
CA SER F 17 55.16 47.18 -3.98
C SER F 17 54.81 46.99 -2.52
N ALA F 18 54.76 48.09 -1.76
CA ALA F 18 54.56 48.05 -0.32
C ALA F 18 53.19 48.60 0.01
N PHE F 19 52.35 47.77 0.65
CA PHE F 19 50.99 48.13 1.01
C PHE F 19 50.81 48.15 2.52
N THR F 20 50.04 49.13 2.99
CA THR F 20 49.48 49.12 4.34
C THR F 20 47.97 49.26 4.24
N VAL F 21 47.26 48.65 5.20
CA VAL F 21 45.81 48.64 5.13
C VAL F 21 45.20 50.01 5.38
N ASP F 22 45.99 50.96 5.89
CA ASP F 22 45.51 52.31 6.14
C ASP F 22 45.66 53.24 4.94
N LYS F 23 46.62 52.96 4.05
CA LYS F 23 46.94 53.89 2.99
C LYS F 23 46.70 53.36 1.58
N SER F 24 46.67 52.04 1.37
CA SER F 24 46.77 51.47 0.04
C SER F 24 45.43 51.11 -0.59
N ILE F 25 44.33 51.15 0.16
CA ILE F 25 43.01 50.78 -0.35
C ILE F 25 42.29 52.05 -0.80
N SER F 26 41.64 51.97 -1.96
CA SER F 26 41.09 53.16 -2.63
C SER F 26 39.59 53.02 -2.84
N GLU F 27 38.88 54.14 -2.68
CA GLU F 27 37.46 54.23 -3.02
C GLU F 27 37.22 54.49 -4.50
N GLU F 28 38.26 54.86 -5.25
CA GLU F 28 38.18 55.04 -6.69
C GLU F 28 39.02 53.97 -7.37
N HIS F 29 38.67 53.65 -8.61
CA HIS F 29 39.34 52.53 -9.29
C HIS F 29 40.65 53.00 -9.93
N VAL F 30 41.55 52.03 -10.13
CA VAL F 30 42.91 52.27 -10.60
C VAL F 30 43.18 51.40 -11.82
N LEU F 31 44.15 51.84 -12.61
CA LEU F 31 44.56 51.11 -13.81
C LEU F 31 45.54 50.00 -13.45
N PRO F 32 45.10 48.75 -13.39
CA PRO F 32 46.04 47.65 -13.10
C PRO F 32 47.02 47.43 -14.24
N SER F 33 48.23 47.01 -13.88
CA SER F 33 49.20 46.59 -14.88
C SER F 33 48.61 45.46 -15.72
N SER F 34 49.07 45.34 -16.95
CA SER F 34 48.50 44.37 -17.87
C SER F 34 49.05 42.97 -17.63
N PHE F 35 48.24 41.97 -18.00
CA PHE F 35 48.69 40.58 -17.98
C PHE F 35 49.83 40.40 -18.98
N ILE F 36 50.88 39.72 -18.55
CA ILE F 36 52.08 39.52 -19.36
C ILE F 36 52.09 38.07 -19.84
N PRO F 37 51.83 37.81 -21.11
CA PRO F 37 51.80 36.44 -21.61
C PRO F 37 53.13 35.74 -21.35
N GLY F 38 53.05 34.47 -20.96
CA GLY F 38 54.22 33.65 -20.70
C GLY F 38 54.85 33.82 -19.34
N SER F 39 54.34 34.73 -18.50
CA SER F 39 54.95 35.03 -17.22
C SER F 39 54.10 34.49 -16.08
N GLY F 40 54.75 34.23 -14.94
CA GLY F 40 54.03 33.92 -13.74
C GLY F 40 53.20 35.07 -13.22
N ASN F 41 53.51 36.29 -13.63
CA ASN F 41 52.79 37.48 -13.16
C ASN F 41 52.77 37.56 -11.63
N ILE F 42 53.89 37.17 -11.00
CA ILE F 42 53.91 37.13 -9.53
C ILE F 42 53.73 38.52 -8.93
N PHE F 43 54.37 39.53 -9.53
CA PHE F 43 54.37 40.85 -8.94
C PHE F 43 52.95 41.42 -8.93
N PRO F 44 52.59 42.19 -7.90
CA PRO F 44 51.24 42.77 -7.86
C PRO F 44 50.94 43.58 -9.12
N LYS F 45 49.68 43.51 -9.57
CA LYS F 45 49.22 44.28 -10.71
C LYS F 45 48.73 45.68 -10.32
N PHE F 46 48.10 45.79 -9.14
CA PHE F 46 47.76 47.09 -8.54
C PHE F 46 48.97 47.50 -7.70
N THR F 47 49.91 48.20 -8.34
CA THR F 47 51.24 48.31 -7.76
C THR F 47 51.32 49.34 -6.64
N SER F 48 50.57 50.43 -6.70
CA SER F 48 50.68 51.47 -5.69
C SER F 48 49.40 51.69 -4.89
N ALA F 49 48.24 51.39 -5.45
CA ALA F 49 46.99 51.39 -4.69
C ALA F 49 46.08 50.35 -5.32
N ILE F 50 45.10 49.89 -4.54
CA ILE F 50 44.19 48.85 -5.02
C ILE F 50 42.74 49.31 -4.83
N PRO F 51 41.93 49.30 -5.89
CA PRO F 51 40.51 49.67 -5.73
C PRO F 51 39.81 48.76 -4.72
N LYS F 52 38.73 49.30 -4.14
CA LYS F 52 38.06 48.65 -3.02
C LYS F 52 37.39 47.34 -3.42
N THR F 53 36.99 47.21 -4.69
CA THR F 53 36.40 45.97 -5.17
C THR F 53 37.43 44.98 -5.70
N ALA F 54 38.61 45.45 -6.09
CA ALA F 54 39.62 44.61 -6.70
C ALA F 54 40.27 43.70 -5.67
N TRP F 55 40.90 42.63 -6.17
CA TRP F 55 41.56 41.66 -5.29
C TRP F 55 42.68 40.98 -6.05
N GLU F 56 43.65 40.49 -5.28
CA GLU F 56 44.80 39.75 -5.80
C GLU F 56 45.09 38.58 -4.86
N LEU F 57 45.46 37.45 -5.45
CA LEU F 57 45.66 36.21 -4.69
C LEU F 57 46.96 35.57 -5.11
N TRP F 58 47.72 35.09 -4.11
CA TRP F 58 48.80 34.14 -4.31
C TRP F 58 48.43 32.89 -3.53
N TYR F 59 48.26 31.76 -4.24
CA TYR F 59 47.64 30.56 -3.69
C TYR F 59 48.62 29.38 -3.77
N PHE F 60 48.67 28.60 -2.69
CA PHE F 60 49.58 27.46 -2.60
C PHE F 60 48.87 26.30 -1.91
N ASP F 61 49.00 25.08 -2.45
CA ASP F 61 48.47 23.93 -1.72
C ASP F 61 49.31 22.68 -1.99
N GLY F 62 49.00 21.64 -1.24
CA GLY F 62 49.63 20.35 -1.44
C GLY F 62 48.83 19.30 -0.71
N ILE F 63 48.83 18.09 -1.24
CA ILE F 63 48.06 16.99 -0.67
C ILE F 63 48.85 15.70 -0.86
N SER F 64 48.95 14.92 0.21
CA SER F 64 49.75 13.70 0.19
C SER F 64 48.91 12.55 -0.34
N LYS F 65 49.42 11.90 -1.39
CA LYS F 65 48.76 10.71 -1.92
C LYS F 65 48.81 9.55 -0.94
N ASP F 66 49.79 9.54 -0.03
CA ASP F 66 49.97 8.39 0.87
C ASP F 66 49.02 8.45 2.06
N ASP F 67 48.79 9.62 2.64
CA ASP F 67 47.91 9.71 3.80
C ASP F 67 46.84 10.79 3.66
N LYS F 68 46.77 11.48 2.54
CA LYS F 68 45.67 12.41 2.25
C LYS F 68 45.61 13.58 3.20
N SER F 69 46.71 13.87 3.89
CA SER F 69 46.85 15.15 4.56
C SER F 69 47.06 16.23 3.50
N SER F 70 46.72 17.47 3.86
CA SER F 70 46.70 18.54 2.87
C SER F 70 46.92 19.89 3.56
N ILE F 71 47.50 20.81 2.80
CA ILE F 71 47.74 22.16 3.30
C ILE F 71 47.34 23.14 2.21
N VAL F 72 46.57 24.15 2.58
CA VAL F 72 46.03 25.12 1.63
C VAL F 72 46.28 26.51 2.17
N ILE F 73 46.93 27.35 1.37
CA ILE F 73 47.35 28.69 1.77
C ILE F 73 46.84 29.68 0.74
N GLY F 74 46.11 30.71 1.21
CA GLY F 74 45.70 31.81 0.38
C GLY F 74 46.20 33.14 0.92
N VAL F 75 47.09 33.80 0.19
CA VAL F 75 47.63 35.09 0.61
C VAL F 75 47.08 36.13 -0.33
N THR F 76 46.38 37.13 0.22
CA THR F 76 45.56 38.01 -0.60
C THR F 76 45.85 39.48 -0.30
N ARG F 77 45.52 40.32 -1.29
CA ARG F 77 45.34 41.76 -1.11
C ARG F 77 43.92 42.10 -1.53
N ASN F 78 43.13 42.64 -0.60
CA ASN F 78 41.79 43.13 -0.91
C ASN F 78 41.28 43.88 0.32
N ALA F 79 40.16 44.57 0.15
CA ALA F 79 39.60 45.40 1.20
C ALA F 79 38.74 44.62 2.20
N GLU F 80 38.54 43.32 1.98
CA GLU F 80 37.76 42.53 2.93
C GLU F 80 38.24 42.74 4.36
N GLY F 81 39.55 42.78 4.56
CA GLY F 81 40.10 42.90 5.90
C GLY F 81 40.19 44.31 6.44
N LEU F 82 39.66 45.30 5.70
CA LEU F 82 39.75 46.69 6.14
C LEU F 82 39.15 46.88 7.53
N LYS F 83 38.18 46.05 7.92
CA LYS F 83 37.58 46.12 9.24
C LYS F 83 38.20 45.16 10.24
N HIS F 84 39.04 44.23 9.79
CA HIS F 84 39.65 43.25 10.68
C HIS F 84 41.14 43.53 10.93
N GLY F 85 41.68 44.59 10.35
CA GLY F 85 43.00 45.07 10.71
C GLY F 85 44.13 44.77 9.75
N GLY F 86 43.86 44.33 8.53
CA GLY F 86 44.93 44.10 7.59
C GLY F 86 44.49 43.21 6.43
N PHE F 87 45.48 42.84 5.62
CA PHE F 87 45.25 41.97 4.47
C PHE F 87 45.22 40.52 4.90
N LYS F 88 44.34 39.75 4.27
CA LYS F 88 44.00 38.42 4.75
C LYS F 88 44.96 37.35 4.23
N VAL F 89 45.28 36.41 5.11
CA VAL F 89 45.95 35.16 4.75
C VAL F 89 45.14 34.03 5.36
N GLN F 90 44.75 33.07 4.53
CA GLN F 90 44.01 31.90 4.99
C GLN F 90 44.94 30.70 5.02
N VAL F 91 44.93 29.99 6.14
CA VAL F 91 45.74 28.78 6.32
C VAL F 91 44.79 27.65 6.67
N PHE F 92 44.82 26.58 5.88
CA PHE F 92 44.05 25.39 6.16
C PHE F 92 44.99 24.20 6.18
N VAL F 93 44.83 23.33 7.16
CA VAL F 93 45.49 22.03 7.13
C VAL F 93 44.49 20.98 7.55
N ILE F 94 44.67 19.77 7.03
CA ILE F 94 43.91 18.62 7.48
C ILE F 94 44.90 17.49 7.70
N TRP F 95 44.85 16.88 8.87
CA TRP F 95 45.73 15.76 9.18
C TRP F 95 45.25 14.51 8.45
N ALA F 96 46.13 13.49 8.45
CA ALA F 96 45.76 12.21 7.85
C ALA F 96 44.53 11.61 8.52
N ASP F 97 44.28 11.92 9.79
CA ASP F 97 43.13 11.39 10.50
C ASP F 97 41.88 12.28 10.37
N GLU F 98 41.94 13.31 9.55
CA GLU F 98 40.82 14.16 9.14
C GLU F 98 40.51 15.25 10.16
N ARG F 99 41.25 15.38 11.25
CA ARG F 99 41.18 16.61 12.02
C ARG F 99 41.70 17.76 11.17
N THR F 100 41.20 18.96 11.43
CA THR F 100 41.54 20.13 10.66
C THR F 100 41.92 21.28 11.57
N TRP F 101 42.62 22.24 10.99
CA TRP F 101 42.97 23.48 11.66
C TRP F 101 42.91 24.59 10.62
N HIS F 102 42.39 25.74 11.03
CA HIS F 102 42.20 26.84 10.09
C HIS F 102 42.12 28.17 10.82
N ARG F 103 42.76 29.18 10.25
CA ARG F 103 42.71 30.54 10.76
C ARG F 103 42.71 31.50 9.58
N ASP F 104 41.90 32.55 9.69
CA ASP F 104 42.06 33.73 8.86
C ASP F 104 42.90 34.71 9.65
N LEU F 105 44.03 35.14 9.07
CA LEU F 105 44.94 36.05 9.74
C LEU F 105 45.05 37.32 8.91
N PHE F 106 45.08 38.46 9.60
CA PHE F 106 45.04 39.76 8.93
C PHE F 106 46.30 40.53 9.30
N PHE F 107 47.02 40.98 8.28
CA PHE F 107 48.30 41.64 8.47
C PHE F 107 48.23 43.07 7.97
N PRO F 108 48.60 44.05 8.80
CA PRO F 108 48.57 45.45 8.35
C PRO F 108 49.40 45.72 7.11
N GLU F 109 50.54 45.05 6.95
CA GLU F 109 51.45 45.32 5.85
C GLU F 109 51.52 44.14 4.90
N SER F 110 51.72 44.45 3.62
CA SER F 110 51.96 43.43 2.59
C SER F 110 52.97 44.02 1.61
N VAL F 111 54.15 43.41 1.51
CA VAL F 111 55.21 43.88 0.64
C VAL F 111 55.61 42.76 -0.30
N VAL F 112 55.61 43.03 -1.59
CA VAL F 112 56.11 42.10 -2.60
C VAL F 112 57.28 42.75 -3.31
N SER F 113 58.40 42.05 -3.38
CA SER F 113 59.62 42.60 -3.94
C SER F 113 60.27 41.61 -4.90
N ILE F 114 61.05 42.14 -5.82
CA ILE F 114 61.95 41.37 -6.68
C ILE F 114 63.37 41.78 -6.31
N ASN F 115 64.19 40.82 -5.88
CA ASN F 115 65.52 41.15 -5.41
C ASN F 115 66.53 41.06 -6.56
N GLU F 116 67.81 41.19 -6.25
CA GLU F 116 68.82 41.35 -7.28
C GLU F 116 69.00 40.09 -8.11
N SER F 117 68.60 38.93 -7.57
CA SER F 117 68.73 37.66 -8.28
C SER F 117 67.45 37.26 -9.01
N GLY F 118 66.44 38.12 -9.01
CA GLY F 118 65.18 37.80 -9.65
C GLY F 118 64.20 37.03 -8.79
N VAL F 119 64.49 36.84 -7.50
CA VAL F 119 63.58 36.15 -6.60
C VAL F 119 62.47 37.10 -6.17
N THR F 120 61.23 36.65 -6.26
CA THR F 120 60.09 37.45 -5.83
C THR F 120 59.67 37.02 -4.43
N ASP F 121 59.77 37.94 -3.47
CA ASP F 121 59.41 37.70 -2.09
C ASP F 121 58.12 38.44 -1.74
N GLY F 122 57.25 37.76 -1.00
CA GLY F 122 56.08 38.42 -0.48
C GLY F 122 56.06 38.25 1.02
N ILE F 123 55.78 39.33 1.76
CA ILE F 123 55.77 39.26 3.22
C ILE F 123 54.55 40.00 3.75
N TRP F 124 53.66 39.26 4.41
CA TRP F 124 52.52 39.81 5.13
C TRP F 124 52.92 39.87 6.60
N LYS F 125 52.93 41.08 7.17
CA LYS F 125 53.44 41.22 8.53
C LYS F 125 52.70 42.33 9.26
N ASP F 126 52.78 42.29 10.59
CA ASP F 126 52.46 43.46 11.39
C ASP F 126 53.73 44.28 11.61
N ALA F 127 53.55 45.56 11.93
CA ALA F 127 54.66 46.52 11.88
C ALA F 127 55.90 46.00 12.61
N THR F 128 55.71 45.42 13.80
CA THR F 128 56.85 44.95 14.59
C THR F 128 57.48 43.68 14.03
N SER F 129 56.92 43.10 12.97
CA SER F 129 57.43 41.87 12.39
C SER F 129 57.28 40.71 13.37
N ASN F 130 56.64 40.97 14.52
CA ASN F 130 56.43 39.91 15.49
C ASN F 130 55.65 38.76 14.90
N SER F 131 54.76 39.04 13.93
CA SER F 131 54.03 38.03 13.19
C SER F 131 54.22 38.27 11.70
N SER F 132 54.62 37.23 10.97
CA SER F 132 54.71 37.34 9.52
C SER F 132 54.41 35.98 8.87
N ILE F 133 53.87 36.05 7.66
CA ILE F 133 53.84 34.91 6.74
C ILE F 133 54.42 35.39 5.43
N SER F 134 55.37 34.65 4.89
CA SER F 134 56.08 35.08 3.69
C SER F 134 56.12 33.95 2.68
N PHE F 135 56.16 34.32 1.40
CA PHE F 135 56.44 33.39 0.33
C PHE F 135 57.61 33.92 -0.51
N SER F 136 58.22 33.02 -1.27
CA SER F 136 59.38 33.36 -2.08
C SER F 136 59.42 32.44 -3.29
N CYS F 137 59.48 33.04 -4.49
CA CYS F 137 59.44 32.31 -5.75
C CYS F 137 60.73 32.55 -6.53
N ALA F 138 61.40 31.47 -6.92
CA ALA F 138 62.59 31.61 -7.74
C ALA F 138 62.25 32.35 -9.03
N GLY F 139 63.25 33.03 -9.59
CA GLY F 139 63.02 33.78 -10.81
C GLY F 139 62.52 32.92 -11.96
N ASP F 140 63.01 31.69 -12.03
CA ASP F 140 62.59 30.76 -13.07
C ASP F 140 61.42 29.88 -12.63
N LEU F 141 60.83 30.16 -11.47
CA LEU F 141 59.65 29.42 -10.98
C LEU F 141 59.91 27.93 -10.84
N SER F 142 61.18 27.54 -10.66
CA SER F 142 61.50 26.14 -10.40
C SER F 142 61.15 25.73 -8.98
N LYS F 143 61.00 26.69 -8.08
CA LYS F 143 60.74 26.39 -6.68
C LYS F 143 60.01 27.55 -6.03
N ALA F 144 59.31 27.25 -4.94
CA ALA F 144 58.71 28.25 -4.10
C ALA F 144 58.66 27.71 -2.68
N SER F 145 58.67 28.62 -1.71
CA SER F 145 58.64 28.23 -0.31
C SER F 145 57.90 29.29 0.47
N LEU F 146 57.39 28.90 1.62
CA LEU F 146 56.72 29.82 2.53
C LEU F 146 57.29 29.64 3.93
N VAL F 147 57.31 30.74 4.68
CA VAL F 147 57.69 30.72 6.09
C VAL F 147 56.53 31.27 6.89
N PHE F 148 56.10 30.50 7.90
CA PHE F 148 55.04 30.90 8.81
C PHE F 148 55.66 31.23 10.16
N ASP F 149 55.50 32.47 10.59
CA ASP F 149 56.07 32.91 11.86
C ASP F 149 55.06 33.81 12.58
N VAL F 150 53.99 33.17 13.08
CA VAL F 150 52.96 33.82 13.87
C VAL F 150 52.98 33.20 15.26
N PRO F 151 53.75 33.75 16.20
CA PRO F 151 53.89 33.13 17.51
C PRO F 151 52.54 32.85 18.16
N GLY F 152 52.42 31.67 18.75
CA GLY F 152 51.18 31.28 19.41
C GLY F 152 50.03 31.01 18.46
N VAL F 153 50.26 31.07 17.16
CA VAL F 153 49.22 30.77 16.17
C VAL F 153 49.73 29.70 15.21
N VAL F 154 50.70 30.04 14.36
CA VAL F 154 51.24 29.08 13.39
C VAL F 154 52.71 29.41 13.14
N GLN F 155 53.55 28.37 13.15
CA GLN F 155 54.96 28.48 12.79
C GLN F 155 55.39 27.24 12.00
N GLY F 156 56.22 27.45 10.99
CA GLY F 156 56.70 26.35 10.17
C GLY F 156 57.06 26.84 8.78
N ASP F 157 57.10 25.89 7.84
CA ASP F 157 57.46 26.23 6.46
C ASP F 157 56.77 25.27 5.51
N MET F 158 56.85 25.62 4.23
CA MET F 158 56.25 24.87 3.13
C MET F 158 57.16 25.04 1.92
N HIS F 159 57.39 23.95 1.18
CA HIS F 159 58.24 24.02 0.00
C HIS F 159 57.57 23.34 -1.18
N LEU F 160 57.68 23.97 -2.35
CA LEU F 160 57.15 23.46 -3.60
C LEU F 160 58.27 23.42 -4.62
N GLU F 161 58.43 22.29 -5.29
CA GLU F 161 59.35 22.15 -6.40
C GLU F 161 58.53 21.90 -7.65
N ALA F 162 58.71 22.75 -8.65
CA ALA F 162 58.08 22.51 -9.94
C ALA F 162 58.50 21.15 -10.49
N LEU F 163 57.51 20.41 -11.06
CA LEU F 163 57.87 19.11 -11.64
C LEU F 163 58.30 19.28 -13.10
N PRO F 164 59.13 18.37 -13.60
CA PRO F 164 59.57 18.47 -15.00
C PRO F 164 58.41 18.52 -15.98
N GLY F 165 58.62 19.22 -17.11
CA GLY F 165 57.72 19.18 -18.24
C GLY F 165 57.25 20.57 -18.64
N ASP F 166 56.16 20.61 -19.40
CA ASP F 166 55.62 21.88 -19.84
C ASP F 166 55.17 22.72 -18.65
N THR F 167 55.45 24.03 -18.71
CA THR F 167 55.07 24.93 -17.63
C THR F 167 53.63 25.39 -17.74
N GLY F 168 53.08 25.42 -18.96
CA GLY F 168 51.74 25.94 -19.20
C GLY F 168 51.63 27.45 -19.18
N LEU F 169 52.75 28.17 -19.01
CA LEU F 169 52.69 29.61 -18.83
C LEU F 169 52.51 30.35 -20.16
N ASP F 170 52.64 29.66 -21.29
CA ASP F 170 52.37 30.26 -22.60
C ASP F 170 50.92 30.09 -23.02
N THR F 171 49.98 30.00 -22.07
CA THR F 171 48.59 29.75 -22.40
C THR F 171 47.70 30.90 -21.92
N ASP F 172 46.48 30.93 -22.46
CA ASP F 172 45.49 31.92 -22.10
C ASP F 172 45.13 31.84 -20.63
N ALA F 173 45.35 32.93 -19.90
CA ALA F 173 45.04 32.98 -18.48
C ALA F 173 43.71 33.67 -18.18
N ARG F 174 42.95 34.07 -19.19
CA ARG F 174 41.66 34.68 -18.92
C ARG F 174 40.70 33.69 -18.29
N LEU F 175 39.95 34.16 -17.30
CA LEU F 175 38.85 33.41 -16.69
C LEU F 175 37.61 34.28 -16.83
N GLY F 176 36.99 34.22 -18.01
CA GLY F 176 35.89 35.11 -18.33
C GLY F 176 36.37 36.51 -18.65
N PRO F 177 35.44 37.47 -18.64
CA PRO F 177 35.80 38.83 -19.06
C PRO F 177 36.59 39.63 -18.02
N SER F 178 36.59 39.24 -16.74
CA SER F 178 37.03 40.14 -15.70
C SER F 178 38.16 39.60 -14.82
N VAL F 179 38.67 38.40 -15.07
CA VAL F 179 39.61 37.75 -14.15
C VAL F 179 40.75 37.12 -14.93
N TYR F 180 41.95 37.19 -14.37
CA TYR F 180 43.10 36.44 -14.86
C TYR F 180 43.47 35.36 -13.86
N TYR F 181 43.67 34.14 -14.34
CA TYR F 181 43.99 33.00 -13.49
C TYR F 181 45.26 32.37 -14.04
N VAL F 182 46.40 32.78 -13.49
CA VAL F 182 47.70 32.28 -13.93
C VAL F 182 48.12 31.17 -12.97
N ARG F 183 48.98 30.28 -13.45
CA ARG F 183 49.42 29.13 -12.66
C ARG F 183 50.94 29.09 -12.69
N PRO F 184 51.59 29.92 -11.87
CA PRO F 184 53.07 29.98 -11.91
C PRO F 184 53.72 28.62 -11.80
N ILE F 185 53.20 27.75 -10.94
CA ILE F 185 53.65 26.37 -10.82
C ILE F 185 52.40 25.50 -10.91
N GLY F 186 52.13 24.96 -12.09
CA GLY F 186 50.96 24.12 -12.25
C GLY F 186 51.08 22.81 -11.48
N ARG F 187 52.25 22.18 -11.51
CA ARG F 187 52.46 20.85 -10.97
C ARG F 187 53.71 20.89 -10.11
N ALA F 188 53.57 20.57 -8.83
CA ALA F 188 54.67 20.65 -7.90
C ALA F 188 54.63 19.46 -6.96
N SER F 189 55.81 18.99 -6.57
CA SER F 189 55.93 18.18 -5.38
C SER F 189 56.06 19.12 -4.19
N VAL F 190 55.47 18.73 -3.06
CA VAL F 190 55.31 19.64 -1.95
C VAL F 190 55.70 18.96 -0.64
N LYS F 191 56.22 19.77 0.27
CA LYS F 191 56.47 19.38 1.64
C LYS F 191 56.06 20.53 2.54
N ALA F 192 55.67 20.22 3.77
CA ALA F 192 55.35 21.28 4.72
C ALA F 192 55.35 20.71 6.12
N GLN F 193 55.74 21.55 7.09
CA GLN F 193 55.66 21.19 8.49
C GLN F 193 55.28 22.42 9.30
N LEU F 194 54.35 22.25 10.23
CA LEU F 194 53.77 23.38 10.96
C LEU F 194 53.56 23.00 12.41
N SER F 195 53.66 24.00 13.27
CA SER F 195 53.19 23.93 14.65
C SER F 195 51.96 24.83 14.73
N LEU F 196 50.85 24.27 15.20
CA LEU F 196 49.55 24.93 15.11
C LEU F 196 48.95 25.04 16.49
N TYR F 197 48.63 26.26 16.90
CA TYR F 197 48.21 26.53 18.27
C TYR F 197 46.69 26.54 18.39
N SER F 198 46.22 26.17 19.58
CA SER F 198 44.80 26.22 19.88
C SER F 198 44.31 27.67 19.89
N SER F 199 43.00 27.82 20.06
CA SER F 199 42.42 29.16 20.15
C SER F 199 43.14 30.02 21.18
N ASP F 200 43.30 29.49 22.40
CA ASP F 200 43.86 30.27 23.50
C ASP F 200 45.38 30.22 23.56
N ALA F 201 46.04 29.59 22.58
CA ALA F 201 47.49 29.62 22.42
C ALA F 201 48.22 28.87 23.54
N THR F 202 47.53 28.01 24.27
CA THR F 202 48.14 27.27 25.38
C THR F 202 48.65 25.89 24.98
N ALA F 203 48.20 25.34 23.85
CA ALA F 203 48.64 24.04 23.37
C ALA F 203 48.89 24.11 21.88
N ALA F 204 49.69 23.18 21.38
CA ALA F 204 50.04 23.15 19.97
C ALA F 204 50.12 21.71 19.49
N GLU F 205 49.71 21.51 18.24
CA GLU F 205 49.82 20.23 17.58
C GLU F 205 50.75 20.38 16.38
N GLN F 206 51.60 19.38 16.17
CA GLN F 206 52.54 19.37 15.08
C GLN F 206 51.91 18.77 13.83
N PHE F 207 52.21 19.35 12.68
CA PHE F 207 51.69 18.86 11.41
C PHE F 207 52.85 18.65 10.44
N SER F 208 52.88 17.47 9.82
CA SER F 208 53.83 17.14 8.77
C SER F 208 53.05 16.66 7.54
N LEU F 209 53.16 17.40 6.43
CA LEU F 209 52.51 16.96 5.21
C LEU F 209 53.06 15.58 4.83
N GLY F 210 52.15 14.68 4.45
CA GLY F 210 52.53 13.31 4.13
C GLY F 210 53.34 13.20 2.86
N THR F 211 53.97 12.05 2.69
CA THR F 211 54.85 11.82 1.55
C THR F 211 54.05 11.70 0.27
N SER F 212 54.75 11.80 -0.86
CA SER F 212 54.12 11.76 -2.18
C SER F 212 53.03 12.81 -2.27
N ALA F 213 53.38 14.04 -1.92
CA ALA F 213 52.47 15.16 -1.92
C ALA F 213 52.66 15.96 -3.20
N ASN F 214 51.54 16.35 -3.80
CA ASN F 214 51.54 17.15 -5.02
C ASN F 214 50.73 18.42 -4.76
N GLY F 215 51.03 19.47 -5.50
CA GLY F 215 50.35 20.73 -5.31
C GLY F 215 50.72 21.73 -6.37
N GLY F 216 50.82 23.00 -6.01
CA GLY F 216 51.24 23.99 -6.96
C GLY F 216 50.91 25.39 -6.48
N MET F 217 51.10 26.35 -7.38
CA MET F 217 50.89 27.75 -7.08
C MET F 217 50.04 28.36 -8.18
N ASP F 218 48.99 29.06 -7.76
CA ASP F 218 48.17 29.84 -8.67
C ASP F 218 48.35 31.32 -8.35
N ARG F 219 48.06 32.15 -9.35
CA ARG F 219 48.15 33.60 -9.24
C ARG F 219 46.92 34.21 -9.89
N VAL F 220 46.07 34.87 -9.11
CA VAL F 220 44.76 35.30 -9.57
C VAL F 220 44.54 36.76 -9.18
N TRP F 221 43.90 37.53 -10.07
CA TRP F 221 43.54 38.90 -9.72
C TRP F 221 42.35 39.36 -10.55
N SER F 222 41.73 40.45 -10.08
CA SER F 222 40.56 41.02 -10.75
C SER F 222 40.27 42.43 -10.23
N PRO F 223 39.84 43.35 -11.09
CA PRO F 223 39.38 44.66 -10.60
C PRO F 223 37.98 44.66 -10.04
N LEU F 224 37.22 43.58 -10.24
CA LEU F 224 35.85 43.45 -9.77
C LEU F 224 35.78 42.47 -8.61
N SER F 225 34.82 42.70 -7.70
CA SER F 225 34.62 41.83 -6.57
C SER F 225 34.01 40.50 -7.03
N TRP F 226 34.03 39.52 -6.12
CA TRP F 226 33.57 38.19 -6.49
C TRP F 226 32.12 38.17 -6.97
N PRO F 227 31.15 38.73 -6.25
CA PRO F 227 29.77 38.75 -6.76
C PRO F 227 29.64 39.38 -8.13
N GLN F 228 30.58 40.23 -8.53
CA GLN F 228 30.52 40.85 -9.83
C GLN F 228 31.14 39.99 -10.94
N VAL F 229 31.73 38.85 -10.61
CA VAL F 229 32.38 38.04 -11.65
C VAL F 229 31.88 36.61 -11.65
N MET F 230 31.09 36.22 -10.65
CA MET F 230 30.68 34.82 -10.60
C MET F 230 29.52 34.63 -9.64
N THR F 231 28.74 33.59 -9.90
CA THR F 231 27.81 33.06 -8.91
C THR F 231 28.37 31.82 -8.22
N GLU F 232 29.18 31.02 -8.91
CA GLU F 232 29.73 29.80 -8.34
C GLU F 232 31.06 29.48 -8.99
N SER F 233 31.87 28.68 -8.28
CA SER F 233 33.20 28.30 -8.74
C SER F 233 33.55 26.90 -8.23
N TYR F 234 34.36 26.20 -9.02
CA TYR F 234 34.93 24.93 -8.59
C TYR F 234 36.42 24.94 -8.88
N TYR F 235 37.20 24.49 -7.89
CA TYR F 235 38.65 24.40 -7.97
C TYR F 235 39.04 22.92 -7.84
N LEU F 236 39.99 22.49 -8.66
CA LEU F 236 40.52 21.14 -8.53
C LEU F 236 41.97 21.11 -9.02
N ARG F 237 42.83 20.47 -8.24
CA ARG F 237 44.21 20.23 -8.61
C ARG F 237 44.56 18.81 -8.19
N THR F 238 45.13 18.02 -9.10
CA THR F 238 45.40 16.64 -8.74
C THR F 238 46.42 16.03 -9.69
N GLN F 239 47.22 15.10 -9.15
CA GLN F 239 48.02 14.17 -9.93
C GLN F 239 47.33 12.81 -9.88
N VAL F 240 47.06 12.21 -11.04
CA VAL F 240 46.35 10.94 -11.14
C VAL F 240 47.20 10.04 -12.03
N GLY F 241 47.99 9.16 -11.44
CA GLY F 241 48.97 8.43 -12.18
C GLY F 241 49.83 9.39 -12.99
N PRO F 242 49.91 9.19 -14.30
CA PRO F 242 50.68 10.11 -15.14
C PRO F 242 49.99 11.43 -15.42
N TYR F 243 48.70 11.55 -15.12
CA TYR F 243 47.94 12.75 -15.43
C TYR F 243 48.02 13.73 -14.26
N ALA F 244 48.16 15.01 -14.60
CA ALA F 244 48.03 16.10 -13.65
C ALA F 244 47.07 17.12 -14.24
N MET F 245 46.16 17.62 -13.40
CA MET F 245 45.20 18.58 -13.92
C MET F 245 44.98 19.70 -12.92
N GLN F 246 44.65 20.87 -13.45
CA GLN F 246 44.23 22.02 -12.66
C GLN F 246 42.99 22.60 -13.32
N ILE F 247 41.95 22.82 -12.52
CA ILE F 247 40.69 23.34 -13.05
C ILE F 247 40.23 24.50 -12.18
N MET F 248 39.90 25.61 -12.81
CA MET F 248 39.01 26.61 -12.23
C MET F 248 37.85 26.81 -13.18
N ARG F 249 36.63 26.63 -12.68
CA ARG F 249 35.43 26.80 -13.49
C ARG F 249 34.48 27.72 -12.75
N ILE F 250 33.99 28.76 -13.42
CA ILE F 250 33.06 29.72 -12.83
C ILE F 250 31.81 29.82 -13.69
N PHE F 251 30.67 29.95 -13.03
CA PHE F 251 29.42 30.40 -13.62
C PHE F 251 29.30 31.91 -13.47
N PRO F 252 28.84 32.61 -14.51
CA PRO F 252 28.93 34.07 -14.51
C PRO F 252 27.97 34.70 -13.51
N PRO F 253 28.15 35.97 -13.20
CA PRO F 253 27.31 36.61 -12.18
C PRO F 253 25.84 36.57 -12.54
N ALA F 254 25.02 36.94 -11.56
CA ALA F 254 23.58 36.84 -11.71
C ALA F 254 23.09 37.68 -12.90
N GLY F 255 22.32 37.04 -13.78
CA GLY F 255 21.79 37.72 -14.94
C GLY F 255 22.84 38.06 -15.97
N SER F 256 23.51 37.02 -16.48
CA SER F 256 24.56 37.18 -17.49
C SER F 256 24.32 36.18 -18.60
N GLU F 257 24.45 36.65 -19.84
CA GLU F 257 24.33 35.79 -21.01
C GLU F 257 25.62 35.03 -21.33
N ASP F 258 26.70 35.27 -20.60
CA ASP F 258 27.97 34.59 -20.86
C ASP F 258 27.85 33.11 -20.53
N GLN F 259 28.63 32.30 -21.25
CA GLN F 259 28.78 30.89 -20.90
C GLN F 259 29.61 30.75 -19.62
N PRO F 260 29.57 29.58 -18.98
CA PRO F 260 30.54 29.30 -17.93
C PRO F 260 31.96 29.46 -18.47
N SER F 261 32.86 29.92 -17.60
CA SER F 261 34.26 30.11 -17.96
C SER F 261 35.13 29.13 -17.20
N THR F 262 36.26 28.74 -17.82
CA THR F 262 37.18 27.83 -17.16
C THR F 262 38.61 28.14 -17.60
N MET F 263 39.54 27.95 -16.67
CA MET F 263 40.97 27.89 -16.95
C MET F 263 41.37 26.49 -16.51
N ALA F 264 41.45 25.55 -17.45
CA ALA F 264 41.59 24.14 -17.12
C ALA F 264 42.69 23.52 -17.96
N ARG F 265 43.49 22.65 -17.34
CA ARG F 265 44.69 22.14 -17.98
C ARG F 265 44.91 20.69 -17.58
N LEU F 266 45.26 19.86 -18.57
CA LEU F 266 45.56 18.45 -18.35
C LEU F 266 46.97 18.16 -18.85
N TYR F 267 47.73 17.46 -18.03
CA TYR F 267 49.09 17.03 -18.37
C TYR F 267 49.13 15.51 -18.31
N ARG F 268 49.89 14.91 -19.21
CA ARG F 268 50.23 13.48 -19.13
C ARG F 268 51.75 13.36 -19.10
N GLU F 269 52.28 12.89 -17.97
CA GLU F 269 53.72 12.85 -17.73
C GLU F 269 54.41 14.13 -18.21
N GLY F 270 53.88 15.27 -17.76
CA GLY F 270 54.53 16.53 -18.01
C GLY F 270 54.22 17.19 -19.34
N GLN F 271 53.54 16.50 -20.26
CA GLN F 271 53.15 17.10 -21.53
C GLN F 271 51.78 17.75 -21.39
N LEU F 272 51.69 19.03 -21.71
CA LEU F 272 50.41 19.73 -21.78
C LEU F 272 49.61 19.19 -22.96
N VAL F 273 48.58 18.40 -22.69
CA VAL F 273 47.82 17.73 -23.74
C VAL F 273 46.43 18.32 -23.96
N CYS F 274 45.90 19.12 -23.03
CA CYS F 274 44.58 19.73 -23.23
C CYS F 274 44.58 21.10 -22.57
N VAL F 275 44.30 22.14 -23.37
CA VAL F 275 44.31 23.52 -22.90
C VAL F 275 42.89 24.08 -23.05
N ALA F 276 42.04 23.77 -22.07
CA ALA F 276 40.60 24.04 -22.18
C ALA F 276 40.29 25.42 -21.61
N GLN F 277 39.86 26.33 -22.48
CA GLN F 277 39.29 27.59 -22.06
C GLN F 277 37.77 27.65 -22.24
N HIS F 278 37.15 26.56 -22.70
CA HIS F 278 35.71 26.52 -22.91
C HIS F 278 35.08 25.36 -22.14
N VAL F 279 33.92 25.62 -21.56
CA VAL F 279 33.11 24.62 -20.88
C VAL F 279 31.97 24.21 -21.82
N VAL F 280 31.86 22.92 -22.10
CA VAL F 280 30.79 22.39 -22.94
C VAL F 280 30.07 21.30 -22.17
N THR F 281 28.94 20.84 -22.73
CA THR F 281 28.16 19.79 -22.11
C THR F 281 28.13 18.50 -22.91
N ARG F 282 28.56 18.52 -24.18
CA ARG F 282 28.72 17.33 -25.00
C ARG F 282 30.12 17.28 -25.58
N GLU F 283 30.59 16.08 -25.91
CA GLU F 283 31.90 15.94 -26.53
C GLU F 283 31.96 16.52 -27.94
N ASP F 284 30.82 16.65 -28.63
CA ASP F 284 30.82 17.17 -29.99
C ASP F 284 30.37 18.62 -30.05
N ALA F 285 30.35 19.33 -28.91
CA ALA F 285 29.78 20.67 -28.87
C ALA F 285 30.72 21.70 -29.48
N LEU F 286 32.03 21.48 -29.42
CA LEU F 286 32.98 22.52 -29.78
C LEU F 286 34.32 21.85 -30.17
N MET F 287 34.30 21.12 -31.29
CA MET F 287 35.42 20.25 -31.63
C MET F 287 36.60 21.00 -32.23
N THR F 288 36.50 22.30 -32.45
CA THR F 288 37.65 23.12 -32.86
C THR F 288 38.45 23.66 -31.68
N HIS F 289 38.02 23.39 -30.44
CA HIS F 289 38.63 23.93 -29.23
C HIS F 289 38.81 22.82 -28.21
N ASP F 290 39.97 22.81 -27.54
CA ASP F 290 40.09 21.99 -26.35
C ASP F 290 39.02 22.43 -25.35
N SER F 291 38.28 21.47 -24.81
CA SER F 291 37.11 21.79 -24.00
C SER F 291 37.07 20.94 -22.74
N LEU F 292 36.32 21.45 -21.77
CA LEU F 292 36.08 20.76 -20.49
C LEU F 292 34.60 20.46 -20.36
N ILE F 293 34.28 19.24 -19.94
CA ILE F 293 32.96 18.89 -19.44
C ILE F 293 33.10 18.69 -17.93
N LEU F 294 32.37 19.50 -17.15
CA LEU F 294 32.46 19.45 -15.69
C LEU F 294 31.04 19.38 -15.13
N SER F 295 30.60 18.18 -14.77
CA SER F 295 29.21 17.95 -14.39
C SER F 295 29.13 17.45 -12.96
N LYS F 296 28.29 18.08 -12.15
CA LYS F 296 28.12 17.65 -10.78
C LYS F 296 27.46 16.28 -10.75
N GLN F 297 27.92 15.45 -9.83
CA GLN F 297 27.40 14.11 -9.65
C GLN F 297 26.65 14.02 -8.33
N ASP F 298 25.79 13.01 -8.24
CA ASP F 298 25.12 12.72 -6.98
C ASP F 298 24.90 11.21 -6.95
N ASN F 299 25.81 10.51 -6.29
CA ASN F 299 25.74 9.07 -6.14
C ASN F 299 25.34 8.66 -4.72
N SER F 300 24.58 9.54 -4.05
CA SER F 300 24.01 9.20 -2.75
C SER F 300 23.19 7.92 -2.82
N ASP F 301 22.64 7.60 -4.00
CA ASP F 301 21.74 6.46 -4.15
C ASP F 301 22.46 5.13 -4.35
N SER F 302 23.78 5.11 -4.41
CA SER F 302 24.45 3.87 -4.77
C SER F 302 25.81 3.65 -4.11
N GLU F 303 26.22 4.48 -3.13
CA GLU F 303 27.51 4.28 -2.48
C GLU F 303 27.71 5.37 -1.43
N ASP F 304 28.74 5.18 -0.59
CA ASP F 304 29.08 6.18 0.41
C ASP F 304 29.58 7.45 -0.26
N VAL F 305 29.24 8.60 0.32
CA VAL F 305 29.59 9.90 -0.23
C VAL F 305 29.74 10.89 0.91
N VAL F 306 30.43 11.99 0.62
CA VAL F 306 30.44 13.16 1.50
C VAL F 306 30.10 14.38 0.67
N THR F 307 29.48 15.37 1.30
CA THR F 307 29.02 16.57 0.62
C THR F 307 29.41 17.81 1.42
N GLY F 308 29.36 18.95 0.75
CA GLY F 308 29.52 20.21 1.44
C GLY F 308 28.43 20.43 2.47
N GLY F 309 28.61 21.49 3.27
CA GLY F 309 27.71 21.74 4.37
C GLY F 309 26.67 22.81 4.11
N TYR F 310 26.36 23.06 2.84
CA TYR F 310 25.35 24.06 2.51
C TYR F 310 24.34 23.49 1.52
N ARG F 311 23.74 24.33 0.68
CA ARG F 311 22.58 23.86 -0.09
C ARG F 311 22.96 22.98 -1.28
N ASP F 312 24.25 22.86 -1.61
CA ASP F 312 24.69 22.04 -2.74
C ASP F 312 25.09 20.66 -2.23
N LYS F 313 24.34 19.64 -2.64
CA LYS F 313 24.55 18.28 -2.14
C LYS F 313 25.23 17.36 -3.15
N ASN F 314 25.99 17.91 -4.09
CA ASN F 314 26.72 17.03 -4.98
C ASN F 314 27.74 16.20 -4.18
N THR F 315 27.96 14.98 -4.63
CA THR F 315 28.91 14.05 -4.01
C THR F 315 30.25 14.05 -4.72
N GLY F 316 30.39 14.87 -5.75
CA GLY F 316 31.57 14.85 -6.59
C GLY F 316 31.21 15.42 -7.95
N TYR F 317 32.17 15.27 -8.87
CA TYR F 317 32.05 15.76 -10.23
C TYR F 317 32.56 14.69 -11.18
N THR F 318 32.15 14.80 -12.43
CA THR F 318 32.80 14.10 -13.52
C THR F 318 33.56 15.13 -14.35
N VAL F 319 34.81 14.84 -14.67
CA VAL F 319 35.67 15.70 -15.46
C VAL F 319 35.99 14.98 -16.76
N GLU F 320 35.80 15.65 -17.89
CA GLU F 320 36.29 15.15 -19.17
C GLU F 320 37.02 16.27 -19.91
N PHE F 321 38.28 16.02 -20.24
CA PHE F 321 39.02 16.88 -21.16
C PHE F 321 38.80 16.35 -22.57
N VAL F 322 38.32 17.21 -23.46
CA VAL F 322 38.00 16.81 -24.83
C VAL F 322 38.95 17.56 -25.74
N GLU F 323 39.94 16.85 -26.28
CA GLU F 323 40.90 17.47 -27.20
C GLU F 323 40.22 17.84 -28.51
N LYS F 324 40.53 19.04 -29.00
CA LYS F 324 40.03 19.45 -30.32
C LYS F 324 40.37 18.43 -31.40
N GLY F 325 39.63 18.45 -32.49
CA GLY F 325 39.97 17.63 -33.64
C GLY F 325 39.10 16.40 -33.76
N ASN F 326 38.95 15.92 -34.99
CA ASN F 326 38.20 14.69 -35.21
C ASN F 326 38.86 13.51 -34.49
N GLU F 327 40.19 13.51 -34.44
CA GLU F 327 40.94 12.45 -33.78
C GLU F 327 41.33 12.83 -32.37
N GLY F 328 40.62 13.79 -31.77
CA GLY F 328 41.00 14.26 -30.45
C GLY F 328 40.82 13.18 -29.41
N GLN F 329 41.80 13.08 -28.50
N GLN F 329 41.79 13.07 -28.51
CA GLN F 329 41.68 12.19 -27.36
CA GLN F 329 41.65 12.15 -27.39
C GLN F 329 40.65 12.72 -26.38
C GLN F 329 40.67 12.72 -26.37
N ARG F 330 40.06 11.82 -25.61
CA ARG F 330 39.17 12.17 -24.51
C ARG F 330 39.71 11.54 -23.24
N TRP F 331 39.73 12.31 -22.16
CA TRP F 331 40.17 11.84 -20.86
C TRP F 331 39.07 12.14 -19.85
N LYS F 332 38.58 11.11 -19.17
CA LYS F 332 37.50 11.26 -18.20
C LYS F 332 37.96 10.81 -16.83
N PHE F 333 37.58 11.57 -15.79
CA PHE F 333 37.94 11.23 -14.43
C PHE F 333 36.71 11.36 -13.53
N GLN F 334 36.52 10.37 -12.66
CA GLN F 334 35.55 10.46 -11.58
C GLN F 334 36.19 11.15 -10.39
N VAL F 335 35.52 12.18 -9.88
CA VAL F 335 36.00 12.94 -8.71
C VAL F 335 34.98 12.74 -7.59
N ARG F 336 35.40 12.09 -6.51
CA ARG F 336 34.55 11.80 -5.36
C ARG F 336 35.02 12.61 -4.16
N HIS F 337 34.12 13.39 -3.58
CA HIS F 337 34.40 14.02 -2.30
C HIS F 337 34.63 12.94 -1.25
N GLU F 338 35.77 13.00 -0.57
CA GLU F 338 36.00 12.06 0.52
C GLU F 338 36.12 12.72 1.88
N ARG F 339 36.86 13.82 2.01
CA ARG F 339 37.09 14.45 3.30
C ARG F 339 36.85 15.94 3.20
N ILE F 340 36.44 16.54 4.31
CA ILE F 340 36.10 17.95 4.39
C ILE F 340 37.29 18.70 4.98
N ILE F 341 37.83 19.65 4.23
CA ILE F 341 38.88 20.52 4.74
C ILE F 341 38.29 21.75 5.44
N TRP F 342 37.20 22.30 4.92
CA TRP F 342 36.57 23.46 5.54
C TRP F 342 35.14 23.64 5.03
N ASN F 343 34.30 24.24 5.87
CA ASN F 343 33.01 24.81 5.48
C ASN F 343 32.97 26.23 6.03
N THR F 344 32.86 27.22 5.15
CA THR F 344 32.69 28.61 5.55
C THR F 344 31.55 29.24 4.77
N PRO F 345 30.68 30.01 5.42
CA PRO F 345 29.45 30.45 4.76
C PRO F 345 29.63 31.69 3.89
N THR F 346 28.71 31.82 2.92
CA THR F 346 28.62 33.00 2.08
C THR F 346 27.25 33.64 2.15
N SER F 347 26.40 33.20 3.08
CA SER F 347 25.09 33.79 3.30
C SER F 347 24.67 33.54 4.74
N ARG F 348 23.66 34.28 5.18
CA ARG F 348 23.04 33.97 6.46
C ARG F 348 22.56 32.52 6.46
N PRO F 349 22.46 31.90 7.63
CA PRO F 349 22.08 30.49 7.67
C PRO F 349 20.64 30.28 7.22
N GLY F 350 20.34 29.02 6.90
CA GLY F 350 19.01 28.64 6.47
C GLY F 350 19.06 27.47 5.52
N PRO F 351 17.93 26.76 5.36
CA PRO F 351 17.92 25.59 4.48
C PRO F 351 18.26 25.90 3.03
N ASP F 352 18.40 27.17 2.66
CA ASP F 352 18.85 27.55 1.33
C ASP F 352 20.15 28.34 1.36
N ALA F 353 20.86 28.29 2.49
CA ALA F 353 22.11 29.04 2.62
C ALA F 353 23.16 28.49 1.66
N THR F 354 24.12 29.36 1.33
CA THR F 354 25.23 29.03 0.45
C THR F 354 26.55 29.18 1.18
N GLY F 355 27.60 28.59 0.62
CA GLY F 355 28.87 28.62 1.29
C GLY F 355 30.02 28.13 0.43
N ASN F 356 31.09 27.75 1.12
CA ASN F 356 32.40 27.49 0.52
C ASN F 356 32.95 26.24 1.20
N THR F 357 33.27 25.21 0.42
CA THR F 357 33.70 23.94 0.99
C THR F 357 35.00 23.50 0.33
N GLY F 358 36.00 23.18 1.16
CA GLY F 358 37.24 22.56 0.68
C GLY F 358 37.18 21.07 0.91
N PHE F 359 37.60 20.31 -0.11
CA PHE F 359 37.52 18.86 -0.11
C PHE F 359 38.88 18.23 -0.31
N VAL F 360 39.07 17.06 0.28
CA VAL F 360 40.02 16.08 -0.22
C VAL F 360 39.26 15.20 -1.21
N GLU F 361 39.66 15.23 -2.47
CA GLU F 361 38.99 14.50 -3.54
C GLU F 361 39.76 13.23 -3.86
N VAL F 362 39.04 12.16 -4.18
CA VAL F 362 39.62 10.92 -4.68
C VAL F 362 39.20 10.77 -6.14
N LEU F 363 40.15 10.37 -6.99
CA LEU F 363 39.98 10.38 -8.44
C LEU F 363 40.34 9.03 -9.04
N CYS F 364 39.74 8.78 -10.21
CA CYS F 364 40.03 7.58 -11.00
C CYS F 364 39.66 7.85 -12.45
N GLY F 365 40.56 7.49 -13.38
CA GLY F 365 40.20 7.61 -14.79
C GLY F 365 41.43 7.68 -15.69
N GLY F 366 41.22 8.28 -16.84
CA GLY F 366 42.19 8.34 -17.94
C GLY F 366 41.44 8.31 -19.25
N THR F 367 42.11 7.82 -20.29
CA THR F 367 41.41 7.48 -21.52
C THR F 367 40.58 6.22 -21.32
N ILE F 368 39.77 5.89 -22.33
CA ILE F 368 38.95 4.69 -22.25
C ILE F 368 39.84 3.51 -21.90
N GLY F 369 39.43 2.72 -20.91
CA GLY F 369 40.18 1.58 -20.48
C GLY F 369 41.21 1.82 -19.40
N GLU F 370 41.49 3.09 -19.09
CA GLU F 370 42.44 3.43 -18.03
C GLU F 370 41.69 3.69 -16.73
N SER F 371 42.28 3.26 -15.62
CA SER F 371 41.72 3.52 -14.31
C SER F 371 42.84 3.90 -13.35
N TYR F 372 43.60 4.93 -13.71
CA TYR F 372 44.56 5.49 -12.78
C TYR F 372 43.84 6.10 -11.58
N GLU F 373 44.55 6.17 -10.46
CA GLU F 373 43.98 6.69 -9.22
C GLU F 373 44.87 7.80 -8.66
N GLY F 374 44.23 8.72 -7.95
CA GLY F 374 44.96 9.82 -7.35
C GLY F 374 44.08 10.52 -6.35
N VAL F 375 44.65 11.54 -5.71
CA VAL F 375 43.91 12.40 -4.80
C VAL F 375 44.08 13.83 -5.27
N GLY F 376 43.20 14.70 -4.76
CA GLY F 376 43.26 16.09 -5.16
C GLY F 376 42.63 17.01 -4.14
N THR F 377 43.02 18.28 -4.23
CA THR F 377 42.36 19.34 -3.50
C THR F 377 41.20 19.86 -4.34
N GLY F 378 40.05 20.03 -3.70
CA GLY F 378 38.88 20.54 -4.38
C GLY F 378 38.22 21.63 -3.55
N GLY F 379 37.62 22.57 -4.24
CA GLY F 379 36.92 23.63 -3.57
C GLY F 379 35.77 24.15 -4.41
N GLN F 380 34.58 24.18 -3.84
CA GLN F 380 33.41 24.71 -4.52
C GLN F 380 32.85 25.85 -3.69
N CYS F 381 32.56 26.96 -4.34
CA CYS F 381 32.01 28.14 -3.69
C CYS F 381 30.76 28.56 -4.43
N GLU F 382 29.72 28.87 -3.65
CA GLU F 382 28.45 29.33 -4.19
C GLU F 382 28.10 30.64 -3.51
N LEU F 383 27.71 31.64 -4.30
CA LEU F 383 27.43 32.96 -3.78
C LEU F 383 25.93 33.23 -3.78
N SER F 384 25.53 34.22 -2.99
CA SER F 384 24.13 34.65 -2.90
C SER F 384 23.98 36.09 -3.36
N MET G 11 38.31 17.75 72.26
CA MET G 11 37.58 17.54 71.01
C MET G 11 36.87 18.82 70.56
N SER G 12 37.61 19.68 69.87
CA SER G 12 37.12 21.01 69.51
C SER G 12 36.73 21.14 68.06
N ASN G 13 37.49 20.54 67.14
CA ASN G 13 37.21 20.65 65.70
C ASN G 13 36.08 19.70 65.31
N VAL G 14 34.93 19.90 65.94
CA VAL G 14 33.75 19.08 65.71
C VAL G 14 32.89 19.70 64.62
N THR G 15 32.15 18.86 63.92
CA THR G 15 31.04 19.29 63.08
C THR G 15 29.76 19.01 63.87
N VAL G 16 28.97 20.05 64.11
CA VAL G 16 27.92 20.03 65.12
C VAL G 16 26.61 20.50 64.53
N SER G 17 25.53 19.86 64.95
CA SER G 17 24.16 20.30 64.70
C SER G 17 23.49 20.41 66.07
N ALA G 18 23.42 21.62 66.60
CA ALA G 18 22.93 21.87 67.96
C ALA G 18 21.52 22.46 67.89
N PHE G 19 20.54 21.74 68.43
CA PHE G 19 19.15 22.18 68.45
C PHE G 19 18.68 22.42 69.88
N THR G 20 17.93 23.50 70.06
CA THR G 20 17.07 23.68 71.22
C THR G 20 15.64 23.86 70.74
N VAL G 21 14.69 23.39 71.54
CA VAL G 21 13.29 23.44 71.12
C VAL G 21 12.84 24.89 70.90
N ASP G 22 13.41 25.83 71.64
CA ASP G 22 12.97 27.22 71.54
C ASP G 22 13.44 27.85 70.24
N LYS G 23 14.67 27.56 69.80
CA LYS G 23 15.30 28.26 68.69
C LYS G 23 15.44 27.45 67.43
N SER G 24 15.25 26.12 67.49
CA SER G 24 15.63 25.25 66.38
C SER G 24 14.46 24.66 65.61
N ILE G 25 13.24 24.70 66.13
CA ILE G 25 12.07 24.43 65.32
C ILE G 25 11.70 25.73 64.61
N SER G 26 11.75 25.72 63.28
CA SER G 26 11.72 26.93 62.49
C SER G 26 10.36 27.08 61.80
N GLU G 27 9.79 28.29 61.88
CA GLU G 27 8.64 28.61 61.05
C GLU G 27 9.02 28.86 59.61
N GLU G 28 10.30 29.15 59.34
CA GLU G 28 10.80 29.31 57.99
C GLU G 28 11.25 27.96 57.44
N HIS G 29 11.04 27.76 56.14
CA HIS G 29 11.48 26.53 55.50
C HIS G 29 13.00 26.43 55.51
N VAL G 30 13.50 25.23 55.78
CA VAL G 30 14.93 24.93 55.73
C VAL G 30 15.16 23.86 54.68
N LEU G 31 16.27 23.97 53.95
CA LEU G 31 16.64 22.92 53.00
C LEU G 31 17.41 21.81 53.70
N PRO G 32 17.03 20.55 53.52
CA PRO G 32 17.80 19.45 54.11
C PRO G 32 19.03 19.13 53.27
N SER G 33 20.09 18.69 53.94
CA SER G 33 21.22 18.12 53.24
C SER G 33 20.76 16.92 52.41
N SER G 34 21.57 16.56 51.42
CA SER G 34 21.21 15.51 50.48
C SER G 34 21.47 14.13 51.07
N PHE G 35 20.87 13.12 50.44
CA PHE G 35 21.17 11.74 50.76
C PHE G 35 22.56 11.37 50.27
N ILE G 36 23.28 10.57 51.05
CA ILE G 36 24.68 10.23 50.79
C ILE G 36 24.76 8.73 50.47
N PRO G 37 24.98 8.35 49.22
CA PRO G 37 25.04 6.92 48.89
C PRO G 37 26.20 6.22 49.58
N GLY G 38 25.97 4.95 49.92
CA GLY G 38 26.97 4.15 50.60
C GLY G 38 27.29 4.57 52.02
N SER G 39 26.59 5.55 52.58
CA SER G 39 26.89 6.07 53.90
C SER G 39 25.76 5.79 54.87
N GLY G 40 26.10 5.77 56.16
CA GLY G 40 25.08 5.62 57.19
C GLY G 40 24.20 6.83 57.36
N ASN G 41 24.59 7.98 56.80
CA ASN G 41 23.78 9.20 56.85
C ASN G 41 23.37 9.56 58.28
N ILE G 42 24.28 9.32 59.24
CA ILE G 42 23.95 9.51 60.65
C ILE G 42 23.73 10.99 60.95
N PHE G 43 24.55 11.86 60.37
CA PHE G 43 24.48 13.27 60.70
C PHE G 43 23.12 13.83 60.29
N PRO G 44 22.57 14.76 61.07
CA PRO G 44 21.29 15.36 60.70
C PRO G 44 21.28 15.91 59.28
N LYS G 45 20.16 15.72 58.59
CA LYS G 45 19.97 16.32 57.28
C LYS G 45 19.50 17.78 57.37
N PHE G 46 18.86 18.16 58.47
CA PHE G 46 18.46 19.55 58.72
C PHE G 46 19.44 20.14 59.72
N THR G 47 20.42 20.89 59.20
CA THR G 47 21.64 21.17 59.97
C THR G 47 21.36 22.08 61.16
N SER G 48 20.75 23.25 60.93
CA SER G 48 20.62 24.27 61.96
C SER G 48 19.18 24.55 62.38
N ALA G 49 18.20 24.13 61.60
CA ALA G 49 16.80 24.32 61.98
C ALA G 49 15.95 23.31 61.21
N ILE G 50 14.89 22.83 61.86
CA ILE G 50 13.97 21.87 61.27
C ILE G 50 12.60 22.54 61.13
N PRO G 51 11.98 22.50 59.95
CA PRO G 51 10.64 23.09 59.79
C PRO G 51 9.57 22.26 60.51
N LYS G 52 8.37 22.86 60.59
CA LYS G 52 7.27 22.27 61.35
C LYS G 52 6.85 20.91 60.80
N THR G 53 7.06 20.68 59.51
CA THR G 53 6.55 19.48 58.87
C THR G 53 7.53 18.33 58.89
N ALA G 54 8.82 18.62 59.00
CA ALA G 54 9.87 17.64 58.76
C ALA G 54 10.19 16.85 60.04
N TRP G 55 10.81 15.70 59.85
CA TRP G 55 11.24 14.89 60.98
C TRP G 55 12.48 14.10 60.59
N GLU G 56 13.27 13.77 61.61
CA GLU G 56 14.40 12.88 61.49
C GLU G 56 14.29 11.83 62.58
N LEU G 57 14.75 10.62 62.28
CA LEU G 57 14.67 9.50 63.21
C LEU G 57 16.00 8.75 63.26
N TRP G 58 16.48 8.50 64.48
CA TRP G 58 17.55 7.54 64.75
C TRP G 58 16.94 6.40 65.56
N TYR G 59 16.92 5.20 64.97
CA TYR G 59 16.14 4.08 65.47
C TYR G 59 17.04 2.89 65.81
N PHE G 60 16.81 2.29 66.98
CA PHE G 60 17.60 1.16 67.45
C PHE G 60 16.66 0.12 68.04
N ASP G 61 16.93 -1.16 67.81
CA ASP G 61 16.14 -2.20 68.47
C ASP G 61 16.96 -3.48 68.60
N GLY G 62 16.44 -4.40 69.41
CA GLY G 62 17.05 -5.70 69.63
C GLY G 62 16.06 -6.69 70.22
N ILE G 63 16.18 -7.96 69.86
CA ILE G 63 15.24 -8.99 70.33
C ILE G 63 16.00 -10.28 70.57
N SER G 64 15.82 -10.85 71.76
CA SER G 64 16.54 -12.07 72.14
C SER G 64 15.87 -13.28 71.50
N LYS G 65 16.63 -14.03 70.72
CA LYS G 65 16.11 -15.27 70.16
C LYS G 65 15.79 -16.29 71.25
N ASP G 66 16.48 -16.18 72.40
CA ASP G 66 16.33 -17.21 73.43
C ASP G 66 15.10 -16.99 74.30
N ASP G 67 14.81 -15.75 74.70
CA ASP G 67 13.67 -15.52 75.57
C ASP G 67 12.70 -14.46 75.06
N LYS G 68 12.97 -13.84 73.92
CA LYS G 68 12.05 -12.92 73.25
C LYS G 68 11.84 -11.62 74.00
N SER G 69 12.69 -11.30 74.98
CA SER G 69 12.75 -9.93 75.46
C SER G 69 13.18 -9.01 74.32
N SER G 70 12.66 -7.78 74.31
CA SER G 70 12.98 -6.84 73.25
C SER G 70 13.11 -5.42 73.80
N ILE G 71 13.85 -4.61 73.06
CA ILE G 71 14.04 -3.20 73.37
C ILE G 71 14.00 -2.42 72.06
N VAL G 72 13.27 -1.32 72.05
CA VAL G 72 13.01 -0.53 70.86
C VAL G 72 13.14 0.94 71.25
N ILE G 73 14.01 1.67 70.57
CA ILE G 73 14.34 3.05 70.91
C ILE G 73 14.16 3.90 69.67
N GLY G 74 13.42 4.99 69.80
CA GLY G 74 13.28 5.95 68.73
C GLY G 74 13.69 7.34 69.18
N VAL G 75 14.77 7.85 68.60
CA VAL G 75 15.33 9.16 68.91
C VAL G 75 15.00 10.08 67.75
N THR G 76 14.28 11.17 68.03
CA THR G 76 13.68 11.95 66.96
C THR G 76 13.96 13.44 67.10
N ARG G 77 13.90 14.12 65.96
CA ARG G 77 13.71 15.55 65.87
C ARG G 77 12.45 15.82 65.06
N ASN G 78 11.64 16.78 65.51
CA ASN G 78 10.42 17.15 64.80
C ASN G 78 9.68 18.25 65.55
N ALA G 79 8.59 18.76 64.95
CA ALA G 79 7.86 19.88 65.54
C ALA G 79 6.99 19.44 66.71
N GLU G 80 6.27 18.33 66.58
CA GLU G 80 5.51 17.80 67.70
C GLU G 80 6.45 17.59 68.88
N GLY G 81 5.99 18.00 70.06
CA GLY G 81 6.84 18.05 71.23
C GLY G 81 7.15 19.45 71.69
N LEU G 82 6.97 20.45 70.81
CA LEU G 82 6.88 21.83 71.30
C LEU G 82 5.91 21.90 72.47
N LYS G 83 4.74 21.27 72.31
CA LYS G 83 3.78 21.20 73.41
C LYS G 83 4.40 20.60 74.66
N HIS G 84 5.17 19.52 74.50
CA HIS G 84 5.75 18.83 75.65
C HIS G 84 7.09 19.43 76.09
N GLY G 85 7.64 20.36 75.32
CA GLY G 85 8.82 21.07 75.75
C GLY G 85 10.15 20.50 75.31
N GLY G 86 10.18 19.71 74.25
CA GLY G 86 11.46 19.20 73.76
C GLY G 86 11.27 18.18 72.65
N PHE G 87 12.39 17.62 72.24
CA PHE G 87 12.40 16.60 71.20
C PHE G 87 12.17 15.24 71.81
N LYS G 88 11.45 14.40 71.09
CA LYS G 88 10.94 13.15 71.64
C LYS G 88 11.95 12.02 71.51
N VAL G 89 12.14 11.28 72.59
CA VAL G 89 12.76 9.96 72.56
C VAL G 89 11.75 8.94 73.06
N GLN G 90 11.55 7.87 72.31
CA GLN G 90 10.62 6.81 72.68
C GLN G 90 11.40 5.58 73.11
N VAL G 91 11.02 5.02 74.25
CA VAL G 91 11.67 3.84 74.80
C VAL G 91 10.61 2.78 75.10
N PHE G 92 10.70 1.64 74.42
CA PHE G 92 9.85 0.49 74.66
C PHE G 92 10.70 -0.70 75.07
N VAL G 93 10.22 -1.47 76.06
CA VAL G 93 10.82 -2.75 76.39
C VAL G 93 9.72 -3.75 76.65
N ILE G 94 10.01 -5.02 76.39
CA ILE G 94 9.17 -6.13 76.80
C ILE G 94 10.07 -7.19 77.42
N TRP G 95 9.73 -7.63 78.63
CA TRP G 95 10.51 -8.65 79.30
C TRP G 95 10.25 -10.02 78.67
N ALA G 96 11.17 -10.95 78.94
CA ALA G 96 10.94 -12.33 78.52
C ALA G 96 9.62 -12.86 79.08
N ASP G 97 9.27 -12.49 80.32
CA ASP G 97 8.02 -12.87 80.94
C ASP G 97 6.84 -12.00 80.50
N GLU G 98 7.04 -11.11 79.53
CA GLU G 98 5.99 -10.35 78.84
C GLU G 98 5.51 -9.11 79.59
N ARG G 99 6.14 -8.72 80.70
CA ARG G 99 5.90 -7.39 81.21
C ARG G 99 6.31 -6.34 80.18
N THR G 100 5.77 -5.14 80.34
CA THR G 100 6.03 -4.06 79.40
C THR G 100 6.39 -2.78 80.15
N TRP G 101 7.18 -1.94 79.50
CA TRP G 101 7.52 -0.61 80.00
C TRP G 101 7.72 0.31 78.80
N HIS G 102 7.21 1.53 78.90
CA HIS G 102 7.25 2.47 77.78
C HIS G 102 7.10 3.89 78.29
N ARG G 103 7.99 4.77 77.84
CA ARG G 103 7.89 6.20 78.08
C ARG G 103 8.12 6.96 76.78
N ASP G 104 7.39 8.07 76.61
CA ASP G 104 7.76 9.13 75.69
C ASP G 104 8.45 10.22 76.51
N LEU G 105 9.72 10.46 76.23
CA LEU G 105 10.51 11.46 76.93
C LEU G 105 10.83 12.59 75.98
N PHE G 106 10.89 13.81 76.53
CA PHE G 106 11.10 15.01 75.73
C PHE G 106 12.27 15.77 76.32
N PHE G 107 13.18 16.22 75.45
CA PHE G 107 14.39 16.88 75.88
C PHE G 107 14.53 18.20 75.13
N PRO G 108 14.70 19.32 75.84
CA PRO G 108 14.77 20.60 75.14
C PRO G 108 15.95 20.72 74.20
N GLU G 109 17.05 20.03 74.48
CA GLU G 109 18.27 20.15 73.71
C GLU G 109 18.59 18.83 73.02
N SER G 110 18.97 18.92 71.74
CA SER G 110 19.42 17.77 70.96
C SER G 110 20.62 18.20 70.13
N VAL G 111 21.76 17.57 70.37
CA VAL G 111 23.02 17.95 69.75
C VAL G 111 23.62 16.70 69.10
N VAL G 112 23.86 16.76 67.79
CA VAL G 112 24.55 15.72 67.06
C VAL G 112 25.84 16.29 66.50
N SER G 113 26.95 15.60 66.76
CA SER G 113 28.27 16.08 66.37
C SER G 113 29.14 14.93 65.89
N ILE G 114 30.03 15.24 64.95
CA ILE G 114 31.09 14.33 64.53
C ILE G 114 32.39 14.85 65.15
N ASN G 115 33.08 14.01 65.91
CA ASN G 115 34.29 14.46 66.58
C ASN G 115 35.52 14.17 65.72
N GLU G 116 36.69 14.50 66.26
CA GLU G 116 37.91 14.50 65.46
C GLU G 116 38.34 13.10 65.03
N SER G 117 37.82 12.06 65.69
CA SER G 117 38.11 10.68 65.31
C SER G 117 37.03 10.06 64.44
N GLY G 118 36.03 10.83 64.03
CA GLY G 118 34.98 10.33 63.17
C GLY G 118 33.82 9.67 63.88
N VAL G 119 33.72 9.77 65.19
CA VAL G 119 32.61 9.21 65.94
C VAL G 119 31.49 10.24 65.96
N THR G 120 30.27 9.79 65.69
CA THR G 120 29.09 10.64 65.74
C THR G 120 28.37 10.42 67.07
N ASP G 121 28.14 11.49 67.80
CA ASP G 121 27.43 11.45 69.07
C ASP G 121 26.16 12.29 68.98
N GLY G 122 25.04 11.68 69.35
CA GLY G 122 23.79 12.40 69.55
C GLY G 122 23.50 12.46 71.03
N ILE G 123 23.06 13.62 71.51
CA ILE G 123 22.69 13.77 72.92
C ILE G 123 21.40 14.56 73.00
N TRP G 124 20.35 13.93 73.51
CA TRP G 124 19.10 14.58 73.87
C TRP G 124 19.14 14.83 75.38
N LYS G 125 19.03 16.11 75.79
CA LYS G 125 19.32 16.46 77.18
C LYS G 125 18.33 17.50 77.70
N ASP G 126 18.02 17.37 78.98
CA ASP G 126 17.20 18.32 79.74
C ASP G 126 18.07 18.81 80.90
N ALA G 127 18.83 19.88 80.66
CA ALA G 127 19.78 20.36 81.67
C ALA G 127 19.12 20.67 83.01
N THR G 128 17.82 20.96 83.04
CA THR G 128 17.17 21.30 84.29
C THR G 128 16.97 20.07 85.18
N SER G 129 16.78 18.90 84.59
CA SER G 129 16.52 17.69 85.37
C SER G 129 17.72 16.76 85.43
N ASN G 130 18.90 17.22 84.99
CA ASN G 130 20.05 16.34 84.83
C ASN G 130 19.67 15.06 84.08
N SER G 131 18.80 15.21 83.08
CA SER G 131 18.30 14.10 82.29
C SER G 131 18.88 14.14 80.88
N SER G 132 19.18 12.96 80.34
CA SER G 132 19.68 12.90 78.96
C SER G 132 19.62 11.46 78.46
N ILE G 133 19.45 11.33 77.15
CA ILE G 133 19.66 10.08 76.42
C ILE G 133 20.57 10.39 75.24
N SER G 134 21.56 9.53 75.00
CA SER G 134 22.58 9.81 74.00
C SER G 134 22.95 8.53 73.27
N PHE G 135 23.27 8.68 71.98
CA PHE G 135 23.82 7.59 71.19
C PHE G 135 25.18 8.00 70.62
N SER G 136 25.99 7.00 70.30
CA SER G 136 27.30 7.19 69.70
C SER G 136 27.51 6.10 68.66
N CYS G 137 27.98 6.50 67.49
CA CYS G 137 28.24 5.57 66.38
C CYS G 137 29.72 5.65 66.02
N ALA G 138 30.38 4.49 65.97
CA ALA G 138 31.76 4.46 65.51
C ALA G 138 31.83 5.00 64.08
N GLY G 139 32.99 5.56 63.73
CA GLY G 139 33.18 6.06 62.39
C GLY G 139 32.85 5.04 61.31
N ASP G 140 33.17 3.77 61.56
CA ASP G 140 32.98 2.72 60.58
C ASP G 140 31.68 1.94 60.78
N LEU G 141 30.81 2.40 61.67
CA LEU G 141 29.53 1.74 61.92
C LEU G 141 29.71 0.31 62.41
N SER G 142 30.88 -0.03 62.94
CA SER G 142 31.08 -1.37 63.49
C SER G 142 30.33 -1.55 64.81
N LYS G 143 30.11 -0.46 65.54
CA LYS G 143 29.44 -0.49 66.84
C LYS G 143 28.59 0.76 67.00
N ALA G 144 27.53 0.64 67.78
CA ALA G 144 26.79 1.80 68.28
C ALA G 144 26.36 1.51 69.71
N SER G 145 26.17 2.57 70.48
CA SER G 145 25.82 2.41 71.89
C SER G 145 24.95 3.57 72.32
N LEU G 146 24.14 3.32 73.35
CA LEU G 146 23.25 4.31 73.92
C LEU G 146 23.40 4.33 75.43
N VAL G 147 23.41 5.52 76.01
CA VAL G 147 23.44 5.71 77.45
C VAL G 147 22.13 6.38 77.86
N PHE G 148 21.42 5.77 78.79
CA PHE G 148 20.18 6.31 79.32
C PHE G 148 20.45 6.83 80.73
N ASP G 149 20.15 8.12 80.95
CA ASP G 149 20.45 8.79 82.21
C ASP G 149 19.31 9.75 82.52
N VAL G 150 18.16 9.19 82.88
CA VAL G 150 16.99 9.96 83.27
C VAL G 150 16.64 9.59 84.70
N PRO G 151 17.04 10.41 85.67
CA PRO G 151 16.78 10.09 87.07
C PRO G 151 15.31 9.78 87.31
N GLY G 152 15.06 8.72 88.09
CA GLY G 152 13.70 8.34 88.43
C GLY G 152 12.88 7.77 87.31
N VAL G 153 13.47 7.55 86.13
CA VAL G 153 12.72 7.07 84.98
C VAL G 153 13.42 5.86 84.37
N VAL G 154 14.64 6.08 83.88
CA VAL G 154 15.37 5.03 83.18
C VAL G 154 16.87 5.32 83.25
N GLN G 155 17.65 4.32 83.65
CA GLN G 155 19.10 4.39 83.68
C GLN G 155 19.65 3.09 83.14
N GLY G 156 20.65 3.18 82.25
CA GLY G 156 21.27 1.97 81.74
C GLY G 156 21.94 2.21 80.40
N ASP G 157 22.14 1.13 79.67
CA ASP G 157 22.98 1.12 78.50
C ASP G 157 22.42 0.17 77.46
N MET G 158 22.71 0.46 76.19
CA MET G 158 22.38 -0.41 75.07
C MET G 158 23.56 -0.43 74.10
N HIS G 159 23.89 -1.62 73.59
CA HIS G 159 25.05 -1.79 72.70
C HIS G 159 24.66 -2.60 71.48
N LEU G 160 25.13 -2.16 70.32
CA LEU G 160 24.93 -2.87 69.07
C LEU G 160 26.28 -3.10 68.41
N GLU G 161 26.51 -4.32 67.94
CA GLU G 161 27.73 -4.67 67.24
C GLU G 161 27.35 -5.23 65.88
N ALA G 162 27.75 -4.52 64.83
CA ALA G 162 27.45 -4.97 63.47
C ALA G 162 28.00 -6.37 63.25
N LEU G 163 27.20 -7.23 62.64
CA LEU G 163 27.61 -8.59 62.37
C LEU G 163 28.40 -8.64 61.07
N PRO G 164 29.24 -9.66 60.90
CA PRO G 164 29.98 -9.81 59.64
C PRO G 164 29.04 -9.86 58.44
N GLY G 165 29.58 -9.46 57.29
CA GLY G 165 28.85 -9.57 56.03
C GLY G 165 28.76 -8.24 55.33
N ASP G 166 27.85 -8.16 54.37
CA ASP G 166 27.63 -6.94 53.60
C ASP G 166 26.90 -5.89 54.45
N THR G 167 27.24 -4.63 54.21
CA THR G 167 26.61 -3.54 54.94
C THR G 167 25.26 -3.16 54.36
N GLY G 168 25.06 -3.40 53.06
CA GLY G 168 23.88 -2.90 52.39
C GLY G 168 23.81 -1.40 52.23
N LEU G 169 24.84 -0.68 52.64
CA LEU G 169 24.78 0.78 52.55
C LEU G 169 24.85 1.28 51.11
N ASP G 170 25.36 0.47 50.19
CA ASP G 170 25.48 0.85 48.79
C ASP G 170 24.23 0.53 48.00
N THR G 171 23.05 0.75 48.58
CA THR G 171 21.80 0.43 47.92
C THR G 171 20.87 1.63 47.98
N ASP G 172 19.75 1.52 47.27
CA ASP G 172 18.78 2.60 47.14
C ASP G 172 17.97 2.73 48.43
N ALA G 173 18.12 3.86 49.12
CA ALA G 173 17.50 4.06 50.43
C ALA G 173 16.14 4.75 50.36
N ARG G 174 15.62 5.06 49.18
CA ARG G 174 14.35 5.76 49.08
C ARG G 174 13.18 4.84 49.45
N LEU G 175 12.21 5.40 50.16
CA LEU G 175 10.97 4.72 50.54
C LEU G 175 9.84 5.57 49.95
N GLY G 176 9.43 5.22 48.72
CA GLY G 176 8.53 6.08 47.99
C GLY G 176 9.19 7.40 47.65
N PRO G 177 8.40 8.40 47.25
CA PRO G 177 8.99 9.65 46.74
C PRO G 177 9.40 10.65 47.82
N SER G 178 9.02 10.48 49.07
CA SER G 178 9.24 11.52 50.05
C SER G 178 10.02 11.09 51.28
N VAL G 179 10.51 9.85 51.33
CA VAL G 179 11.15 9.33 52.54
C VAL G 179 12.46 8.66 52.17
N TYR G 180 13.50 8.95 52.92
CA TYR G 180 14.74 8.17 52.91
C TYR G 180 14.76 7.27 54.14
N TYR G 181 15.06 5.99 53.93
CA TYR G 181 15.09 5.01 54.99
C TYR G 181 16.42 4.26 54.85
N VAL G 182 17.42 4.72 55.60
CA VAL G 182 18.75 4.12 55.57
C VAL G 182 18.86 3.12 56.71
N ARG G 183 19.81 2.20 56.59
CA ARG G 183 20.03 1.16 57.59
C ARG G 183 21.51 1.16 57.95
N PRO G 184 21.95 2.09 58.79
CA PRO G 184 23.38 2.16 59.13
C PRO G 184 23.92 0.85 59.66
N ILE G 185 23.13 0.13 60.45
CA ILE G 185 23.48 -1.21 60.91
C ILE G 185 22.26 -2.09 60.63
N GLY G 186 22.27 -2.76 59.47
CA GLY G 186 21.17 -3.65 59.14
C GLY G 186 21.06 -4.82 60.11
N ARG G 187 22.18 -5.46 60.42
CA ARG G 187 22.22 -6.70 61.20
C ARG G 187 23.26 -6.56 62.30
N ALA G 188 22.82 -6.72 63.55
CA ALA G 188 23.70 -6.55 64.70
C ALA G 188 23.33 -7.55 65.78
N SER G 189 24.32 -7.88 66.62
CA SER G 189 24.05 -8.44 67.93
C SER G 189 23.87 -7.30 68.90
N VAL G 190 22.97 -7.47 69.86
CA VAL G 190 22.52 -6.38 70.71
C VAL G 190 22.53 -6.80 72.17
N LYS G 191 22.89 -5.87 73.05
CA LYS G 191 22.81 -6.09 74.47
C LYS G 191 22.27 -4.82 75.13
N ALA G 192 21.48 -5.00 76.18
CA ALA G 192 20.87 -3.88 76.85
C ALA G 192 20.68 -4.19 78.33
N GLN G 193 21.04 -3.23 79.17
CA GLN G 193 20.78 -3.27 80.61
C GLN G 193 20.09 -1.97 80.97
N LEU G 194 18.93 -2.06 81.59
CA LEU G 194 18.19 -0.89 82.02
C LEU G 194 17.67 -1.06 83.44
N SER G 195 17.57 0.06 84.14
CA SER G 195 16.79 0.17 85.37
C SER G 195 15.55 1.01 85.03
N LEU G 196 14.37 0.42 85.16
CA LEU G 196 13.12 1.05 84.72
C LEU G 196 12.24 1.35 85.92
N TYR G 197 11.96 2.63 86.13
CA TYR G 197 11.22 3.07 87.30
C TYR G 197 9.71 3.02 87.05
N SER G 198 8.97 2.93 88.14
CA SER G 198 7.52 3.05 88.08
C SER G 198 7.13 4.51 87.82
N SER G 199 5.88 4.70 87.39
CA SER G 199 5.42 6.04 87.04
C SER G 199 5.62 7.03 88.18
N ASP G 200 5.67 6.56 89.43
CA ASP G 200 5.81 7.43 90.59
C ASP G 200 7.21 7.40 91.18
N ALA G 201 8.17 6.74 90.53
CA ALA G 201 9.58 6.72 90.91
C ALA G 201 9.82 6.06 92.28
N THR G 202 8.82 5.39 92.83
CA THR G 202 8.92 4.73 94.13
C THR G 202 9.36 3.28 94.02
N ALA G 203 9.57 2.78 92.80
CA ALA G 203 10.02 1.42 92.59
C ALA G 203 10.67 1.32 91.21
N ALA G 204 11.68 0.48 91.10
CA ALA G 204 12.36 0.23 89.84
C ALA G 204 12.45 -1.27 89.60
N GLU G 205 12.44 -1.66 88.34
CA GLU G 205 12.61 -3.06 87.96
C GLU G 205 13.75 -3.18 86.97
N GLN G 206 14.63 -4.15 87.18
CA GLN G 206 15.76 -4.36 86.29
C GLN G 206 15.29 -5.04 85.00
N PHE G 207 15.75 -4.51 83.87
CA PHE G 207 15.51 -5.12 82.57
C PHE G 207 16.84 -5.53 81.96
N SER G 208 16.89 -6.75 81.43
CA SER G 208 18.11 -7.27 80.81
C SER G 208 17.71 -7.96 79.52
N LEU G 209 18.32 -7.53 78.41
CA LEU G 209 18.02 -8.16 77.13
C LEU G 209 18.54 -9.59 77.12
N GLY G 210 17.72 -10.50 76.60
CA GLY G 210 18.07 -11.91 76.61
C GLY G 210 19.24 -12.22 75.69
N THR G 211 19.77 -13.43 75.85
CA THR G 211 20.89 -13.87 75.04
C THR G 211 20.46 -14.10 73.59
N SER G 212 21.46 -14.17 72.71
CA SER G 212 21.25 -14.34 71.27
C SER G 212 20.28 -13.30 70.72
N ALA G 213 20.55 -12.03 71.05
CA ALA G 213 19.69 -10.94 70.64
C ALA G 213 20.23 -10.32 69.35
N ASN G 214 19.37 -10.20 68.34
CA ASN G 214 19.67 -9.53 67.09
C ASN G 214 18.86 -8.23 67.01
N GLY G 215 19.37 -7.29 66.23
CA GLY G 215 18.69 -6.03 66.03
C GLY G 215 19.42 -5.20 65.01
N GLY G 216 19.35 -3.88 65.12
CA GLY G 216 20.05 -3.03 64.19
C GLY G 216 19.68 -1.58 64.41
N MET G 217 20.18 -0.74 63.52
CA MET G 217 19.94 0.70 63.58
C MET G 217 19.44 1.16 62.22
N ASP G 218 18.33 1.89 62.24
CA ASP G 218 17.76 2.53 61.06
C ASP G 218 17.90 4.05 61.18
N ARG G 219 17.88 4.70 60.03
CA ARG G 219 18.07 6.15 59.93
C ARG G 219 17.09 6.68 58.89
N VAL G 220 16.13 7.49 59.32
CA VAL G 220 14.97 7.87 58.51
C VAL G 220 14.72 9.37 58.63
N TRP G 221 14.37 9.99 57.51
CA TRP G 221 14.01 11.41 57.52
C TRP G 221 13.07 11.73 56.37
N SER G 222 12.34 12.84 56.50
CA SER G 222 11.43 13.29 55.46
C SER G 222 11.16 14.77 55.64
N PRO G 223 10.97 15.51 54.54
CA PRO G 223 10.43 16.88 54.66
C PRO G 223 8.93 16.91 54.90
N LEU G 224 8.20 15.87 54.54
CA LEU G 224 6.76 15.79 54.73
C LEU G 224 6.42 15.11 56.05
N SER G 225 5.20 15.36 56.52
CA SER G 225 4.72 14.74 57.75
C SER G 225 4.22 13.33 57.47
N TRP G 226 3.94 12.60 58.56
CA TRP G 226 3.53 11.20 58.43
C TRP G 226 2.29 11.03 57.56
N PRO G 227 1.17 11.70 57.84
CA PRO G 227 -0.01 11.53 56.98
C PRO G 227 0.22 11.95 55.55
N GLN G 228 1.23 12.79 55.29
CA GLN G 228 1.53 13.24 53.94
C GLN G 228 2.26 12.18 53.12
N VAL G 229 2.83 11.17 53.77
CA VAL G 229 3.66 10.19 53.07
C VAL G 229 3.06 8.78 53.09
N MET G 230 2.09 8.51 53.96
CA MET G 230 1.58 7.15 54.09
C MET G 230 0.23 7.19 54.79
N THR G 231 -0.49 6.07 54.68
CA THR G 231 -1.58 5.77 55.59
C THR G 231 -1.33 4.53 56.44
N GLU G 232 -0.42 3.65 56.02
CA GLU G 232 -0.12 2.46 56.80
C GLU G 232 1.30 1.98 56.49
N SER G 233 1.95 1.43 57.50
CA SER G 233 3.32 0.95 57.38
C SER G 233 3.48 -0.35 58.17
N TYR G 234 4.37 -1.21 57.68
CA TYR G 234 4.78 -2.40 58.41
C TYR G 234 6.30 -2.41 58.53
N TYR G 235 6.78 -2.63 59.75
CA TYR G 235 8.22 -2.76 60.02
C TYR G 235 8.50 -4.20 60.42
N LEU G 236 9.60 -4.73 59.91
CA LEU G 236 10.05 -6.06 60.34
C LEU G 236 11.58 -6.10 60.27
N ARG G 237 12.20 -6.56 61.35
CA ARG G 237 13.62 -6.89 61.38
C ARG G 237 13.80 -8.21 62.11
N THR G 238 14.55 -9.14 61.53
CA THR G 238 14.62 -10.49 62.09
C THR G 238 15.86 -11.21 61.57
N GLN G 239 16.42 -12.05 62.44
CA GLN G 239 17.41 -13.05 62.05
C GLN G 239 16.73 -14.42 62.16
N VAL G 240 16.63 -15.13 61.04
CA VAL G 240 15.88 -16.40 60.95
C VAL G 240 16.86 -17.45 60.46
N GLY G 241 17.46 -18.17 61.40
CA GLY G 241 18.53 -19.07 61.05
C GLY G 241 19.68 -18.30 60.45
N PRO G 242 20.12 -18.70 59.24
CA PRO G 242 21.18 -17.94 58.55
C PRO G 242 20.68 -16.67 57.89
N TYR G 243 19.37 -16.52 57.73
CA TYR G 243 18.81 -15.41 56.99
C TYR G 243 18.55 -14.23 57.91
N ALA G 244 18.76 -13.04 57.38
CA ALA G 244 18.42 -11.81 58.07
C ALA G 244 17.67 -10.91 57.11
N MET G 245 16.63 -10.24 57.60
CA MET G 245 15.86 -9.37 56.74
C MET G 245 15.45 -8.11 57.49
N GLN G 246 15.38 -7.01 56.75
CA GLN G 246 14.78 -5.77 57.24
C GLN G 246 13.75 -5.33 56.22
N ILE G 247 12.56 -4.99 56.69
CA ILE G 247 11.44 -4.63 55.82
C ILE G 247 10.81 -3.35 56.36
N MET G 248 10.64 -2.37 55.49
CA MET G 248 9.73 -1.26 55.74
C MET G 248 8.84 -1.13 54.51
N ARG G 249 7.53 -1.17 54.71
CA ARG G 249 6.58 -1.15 53.60
C ARG G 249 5.44 -0.20 53.96
N ILE G 250 5.23 0.82 53.12
CA ILE G 250 4.20 1.83 53.34
C ILE G 250 3.17 1.75 52.22
N PHE G 251 1.92 2.04 52.57
CA PHE G 251 0.89 2.36 51.58
C PHE G 251 0.79 3.86 51.44
N PRO G 252 0.75 4.38 50.22
CA PRO G 252 0.72 5.83 50.03
C PRO G 252 -0.54 6.42 50.61
N PRO G 253 -0.59 7.74 50.79
CA PRO G 253 -1.84 8.36 51.26
C PRO G 253 -3.04 7.82 50.49
N ALA G 254 -4.15 7.64 51.20
CA ALA G 254 -5.36 7.11 50.58
C ALA G 254 -5.67 7.85 49.28
N GLY G 255 -6.33 7.15 48.36
CA GLY G 255 -6.57 7.72 47.05
C GLY G 255 -5.31 8.19 46.37
N SER G 256 -4.32 7.30 46.26
CA SER G 256 -3.07 7.57 45.57
C SER G 256 -2.88 6.57 44.45
N GLU G 257 -2.34 7.04 43.33
CA GLU G 257 -2.08 6.19 42.17
C GLU G 257 -0.82 5.34 42.32
N ASP G 258 0.00 5.60 43.34
CA ASP G 258 1.25 4.87 43.51
C ASP G 258 1.01 3.49 44.11
N GLN G 259 1.80 2.53 43.67
CA GLN G 259 1.86 1.24 44.34
C GLN G 259 2.43 1.42 45.75
N PRO G 260 2.26 0.42 46.62
CA PRO G 260 3.00 0.42 47.88
C PRO G 260 4.50 0.51 47.64
N SER G 261 5.22 1.10 48.59
CA SER G 261 6.66 1.25 48.52
C SER G 261 7.33 0.40 49.59
N THR G 262 8.55 -0.04 49.31
CA THR G 262 9.29 -0.80 50.31
C THR G 262 10.77 -0.50 50.21
N MET G 263 11.45 -0.60 51.34
CA MET G 263 12.90 -0.64 51.44
C MET G 263 13.16 -1.92 52.23
N ALA G 264 13.36 -3.03 51.53
CA ALA G 264 13.43 -4.34 52.14
C ALA G 264 14.67 -5.07 51.65
N ARG G 265 15.31 -5.81 52.54
CA ARG G 265 16.58 -6.47 52.25
C ARG G 265 16.59 -7.86 52.85
N LEU G 266 17.09 -8.83 52.08
CA LEU G 266 17.28 -10.20 52.56
C LEU G 266 18.75 -10.58 52.47
N TYR G 267 19.32 -11.03 53.60
CA TYR G 267 20.69 -11.50 53.66
C TYR G 267 20.73 -12.98 53.98
N ARG G 268 21.70 -13.68 53.40
CA ARG G 268 21.96 -15.08 53.73
C ARG G 268 23.40 -15.17 54.21
N GLU G 269 23.59 -15.45 55.50
CA GLU G 269 24.91 -15.58 56.09
C GLU G 269 25.78 -14.36 55.79
N GLY G 270 25.21 -13.17 56.02
CA GLY G 270 25.93 -11.93 55.81
C GLY G 270 26.00 -11.48 54.37
N GLN G 271 25.61 -12.32 53.41
CA GLN G 271 25.63 -11.95 52.01
C GLN G 271 24.25 -11.40 51.62
N LEU G 272 24.25 -10.22 50.99
CA LEU G 272 23.01 -9.58 50.57
C LEU G 272 22.51 -10.25 49.30
N VAL G 273 21.36 -10.90 49.38
CA VAL G 273 20.87 -11.76 48.31
C VAL G 273 19.63 -11.22 47.64
N CYS G 274 19.06 -10.12 48.12
CA CYS G 274 17.86 -9.57 47.50
C CYS G 274 17.69 -8.12 47.95
N VAL G 275 17.81 -7.19 47.01
CA VAL G 275 17.67 -5.76 47.28
C VAL G 275 16.31 -5.29 46.76
N ALA G 276 15.26 -5.52 47.56
CA ALA G 276 13.88 -5.32 47.12
C ALA G 276 13.47 -3.87 47.34
N GLN G 277 13.36 -3.11 46.26
CA GLN G 277 12.81 -1.76 46.28
C GLN G 277 11.42 -1.71 45.67
N HIS G 278 10.84 -2.86 45.34
CA HIS G 278 9.53 -2.94 44.68
C HIS G 278 8.64 -3.92 45.43
N VAL G 279 7.37 -3.55 45.55
CA VAL G 279 6.34 -4.40 46.15
C VAL G 279 5.46 -4.92 45.01
N VAL G 280 5.27 -6.25 44.98
CA VAL G 280 4.36 -6.86 44.02
C VAL G 280 3.40 -7.76 44.81
N THR G 281 2.26 -8.05 44.18
CA THR G 281 1.15 -8.68 44.88
C THR G 281 1.02 -10.17 44.63
N ARG G 282 1.67 -10.71 43.61
CA ARG G 282 1.59 -12.15 43.38
C ARG G 282 2.88 -12.65 42.79
N GLU G 283 3.23 -13.89 43.12
CA GLU G 283 4.39 -14.54 42.54
C GLU G 283 4.25 -14.62 41.02
N ASP G 284 5.38 -14.70 40.35
CA ASP G 284 5.40 -14.84 38.90
C ASP G 284 6.76 -15.37 38.50
N ALA G 285 6.78 -16.12 37.40
CA ALA G 285 8.04 -16.54 36.82
C ALA G 285 8.94 -15.31 36.64
N LEU G 286 8.56 -14.42 35.73
CA LEU G 286 9.41 -13.28 35.39
C LEU G 286 9.24 -12.16 36.42
N MET G 287 10.35 -11.74 37.02
CA MET G 287 10.40 -10.58 37.91
C MET G 287 11.36 -9.56 37.33
N THR G 288 10.86 -8.35 37.09
CA THR G 288 11.71 -7.30 36.53
C THR G 288 12.77 -6.85 37.53
N HIS G 289 12.43 -6.77 38.81
CA HIS G 289 13.34 -6.33 39.86
C HIS G 289 13.38 -7.38 40.97
N ASP G 290 14.38 -7.27 41.84
CA ASP G 290 14.24 -7.87 43.17
C ASP G 290 12.99 -7.29 43.82
N SER G 291 12.08 -8.15 44.27
CA SER G 291 10.79 -7.69 44.73
C SER G 291 10.38 -8.39 46.03
N LEU G 292 9.44 -7.74 46.72
CA LEU G 292 8.89 -8.22 47.98
C LEU G 292 7.40 -8.50 47.79
N ILE G 293 6.95 -9.64 48.29
CA ILE G 293 5.53 -9.95 48.40
C ILE G 293 5.19 -10.01 49.89
N LEU G 294 4.30 -9.13 50.33
CA LEU G 294 4.00 -8.95 51.74
C LEU G 294 2.50 -8.79 51.89
N SER G 295 1.83 -9.85 52.34
CA SER G 295 0.38 -9.87 52.45
C SER G 295 -0.03 -10.21 53.88
N LYS G 296 -1.06 -9.51 54.35
CA LYS G 296 -1.58 -9.77 55.68
C LYS G 296 -2.30 -11.12 55.72
N GLN G 297 -2.30 -11.73 56.90
CA GLN G 297 -3.02 -12.98 57.14
C GLN G 297 -4.04 -12.76 58.24
N ASP G 298 -5.11 -13.54 58.19
CA ASP G 298 -6.04 -13.67 59.32
C ASP G 298 -6.34 -15.15 59.48
N ASN G 299 -5.78 -15.76 60.52
CA ASN G 299 -5.96 -17.17 60.77
C ASN G 299 -6.63 -17.42 62.12
N SER G 300 -7.50 -16.50 62.53
CA SER G 300 -8.26 -16.65 63.76
C SER G 300 -9.39 -17.67 63.65
N ASP G 301 -9.57 -18.27 62.48
CA ASP G 301 -10.52 -19.35 62.29
C ASP G 301 -9.87 -20.73 62.27
N SER G 302 -8.54 -20.80 62.31
CA SER G 302 -7.84 -22.07 62.20
C SER G 302 -6.79 -22.29 63.29
N GLU G 303 -6.40 -21.27 64.05
CA GLU G 303 -5.33 -21.43 65.01
C GLU G 303 -5.34 -20.26 65.98
N ASP G 304 -4.50 -20.37 67.01
CA ASP G 304 -4.37 -19.32 68.01
C ASP G 304 -3.57 -18.14 67.45
N VAL G 305 -4.05 -16.92 67.70
CA VAL G 305 -3.51 -15.74 67.04
C VAL G 305 -3.40 -14.58 68.01
N VAL G 306 -2.56 -13.62 67.64
CA VAL G 306 -2.43 -12.34 68.32
C VAL G 306 -2.66 -11.25 67.30
N THR G 307 -3.36 -10.19 67.69
CA THR G 307 -3.59 -9.08 66.80
C THR G 307 -3.37 -7.78 67.56
N GLY G 308 -3.30 -6.68 66.82
CA GLY G 308 -3.30 -5.37 67.44
C GLY G 308 -4.65 -5.04 68.04
N GLY G 309 -4.69 -3.92 68.77
CA GLY G 309 -5.91 -3.56 69.48
C GLY G 309 -6.69 -2.43 68.84
N TYR G 310 -6.63 -2.35 67.51
CA TYR G 310 -7.39 -1.33 66.78
C TYR G 310 -8.04 -1.95 65.54
N ARG G 311 -8.29 -1.12 64.52
CA ARG G 311 -9.03 -1.57 63.35
C ARG G 311 -8.42 -2.83 62.74
N ASP G 312 -7.13 -2.79 62.42
CA ASP G 312 -6.48 -3.91 61.76
C ASP G 312 -6.47 -5.13 62.67
N LYS G 313 -6.94 -6.26 62.13
CA LYS G 313 -7.05 -7.50 62.88
C LYS G 313 -6.25 -8.63 62.25
N ASN G 314 -5.29 -8.30 61.39
CA ASN G 314 -4.45 -9.35 60.82
C ASN G 314 -3.70 -10.07 61.94
N THR G 315 -3.34 -11.32 61.69
CA THR G 315 -2.68 -12.16 62.66
C THR G 315 -1.23 -12.46 62.31
N GLY G 316 -0.72 -11.86 61.24
CA GLY G 316 0.62 -12.16 60.76
C GLY G 316 0.72 -11.78 59.30
N TYR G 317 1.87 -12.14 58.71
CA TYR G 317 2.15 -11.82 57.33
C TYR G 317 2.83 -13.00 56.66
N THR G 318 2.69 -13.07 55.35
CA THR G 318 3.57 -13.87 54.51
C THR G 318 4.60 -12.94 53.89
N VAL G 319 5.87 -13.36 53.93
CA VAL G 319 6.98 -12.58 53.40
C VAL G 319 7.66 -13.42 52.34
N GLU G 320 7.72 -12.90 51.11
CA GLU G 320 8.46 -13.54 50.05
C GLU G 320 9.35 -12.51 49.36
N PHE G 321 10.65 -12.76 49.39
CA PHE G 321 11.62 -12.04 48.58
C PHE G 321 11.84 -12.83 47.29
N VAL G 322 11.80 -12.15 46.16
CA VAL G 322 11.99 -12.81 44.87
C VAL G 322 13.13 -12.13 44.12
N GLU G 323 14.10 -12.91 43.70
CA GLU G 323 15.21 -12.43 42.90
C GLU G 323 14.74 -12.08 41.49
N LYS G 324 15.33 -11.03 40.92
CA LYS G 324 14.95 -10.62 39.57
C LYS G 324 15.47 -11.64 38.55
N GLY G 325 14.72 -11.78 37.45
CA GLY G 325 15.11 -12.66 36.38
C GLY G 325 13.98 -13.59 36.02
N ASN G 326 14.32 -14.67 35.33
CA ASN G 326 13.29 -15.55 34.77
C ASN G 326 12.67 -16.43 35.85
N GLU G 327 13.48 -17.26 36.51
CA GLU G 327 12.99 -18.04 37.65
C GLU G 327 14.06 -18.01 38.75
N GLY G 328 14.36 -16.82 39.23
CA GLY G 328 15.38 -16.64 40.23
C GLY G 328 15.01 -17.26 41.56
N GLN G 329 15.96 -17.21 42.49
CA GLN G 329 15.73 -17.77 43.82
C GLN G 329 14.54 -17.07 44.48
N ARG G 330 13.81 -17.82 45.29
CA ARG G 330 12.71 -17.29 46.09
C ARG G 330 12.85 -17.76 47.52
N TRP G 331 12.62 -16.83 48.46
CA TRP G 331 12.65 -17.13 49.88
C TRP G 331 11.33 -16.68 50.49
N LYS G 332 10.68 -17.59 51.20
CA LYS G 332 9.37 -17.33 51.78
C LYS G 332 9.43 -17.56 53.28
N PHE G 333 8.70 -16.72 54.03
CA PHE G 333 8.71 -16.76 55.48
C PHE G 333 7.31 -16.51 56.00
N GLN G 334 6.94 -17.24 57.05
CA GLN G 334 5.67 -17.01 57.74
C GLN G 334 5.94 -16.13 58.96
N VAL G 335 5.16 -15.06 59.10
CA VAL G 335 5.28 -14.13 60.21
C VAL G 335 3.99 -14.22 61.02
N ARG G 336 4.12 -14.62 62.28
CA ARG G 336 2.97 -14.73 63.19
C ARG G 336 3.19 -13.80 64.37
N HIS G 337 2.24 -12.91 64.60
CA HIS G 337 2.28 -12.10 65.81
C HIS G 337 2.21 -13.01 67.03
N GLU G 338 3.00 -12.69 68.06
CA GLU G 338 2.96 -13.51 69.27
C GLU G 338 2.80 -12.71 70.55
N ARG G 339 3.49 -11.57 70.68
CA ARG G 339 3.44 -10.78 71.91
C ARG G 339 3.33 -9.32 71.55
N ILE G 340 2.50 -8.59 72.31
CA ILE G 340 2.22 -7.19 72.07
C ILE G 340 3.25 -6.36 72.84
N ILE G 341 4.14 -5.67 72.12
CA ILE G 341 5.08 -4.79 72.77
C ILE G 341 4.41 -3.47 73.17
N TRP G 342 3.53 -2.96 72.30
CA TRP G 342 2.81 -1.74 72.62
C TRP G 342 1.59 -1.61 71.72
N ASN G 343 0.61 -0.83 72.21
CA ASN G 343 -0.55 -0.39 71.45
C ASN G 343 -0.78 1.08 71.77
N THR G 344 -0.69 1.93 70.76
CA THR G 344 -0.93 3.35 70.95
C THR G 344 -1.82 3.86 69.82
N PRO G 345 -2.75 4.76 70.12
CA PRO G 345 -3.74 5.16 69.11
C PRO G 345 -3.24 6.23 68.16
N THR G 346 -3.83 6.25 66.96
CA THR G 346 -3.61 7.29 65.97
C THR G 346 -4.89 8.05 65.65
N SER G 347 -5.95 7.82 66.42
CA SER G 347 -7.23 8.49 66.23
C SER G 347 -7.99 8.47 67.55
N ARG G 348 -8.97 9.36 67.67
CA ARG G 348 -9.88 9.29 68.79
C ARG G 348 -10.54 7.91 68.82
N PRO G 349 -10.94 7.44 69.99
CA PRO G 349 -11.39 6.04 70.11
C PRO G 349 -12.83 5.85 69.65
N GLY G 350 -13.06 4.78 68.91
CA GLY G 350 -14.36 4.48 68.38
C GLY G 350 -14.38 3.20 67.57
N PRO G 351 -15.54 2.87 67.00
CA PRO G 351 -15.68 1.58 66.30
C PRO G 351 -14.62 1.32 65.24
N ASP G 352 -14.18 2.35 64.51
CA ASP G 352 -13.25 2.18 63.41
C ASP G 352 -11.88 2.77 63.72
N ALA G 353 -11.49 2.77 64.99
CA ALA G 353 -10.25 3.43 65.41
C ALA G 353 -9.03 2.78 64.78
N THR G 354 -7.98 3.58 64.60
CA THR G 354 -6.70 3.14 64.06
C THR G 354 -5.62 3.39 65.09
N GLY G 355 -4.51 2.66 64.96
CA GLY G 355 -3.44 2.80 65.93
C GLY G 355 -2.12 2.21 65.46
N ASN G 356 -1.15 2.28 66.37
CA ASN G 356 0.20 1.77 66.16
C ASN G 356 0.42 0.61 67.13
N THR G 357 0.96 -0.49 66.63
CA THR G 357 1.17 -1.70 67.42
C THR G 357 2.59 -2.21 67.18
N GLY G 358 3.26 -2.60 68.27
CA GLY G 358 4.58 -3.23 68.20
C GLY G 358 4.47 -4.69 68.61
N PHE G 359 5.12 -5.56 67.84
CA PHE G 359 4.99 -7.01 68.00
C PHE G 359 6.34 -7.67 68.25
N VAL G 360 6.32 -8.69 69.10
CA VAL G 360 7.29 -9.77 68.98
C VAL G 360 6.75 -10.73 67.92
N GLU G 361 7.47 -10.86 66.82
CA GLU G 361 7.08 -11.73 65.71
C GLU G 361 7.81 -13.06 65.83
N VAL G 362 7.16 -14.11 65.36
CA VAL G 362 7.75 -15.44 65.27
C VAL G 362 7.83 -15.82 63.80
N LEU G 363 9.00 -16.31 63.38
CA LEU G 363 9.25 -16.55 61.97
C LEU G 363 9.70 -17.98 61.71
N CYS G 364 9.34 -18.47 60.52
CA CYS G 364 9.83 -19.74 59.99
C CYS G 364 9.87 -19.66 58.49
N GLY G 365 10.93 -20.16 57.89
CA GLY G 365 10.99 -20.18 56.44
C GLY G 365 12.41 -20.34 55.93
N GLY G 366 12.62 -19.83 54.72
CA GLY G 366 13.87 -20.00 53.99
C GLY G 366 13.59 -20.19 52.52
N THR G 367 14.43 -20.96 51.81
CA THR G 367 14.06 -21.37 50.47
C THR G 367 12.97 -22.43 50.54
N ILE G 368 12.52 -22.88 49.37
CA ILE G 368 11.52 -23.93 49.31
C ILE G 368 11.96 -25.11 50.18
N GLY G 369 11.06 -25.55 51.06
CA GLY G 369 11.31 -26.71 51.90
C GLY G 369 12.00 -26.41 53.22
N GLU G 370 12.76 -25.31 53.28
CA GLU G 370 13.45 -24.96 54.52
C GLU G 370 12.46 -24.47 55.57
N SER G 371 12.81 -24.68 56.84
CA SER G 371 11.94 -24.34 57.95
C SER G 371 12.74 -23.75 59.10
N TYR G 372 13.69 -22.87 58.79
CA TYR G 372 14.43 -22.17 59.82
C TYR G 372 13.47 -21.37 60.70
N GLU G 373 13.88 -21.17 61.95
CA GLU G 373 13.08 -20.43 62.92
C GLU G 373 13.87 -19.27 63.48
N GLY G 374 13.13 -18.30 64.01
CA GLY G 374 13.72 -17.12 64.60
C GLY G 374 12.64 -16.18 65.04
N VAL G 375 13.05 -15.11 65.72
CA VAL G 375 12.14 -14.09 66.19
C VAL G 375 12.51 -12.77 65.52
N GLY G 376 11.57 -11.84 65.56
CA GLY G 376 11.81 -10.52 65.00
C GLY G 376 10.97 -9.47 65.68
N THR G 377 11.36 -8.22 65.51
CA THR G 377 10.58 -7.09 65.98
C THR G 377 9.67 -6.63 64.86
N GLY G 378 8.38 -6.52 65.16
CA GLY G 378 7.39 -6.11 64.18
C GLY G 378 6.70 -4.84 64.62
N GLY G 379 6.24 -4.08 63.64
CA GLY G 379 5.49 -2.88 63.91
C GLY G 379 4.58 -2.56 62.74
N GLN G 380 3.32 -2.25 63.01
CA GLN G 380 2.38 -1.83 61.98
C GLN G 380 1.63 -0.61 62.48
N CYS G 381 1.43 0.36 61.60
CA CYS G 381 0.77 1.61 61.96
C CYS G 381 -0.21 2.01 60.87
N GLU G 382 -1.35 2.55 61.30
CA GLU G 382 -2.43 2.99 60.42
C GLU G 382 -2.79 4.42 60.77
N LEU G 383 -2.90 5.27 59.76
CA LEU G 383 -3.12 6.69 59.98
C LEU G 383 -4.59 7.06 59.79
N SER G 384 -4.98 8.18 60.40
CA SER G 384 -6.30 8.77 60.23
C SER G 384 -6.24 10.29 60.41
N MET H 11 -33.71 12.04 -17.19
CA MET H 11 -32.45 12.77 -17.29
C MET H 11 -31.27 12.01 -16.64
N SER H 12 -31.21 12.01 -15.32
CA SER H 12 -30.10 11.38 -14.61
C SER H 12 -30.44 10.00 -14.05
N ASN H 13 -31.61 9.84 -13.43
CA ASN H 13 -31.97 8.56 -12.80
C ASN H 13 -32.49 7.58 -13.87
N VAL H 14 -31.55 7.07 -14.64
CA VAL H 14 -31.86 6.24 -15.79
C VAL H 14 -31.45 4.81 -15.50
N THR H 15 -32.16 3.87 -16.11
CA THR H 15 -31.83 2.46 -16.07
C THR H 15 -31.27 2.06 -17.44
N VAL H 16 -30.08 1.45 -17.44
CA VAL H 16 -29.26 1.38 -18.64
C VAL H 16 -28.75 -0.05 -18.85
N SER H 17 -28.78 -0.50 -20.11
CA SER H 17 -28.06 -1.66 -20.60
C SER H 17 -27.10 -1.16 -21.68
N ALA H 18 -25.80 -1.18 -21.37
CA ALA H 18 -24.79 -0.58 -22.24
C ALA H 18 -23.87 -1.69 -22.76
N PHE H 19 -23.94 -1.95 -24.05
CA PHE H 19 -23.13 -2.96 -24.69
C PHE H 19 -22.07 -2.30 -25.56
N THR H 20 -20.90 -2.94 -25.60
CA THR H 20 -19.91 -2.70 -26.65
C THR H 20 -19.60 -4.03 -27.31
N VAL H 21 -19.29 -4.00 -28.60
CA VAL H 21 -19.06 -5.25 -29.32
C VAL H 21 -17.79 -5.93 -28.81
N ASP H 22 -16.83 -5.18 -28.27
CA ASP H 22 -15.59 -5.78 -27.79
C ASP H 22 -15.80 -6.58 -26.51
N LYS H 23 -16.77 -6.18 -25.67
CA LYS H 23 -16.82 -6.64 -24.29
C LYS H 23 -18.11 -7.32 -23.87
N SER H 24 -19.17 -7.30 -24.69
CA SER H 24 -20.49 -7.66 -24.21
C SER H 24 -21.00 -9.01 -24.74
N ILE H 25 -20.17 -9.78 -25.42
CA ILE H 25 -20.59 -11.07 -25.98
C ILE H 25 -19.94 -12.19 -25.17
N SER H 26 -20.76 -13.12 -24.70
CA SER H 26 -20.31 -14.18 -23.81
C SER H 26 -20.23 -15.51 -24.54
N GLU H 27 -19.29 -16.35 -24.10
CA GLU H 27 -19.20 -17.70 -24.63
C GLU H 27 -20.24 -18.62 -24.00
N GLU H 28 -20.51 -18.44 -22.72
CA GLU H 28 -21.40 -19.32 -21.98
C GLU H 28 -22.83 -18.80 -22.02
N HIS H 29 -23.77 -19.68 -21.71
CA HIS H 29 -25.17 -19.37 -21.87
C HIS H 29 -25.66 -18.47 -20.73
N VAL H 30 -26.30 -17.37 -21.10
CA VAL H 30 -26.78 -16.36 -20.17
C VAL H 30 -28.30 -16.49 -20.10
N LEU H 31 -28.84 -16.45 -18.88
CA LEU H 31 -30.27 -16.54 -18.65
C LEU H 31 -30.94 -15.21 -18.95
N PRO H 32 -31.79 -15.12 -19.97
CA PRO H 32 -32.45 -13.85 -20.28
C PRO H 32 -33.60 -13.59 -19.32
N SER H 33 -33.82 -12.30 -19.06
CA SER H 33 -35.06 -11.91 -18.40
C SER H 33 -36.24 -12.49 -19.17
N SER H 34 -37.32 -12.77 -18.45
CA SER H 34 -38.41 -13.46 -19.10
C SER H 34 -39.30 -12.48 -19.87
N PHE H 35 -40.14 -13.05 -20.74
CA PHE H 35 -41.18 -12.27 -21.39
C PHE H 35 -42.21 -11.84 -20.35
N ILE H 36 -42.70 -10.62 -20.49
CA ILE H 36 -43.67 -10.06 -19.56
C ILE H 36 -44.98 -9.85 -20.33
N PRO H 37 -46.03 -10.62 -20.04
CA PRO H 37 -47.33 -10.40 -20.70
C PRO H 37 -47.83 -8.98 -20.52
N GLY H 38 -48.38 -8.42 -21.60
CA GLY H 38 -48.95 -7.08 -21.55
C GLY H 38 -47.96 -5.95 -21.72
N SER H 39 -46.67 -6.24 -21.76
CA SER H 39 -45.65 -5.20 -21.92
C SER H 39 -45.09 -5.22 -23.34
N GLY H 40 -44.53 -4.08 -23.74
CA GLY H 40 -43.76 -4.00 -24.96
C GLY H 40 -42.47 -4.80 -24.91
N ASN H 41 -41.99 -5.10 -23.70
CA ASN H 41 -40.73 -5.82 -23.51
C ASN H 41 -39.59 -5.16 -24.28
N ILE H 42 -39.59 -3.82 -24.28
CA ILE H 42 -38.63 -3.05 -25.06
C ILE H 42 -37.20 -3.21 -24.52
N PHE H 43 -37.04 -3.32 -23.21
CA PHE H 43 -35.71 -3.36 -22.62
C PHE H 43 -35.02 -4.67 -22.97
N PRO H 44 -33.70 -4.65 -23.23
CA PRO H 44 -33.00 -5.89 -23.57
C PRO H 44 -33.28 -6.99 -22.55
N LYS H 45 -33.40 -8.22 -23.04
CA LYS H 45 -33.59 -9.37 -22.16
C LYS H 45 -32.27 -9.99 -21.71
N PHE H 46 -31.22 -9.90 -22.53
CA PHE H 46 -29.85 -10.24 -22.14
C PHE H 46 -29.21 -8.93 -21.72
N THR H 47 -29.26 -8.66 -20.41
CA THR H 47 -29.09 -7.29 -19.93
C THR H 47 -27.61 -6.87 -19.82
N SER H 48 -26.76 -7.76 -19.32
CA SER H 48 -25.36 -7.41 -19.12
C SER H 48 -24.45 -8.01 -20.18
N ALA H 49 -24.74 -9.23 -20.64
CA ALA H 49 -24.01 -9.84 -21.74
C ALA H 49 -24.98 -10.70 -22.54
N ILE H 50 -24.65 -10.93 -23.80
CA ILE H 50 -25.47 -11.74 -24.70
C ILE H 50 -24.65 -12.91 -25.20
N PRO H 51 -25.14 -14.15 -25.08
CA PRO H 51 -24.39 -15.31 -25.60
C PRO H 51 -24.20 -15.26 -27.11
N LYS H 52 -23.16 -15.97 -27.58
CA LYS H 52 -22.69 -15.80 -28.95
C LYS H 52 -23.75 -16.20 -29.97
N THR H 53 -24.63 -17.14 -29.65
CA THR H 53 -25.68 -17.55 -30.57
C THR H 53 -26.96 -16.71 -30.44
N ALA H 54 -27.10 -15.92 -29.37
CA ALA H 54 -28.32 -15.17 -29.08
C ALA H 54 -28.39 -13.88 -29.89
N TRP H 55 -29.61 -13.38 -30.06
CA TRP H 55 -29.83 -12.14 -30.78
C TRP H 55 -31.06 -11.42 -30.24
N GLU H 56 -31.07 -10.11 -30.38
CA GLU H 56 -32.23 -9.28 -30.07
C GLU H 56 -32.49 -8.37 -31.25
N LEU H 57 -33.77 -8.05 -31.47
CA LEU H 57 -34.15 -7.20 -32.59
C LEU H 57 -35.22 -6.21 -32.14
N TRP H 58 -35.00 -4.94 -32.48
CA TRP H 58 -36.04 -3.91 -32.49
C TRP H 58 -36.31 -3.56 -33.95
N TYR H 59 -37.53 -3.84 -34.42
CA TYR H 59 -37.88 -3.74 -35.83
C TYR H 59 -38.97 -2.68 -36.02
N PHE H 60 -38.83 -1.86 -37.07
CA PHE H 60 -39.80 -0.82 -37.39
C PHE H 60 -40.03 -0.80 -38.89
N ASP H 61 -41.27 -0.61 -39.31
CA ASP H 61 -41.48 -0.47 -40.75
C ASP H 61 -42.73 0.36 -41.04
N GLY H 62 -42.83 0.82 -42.28
CA GLY H 62 -44.00 1.50 -42.77
C GLY H 62 -44.09 1.38 -44.27
N ILE H 63 -45.31 1.42 -44.79
CA ILE H 63 -45.51 1.36 -46.23
C ILE H 63 -46.71 2.22 -46.60
N SER H 64 -46.55 3.05 -47.64
CA SER H 64 -47.59 3.95 -48.07
C SER H 64 -48.62 3.22 -48.92
N LYS H 65 -49.89 3.32 -48.54
CA LYS H 65 -50.93 2.80 -49.42
C LYS H 65 -51.07 3.62 -50.69
N ASP H 66 -50.71 4.91 -50.64
CA ASP H 66 -50.94 5.80 -51.78
C ASP H 66 -49.89 5.64 -52.87
N ASP H 67 -48.65 5.28 -52.54
CA ASP H 67 -47.66 5.14 -53.60
C ASP H 67 -46.71 3.96 -53.42
N LYS H 68 -46.92 3.12 -52.40
CA LYS H 68 -46.18 1.88 -52.20
C LYS H 68 -44.71 2.08 -51.88
N SER H 69 -44.29 3.31 -51.57
CA SER H 69 -42.98 3.49 -50.95
C SER H 69 -43.02 2.86 -49.55
N SER H 70 -41.85 2.45 -49.07
CA SER H 70 -41.80 1.67 -47.84
C SER H 70 -40.45 1.90 -47.17
N ILE H 71 -40.42 1.74 -45.86
CA ILE H 71 -39.20 1.86 -45.07
C ILE H 71 -39.15 0.70 -44.07
N VAL H 72 -38.02 0.01 -44.02
CA VAL H 72 -37.82 -1.15 -43.15
C VAL H 72 -36.52 -0.95 -42.38
N ILE H 73 -36.60 -0.99 -41.05
CA ILE H 73 -35.48 -0.72 -40.15
C ILE H 73 -35.34 -1.90 -39.18
N GLY H 74 -34.17 -2.52 -39.17
CA GLY H 74 -33.84 -3.54 -38.18
C GLY H 74 -32.66 -3.16 -37.30
N VAL H 75 -32.91 -2.98 -35.99
CA VAL H 75 -31.88 -2.63 -35.02
C VAL H 75 -31.61 -3.86 -34.19
N THR H 76 -30.36 -4.32 -34.17
CA THR H 76 -30.06 -5.63 -33.60
C THR H 76 -28.89 -5.59 -32.64
N ARG H 77 -28.92 -6.54 -31.70
CA ARG H 77 -27.76 -6.97 -30.94
C ARG H 77 -27.56 -8.45 -31.23
N ASN H 78 -26.35 -8.81 -31.64
CA ASN H 78 -25.95 -10.19 -31.88
C ASN H 78 -24.47 -10.17 -32.21
N ALA H 79 -23.90 -11.37 -32.37
CA ALA H 79 -22.45 -11.49 -32.57
C ALA H 79 -22.03 -11.44 -34.03
N GLU H 80 -22.98 -11.47 -34.96
CA GLU H 80 -22.65 -11.54 -36.37
C GLU H 80 -22.04 -10.25 -36.92
N GLY H 81 -21.96 -9.20 -36.11
CA GLY H 81 -21.33 -7.97 -36.55
C GLY H 81 -19.90 -7.86 -36.08
N LEU H 82 -19.45 -8.81 -35.26
CA LEU H 82 -18.12 -8.70 -34.67
C LEU H 82 -17.05 -8.58 -35.74
N LYS H 83 -17.19 -9.32 -36.84
CA LYS H 83 -16.22 -9.19 -37.93
C LYS H 83 -16.28 -7.82 -38.58
N HIS H 84 -17.42 -7.13 -38.48
CA HIS H 84 -17.55 -5.80 -39.06
C HIS H 84 -17.33 -4.69 -38.04
N GLY H 85 -17.22 -5.03 -36.76
CA GLY H 85 -16.89 -4.03 -35.74
C GLY H 85 -18.07 -3.26 -35.17
N GLY H 86 -19.19 -3.93 -34.94
CA GLY H 86 -20.32 -3.24 -34.34
C GLY H 86 -21.56 -4.10 -34.36
N PHE H 87 -22.56 -3.60 -33.64
CA PHE H 87 -23.89 -4.20 -33.70
C PHE H 87 -24.60 -3.66 -34.93
N LYS H 88 -25.29 -4.56 -35.63
CA LYS H 88 -25.83 -4.24 -36.94
C LYS H 88 -27.15 -3.48 -36.83
N VAL H 89 -27.27 -2.44 -37.66
CA VAL H 89 -28.55 -1.82 -37.96
C VAL H 89 -28.77 -1.92 -39.47
N GLN H 90 -29.91 -2.48 -39.86
CA GLN H 90 -30.27 -2.60 -41.27
C GLN H 90 -31.27 -1.50 -41.64
N VAL H 91 -30.99 -0.78 -42.72
CA VAL H 91 -31.87 0.27 -43.23
C VAL H 91 -32.22 -0.08 -44.66
N PHE H 92 -33.52 -0.19 -44.95
CA PHE H 92 -34.04 -0.43 -46.29
C PHE H 92 -35.08 0.63 -46.61
N VAL H 93 -35.04 1.14 -47.85
CA VAL H 93 -36.12 1.98 -48.36
C VAL H 93 -36.37 1.60 -49.81
N ILE H 94 -37.62 1.76 -50.24
CA ILE H 94 -37.98 1.61 -51.64
C ILE H 94 -38.87 2.79 -52.03
N TRP H 95 -38.47 3.53 -53.05
CA TRP H 95 -39.21 4.67 -53.55
C TRP H 95 -40.44 4.20 -54.34
N ALA H 96 -41.34 5.15 -54.61
CA ALA H 96 -42.53 4.83 -55.38
C ALA H 96 -42.18 4.29 -56.77
N ASP H 97 -41.02 4.67 -57.32
CA ASP H 97 -40.60 4.19 -58.63
C ASP H 97 -39.77 2.91 -58.56
N GLU H 98 -39.73 2.26 -57.38
CA GLU H 98 -39.12 0.96 -57.15
C GLU H 98 -37.58 0.99 -57.09
N ARG H 99 -36.96 2.15 -57.23
CA ARG H 99 -35.58 2.32 -56.79
C ARG H 99 -35.46 1.89 -55.33
N THR H 100 -34.36 1.23 -54.99
CA THR H 100 -34.08 0.82 -53.62
C THR H 100 -32.71 1.33 -53.18
N TRP H 101 -32.58 1.51 -51.86
CA TRP H 101 -31.35 1.91 -51.19
C TRP H 101 -31.29 1.15 -49.88
N HIS H 102 -30.15 0.52 -49.61
CA HIS H 102 -30.04 -0.31 -48.43
C HIS H 102 -28.59 -0.31 -47.95
N ARG H 103 -28.43 -0.25 -46.63
CA ARG H 103 -27.12 -0.40 -45.99
C ARG H 103 -27.28 -1.19 -44.70
N ASP H 104 -26.30 -2.07 -44.46
CA ASP H 104 -26.04 -2.59 -43.13
C ASP H 104 -25.00 -1.68 -42.48
N LEU H 105 -25.35 -1.07 -41.36
CA LEU H 105 -24.46 -0.19 -40.61
C LEU H 105 -24.09 -0.84 -39.29
N PHE H 106 -22.83 -0.72 -38.89
CA PHE H 106 -22.28 -1.41 -37.72
C PHE H 106 -21.78 -0.39 -36.71
N PHE H 107 -22.19 -0.56 -35.45
CA PHE H 107 -21.92 0.40 -34.39
C PHE H 107 -21.30 -0.32 -33.21
N PRO H 108 -20.12 0.10 -32.73
CA PRO H 108 -19.47 -0.61 -31.60
C PRO H 108 -20.26 -0.53 -30.30
N GLU H 109 -21.11 0.48 -30.13
CA GLU H 109 -21.82 0.72 -28.89
C GLU H 109 -23.32 0.63 -29.14
N SER H 110 -24.00 -0.17 -28.32
CA SER H 110 -25.45 -0.21 -28.28
C SER H 110 -25.91 0.04 -26.85
N VAL H 111 -26.71 1.07 -26.66
CA VAL H 111 -27.15 1.50 -25.33
C VAL H 111 -28.66 1.64 -25.33
N VAL H 112 -29.32 0.95 -24.41
CA VAL H 112 -30.77 1.04 -24.24
C VAL H 112 -31.05 1.49 -22.82
N SER H 113 -31.89 2.50 -22.66
CA SER H 113 -32.12 3.10 -21.36
C SER H 113 -33.59 3.49 -21.21
N ILE H 114 -34.05 3.47 -19.97
CA ILE H 114 -35.37 3.99 -19.59
C ILE H 114 -35.12 5.23 -18.75
N ASN H 115 -35.71 6.36 -19.16
CA ASN H 115 -35.43 7.60 -18.47
C ASN H 115 -36.50 7.88 -17.41
N GLU H 116 -36.41 9.06 -16.78
CA GLU H 116 -37.22 9.36 -15.60
C GLU H 116 -38.70 9.48 -15.92
N SER H 117 -39.06 9.64 -17.19
CA SER H 117 -40.45 9.79 -17.58
C SER H 117 -41.07 8.50 -18.09
N GLY H 118 -40.31 7.40 -18.15
CA GLY H 118 -40.80 6.17 -18.72
C GLY H 118 -40.44 5.95 -20.18
N VAL H 119 -39.76 6.91 -20.81
CA VAL H 119 -39.38 6.77 -22.21
C VAL H 119 -38.21 5.81 -22.33
N THR H 120 -38.33 4.84 -23.24
CA THR H 120 -37.23 3.93 -23.55
C THR H 120 -36.50 4.42 -24.78
N ASP H 121 -35.19 4.59 -24.65
CA ASP H 121 -34.32 5.02 -25.75
C ASP H 121 -33.35 3.92 -26.10
N GLY H 122 -33.13 3.71 -27.39
CA GLY H 122 -32.05 2.86 -27.86
C GLY H 122 -31.11 3.66 -28.75
N ILE H 123 -29.79 3.63 -28.48
CA ILE H 123 -28.83 4.37 -29.29
C ILE H 123 -27.73 3.42 -29.73
N TRP H 124 -27.61 3.24 -31.04
CA TRP H 124 -26.50 2.56 -31.66
C TRP H 124 -25.56 3.65 -32.18
N LYS H 125 -24.33 3.67 -31.68
CA LYS H 125 -23.45 4.80 -31.99
C LYS H 125 -22.03 4.33 -32.21
N ASP H 126 -21.30 5.12 -33.00
CA ASP H 126 -19.86 4.94 -33.19
C ASP H 126 -19.20 6.29 -32.93
N ALA H 127 -18.49 6.40 -31.80
CA ALA H 127 -17.94 7.68 -31.39
C ALA H 127 -17.04 8.29 -32.45
N THR H 128 -16.21 7.48 -33.09
CA THR H 128 -15.14 8.02 -33.91
C THR H 128 -15.67 8.65 -35.19
N SER H 129 -16.81 8.22 -35.70
CA SER H 129 -17.36 8.75 -36.93
C SER H 129 -18.48 9.77 -36.71
N ASN H 130 -18.80 10.09 -35.46
CA ASN H 130 -19.93 10.96 -35.16
C ASN H 130 -21.25 10.39 -35.69
N SER H 131 -21.38 9.07 -35.62
CA SER H 131 -22.51 8.39 -36.24
C SER H 131 -23.36 7.72 -35.16
N SER H 132 -24.68 7.86 -35.31
CA SER H 132 -25.62 7.21 -34.42
C SER H 132 -26.93 6.96 -35.14
N ILE H 133 -27.59 5.87 -34.76
CA ILE H 133 -28.99 5.62 -35.06
C ILE H 133 -29.66 5.26 -33.74
N SER H 134 -30.77 5.94 -33.44
CA SER H 134 -31.42 5.76 -32.15
C SER H 134 -32.92 5.66 -32.34
N PHE H 135 -33.57 4.85 -31.50
CA PHE H 135 -35.02 4.82 -31.42
C PHE H 135 -35.48 5.27 -30.04
N SER H 136 -36.72 5.72 -29.97
CA SER H 136 -37.31 6.22 -28.73
C SER H 136 -38.77 5.80 -28.67
N CYS H 137 -39.18 5.17 -27.56
CA CYS H 137 -40.54 4.68 -27.38
C CYS H 137 -41.18 5.36 -26.18
N ALA H 138 -42.38 5.89 -26.38
CA ALA H 138 -43.14 6.46 -25.27
C ALA H 138 -43.41 5.41 -24.21
N GLY H 139 -43.57 5.87 -22.97
CA GLY H 139 -43.84 4.96 -21.87
C GLY H 139 -45.09 4.11 -22.09
N ASP H 140 -46.13 4.70 -22.66
CA ASP H 140 -47.35 3.97 -22.97
C ASP H 140 -47.34 3.39 -24.38
N LEU H 141 -46.22 3.45 -25.10
CA LEU H 141 -46.09 2.85 -26.42
C LEU H 141 -47.03 3.48 -27.44
N SER H 142 -47.58 4.66 -27.13
CA SER H 142 -48.47 5.35 -28.08
C SER H 142 -47.69 5.89 -29.28
N LYS H 143 -46.41 6.22 -29.09
CA LYS H 143 -45.59 6.77 -30.15
C LYS H 143 -44.20 6.17 -30.09
N ALA H 144 -43.60 6.00 -31.26
CA ALA H 144 -42.18 5.68 -31.37
C ALA H 144 -41.59 6.54 -32.47
N SER H 145 -40.30 6.83 -32.34
CA SER H 145 -39.63 7.65 -33.33
C SER H 145 -38.17 7.24 -33.41
N LEU H 146 -37.58 7.39 -34.59
CA LEU H 146 -36.18 7.08 -34.82
C LEU H 146 -35.48 8.29 -35.42
N VAL H 147 -34.22 8.47 -35.04
CA VAL H 147 -33.37 9.54 -35.53
C VAL H 147 -32.14 8.87 -36.16
N PHE H 148 -31.89 9.17 -37.42
CA PHE H 148 -30.71 8.69 -38.14
C PHE H 148 -29.74 9.85 -38.28
N ASP H 149 -28.52 9.67 -37.78
CA ASP H 149 -27.49 10.71 -37.85
C ASP H 149 -26.15 10.03 -38.17
N VAL H 150 -26.01 9.62 -39.43
CA VAL H 150 -24.78 9.00 -39.92
C VAL H 150 -24.26 9.89 -41.05
N PRO H 151 -23.42 10.88 -40.75
CA PRO H 151 -23.02 11.86 -41.78
C PRO H 151 -22.43 11.17 -43.01
N GLY H 152 -22.87 11.61 -44.19
CA GLY H 152 -22.44 11.03 -45.44
C GLY H 152 -23.11 9.73 -45.82
N VAL H 153 -24.00 9.20 -44.97
CA VAL H 153 -24.65 7.93 -45.25
C VAL H 153 -26.16 8.11 -45.23
N VAL H 154 -26.72 8.38 -44.06
CA VAL H 154 -28.16 8.59 -43.92
C VAL H 154 -28.41 9.55 -42.78
N GLN H 155 -29.25 10.55 -43.03
CA GLN H 155 -29.72 11.48 -42.01
C GLN H 155 -31.21 11.67 -42.19
N GLY H 156 -31.96 11.60 -41.10
CA GLY H 156 -33.38 11.90 -41.15
C GLY H 156 -34.08 11.38 -39.92
N ASP H 157 -35.37 11.12 -40.06
CA ASP H 157 -36.14 10.59 -38.95
C ASP H 157 -37.32 9.78 -39.49
N MET H 158 -38.01 9.15 -38.55
CA MET H 158 -39.13 8.26 -38.82
C MET H 158 -40.01 8.28 -37.58
N HIS H 159 -41.33 8.31 -37.80
CA HIS H 159 -42.28 8.44 -36.70
C HIS H 159 -43.41 7.45 -36.84
N LEU H 160 -43.78 6.84 -35.72
CA LEU H 160 -44.85 5.87 -35.65
C LEU H 160 -45.84 6.31 -34.58
N GLU H 161 -47.13 6.23 -34.91
CA GLU H 161 -48.20 6.51 -33.96
C GLU H 161 -49.14 5.32 -33.91
N ALA H 162 -49.32 4.78 -32.71
CA ALA H 162 -50.25 3.66 -32.54
C ALA H 162 -51.66 4.07 -32.96
N LEU H 163 -52.32 3.20 -33.69
CA LEU H 163 -53.70 3.45 -34.08
C LEU H 163 -54.64 2.98 -32.98
N PRO H 164 -55.85 3.57 -32.90
CA PRO H 164 -56.80 3.16 -31.84
C PRO H 164 -57.12 1.68 -31.90
N GLY H 165 -57.52 1.12 -30.76
CA GLY H 165 -57.96 -0.25 -30.66
C GLY H 165 -57.11 -1.07 -29.70
N ASP H 166 -57.36 -2.38 -29.70
CA ASP H 166 -56.61 -3.32 -28.87
C ASP H 166 -55.11 -3.21 -29.14
N THR H 167 -54.31 -3.36 -28.08
CA THR H 167 -52.87 -3.37 -28.25
C THR H 167 -52.35 -4.73 -28.68
N GLY H 168 -53.10 -5.80 -28.37
CA GLY H 168 -52.65 -7.15 -28.63
C GLY H 168 -51.48 -7.60 -27.79
N LEU H 169 -51.04 -6.77 -26.84
CA LEU H 169 -49.88 -7.08 -26.02
C LEU H 169 -50.17 -8.10 -24.93
N ASP H 170 -51.44 -8.37 -24.66
CA ASP H 170 -51.83 -9.38 -23.69
C ASP H 170 -52.04 -10.75 -24.32
N THR H 171 -51.19 -11.13 -25.26
CA THR H 171 -51.32 -12.40 -25.97
C THR H 171 -49.99 -13.14 -26.00
N ASP H 172 -50.08 -14.42 -26.31
CA ASP H 172 -48.91 -15.30 -26.36
C ASP H 172 -47.91 -14.80 -27.40
N ALA H 173 -46.71 -14.41 -26.95
CA ALA H 173 -45.66 -13.93 -27.84
C ALA H 173 -44.66 -15.02 -28.20
N ARG H 174 -44.88 -16.26 -27.79
CA ARG H 174 -43.96 -17.34 -28.13
C ARG H 174 -44.10 -17.71 -29.60
N LEU H 175 -42.97 -17.90 -30.26
CA LEU H 175 -42.89 -18.32 -31.66
C LEU H 175 -42.06 -19.61 -31.66
N GLY H 176 -42.73 -20.75 -31.47
CA GLY H 176 -42.03 -21.99 -31.25
C GLY H 176 -41.38 -22.02 -29.88
N PRO H 177 -40.51 -23.02 -29.64
CA PRO H 177 -39.94 -23.18 -28.30
C PRO H 177 -38.81 -22.22 -27.96
N SER H 178 -38.20 -21.53 -28.93
CA SER H 178 -36.97 -20.80 -28.67
C SER H 178 -37.03 -19.30 -28.95
N VAL H 179 -38.13 -18.79 -29.52
CA VAL H 179 -38.19 -17.39 -29.95
C VAL H 179 -39.37 -16.70 -29.28
N TYR H 180 -39.16 -15.45 -28.88
CA TYR H 180 -40.22 -14.55 -28.46
C TYR H 180 -40.40 -13.47 -29.52
N TYR H 181 -41.65 -13.26 -29.95
CA TYR H 181 -41.96 -12.29 -31.00
C TYR H 181 -43.08 -11.38 -30.50
N VAL H 182 -42.68 -10.25 -29.90
CA VAL H 182 -43.62 -9.28 -29.36
C VAL H 182 -43.86 -8.20 -30.39
N ARG H 183 -45.03 -7.55 -30.33
CA ARG H 183 -45.40 -6.47 -31.24
C ARG H 183 -45.79 -5.24 -30.43
N PRO H 184 -44.80 -4.49 -29.93
CA PRO H 184 -45.12 -3.33 -29.09
C PRO H 184 -46.04 -2.31 -29.76
N ILE H 185 -45.94 -2.12 -31.07
CA ILE H 185 -46.95 -1.37 -31.82
C ILE H 185 -47.36 -2.24 -33.01
N GLY H 186 -48.43 -3.00 -32.84
CA GLY H 186 -48.92 -3.82 -33.94
C GLY H 186 -49.37 -3.01 -35.14
N ARG H 187 -50.00 -1.86 -34.88
CA ARG H 187 -50.70 -1.08 -35.91
C ARG H 187 -50.36 0.39 -35.74
N ALA H 188 -49.64 0.95 -36.72
CA ALA H 188 -49.20 2.33 -36.65
C ALA H 188 -49.44 3.02 -37.97
N SER H 189 -49.64 4.34 -37.89
CA SER H 189 -49.45 5.20 -39.04
C SER H 189 -48.05 5.79 -38.95
N VAL H 190 -47.39 5.95 -40.09
CA VAL H 190 -45.94 6.13 -40.13
C VAL H 190 -45.56 7.22 -41.10
N LYS H 191 -44.56 8.02 -40.72
CA LYS H 191 -43.95 9.03 -41.55
C LYS H 191 -42.43 8.88 -41.47
N ALA H 192 -41.74 9.30 -42.52
CA ALA H 192 -40.29 9.15 -42.58
C ALA H 192 -39.72 10.12 -43.59
N GLN H 193 -38.56 10.69 -43.27
CA GLN H 193 -37.83 11.65 -44.10
C GLN H 193 -36.35 11.37 -43.95
N LEU H 194 -35.68 11.06 -45.06
CA LEU H 194 -34.25 10.78 -45.02
C LEU H 194 -33.53 11.52 -46.14
N SER H 195 -32.26 11.80 -45.90
CA SER H 195 -31.28 12.07 -46.94
C SER H 195 -30.36 10.86 -47.04
N LEU H 196 -30.18 10.34 -48.25
CA LEU H 196 -29.48 9.09 -48.48
C LEU H 196 -28.36 9.33 -49.48
N TYR H 197 -27.14 8.92 -49.13
CA TYR H 197 -25.99 9.21 -49.96
C TYR H 197 -26.06 8.43 -51.28
N SER H 198 -25.46 9.03 -52.30
CA SER H 198 -25.27 8.39 -53.60
C SER H 198 -23.85 7.83 -53.64
N SER H 199 -23.73 6.54 -53.99
CA SER H 199 -22.43 5.90 -53.92
C SER H 199 -21.37 6.61 -54.76
N ASP H 200 -21.76 7.41 -55.75
CA ASP H 200 -20.83 8.07 -56.65
C ASP H 200 -20.53 9.51 -56.23
N ALA H 201 -20.48 9.79 -54.93
CA ALA H 201 -20.08 11.10 -54.42
C ALA H 201 -20.81 12.24 -55.14
N THR H 202 -22.04 11.98 -55.55
CA THR H 202 -22.95 13.02 -56.02
C THR H 202 -23.87 13.42 -54.86
N ALA H 203 -24.70 14.43 -55.09
CA ALA H 203 -25.61 14.90 -54.05
C ALA H 203 -26.43 13.73 -53.48
N ALA H 204 -26.69 13.79 -52.18
CA ALA H 204 -27.53 12.78 -51.54
C ALA H 204 -28.96 12.84 -52.08
N GLU H 205 -29.62 11.69 -52.07
CA GLU H 205 -30.99 11.56 -52.53
C GLU H 205 -31.99 11.69 -51.37
N GLN H 206 -33.14 12.27 -51.66
CA GLN H 206 -34.19 12.42 -50.67
C GLN H 206 -35.18 11.27 -50.75
N PHE H 207 -35.56 10.75 -49.59
CA PHE H 207 -36.63 9.77 -49.48
C PHE H 207 -37.69 10.31 -48.54
N SER H 208 -38.93 10.30 -49.00
CA SER H 208 -40.08 10.70 -48.18
C SER H 208 -41.12 9.61 -48.26
N LEU H 209 -41.41 8.97 -47.13
CA LEU H 209 -42.45 7.95 -47.08
C LEU H 209 -43.78 8.55 -47.53
N GLY H 210 -44.48 7.83 -48.40
CA GLY H 210 -45.70 8.35 -48.98
C GLY H 210 -46.84 8.44 -47.97
N THR H 211 -47.91 9.09 -48.40
CA THR H 211 -49.05 9.32 -47.54
C THR H 211 -49.87 8.03 -47.37
N SER H 212 -50.77 8.04 -46.39
CA SER H 212 -51.58 6.87 -46.02
C SER H 212 -50.71 5.65 -45.73
N ALA H 213 -49.68 5.84 -44.92
CA ALA H 213 -48.73 4.79 -44.60
C ALA H 213 -49.07 4.13 -43.27
N ASN H 214 -49.05 2.80 -43.27
CA ASN H 214 -49.25 1.97 -42.09
C ASN H 214 -47.99 1.14 -41.83
N GLY H 215 -47.82 0.71 -40.59
CA GLY H 215 -46.65 -0.07 -40.22
C GLY H 215 -46.69 -0.50 -38.78
N GLY H 216 -45.53 -0.53 -38.12
CA GLY H 216 -45.52 -0.90 -36.71
C GLY H 216 -44.12 -1.27 -36.25
N MET H 217 -44.07 -1.71 -35.00
CA MET H 217 -42.83 -2.06 -34.31
C MET H 217 -42.95 -3.47 -33.75
N ASP H 218 -41.94 -4.29 -34.02
CA ASP H 218 -41.83 -5.63 -33.48
C ASP H 218 -40.59 -5.71 -32.59
N ARG H 219 -40.62 -6.68 -31.66
CA ARG H 219 -39.59 -6.84 -30.64
C ARG H 219 -39.35 -8.33 -30.47
N VAL H 220 -38.14 -8.79 -30.83
CA VAL H 220 -37.89 -10.21 -31.04
C VAL H 220 -36.56 -10.59 -30.38
N TRP H 221 -36.49 -11.80 -29.82
CA TRP H 221 -35.24 -12.25 -29.22
C TRP H 221 -35.22 -13.76 -29.09
N SER H 222 -34.01 -14.30 -28.91
CA SER H 222 -33.81 -15.75 -28.86
C SER H 222 -32.43 -16.07 -28.31
N PRO H 223 -32.30 -17.14 -27.51
CA PRO H 223 -30.95 -17.61 -27.15
C PRO H 223 -30.24 -18.35 -28.27
N LEU H 224 -30.95 -18.80 -29.30
CA LEU H 224 -30.39 -19.65 -30.34
C LEU H 224 -30.32 -18.90 -31.67
N SER H 225 -29.36 -19.30 -32.51
CA SER H 225 -29.16 -18.68 -33.80
C SER H 225 -30.27 -19.07 -34.77
N TRP H 226 -30.36 -18.33 -35.86
CA TRP H 226 -31.40 -18.58 -36.86
C TRP H 226 -31.41 -20.01 -37.34
N PRO H 227 -30.26 -20.62 -37.68
CA PRO H 227 -30.30 -22.01 -38.15
C PRO H 227 -30.78 -22.99 -37.11
N GLN H 228 -30.61 -22.69 -35.82
CA GLN H 228 -31.07 -23.57 -34.75
C GLN H 228 -32.55 -23.39 -34.42
N VAL H 229 -33.24 -22.41 -35.00
CA VAL H 229 -34.65 -22.21 -34.72
C VAL H 229 -35.54 -22.34 -35.95
N MET H 230 -34.98 -22.32 -37.16
CA MET H 230 -35.84 -22.36 -38.34
C MET H 230 -35.04 -22.77 -39.56
N THR H 231 -35.77 -23.24 -40.57
CA THR H 231 -35.26 -23.35 -41.93
C THR H 231 -35.88 -22.32 -42.87
N GLU H 232 -37.01 -21.71 -42.48
CA GLU H 232 -37.68 -20.77 -43.35
C GLU H 232 -38.62 -19.90 -42.52
N SER H 233 -38.73 -18.63 -42.88
CA SER H 233 -39.60 -17.70 -42.20
C SER H 233 -40.40 -16.91 -43.23
N TYR H 234 -41.57 -16.44 -42.82
CA TYR H 234 -42.33 -15.51 -43.63
C TYR H 234 -42.94 -14.43 -42.74
N TYR H 235 -42.71 -13.17 -43.12
CA TYR H 235 -43.20 -12.00 -42.41
C TYR H 235 -44.26 -11.29 -43.25
N LEU H 236 -45.31 -10.80 -42.59
CA LEU H 236 -46.33 -9.99 -43.25
C LEU H 236 -46.93 -9.02 -42.23
N ARG H 237 -46.97 -7.74 -42.58
CA ARG H 237 -47.71 -6.75 -41.82
C ARG H 237 -48.44 -5.87 -42.82
N THR H 238 -49.70 -5.57 -42.54
CA THR H 238 -50.51 -4.92 -43.56
C THR H 238 -51.81 -4.38 -42.95
N GLN H 239 -52.31 -3.30 -43.56
CA GLN H 239 -53.66 -2.78 -43.33
C GLN H 239 -54.46 -3.00 -44.60
N VAL H 240 -55.60 -3.67 -44.49
CA VAL H 240 -56.43 -4.06 -45.63
C VAL H 240 -57.85 -3.60 -45.34
N GLY H 241 -58.18 -2.39 -45.78
CA GLY H 241 -59.44 -1.79 -45.42
C GLY H 241 -59.58 -1.68 -43.92
N PRO H 242 -60.64 -2.28 -43.37
CA PRO H 242 -60.81 -2.28 -41.91
C PRO H 242 -59.87 -3.24 -41.20
N TYR H 243 -59.29 -4.20 -41.92
CA TYR H 243 -58.48 -5.25 -41.31
C TYR H 243 -57.03 -4.81 -41.16
N ALA H 244 -56.39 -5.29 -40.11
CA ALA H 244 -54.95 -5.20 -39.97
C ALA H 244 -54.44 -6.55 -39.48
N MET H 245 -53.32 -6.99 -40.00
CA MET H 245 -52.76 -8.26 -39.59
C MET H 245 -51.26 -8.17 -39.53
N GLN H 246 -50.68 -8.95 -38.62
CA GLN H 246 -49.25 -9.14 -38.52
C GLN H 246 -49.02 -10.63 -38.41
N ILE H 247 -48.07 -11.14 -39.20
CA ILE H 247 -47.82 -12.57 -39.27
C ILE H 247 -46.32 -12.81 -39.24
N MET H 248 -45.90 -13.78 -38.41
CA MET H 248 -44.58 -14.40 -38.53
C MET H 248 -44.76 -15.90 -38.47
N ARG H 249 -44.36 -16.59 -39.53
CA ARG H 249 -44.46 -18.05 -39.59
C ARG H 249 -43.09 -18.63 -39.87
N ILE H 250 -42.62 -19.52 -38.99
CA ILE H 250 -41.35 -20.21 -39.19
C ILE H 250 -41.62 -21.69 -39.40
N PHE H 251 -40.77 -22.31 -40.24
CA PHE H 251 -40.68 -23.77 -40.35
C PHE H 251 -39.51 -24.25 -39.53
N PRO H 252 -39.67 -25.29 -38.71
CA PRO H 252 -38.66 -25.64 -37.71
C PRO H 252 -37.35 -26.03 -38.37
N PRO H 253 -36.26 -26.04 -37.60
CA PRO H 253 -34.97 -26.46 -38.15
C PRO H 253 -35.02 -27.90 -38.63
N ALA H 254 -34.31 -28.19 -39.72
CA ALA H 254 -34.28 -29.54 -40.26
C ALA H 254 -33.90 -30.55 -39.17
N GLY H 255 -34.46 -31.75 -39.27
CA GLY H 255 -34.31 -32.74 -38.23
C GLY H 255 -35.17 -32.55 -37.01
N SER H 256 -35.81 -31.38 -36.88
CA SER H 256 -36.78 -31.17 -35.83
C SER H 256 -38.10 -31.82 -36.19
N GLU H 257 -38.86 -32.19 -35.15
CA GLU H 257 -40.18 -32.79 -35.34
C GLU H 257 -41.30 -31.85 -34.90
N ASP H 258 -40.98 -30.62 -34.55
CA ASP H 258 -42.03 -29.64 -34.26
C ASP H 258 -42.86 -29.40 -35.50
N GLN H 259 -44.05 -28.82 -35.30
CA GLN H 259 -44.84 -28.30 -36.40
C GLN H 259 -44.37 -26.89 -36.72
N PRO H 260 -44.73 -26.36 -37.89
CA PRO H 260 -44.54 -24.93 -38.11
C PRO H 260 -45.18 -24.16 -36.97
N SER H 261 -44.58 -23.03 -36.61
CA SER H 261 -45.14 -22.17 -35.57
C SER H 261 -45.40 -20.78 -36.14
N THR H 262 -46.33 -20.05 -35.50
CA THR H 262 -46.66 -18.71 -35.94
C THR H 262 -46.97 -17.82 -34.74
N MET H 263 -46.79 -16.52 -34.96
CA MET H 263 -47.32 -15.46 -34.09
C MET H 263 -48.11 -14.55 -35.03
N ALA H 264 -49.41 -14.80 -35.14
CA ALA H 264 -50.24 -14.20 -36.18
C ALA H 264 -51.47 -13.55 -35.55
N ARG H 265 -51.80 -12.35 -36.02
CA ARG H 265 -52.84 -11.55 -35.40
C ARG H 265 -53.70 -10.88 -36.47
N LEU H 266 -55.02 -10.93 -36.30
CA LEU H 266 -55.96 -10.27 -37.19
C LEU H 266 -56.82 -9.29 -36.39
N TYR H 267 -56.94 -8.07 -36.89
CA TYR H 267 -57.76 -7.03 -36.29
C TYR H 267 -58.82 -6.58 -37.29
N ARG H 268 -59.95 -6.11 -36.78
CA ARG H 268 -60.99 -5.48 -37.59
C ARG H 268 -61.41 -4.21 -36.86
N GLU H 269 -61.14 -3.06 -37.48
CA GLU H 269 -61.42 -1.76 -36.90
C GLU H 269 -60.85 -1.66 -35.49
N GLY H 270 -59.57 -2.03 -35.36
CA GLY H 270 -58.88 -1.98 -34.09
C GLY H 270 -59.27 -3.06 -33.11
N GLN H 271 -60.25 -3.91 -33.43
CA GLN H 271 -60.68 -4.96 -32.51
C GLN H 271 -59.96 -6.25 -32.88
N LEU H 272 -59.24 -6.82 -31.91
CA LEU H 272 -58.46 -8.04 -32.15
C LEU H 272 -59.41 -9.23 -32.30
N VAL H 273 -59.51 -9.77 -33.52
CA VAL H 273 -60.52 -10.79 -33.80
C VAL H 273 -59.94 -12.19 -33.94
N CYS H 274 -58.66 -12.35 -34.15
CA CYS H 274 -58.11 -13.69 -34.25
C CYS H 274 -56.67 -13.70 -33.74
N VAL H 275 -56.40 -14.60 -32.79
CA VAL H 275 -55.12 -14.69 -32.12
C VAL H 275 -54.51 -16.07 -32.42
N ALA H 276 -53.85 -16.21 -33.57
CA ALA H 276 -53.41 -17.51 -34.05
C ALA H 276 -51.97 -17.79 -33.61
N GLN H 277 -51.80 -18.83 -32.80
CA GLN H 277 -50.49 -19.34 -32.44
C GLN H 277 -50.22 -20.72 -33.02
N HIS H 278 -51.17 -21.27 -33.77
CA HIS H 278 -51.02 -22.58 -34.39
C HIS H 278 -51.22 -22.46 -35.89
N VAL H 279 -50.34 -23.12 -36.64
CA VAL H 279 -50.47 -23.22 -38.09
C VAL H 279 -51.08 -24.59 -38.41
N VAL H 280 -52.07 -24.60 -39.28
CA VAL H 280 -52.68 -25.84 -39.73
C VAL H 280 -52.72 -25.83 -41.25
N THR H 281 -52.81 -27.02 -41.82
CA THR H 281 -52.87 -27.19 -43.26
C THR H 281 -54.30 -27.25 -43.79
N ARG H 282 -55.28 -27.57 -42.95
CA ARG H 282 -56.63 -27.74 -43.41
C ARG H 282 -57.62 -27.08 -42.47
N GLU H 283 -58.71 -26.57 -43.04
CA GLU H 283 -59.87 -26.16 -42.27
C GLU H 283 -60.51 -27.37 -41.62
N ASP H 284 -61.20 -27.13 -40.51
CA ASP H 284 -61.96 -28.19 -39.86
C ASP H 284 -63.10 -27.55 -39.07
N ALA H 285 -64.24 -28.24 -39.02
CA ALA H 285 -65.38 -27.72 -38.28
C ALA H 285 -65.06 -27.54 -36.80
N LEU H 286 -64.06 -28.24 -36.29
CA LEU H 286 -63.74 -28.25 -34.87
C LEU H 286 -62.32 -27.75 -34.66
N MET H 287 -62.20 -26.52 -34.16
CA MET H 287 -60.91 -25.88 -33.94
C MET H 287 -60.69 -25.69 -32.44
N THR H 288 -59.64 -26.31 -31.91
CA THR H 288 -59.28 -26.07 -30.51
C THR H 288 -58.94 -24.60 -30.28
N HIS H 289 -58.04 -24.03 -31.11
CA HIS H 289 -57.65 -22.63 -30.98
C HIS H 289 -57.74 -21.94 -32.33
N ASP H 290 -57.72 -20.61 -32.29
CA ASP H 290 -57.55 -19.80 -33.49
C ASP H 290 -56.31 -20.26 -34.25
N SER H 291 -56.44 -20.41 -35.56
CA SER H 291 -55.38 -21.01 -36.36
C SER H 291 -55.13 -20.18 -37.60
N LEU H 292 -53.96 -20.43 -38.20
CA LEU H 292 -53.53 -19.79 -39.43
C LEU H 292 -53.20 -20.87 -40.46
N ILE H 293 -53.73 -20.71 -41.68
CA ILE H 293 -53.33 -21.49 -42.82
C ILE H 293 -52.56 -20.56 -43.75
N LEU H 294 -51.32 -20.91 -44.06
CA LEU H 294 -50.43 -20.02 -44.81
C LEU H 294 -49.82 -20.81 -45.96
N SER H 295 -50.29 -20.55 -47.17
CA SER H 295 -50.00 -21.37 -48.33
C SER H 295 -49.34 -20.55 -49.43
N LYS H 296 -48.26 -21.08 -50.00
CA LYS H 296 -47.61 -20.45 -51.14
C LYS H 296 -48.41 -20.66 -52.42
N GLN H 297 -48.29 -19.70 -53.32
CA GLN H 297 -49.03 -19.71 -54.57
C GLN H 297 -48.06 -19.55 -55.74
N ASP H 298 -48.51 -20.01 -56.90
CA ASP H 298 -47.83 -19.74 -58.17
C ASP H 298 -48.92 -19.51 -59.21
N ASN H 299 -49.13 -18.25 -59.58
CA ASN H 299 -50.10 -17.88 -60.61
C ASN H 299 -49.42 -17.34 -61.85
N SER H 300 -48.17 -17.72 -62.08
CA SER H 300 -47.44 -17.22 -63.23
C SER H 300 -48.11 -17.57 -64.56
N ASP H 301 -49.00 -18.57 -64.59
CA ASP H 301 -49.65 -18.95 -65.84
C ASP H 301 -50.90 -18.13 -66.16
N SER H 302 -51.33 -17.22 -65.28
CA SER H 302 -52.51 -16.43 -65.57
C SER H 302 -52.45 -14.97 -65.13
N GLU H 303 -51.32 -14.51 -64.58
CA GLU H 303 -51.20 -13.12 -64.15
C GLU H 303 -49.78 -12.63 -64.38
N ASP H 304 -49.63 -11.31 -64.44
CA ASP H 304 -48.34 -10.70 -64.16
C ASP H 304 -47.93 -11.07 -62.74
N VAL H 305 -46.75 -11.67 -62.60
CA VAL H 305 -46.32 -12.15 -61.29
C VAL H 305 -44.92 -11.64 -61.00
N VAL H 306 -44.59 -11.60 -59.71
CA VAL H 306 -43.28 -11.23 -59.20
C VAL H 306 -42.85 -12.32 -58.21
N THR H 307 -41.60 -12.75 -58.31
CA THR H 307 -41.06 -13.73 -57.38
C THR H 307 -39.77 -13.17 -56.78
N GLY H 308 -39.29 -13.86 -55.76
CA GLY H 308 -37.96 -13.57 -55.25
C GLY H 308 -36.91 -14.06 -56.23
N GLY H 309 -35.66 -13.72 -55.92
CA GLY H 309 -34.58 -13.99 -56.85
C GLY H 309 -33.79 -15.25 -56.57
N TYR H 310 -34.42 -16.25 -55.95
CA TYR H 310 -33.71 -17.48 -55.67
C TYR H 310 -34.58 -18.69 -56.00
N ARG H 311 -34.43 -19.79 -55.28
CA ARG H 311 -35.07 -21.02 -55.72
C ARG H 311 -36.57 -21.01 -55.49
N ASP H 312 -37.05 -20.26 -54.50
CA ASP H 312 -38.48 -20.22 -54.22
C ASP H 312 -39.16 -19.30 -55.23
N LYS H 313 -39.91 -19.88 -56.16
CA LYS H 313 -40.60 -19.12 -57.21
C LYS H 313 -42.07 -18.84 -56.88
N ASN H 314 -42.47 -18.94 -55.61
CA ASN H 314 -43.86 -18.61 -55.28
C ASN H 314 -44.14 -17.17 -55.66
N THR H 315 -45.35 -16.92 -56.17
CA THR H 315 -45.75 -15.58 -56.59
C THR H 315 -46.60 -14.88 -55.54
N GLY H 316 -46.75 -15.49 -54.38
CA GLY H 316 -47.57 -14.93 -53.33
C GLY H 316 -47.97 -16.01 -52.35
N TYR H 317 -48.90 -15.65 -51.47
CA TYR H 317 -49.46 -16.56 -50.49
C TYR H 317 -50.96 -16.33 -50.39
N THR H 318 -51.67 -17.33 -49.88
CA THR H 318 -53.00 -17.15 -49.33
C THR H 318 -52.89 -17.26 -47.82
N VAL H 319 -53.52 -16.33 -47.11
CA VAL H 319 -53.54 -16.31 -45.65
C VAL H 319 -54.97 -16.54 -45.21
N GLU H 320 -55.17 -17.47 -44.28
CA GLU H 320 -56.50 -17.74 -43.76
C GLU H 320 -56.45 -17.80 -42.24
N PHE H 321 -57.15 -16.88 -41.59
CA PHE H 321 -57.36 -16.94 -40.14
C PHE H 321 -58.62 -17.74 -39.87
N VAL H 322 -58.53 -18.68 -38.93
CA VAL H 322 -59.63 -19.56 -38.57
C VAL H 322 -59.94 -19.36 -37.09
N GLU H 323 -61.13 -18.85 -36.80
CA GLU H 323 -61.55 -18.69 -35.42
C GLU H 323 -61.80 -20.04 -34.76
N LYS H 324 -61.46 -20.13 -33.48
CA LYS H 324 -61.72 -21.31 -32.71
C LYS H 324 -63.23 -21.55 -32.59
N GLY H 325 -63.58 -22.70 -32.06
CA GLY H 325 -64.97 -23.05 -31.83
C GLY H 325 -65.50 -24.01 -32.87
N ASN H 326 -66.81 -24.23 -32.79
CA ASN H 326 -67.51 -25.09 -33.74
C ASN H 326 -68.01 -24.21 -34.88
N GLU H 327 -67.43 -24.40 -36.06
CA GLU H 327 -67.79 -23.63 -37.25
C GLU H 327 -67.77 -22.13 -36.95
N GLY H 328 -66.58 -21.63 -36.63
CA GLY H 328 -66.38 -20.22 -36.36
C GLY H 328 -66.16 -19.42 -37.64
N GLN H 329 -65.86 -18.13 -37.45
CA GLN H 329 -65.63 -17.24 -38.58
C GLN H 329 -64.26 -17.49 -39.21
N ARG H 330 -64.18 -17.26 -40.52
CA ARG H 330 -62.96 -17.45 -41.27
C ARG H 330 -62.66 -16.21 -42.11
N TRP H 331 -61.38 -15.87 -42.20
CA TRP H 331 -60.93 -14.73 -42.99
C TRP H 331 -59.83 -15.20 -43.94
N LYS H 332 -59.92 -14.78 -45.20
CA LYS H 332 -58.99 -15.25 -46.22
C LYS H 332 -58.53 -14.06 -47.04
N PHE H 333 -57.22 -13.93 -47.19
CA PHE H 333 -56.63 -12.85 -47.96
C PHE H 333 -55.68 -13.43 -49.01
N GLN H 334 -55.73 -12.85 -50.20
CA GLN H 334 -54.73 -13.10 -51.23
C GLN H 334 -53.58 -12.11 -51.05
N VAL H 335 -52.35 -12.63 -51.01
CA VAL H 335 -51.14 -11.84 -50.90
C VAL H 335 -50.36 -12.04 -52.19
N ARG H 336 -50.21 -10.97 -52.98
CA ARG H 336 -49.47 -11.03 -54.24
C ARG H 336 -48.21 -10.18 -54.14
N HIS H 337 -47.06 -10.79 -54.41
CA HIS H 337 -45.82 -10.04 -54.54
C HIS H 337 -45.92 -9.07 -55.71
N GLU H 338 -45.40 -7.85 -55.50
CA GLU H 338 -45.45 -6.88 -56.59
C GLU H 338 -44.12 -6.16 -56.79
N ARG H 339 -43.38 -5.90 -55.71
CA ARG H 339 -42.13 -5.18 -55.79
C ARG H 339 -41.15 -5.74 -54.78
N ILE H 340 -39.87 -5.58 -55.07
CA ILE H 340 -38.81 -6.16 -54.26
C ILE H 340 -38.15 -5.04 -53.47
N ILE H 341 -38.12 -5.19 -52.16
CA ILE H 341 -37.37 -4.28 -51.29
C ILE H 341 -35.93 -4.74 -51.12
N TRP H 342 -35.70 -6.05 -51.06
CA TRP H 342 -34.33 -6.53 -51.03
C TRP H 342 -34.30 -7.95 -51.55
N ASN H 343 -33.10 -8.37 -51.93
CA ASN H 343 -32.78 -9.74 -52.33
C ASN H 343 -31.37 -10.02 -51.82
N THR H 344 -31.24 -10.84 -50.79
CA THR H 344 -29.92 -11.19 -50.34
C THR H 344 -29.78 -12.70 -50.23
N PRO H 345 -28.59 -13.23 -50.49
CA PRO H 345 -28.42 -14.69 -50.55
C PRO H 345 -28.17 -15.33 -49.20
N THR H 346 -28.59 -16.60 -49.07
CA THR H 346 -28.29 -17.39 -47.90
C THR H 346 -27.50 -18.64 -48.23
N SER H 347 -26.97 -18.75 -49.45
CA SER H 347 -26.16 -19.89 -49.87
C SER H 347 -25.35 -19.47 -51.08
N ARG H 348 -24.55 -20.41 -51.57
CA ARG H 348 -23.79 -20.20 -52.79
C ARG H 348 -24.74 -20.15 -54.00
N PRO H 349 -24.34 -19.47 -55.08
CA PRO H 349 -25.16 -19.45 -56.30
C PRO H 349 -25.52 -20.84 -56.78
N GLY H 350 -26.46 -20.92 -57.74
CA GLY H 350 -26.83 -22.19 -58.32
C GLY H 350 -28.31 -22.31 -58.58
N PRO H 351 -28.74 -23.52 -58.93
CA PRO H 351 -30.17 -23.78 -59.18
C PRO H 351 -30.96 -24.16 -57.94
N ASP H 352 -30.29 -24.33 -56.80
CA ASP H 352 -30.96 -24.54 -55.52
C ASP H 352 -30.61 -23.46 -54.51
N ALA H 353 -30.03 -22.35 -54.97
CA ALA H 353 -29.72 -21.23 -54.09
C ALA H 353 -30.94 -20.85 -53.25
N THR H 354 -30.68 -20.49 -52.01
CA THR H 354 -31.71 -19.98 -51.11
C THR H 354 -31.46 -18.51 -50.84
N GLY H 355 -32.53 -17.81 -50.45
CA GLY H 355 -32.41 -16.37 -50.30
C GLY H 355 -33.37 -15.79 -49.29
N ASN H 356 -33.23 -14.48 -49.12
CA ASN H 356 -34.03 -13.69 -48.21
C ASN H 356 -34.56 -12.51 -49.02
N THR H 357 -35.88 -12.40 -49.14
CA THR H 357 -36.49 -11.43 -50.04
C THR H 357 -37.54 -10.60 -49.29
N GLY H 358 -37.46 -9.29 -49.45
CA GLY H 358 -38.45 -8.37 -48.91
C GLY H 358 -39.35 -7.85 -50.02
N PHE H 359 -40.65 -7.74 -49.72
CA PHE H 359 -41.67 -7.48 -50.73
C PHE H 359 -42.54 -6.29 -50.37
N VAL H 360 -42.90 -5.51 -51.38
CA VAL H 360 -44.17 -4.80 -51.37
C VAL H 360 -45.24 -5.79 -51.80
N GLU H 361 -46.13 -6.14 -50.86
CA GLU H 361 -47.24 -7.06 -51.10
C GLU H 361 -48.52 -6.27 -51.39
N VAL H 362 -49.38 -6.85 -52.23
CA VAL H 362 -50.70 -6.28 -52.53
C VAL H 362 -51.74 -7.29 -52.10
N LEU H 363 -52.70 -6.85 -51.27
CA LEU H 363 -53.61 -7.75 -50.59
C LEU H 363 -55.05 -7.48 -50.96
N CYS H 364 -55.85 -8.55 -50.92
CA CYS H 364 -57.28 -8.48 -51.11
C CYS H 364 -57.93 -9.62 -50.33
N GLY H 365 -58.91 -9.29 -49.48
CA GLY H 365 -59.65 -10.34 -48.81
C GLY H 365 -60.58 -9.83 -47.74
N GLY H 366 -60.82 -10.67 -46.75
CA GLY H 366 -61.77 -10.42 -45.69
C GLY H 366 -62.50 -11.71 -45.37
N THR H 367 -63.73 -11.63 -44.89
CA THR H 367 -64.55 -12.83 -44.86
C THR H 367 -64.84 -13.27 -46.29
N ILE H 368 -65.45 -14.46 -46.42
CA ILE H 368 -65.75 -15.00 -47.74
C ILE H 368 -66.58 -14.02 -48.57
N GLY H 369 -67.30 -13.10 -47.92
CA GLY H 369 -68.11 -12.13 -48.63
C GLY H 369 -67.53 -10.74 -48.70
N GLU H 370 -66.21 -10.62 -48.55
CA GLU H 370 -65.53 -9.33 -48.59
C GLU H 370 -64.34 -9.42 -49.55
N SER H 371 -63.92 -8.26 -50.05
CA SER H 371 -62.73 -8.20 -50.89
C SER H 371 -62.03 -6.85 -50.72
N TYR H 372 -61.73 -6.49 -49.47
CA TYR H 372 -60.98 -5.27 -49.21
C TYR H 372 -59.57 -5.38 -49.77
N GLU H 373 -58.99 -4.22 -50.09
CA GLU H 373 -57.68 -4.16 -50.70
C GLU H 373 -56.72 -3.35 -49.83
N GLY H 374 -55.45 -3.76 -49.83
CA GLY H 374 -54.44 -3.01 -49.13
C GLY H 374 -53.06 -3.39 -49.64
N VAL H 375 -52.05 -2.74 -49.08
CA VAL H 375 -50.66 -3.08 -49.33
C VAL H 375 -50.03 -3.46 -48.00
N GLY H 376 -48.90 -4.15 -48.08
CA GLY H 376 -48.21 -4.60 -46.89
C GLY H 376 -46.75 -4.87 -47.17
N THR H 377 -45.98 -4.94 -46.10
CA THR H 377 -44.60 -5.41 -46.17
C THR H 377 -44.57 -6.90 -45.91
N GLY H 378 -43.80 -7.62 -46.74
CA GLY H 378 -43.63 -9.04 -46.56
C GLY H 378 -42.15 -9.40 -46.67
N GLY H 379 -41.82 -10.57 -46.13
CA GLY H 379 -40.45 -11.05 -46.19
C GLY H 379 -40.40 -12.55 -46.07
N GLN H 380 -39.61 -13.21 -46.90
CA GLN H 380 -39.44 -14.66 -46.82
C GLN H 380 -37.96 -14.96 -46.86
N CYS H 381 -37.53 -15.85 -45.96
CA CYS H 381 -36.12 -16.21 -45.86
C CYS H 381 -36.00 -17.72 -45.78
N GLU H 382 -35.27 -18.30 -46.72
CA GLU H 382 -35.00 -19.72 -46.75
C GLU H 382 -33.53 -19.95 -46.42
N LEU H 383 -33.25 -20.93 -45.57
CA LEU H 383 -31.89 -21.18 -45.09
C LEU H 383 -31.30 -22.41 -45.76
N SER H 384 -30.00 -22.35 -46.04
CA SER H 384 -29.28 -23.42 -46.73
C SER H 384 -29.90 -23.74 -48.09
#